data_4YRA
#
_entry.id   4YRA
#
_cell.length_a   94.445
_cell.length_b   157.310
_cell.length_c   162.336
_cell.angle_alpha   90.000
_cell.angle_beta   97.000
_cell.angle_gamma   90.000
#
_symmetry.space_group_name_H-M   'P 1 21 1'
#
loop_
_entity.id
_entity.type
_entity.pdbx_description
1 polymer 'L-threonine 3-dehydrogenase, mitochondrial'
2 water water
#
_entity_poly.entity_id   1
_entity_poly.type   'polypeptide(L)'
_entity_poly.pdbx_seq_one_letter_code
;HMSTSISEAEPPRVLITGGLGQLGVGLANLLRKRFGKDNVILSDIRKPPAHVFHSGPFVYANILDYKSLREIVVNHRISW
LFHYSALLSAVGEANVSLARDVNITGLHNVLDVAAEYNVRLFVPSTIGAFGPTSPRNPAPDLCIQRPRTIYGVSKVHTEL
MGEYYYYRYGLDFRCLRYPGIISADSQPGGGTTDYAVQIFHAAAKNGTFECNLEAGTRLPMMYISDCLRATLEVMEAPAE
RLSMRTYNISAMSFTPEELAQALRKHAPDFQITYCVDPLRQAIAESWPMILDDSNARKDWGWKHDFDLPELVATMLNFHG
VSTRVAQVN
;
_entity_poly.pdbx_strand_id   A,B,C,D,E,F,G,H,I,J,K,L
#
# COMPACT_ATOMS: atom_id res chain seq x y z
N GLU A 10 34.98 9.00 14.30
CA GLU A 10 33.65 8.41 13.96
C GLU A 10 33.80 7.40 12.83
N PRO A 11 32.98 6.34 12.82
CA PRO A 11 32.98 5.44 11.66
C PRO A 11 32.34 6.10 10.43
N PRO A 12 32.67 5.63 9.22
CA PRO A 12 32.10 6.22 8.01
C PRO A 12 30.57 6.07 7.95
N ARG A 13 29.94 6.88 7.09
CA ARG A 13 28.52 6.71 6.77
C ARG A 13 28.41 6.38 5.30
N VAL A 14 27.84 5.23 4.99
CA VAL A 14 27.96 4.62 3.67
C VAL A 14 26.67 4.69 2.86
N LEU A 15 26.82 5.03 1.58
CA LEU A 15 25.74 4.97 0.61
C LEU A 15 26.13 3.92 -0.42
N ILE A 16 25.15 3.12 -0.85
CA ILE A 16 25.38 2.08 -1.85
C ILE A 16 24.27 2.13 -2.89
N THR A 17 24.63 2.02 -4.16
CA THR A 17 23.68 2.17 -5.26
C THR A 17 24.20 1.54 -6.55
N GLY A 18 23.42 0.69 -7.23
CA GLY A 18 22.10 0.26 -6.83
C GLY A 18 22.23 -0.87 -5.83
N GLY A 19 21.68 -0.65 -4.64
CA GLY A 19 21.84 -1.58 -3.53
C GLY A 19 20.88 -2.76 -3.50
N LEU A 20 20.15 -2.99 -4.59
CA LEU A 20 19.25 -4.14 -4.69
C LEU A 20 19.91 -5.29 -5.46
N GLY A 21 21.07 -5.04 -6.06
CA GLY A 21 21.83 -6.08 -6.74
C GLY A 21 22.55 -7.01 -5.78
N GLN A 22 22.93 -8.18 -6.28
CA GLN A 22 23.64 -9.19 -5.48
C GLN A 22 24.81 -8.63 -4.70
N LEU A 23 25.66 -7.86 -5.37
CA LEU A 23 26.82 -7.25 -4.73
C LEU A 23 26.40 -6.20 -3.71
N GLY A 24 25.35 -5.45 -4.03
CA GLY A 24 24.87 -4.40 -3.15
C GLY A 24 24.46 -4.95 -1.80
N VAL A 25 23.59 -5.96 -1.82
CA VAL A 25 23.08 -6.58 -0.59
C VAL A 25 24.22 -7.15 0.24
N GLY A 26 25.05 -7.97 -0.41
CA GLY A 26 26.19 -8.57 0.25
C GLY A 26 27.05 -7.53 0.95
N LEU A 27 27.35 -6.45 0.23
CA LEU A 27 28.21 -5.41 0.77
C LEU A 27 27.58 -4.71 1.98
N ALA A 28 26.28 -4.41 1.90
CA ALA A 28 25.56 -3.77 3.01
C ALA A 28 25.69 -4.60 4.27
N ASN A 29 25.50 -5.90 4.11
CA ASN A 29 25.67 -6.88 5.19
C ASN A 29 27.05 -6.78 5.84
N LEU A 30 28.08 -6.75 5.01
CA LEU A 30 29.45 -6.64 5.48
C LEU A 30 29.66 -5.32 6.21
N LEU A 31 29.32 -4.23 5.52
CA LEU A 31 29.57 -2.91 6.07
C LEU A 31 28.70 -2.60 7.28
N ARG A 32 27.46 -3.08 7.31
CA ARG A 32 26.61 -2.89 8.49
C ARG A 32 27.20 -3.56 9.73
N LYS A 33 27.76 -4.75 9.55
CA LYS A 33 28.42 -5.46 10.64
C LYS A 33 29.60 -4.68 11.23
N ARG A 34 30.32 -3.95 10.39
CA ARG A 34 31.50 -3.21 10.85
C ARG A 34 31.16 -1.83 11.39
N PHE A 35 30.35 -1.08 10.66
CA PHE A 35 30.05 0.32 11.02
C PHE A 35 28.73 0.52 11.75
N GLY A 36 27.82 -0.45 11.65
CA GLY A 36 26.50 -0.34 12.28
C GLY A 36 25.39 -0.40 11.25
N LYS A 37 24.24 -0.91 11.66
CA LYS A 37 23.08 -1.05 10.76
C LYS A 37 22.66 0.29 10.17
N ASP A 38 22.67 1.33 11.00
CA ASP A 38 22.18 2.65 10.61
C ASP A 38 23.23 3.55 9.97
N ASN A 39 24.45 3.04 9.80
CA ASN A 39 25.52 3.77 9.14
C ASN A 39 25.63 3.43 7.64
N VAL A 40 24.88 2.42 7.20
CA VAL A 40 24.91 2.02 5.79
C VAL A 40 23.52 2.13 5.17
N ILE A 41 23.42 2.95 4.13
CA ILE A 41 22.14 3.27 3.52
C ILE A 41 22.14 2.78 2.07
N LEU A 42 21.34 1.75 1.80
CA LEU A 42 21.18 1.24 0.43
C LEU A 42 20.27 2.17 -0.37
N SER A 43 20.25 1.99 -1.69
CA SER A 43 19.40 2.81 -2.55
C SER A 43 19.26 2.25 -3.96
N ASP A 44 18.06 2.33 -4.51
CA ASP A 44 17.78 1.78 -5.84
C ASP A 44 16.42 2.24 -6.35
N HIS A 54 13.95 -3.59 5.42
CA HIS A 54 13.93 -4.17 6.77
C HIS A 54 15.34 -4.46 7.28
N SER A 55 16.18 -5.04 6.41
CA SER A 55 17.58 -5.35 6.76
C SER A 55 18.34 -4.10 7.23
N GLY A 56 17.92 -2.92 6.75
CA GLY A 56 18.46 -1.65 7.24
C GLY A 56 17.95 -0.44 6.48
N PRO A 57 18.46 0.76 6.84
CA PRO A 57 18.10 2.01 6.16
C PRO A 57 18.08 1.87 4.63
N PHE A 58 17.10 2.51 4.00
CA PHE A 58 16.88 2.36 2.57
C PHE A 58 16.09 3.54 2.02
N VAL A 59 16.64 4.22 1.01
CA VAL A 59 15.97 5.33 0.35
C VAL A 59 15.85 5.08 -1.14
N TYR A 60 14.85 5.67 -1.78
CA TYR A 60 14.83 5.71 -3.24
C TYR A 60 15.73 6.86 -3.66
N ALA A 61 16.55 6.62 -4.68
CA ALA A 61 17.49 7.61 -5.17
C ALA A 61 17.61 7.53 -6.68
N ASN A 62 17.48 8.67 -7.34
CA ASN A 62 17.77 8.75 -8.77
C ASN A 62 19.21 9.21 -8.92
N ILE A 63 20.06 8.27 -9.35
CA ILE A 63 21.43 8.56 -9.77
C ILE A 63 21.40 9.59 -10.91
N LEU A 64 20.44 9.43 -11.82
CA LEU A 64 20.28 10.33 -12.96
C LEU A 64 19.92 11.77 -12.59
N ASP A 65 19.40 11.99 -11.37
CA ASP A 65 19.10 13.34 -10.89
C ASP A 65 20.14 13.81 -9.88
N TYR A 66 20.91 14.82 -10.27
CA TYR A 66 21.94 15.42 -9.43
C TYR A 66 21.36 15.98 -8.12
N LYS A 67 20.18 16.58 -8.21
CA LYS A 67 19.52 17.19 -7.06
C LYS A 67 19.22 16.17 -5.97
N SER A 68 18.54 15.09 -6.35
CA SER A 68 18.21 14.01 -5.41
C SER A 68 19.49 13.45 -4.80
N LEU A 69 20.48 13.20 -5.67
CA LEU A 69 21.76 12.65 -5.25
C LEU A 69 22.47 13.57 -4.26
N ARG A 70 22.44 14.86 -4.55
CA ARG A 70 22.99 15.88 -3.63
C ARG A 70 22.28 15.85 -2.29
N GLU A 71 20.94 15.81 -2.33
CA GLU A 71 20.11 15.82 -1.11
C GLU A 71 20.48 14.68 -0.16
N ILE A 72 20.58 13.47 -0.72
CA ILE A 72 20.88 12.27 0.07
C ILE A 72 22.24 12.38 0.75
N VAL A 73 23.26 12.71 -0.03
CA VAL A 73 24.63 12.81 0.50
C VAL A 73 24.70 13.77 1.70
N VAL A 74 24.01 14.91 1.59
CA VAL A 74 24.06 15.94 2.63
C VAL A 74 23.24 15.55 3.87
N ASN A 75 21.99 15.13 3.64
CA ASN A 75 21.10 14.76 4.74
C ASN A 75 21.75 13.72 5.64
N HIS A 76 22.15 12.61 5.03
CA HIS A 76 22.69 11.45 5.76
C HIS A 76 24.20 11.52 6.00
N ARG A 77 24.81 12.67 5.72
CA ARG A 77 26.22 12.94 6.06
C ARG A 77 27.19 11.88 5.50
N ILE A 78 26.94 11.49 4.26
CA ILE A 78 27.66 10.39 3.60
C ILE A 78 29.15 10.72 3.39
N SER A 79 30.03 9.88 3.94
CA SER A 79 31.49 9.99 3.71
C SER A 79 32.02 8.97 2.70
N TRP A 80 31.33 7.82 2.56
CA TRP A 80 31.71 6.74 1.64
C TRP A 80 30.59 6.43 0.65
N LEU A 81 30.93 6.17 -0.61
CA LEU A 81 29.91 5.85 -1.61
C LEU A 81 30.38 4.75 -2.56
N PHE A 82 29.58 3.68 -2.62
CA PHE A 82 29.86 2.53 -3.47
C PHE A 82 28.88 2.52 -4.63
N HIS A 83 29.36 2.84 -5.83
CA HIS A 83 28.46 3.00 -6.97
C HIS A 83 28.36 1.71 -7.80
N TYR A 84 27.36 0.89 -7.49
CA TYR A 84 27.13 -0.37 -8.20
C TYR A 84 26.09 -0.32 -9.32
N SER A 85 25.45 0.83 -9.54
CA SER A 85 24.41 0.96 -10.57
C SER A 85 24.94 0.64 -11.97
N ASP A 101 23.55 5.78 -21.91
CA ASP A 101 23.66 7.10 -21.28
C ASP A 101 23.38 7.06 -19.76
N VAL A 102 22.65 6.06 -19.30
CA VAL A 102 22.31 5.91 -17.88
C VAL A 102 23.58 5.79 -17.04
N ASN A 103 24.52 4.96 -17.51
CA ASN A 103 25.83 4.83 -16.89
C ASN A 103 26.57 6.15 -16.82
N ILE A 104 26.71 6.79 -17.98
CA ILE A 104 27.57 7.97 -18.15
C ILE A 104 27.01 9.17 -17.38
N THR A 105 25.80 9.60 -17.73
CA THR A 105 25.16 10.73 -17.04
C THR A 105 25.16 10.47 -15.54
N GLY A 106 24.81 9.24 -15.16
CA GLY A 106 24.78 8.81 -13.76
C GLY A 106 26.15 8.82 -13.12
N LEU A 107 27.15 8.27 -13.81
CA LEU A 107 28.53 8.29 -13.34
C LEU A 107 29.00 9.71 -13.12
N HIS A 108 28.80 10.55 -14.11
CA HIS A 108 29.18 11.96 -14.04
C HIS A 108 28.51 12.65 -12.86
N ASN A 109 27.22 12.37 -12.67
CA ASN A 109 26.48 12.88 -11.52
C ASN A 109 27.12 12.44 -10.23
N VAL A 110 27.35 11.13 -10.11
CA VAL A 110 28.03 10.55 -8.93
C VAL A 110 29.40 11.19 -8.69
N LEU A 111 30.18 11.37 -9.75
CA LEU A 111 31.48 11.99 -9.64
C LEU A 111 31.39 13.42 -9.12
N ASP A 112 30.46 14.20 -9.66
CA ASP A 112 30.27 15.60 -9.27
C ASP A 112 29.88 15.74 -7.78
N VAL A 113 28.94 14.90 -7.32
CA VAL A 113 28.49 15.00 -5.92
C VAL A 113 29.60 14.59 -4.96
N ALA A 114 30.28 13.49 -5.26
CA ALA A 114 31.32 12.96 -4.40
C ALA A 114 32.48 13.94 -4.25
N ALA A 115 32.84 14.59 -5.36
CA ALA A 115 33.95 15.55 -5.37
C ALA A 115 33.59 16.80 -4.57
N GLU A 116 32.37 17.30 -4.76
CA GLU A 116 31.91 18.51 -4.06
C GLU A 116 31.86 18.32 -2.54
N TYR A 117 31.45 17.15 -2.08
CA TYR A 117 31.30 16.90 -0.65
C TYR A 117 32.34 15.92 -0.08
N ASN A 118 33.54 15.95 -0.65
CA ASN A 118 34.68 15.20 -0.11
C ASN A 118 34.33 13.76 0.26
N VAL A 119 33.60 13.09 -0.63
CA VAL A 119 33.19 11.71 -0.41
C VAL A 119 34.23 10.75 -0.97
N ARG A 120 34.54 9.69 -0.24
CA ARG A 120 35.38 8.62 -0.74
C ARG A 120 34.52 7.78 -1.68
N LEU A 121 34.92 7.69 -2.95
CA LEU A 121 34.10 7.02 -3.94
C LEU A 121 34.70 5.71 -4.40
N PHE A 122 33.95 4.63 -4.26
CA PHE A 122 34.26 3.37 -4.92
C PHE A 122 33.34 3.19 -6.11
N VAL A 123 33.93 2.84 -7.25
CA VAL A 123 33.16 2.39 -8.43
C VAL A 123 33.92 1.18 -9.00
N PRO A 124 33.24 0.03 -9.15
CA PRO A 124 33.92 -1.14 -9.64
C PRO A 124 34.09 -1.14 -11.16
N SER A 125 35.17 -1.76 -11.62
CA SER A 125 35.35 -2.04 -13.04
C SER A 125 35.30 -3.55 -13.23
N THR A 126 35.81 -4.05 -14.36
CA THR A 126 35.66 -5.47 -14.69
C THR A 126 36.75 -5.93 -15.66
N ILE A 127 36.91 -7.25 -15.76
CA ILE A 127 37.76 -7.86 -16.80
C ILE A 127 37.22 -7.60 -18.21
N GLY A 128 35.98 -7.15 -18.30
CA GLY A 128 35.42 -6.69 -19.58
C GLY A 128 36.09 -5.42 -20.08
N ALA A 129 36.80 -4.73 -19.20
CA ALA A 129 37.52 -3.50 -19.56
C ALA A 129 38.75 -3.77 -20.42
N PHE A 130 39.13 -5.04 -20.60
CA PHE A 130 40.21 -5.43 -21.50
C PHE A 130 39.65 -6.06 -22.78
N GLY A 131 40.50 -6.16 -23.81
CA GLY A 131 40.10 -6.72 -25.10
C GLY A 131 41.22 -7.52 -25.78
N PRO A 132 40.97 -8.02 -27.01
CA PRO A 132 41.89 -8.86 -27.78
C PRO A 132 43.30 -8.27 -27.96
N THR A 133 43.41 -6.95 -27.95
CA THR A 133 44.70 -6.27 -28.08
C THR A 133 45.44 -6.12 -26.74
N SER A 134 44.79 -6.53 -25.65
CA SER A 134 45.39 -6.42 -24.31
C SER A 134 46.23 -7.67 -24.01
N PRO A 135 47.28 -7.51 -23.19
CA PRO A 135 48.05 -8.69 -22.77
C PRO A 135 47.25 -9.59 -21.84
N ARG A 136 46.91 -10.78 -22.31
CA ARG A 136 45.96 -11.66 -21.62
C ARG A 136 46.57 -12.58 -20.56
N ASN A 137 47.90 -12.68 -20.51
CA ASN A 137 48.55 -13.82 -19.87
C ASN A 137 49.86 -13.49 -19.15
N PRO A 138 49.80 -12.72 -18.06
CA PRO A 138 48.62 -12.11 -17.46
C PRO A 138 48.38 -10.69 -17.97
N ALA A 139 47.21 -10.17 -17.64
CA ALA A 139 46.91 -8.75 -17.81
C ALA A 139 47.43 -8.01 -16.59
N PRO A 140 48.32 -7.02 -16.80
CA PRO A 140 48.75 -6.19 -15.68
C PRO A 140 47.79 -5.05 -15.38
N ASP A 141 48.06 -4.32 -14.31
CA ASP A 141 47.20 -3.22 -13.88
C ASP A 141 47.17 -2.09 -14.91
N LEU A 142 48.32 -1.83 -15.53
CA LEU A 142 48.43 -0.85 -16.59
C LEU A 142 48.75 -1.53 -17.91
N CYS A 143 47.81 -1.49 -18.84
CA CYS A 143 48.05 -2.01 -20.19
C CYS A 143 47.01 -1.48 -21.18
N ILE A 144 47.22 -1.80 -22.45
CA ILE A 144 46.28 -1.49 -23.52
C ILE A 144 44.89 -1.92 -23.10
N GLN A 145 43.89 -1.13 -23.47
CA GLN A 145 42.49 -1.42 -23.16
C GLN A 145 41.57 -1.00 -24.30
N ARG A 146 41.29 -1.93 -25.21
CA ARG A 146 40.39 -1.67 -26.34
C ARG A 146 39.31 -2.73 -26.39
N PRO A 147 38.37 -2.70 -25.44
CA PRO A 147 37.28 -3.67 -25.44
C PRO A 147 36.32 -3.45 -26.60
N ARG A 148 35.88 -4.55 -27.23
CA ARG A 148 34.92 -4.49 -28.34
C ARG A 148 33.49 -4.78 -27.86
N THR A 149 33.18 -4.35 -26.65
CA THR A 149 31.84 -4.50 -26.06
C THR A 149 31.44 -3.21 -25.36
N ILE A 150 30.17 -2.81 -25.51
CA ILE A 150 29.69 -1.56 -24.95
C ILE A 150 29.82 -1.48 -23.42
N TYR A 151 29.69 -2.61 -22.75
CA TYR A 151 29.91 -2.67 -21.32
C TYR A 151 31.36 -2.33 -21.01
N GLY A 152 32.27 -2.91 -21.79
CA GLY A 152 33.71 -2.74 -21.59
C GLY A 152 34.18 -1.31 -21.79
N VAL A 153 33.68 -0.68 -22.85
CA VAL A 153 34.03 0.69 -23.17
C VAL A 153 33.58 1.64 -22.07
N SER A 154 32.37 1.41 -21.55
CA SER A 154 31.82 2.21 -20.46
C SER A 154 32.71 2.14 -19.22
N LYS A 155 33.32 0.99 -19.00
CA LYS A 155 34.14 0.77 -17.82
C LYS A 155 35.55 1.35 -17.98
N VAL A 156 36.09 1.33 -19.19
CA VAL A 156 37.30 2.11 -19.48
C VAL A 156 37.02 3.56 -19.10
N HIS A 157 35.92 4.09 -19.63
CA HIS A 157 35.49 5.45 -19.36
C HIS A 157 35.27 5.70 -17.86
N THR A 158 34.68 4.73 -17.17
CA THR A 158 34.45 4.84 -15.74
C THR A 158 35.79 4.98 -15.01
N GLU A 159 36.72 4.10 -15.36
CA GLU A 159 38.07 4.15 -14.79
C GLU A 159 38.71 5.52 -15.02
N LEU A 160 38.77 5.94 -16.28
CA LEU A 160 39.48 7.17 -16.64
C LEU A 160 38.86 8.42 -16.03
N MET A 161 37.53 8.53 -16.06
CA MET A 161 36.82 9.68 -15.47
C MET A 161 37.13 9.80 -13.98
N GLY A 162 37.10 8.67 -13.27
CA GLY A 162 37.40 8.65 -11.85
C GLY A 162 38.82 9.12 -11.53
N GLU A 163 39.78 8.59 -12.27
CA GLU A 163 41.17 8.97 -12.09
C GLU A 163 41.38 10.45 -12.44
N TYR A 164 40.81 10.87 -13.56
CA TYR A 164 40.79 12.28 -13.94
C TYR A 164 40.32 13.18 -12.80
N TYR A 165 39.23 12.79 -12.14
CA TYR A 165 38.69 13.55 -11.02
C TYR A 165 39.61 13.53 -9.80
N TYR A 166 40.35 12.43 -9.62
CA TYR A 166 41.34 12.37 -8.55
C TYR A 166 42.48 13.34 -8.78
N TYR A 167 42.96 13.43 -10.01
CA TYR A 167 44.14 14.26 -10.31
C TYR A 167 43.80 15.73 -10.41
N ARG A 168 42.71 16.05 -11.12
CA ARG A 168 42.27 17.44 -11.26
C ARG A 168 41.73 17.96 -9.94
N TYR A 169 40.62 17.39 -9.49
CA TYR A 169 39.99 17.78 -8.24
C TYR A 169 40.58 16.88 -7.16
N GLY A 170 40.05 16.91 -5.95
CA GLY A 170 40.61 16.08 -4.87
C GLY A 170 39.88 14.76 -4.65
N LEU A 171 39.27 14.22 -5.70
CA LEU A 171 38.34 13.10 -5.53
C LEU A 171 39.06 11.84 -5.10
N ASP A 172 38.77 11.37 -3.90
CA ASP A 172 39.31 10.11 -3.42
C ASP A 172 38.59 8.96 -4.14
N PHE A 173 39.00 8.72 -5.39
CA PHE A 173 38.39 7.71 -6.24
C PHE A 173 39.16 6.41 -6.13
N ARG A 174 38.44 5.31 -5.91
CA ARG A 174 39.06 4.00 -5.78
C ARG A 174 38.30 2.98 -6.61
N CYS A 175 39.04 2.21 -7.41
CA CYS A 175 38.43 1.31 -8.36
C CYS A 175 39.14 -0.04 -8.40
N LEU A 176 38.34 -1.11 -8.33
CA LEU A 176 38.85 -2.47 -8.46
C LEU A 176 38.20 -3.11 -9.68
N ARG A 177 39.01 -3.79 -10.48
CA ARG A 177 38.49 -4.59 -11.58
C ARG A 177 38.09 -5.94 -11.03
N TYR A 178 36.82 -6.28 -11.16
CA TYR A 178 36.31 -7.56 -10.67
C TYR A 178 36.51 -8.63 -11.74
N PRO A 179 37.00 -9.82 -11.33
CA PRO A 179 36.95 -10.98 -12.22
C PRO A 179 35.52 -11.49 -12.36
N GLY A 180 35.36 -12.68 -12.92
CA GLY A 180 34.10 -13.37 -12.86
C GLY A 180 33.78 -13.61 -11.41
N ILE A 181 32.65 -13.08 -10.95
CA ILE A 181 32.26 -13.20 -9.56
C ILE A 181 31.34 -14.39 -9.43
N ILE A 182 31.69 -15.31 -8.53
CA ILE A 182 30.93 -16.53 -8.31
C ILE A 182 30.20 -16.46 -6.98
N SER A 183 28.91 -16.78 -7.03
CA SER A 183 28.03 -16.69 -5.87
C SER A 183 26.97 -17.77 -5.95
N ALA A 184 26.66 -18.37 -4.80
CA ALA A 184 25.63 -19.40 -4.73
C ALA A 184 24.25 -18.81 -4.99
N ASP A 185 23.95 -17.68 -4.34
CA ASP A 185 22.63 -17.05 -4.41
C ASP A 185 22.37 -16.37 -5.76
N SER A 186 23.14 -16.73 -6.79
CA SER A 186 23.00 -16.13 -8.10
C SER A 186 21.81 -16.75 -8.84
N GLN A 187 20.61 -16.51 -8.30
CA GLN A 187 19.35 -16.75 -9.00
C GLN A 187 19.33 -16.02 -10.36
N PRO A 188 20.04 -14.88 -10.48
CA PRO A 188 20.31 -14.35 -11.82
C PRO A 188 21.05 -15.34 -12.72
N GLY A 189 20.40 -15.72 -13.83
CA GLY A 189 21.04 -16.52 -14.86
C GLY A 189 21.53 -15.61 -15.97
N GLY A 190 22.26 -16.18 -16.93
CA GLY A 190 22.83 -15.42 -18.04
C GLY A 190 24.13 -14.73 -17.66
N GLY A 191 25.01 -14.60 -18.64
CA GLY A 191 26.34 -14.03 -18.40
C GLY A 191 27.40 -14.93 -18.99
N THR A 192 28.61 -14.41 -19.11
CA THR A 192 29.74 -15.17 -19.65
C THR A 192 30.24 -16.17 -18.62
N THR A 193 30.31 -15.73 -17.36
CA THR A 193 30.77 -16.56 -16.25
C THR A 193 29.60 -17.26 -15.56
N ASP A 194 28.58 -17.61 -16.33
CA ASP A 194 27.35 -18.20 -15.79
C ASP A 194 27.52 -19.68 -15.44
N TYR A 195 28.34 -20.40 -16.21
CA TYR A 195 28.49 -21.85 -16.04
C TYR A 195 29.07 -22.21 -14.69
N ALA A 196 29.99 -21.38 -14.19
CA ALA A 196 30.69 -21.66 -12.93
C ALA A 196 29.77 -21.58 -11.71
N VAL A 197 28.62 -20.94 -11.85
CA VAL A 197 27.60 -20.90 -10.80
C VAL A 197 26.63 -22.07 -11.00
N GLN A 198 25.99 -22.09 -12.17
CA GLN A 198 24.99 -23.13 -12.49
C GLN A 198 25.52 -24.56 -12.40
N ILE A 199 26.79 -24.78 -12.68
CA ILE A 199 27.37 -26.13 -12.69
C ILE A 199 27.13 -26.89 -11.37
N PHE A 200 27.09 -26.16 -10.26
CA PHE A 200 26.89 -26.78 -8.94
C PHE A 200 25.51 -27.43 -8.78
N HIS A 201 24.48 -26.82 -9.37
CA HIS A 201 23.12 -27.38 -9.34
C HIS A 201 23.10 -28.84 -9.80
N ALA A 202 23.88 -29.13 -10.85
CA ALA A 202 23.99 -30.49 -11.39
C ALA A 202 24.90 -31.37 -10.54
N ALA A 203 26.00 -30.80 -10.07
CA ALA A 203 26.99 -31.55 -9.27
C ALA A 203 26.46 -31.94 -7.88
N ALA A 204 25.56 -31.14 -7.33
CA ALA A 204 24.97 -31.42 -6.02
C ALA A 204 24.21 -32.75 -6.01
N LYS A 205 23.45 -32.99 -7.08
CA LYS A 205 22.73 -34.25 -7.27
C LYS A 205 23.58 -35.29 -8.03
N ASN A 206 24.89 -35.09 -8.04
CA ASN A 206 25.82 -35.88 -8.85
C ASN A 206 25.27 -36.18 -10.25
N GLY A 207 24.74 -35.14 -10.90
CA GLY A 207 24.16 -35.25 -12.23
C GLY A 207 25.17 -34.92 -13.31
N THR A 208 24.67 -34.38 -14.42
CA THR A 208 25.51 -34.01 -15.57
C THR A 208 25.26 -32.56 -15.93
N PHE A 209 26.29 -31.91 -16.49
CA PHE A 209 26.20 -30.49 -16.80
C PHE A 209 26.65 -30.22 -18.23
N GLU A 210 25.79 -29.56 -18.99
CA GLU A 210 26.11 -29.06 -20.31
C GLU A 210 26.72 -27.67 -20.17
N CYS A 211 28.00 -27.54 -20.53
CA CYS A 211 28.74 -26.30 -20.37
C CYS A 211 28.60 -25.40 -21.60
N ASN A 212 28.43 -24.10 -21.35
CA ASN A 212 28.30 -23.11 -22.43
C ASN A 212 29.61 -22.79 -23.14
N LEU A 213 30.73 -23.05 -22.47
CA LEU A 213 32.06 -22.68 -22.97
C LEU A 213 32.89 -23.91 -23.27
N GLU A 214 33.70 -23.83 -24.33
CA GLU A 214 34.65 -24.89 -24.69
C GLU A 214 35.48 -25.36 -23.51
N ALA A 215 35.77 -26.66 -23.50
CA ALA A 215 36.48 -27.32 -22.41
C ALA A 215 37.57 -26.43 -21.79
N GLY A 216 38.58 -26.08 -22.58
CA GLY A 216 39.77 -25.40 -22.07
C GLY A 216 39.75 -23.88 -22.17
N THR A 217 38.68 -23.26 -21.65
CA THR A 217 38.53 -21.80 -21.69
C THR A 217 38.86 -21.17 -20.34
N ARG A 218 40.10 -20.71 -20.17
CA ARG A 218 40.54 -20.13 -18.89
C ARG A 218 40.09 -18.68 -18.74
N LEU A 219 39.60 -18.34 -17.55
CA LEU A 219 39.17 -16.99 -17.20
C LEU A 219 39.50 -16.71 -15.74
N PRO A 220 39.80 -15.44 -15.41
CA PRO A 220 39.96 -15.08 -13.99
C PRO A 220 38.62 -15.14 -13.27
N MET A 221 38.65 -15.61 -12.02
CA MET A 221 37.43 -15.90 -11.29
C MET A 221 37.65 -15.63 -9.82
N MET A 222 36.59 -15.26 -9.11
CA MET A 222 36.69 -14.92 -7.70
C MET A 222 35.34 -15.08 -7.01
N TYR A 223 35.38 -15.63 -5.80
CA TYR A 223 34.17 -15.91 -5.03
C TYR A 223 33.73 -14.64 -4.31
N ILE A 224 32.43 -14.36 -4.36
CA ILE A 224 31.87 -13.11 -3.88
C ILE A 224 32.39 -12.68 -2.49
N SER A 225 32.68 -13.63 -1.62
CA SER A 225 33.24 -13.30 -0.31
C SER A 225 34.55 -12.53 -0.44
N ASP A 226 35.46 -13.04 -1.27
CA ASP A 226 36.75 -12.36 -1.51
C ASP A 226 36.54 -10.98 -2.15
N CYS A 227 35.58 -10.92 -3.08
CA CYS A 227 35.31 -9.72 -3.86
C CYS A 227 34.84 -8.54 -3.00
N LEU A 228 33.90 -8.81 -2.10
CA LEU A 228 33.39 -7.78 -1.19
C LEU A 228 34.45 -7.35 -0.20
N ARG A 229 35.22 -8.31 0.29
CA ARG A 229 36.30 -8.05 1.23
C ARG A 229 37.36 -7.13 0.62
N ALA A 230 37.68 -7.37 -0.65
CA ALA A 230 38.62 -6.51 -1.37
C ALA A 230 38.05 -5.09 -1.50
N THR A 231 36.78 -5.00 -1.89
CA THR A 231 36.10 -3.72 -2.02
C THR A 231 36.16 -2.92 -0.72
N LEU A 232 35.95 -3.59 0.40
CA LEU A 232 36.09 -2.94 1.71
C LEU A 232 37.55 -2.54 1.95
N GLU A 233 38.46 -3.50 1.78
CA GLU A 233 39.87 -3.30 2.11
C GLU A 233 40.50 -2.11 1.35
N VAL A 234 40.28 -2.04 0.04
CA VAL A 234 40.81 -0.93 -0.76
C VAL A 234 40.24 0.41 -0.32
N MET A 235 39.03 0.40 0.22
CA MET A 235 38.39 1.60 0.72
C MET A 235 38.86 1.96 2.13
N GLU A 236 39.53 1.02 2.81
CA GLU A 236 40.14 1.28 4.11
C GLU A 236 41.63 1.64 4.02
N ALA A 237 42.25 1.36 2.88
CA ALA A 237 43.69 1.60 2.71
C ALA A 237 44.05 3.07 2.92
N PRO A 238 45.29 3.35 3.36
CA PRO A 238 45.72 4.73 3.43
C PRO A 238 45.93 5.32 2.03
N ALA A 239 45.66 6.60 1.87
CA ALA A 239 45.75 7.25 0.57
C ALA A 239 47.15 7.15 -0.02
N GLU A 240 48.17 7.51 0.77
CA GLU A 240 49.54 7.62 0.27
C GLU A 240 50.11 6.30 -0.27
N ARG A 241 49.67 5.18 0.30
CA ARG A 241 50.14 3.85 -0.15
C ARG A 241 49.59 3.47 -1.52
N LEU A 242 48.59 4.19 -2.01
CA LEU A 242 48.02 3.93 -3.33
C LEU A 242 48.88 4.57 -4.42
N SER A 243 49.50 3.72 -5.25
CA SER A 243 50.33 4.19 -6.37
C SER A 243 49.49 4.37 -7.63
N MET A 244 48.28 3.84 -7.60
CA MET A 244 47.30 4.07 -8.64
C MET A 244 45.90 4.00 -8.03
N ARG A 245 44.89 4.38 -8.80
CA ARG A 245 43.53 4.41 -8.30
C ARG A 245 42.61 3.35 -8.92
N THR A 246 43.11 2.62 -9.91
CA THR A 246 42.43 1.43 -10.44
C THR A 246 43.34 0.23 -10.22
N TYR A 247 42.78 -0.87 -9.72
CA TYR A 247 43.53 -2.09 -9.43
C TYR A 247 42.85 -3.34 -9.96
N ASN A 248 43.63 -4.25 -10.53
CA ASN A 248 43.19 -5.62 -10.70
C ASN A 248 43.18 -6.29 -9.34
N ILE A 249 42.17 -7.13 -9.11
CA ILE A 249 42.19 -8.08 -8.01
C ILE A 249 41.95 -9.45 -8.59
N SER A 250 42.60 -10.45 -8.01
CA SER A 250 42.44 -11.82 -8.50
C SER A 250 42.61 -12.84 -7.38
N ALA A 251 42.02 -14.00 -7.60
CA ALA A 251 42.09 -15.11 -6.65
C ALA A 251 42.56 -16.36 -7.37
N MET A 252 41.94 -16.63 -8.51
CA MET A 252 42.24 -17.82 -9.28
C MET A 252 41.88 -17.60 -10.74
N SER A 253 42.34 -18.52 -11.58
CA SER A 253 41.86 -18.62 -12.94
C SER A 253 41.69 -20.09 -13.23
N PHE A 254 40.60 -20.46 -13.89
CA PHE A 254 40.39 -21.85 -14.22
C PHE A 254 39.52 -22.10 -15.44
N THR A 255 39.58 -23.34 -15.88
CA THR A 255 38.93 -23.81 -17.08
C THR A 255 37.78 -24.72 -16.65
N PRO A 256 36.69 -24.79 -17.45
CA PRO A 256 35.57 -25.69 -17.13
C PRO A 256 35.99 -27.11 -16.73
N GLU A 257 36.87 -27.73 -17.51
CA GLU A 257 37.33 -29.10 -17.21
C GLU A 257 38.13 -29.17 -15.90
N GLU A 258 38.81 -28.08 -15.55
CA GLU A 258 39.50 -27.98 -14.26
C GLU A 258 38.53 -27.79 -13.09
N LEU A 259 37.44 -27.06 -13.34
CA LEU A 259 36.40 -26.91 -12.31
C LEU A 259 35.72 -28.25 -12.10
N ALA A 260 35.50 -29.00 -13.18
CA ALA A 260 34.91 -30.33 -13.10
C ALA A 260 35.82 -31.30 -12.34
N GLN A 261 37.13 -31.17 -12.53
CA GLN A 261 38.10 -31.95 -11.76
C GLN A 261 37.88 -31.76 -10.27
N ALA A 262 37.96 -30.51 -9.81
CA ALA A 262 37.82 -30.17 -8.40
C ALA A 262 36.44 -30.51 -7.83
N LEU A 263 35.43 -30.55 -8.70
CA LEU A 263 34.08 -30.97 -8.31
C LEU A 263 34.00 -32.46 -7.97
N ARG A 264 34.74 -33.29 -8.71
CA ARG A 264 34.72 -34.74 -8.51
C ARG A 264 35.32 -35.18 -7.19
N LYS A 265 36.14 -34.31 -6.60
CA LYS A 265 36.62 -34.46 -5.24
C LYS A 265 35.48 -34.75 -4.26
N HIS A 266 34.30 -34.19 -4.53
CA HIS A 266 33.12 -34.35 -3.67
C HIS A 266 31.95 -35.08 -4.33
N ALA A 267 31.95 -35.17 -5.65
CA ALA A 267 30.93 -35.94 -6.39
C ALA A 267 31.60 -36.64 -7.56
N PRO A 268 32.09 -37.88 -7.35
CA PRO A 268 32.97 -38.54 -8.32
C PRO A 268 32.31 -38.92 -9.65
N ASP A 269 31.07 -39.41 -9.59
CA ASP A 269 30.33 -39.78 -10.81
C ASP A 269 29.86 -38.58 -11.66
N PHE A 270 30.22 -37.36 -11.27
CA PHE A 270 29.81 -36.14 -11.99
C PHE A 270 30.46 -36.04 -13.36
N GLN A 271 29.63 -35.85 -14.39
CA GLN A 271 30.08 -35.75 -15.77
C GLN A 271 29.83 -34.35 -16.33
N ILE A 272 30.66 -33.96 -17.30
CA ILE A 272 30.63 -32.62 -17.88
C ILE A 272 30.65 -32.71 -19.41
N THR A 273 29.50 -32.44 -20.03
CA THR A 273 29.42 -32.37 -21.49
C THR A 273 29.70 -30.93 -21.92
N TYR A 274 29.70 -30.70 -23.23
CA TYR A 274 30.03 -29.39 -23.80
C TYR A 274 29.16 -29.07 -24.99
N CYS A 275 28.44 -27.95 -24.91
CA CYS A 275 27.61 -27.47 -26.00
C CYS A 275 27.76 -25.95 -26.06
N VAL A 276 28.57 -25.49 -27.00
CA VAL A 276 29.07 -24.11 -27.01
C VAL A 276 28.04 -23.11 -27.51
N ASP A 277 28.05 -21.94 -26.90
CA ASP A 277 27.40 -20.76 -27.46
C ASP A 277 28.53 -19.86 -27.96
N PRO A 278 28.68 -19.74 -29.30
CA PRO A 278 29.80 -18.97 -29.84
C PRO A 278 29.84 -17.52 -29.38
N LEU A 279 28.68 -16.92 -29.10
CA LEU A 279 28.60 -15.55 -28.60
C LEU A 279 29.21 -15.43 -27.20
N ARG A 280 29.02 -16.45 -26.38
CA ARG A 280 29.61 -16.51 -25.04
C ARG A 280 31.10 -16.87 -25.10
N GLN A 281 31.48 -17.65 -26.12
CA GLN A 281 32.89 -18.00 -26.35
C GLN A 281 33.69 -16.83 -26.90
N ALA A 282 33.11 -16.14 -27.87
CA ALA A 282 33.75 -14.98 -28.49
C ALA A 282 34.12 -13.96 -27.44
N ILE A 283 33.13 -13.56 -26.64
CA ILE A 283 33.36 -12.61 -25.54
C ILE A 283 34.38 -13.15 -24.54
N ALA A 284 34.31 -14.44 -24.22
CA ALA A 284 35.22 -15.06 -23.27
C ALA A 284 36.66 -15.05 -23.77
N GLU A 285 36.85 -15.36 -25.04
CA GLU A 285 38.17 -15.35 -25.67
C GLU A 285 38.75 -13.93 -25.75
N SER A 286 37.89 -12.92 -25.74
CA SER A 286 38.33 -11.52 -25.75
C SER A 286 38.87 -11.09 -24.38
N TRP A 287 38.40 -11.73 -23.32
CA TRP A 287 38.84 -11.39 -21.97
C TRP A 287 40.20 -12.02 -21.65
N PRO A 288 40.90 -11.50 -20.63
CA PRO A 288 42.20 -12.08 -20.26
C PRO A 288 42.04 -13.41 -19.58
N MET A 289 43.12 -14.20 -19.54
CA MET A 289 43.11 -15.51 -18.92
C MET A 289 43.46 -15.41 -17.45
N ILE A 290 44.38 -14.51 -17.12
CA ILE A 290 44.82 -14.28 -15.75
C ILE A 290 44.97 -12.80 -15.48
N LEU A 291 44.54 -12.35 -14.30
CA LEU A 291 44.79 -10.98 -13.87
C LEU A 291 45.97 -10.92 -12.91
N ASP A 292 46.96 -10.11 -13.27
CA ASP A 292 48.09 -9.83 -12.39
C ASP A 292 47.62 -8.73 -11.45
N ASP A 293 47.69 -9.00 -10.14
CA ASP A 293 47.31 -8.03 -9.13
C ASP A 293 48.48 -7.72 -8.19
N SER A 294 49.67 -7.62 -8.77
CA SER A 294 50.90 -7.35 -8.00
C SER A 294 50.82 -6.05 -7.24
N ASN A 295 50.27 -5.03 -7.89
CA ASN A 295 50.14 -3.70 -7.27
C ASN A 295 49.17 -3.69 -6.09
N ALA A 296 48.03 -4.37 -6.25
CA ALA A 296 47.04 -4.47 -5.19
C ALA A 296 47.63 -5.13 -3.95
N ARG A 297 48.48 -6.14 -4.17
CA ARG A 297 49.17 -6.85 -3.10
C ARG A 297 50.24 -5.99 -2.44
N LYS A 298 51.07 -5.35 -3.25
CA LYS A 298 52.20 -4.58 -2.75
C LYS A 298 51.75 -3.31 -2.02
N ASP A 299 50.74 -2.64 -2.57
CA ASP A 299 50.28 -1.34 -2.05
C ASP A 299 49.41 -1.44 -0.81
N TRP A 300 48.38 -2.30 -0.84
CA TRP A 300 47.42 -2.40 0.28
C TRP A 300 47.17 -3.83 0.80
N GLY A 301 48.16 -4.70 0.63
CA GLY A 301 48.13 -6.03 1.24
C GLY A 301 46.96 -6.93 0.89
N TRP A 302 46.44 -6.78 -0.33
CA TRP A 302 45.37 -7.66 -0.82
C TRP A 302 45.82 -9.11 -0.90
N LYS A 303 45.05 -10.00 -0.30
CA LYS A 303 45.27 -11.45 -0.44
C LYS A 303 43.91 -12.13 -0.53
N HIS A 304 43.81 -13.20 -1.32
CA HIS A 304 42.56 -13.94 -1.44
C HIS A 304 42.57 -15.20 -0.56
N ASP A 305 41.40 -15.53 0.00
CA ASP A 305 41.24 -16.72 0.84
C ASP A 305 40.68 -17.93 0.10
N PHE A 306 39.99 -17.69 -1.01
CA PHE A 306 39.32 -18.76 -1.73
C PHE A 306 40.05 -19.09 -3.01
N ASP A 307 40.71 -20.25 -3.04
CA ASP A 307 41.23 -20.84 -4.28
C ASP A 307 40.13 -21.77 -4.82
N LEU A 308 40.46 -22.56 -5.83
CA LEU A 308 39.46 -23.44 -6.45
C LEU A 308 38.84 -24.46 -5.48
N PRO A 309 39.65 -25.09 -4.60
CA PRO A 309 39.06 -26.01 -3.63
C PRO A 309 38.12 -25.33 -2.61
N GLU A 310 38.57 -24.26 -1.97
CA GLU A 310 37.74 -23.58 -0.96
C GLU A 310 36.47 -22.99 -1.57
N LEU A 311 36.57 -22.58 -2.84
CA LEU A 311 35.41 -22.13 -3.60
C LEU A 311 34.45 -23.30 -3.74
N VAL A 312 34.90 -24.34 -4.44
CA VAL A 312 34.08 -25.52 -4.73
C VAL A 312 33.38 -26.04 -3.47
N ALA A 313 34.12 -26.14 -2.38
CA ALA A 313 33.57 -26.64 -1.12
C ALA A 313 32.47 -25.72 -0.60
N THR A 314 32.79 -24.45 -0.47
CA THR A 314 31.84 -23.45 0.04
C THR A 314 30.58 -23.38 -0.82
N MET A 315 30.75 -23.46 -2.14
CA MET A 315 29.63 -23.47 -3.06
C MET A 315 28.77 -24.73 -2.90
N LEU A 316 29.42 -25.90 -2.91
CA LEU A 316 28.70 -27.17 -2.75
C LEU A 316 27.97 -27.26 -1.40
N ASN A 317 28.51 -26.58 -0.39
CA ASN A 317 27.88 -26.47 0.92
C ASN A 317 26.56 -25.69 0.90
N PHE A 318 26.46 -24.70 0.02
CA PHE A 318 25.25 -23.87 -0.09
C PHE A 318 24.13 -24.62 -0.78
N HIS A 319 24.51 -25.62 -1.56
CA HIS A 319 23.59 -26.70 -1.92
C HIS A 319 23.67 -27.67 -0.73
N GLY A 320 23.21 -28.90 -0.87
CA GLY A 320 23.12 -29.77 0.31
C GLY A 320 24.27 -30.73 0.55
N VAL A 321 25.46 -30.40 0.07
CA VAL A 321 26.53 -31.38 -0.04
C VAL A 321 27.56 -31.29 1.09
N SER A 322 27.94 -32.45 1.62
CA SER A 322 29.01 -32.55 2.60
C SER A 322 30.37 -32.36 1.92
N THR A 323 31.19 -31.50 2.52
CA THR A 323 32.51 -31.14 1.97
C THR A 323 33.67 -31.66 2.81
N ARG A 324 33.36 -32.44 3.85
CA ARG A 324 34.40 -33.11 4.64
C ARG A 324 35.05 -34.21 3.81
N VAL A 325 36.35 -34.40 4.01
CA VAL A 325 37.12 -35.38 3.24
C VAL A 325 38.41 -35.75 3.99
N GLU B 10 -16.66 31.40 -3.51
CA GLU B 10 -17.05 32.56 -2.65
C GLU B 10 -16.18 32.66 -1.40
N PRO B 11 -16.10 31.58 -0.59
CA PRO B 11 -15.08 31.59 0.44
C PRO B 11 -13.71 31.24 -0.15
N PRO B 12 -12.62 31.65 0.50
CA PRO B 12 -11.31 31.41 -0.09
C PRO B 12 -10.98 29.94 -0.24
N ARG B 13 -10.16 29.61 -1.24
CA ARG B 13 -9.64 28.27 -1.42
C ARG B 13 -8.19 28.27 -0.97
N VAL B 14 -7.89 27.48 0.06
CA VAL B 14 -6.66 27.59 0.81
C VAL B 14 -5.70 26.44 0.55
N LEU B 15 -4.45 26.78 0.27
CA LEU B 15 -3.37 25.81 0.25
C LEU B 15 -2.43 26.17 1.39
N ILE B 16 -2.08 25.19 2.22
CA ILE B 16 -1.07 25.40 3.25
C ILE B 16 0.06 24.40 2.97
N THR B 17 1.29 24.90 2.89
CA THR B 17 2.46 24.06 2.58
C THR B 17 3.19 23.69 3.85
N GLY B 18 4.04 22.67 3.77
CA GLY B 18 4.73 22.15 4.95
C GLY B 18 3.72 21.79 6.02
N GLY B 19 2.73 21.01 5.61
CA GLY B 19 1.52 20.79 6.40
C GLY B 19 1.67 20.00 7.68
N LEU B 20 2.39 18.88 7.60
CA LEU B 20 2.52 17.95 8.74
C LEU B 20 3.06 18.59 10.01
N GLY B 21 3.77 19.71 9.89
CA GLY B 21 4.21 20.49 11.05
C GLY B 21 3.03 20.94 11.90
N GLN B 22 3.31 21.39 13.12
CA GLN B 22 2.25 21.62 14.10
C GLN B 22 1.36 22.81 13.77
N LEU B 23 1.95 23.90 13.28
CA LEU B 23 1.19 25.08 12.92
C LEU B 23 0.28 24.81 11.73
N GLY B 24 0.71 23.93 10.84
CA GLY B 24 -0.07 23.57 9.66
C GLY B 24 -1.34 22.82 9.98
N VAL B 25 -1.26 21.90 10.94
CA VAL B 25 -2.41 21.11 11.37
C VAL B 25 -3.39 22.00 12.10
N GLY B 26 -2.87 22.82 13.02
CA GLY B 26 -3.68 23.77 13.78
C GLY B 26 -4.43 24.75 12.90
N LEU B 27 -3.75 25.27 11.89
CA LEU B 27 -4.35 26.22 10.97
C LEU B 27 -5.37 25.56 10.04
N ALA B 28 -5.10 24.33 9.62
CA ALA B 28 -6.04 23.62 8.78
C ALA B 28 -7.36 23.41 9.51
N ASN B 29 -7.27 22.97 10.76
CA ASN B 29 -8.44 22.82 11.62
C ASN B 29 -9.22 24.12 11.69
N LEU B 30 -8.52 25.23 11.85
CA LEU B 30 -9.17 26.54 11.98
C LEU B 30 -9.87 26.97 10.70
N LEU B 31 -9.15 26.91 9.58
CA LEU B 31 -9.68 27.38 8.30
C LEU B 31 -10.76 26.47 7.73
N ARG B 32 -10.72 25.19 8.08
CA ARG B 32 -11.80 24.27 7.72
C ARG B 32 -13.08 24.60 8.48
N LYS B 33 -12.95 25.06 9.72
CA LYS B 33 -14.11 25.46 10.50
C LYS B 33 -14.84 26.66 9.90
N ARG B 34 -14.08 27.62 9.37
CA ARG B 34 -14.67 28.84 8.81
C ARG B 34 -15.08 28.73 7.34
N PHE B 35 -14.24 28.09 6.53
CA PHE B 35 -14.49 28.00 5.08
C PHE B 35 -15.06 26.66 4.63
N GLY B 36 -14.81 25.60 5.40
CA GLY B 36 -15.26 24.25 5.05
C GLY B 36 -14.14 23.26 4.81
N LYS B 37 -14.42 21.99 5.06
CA LYS B 37 -13.44 20.90 4.92
C LYS B 37 -12.71 20.90 3.57
N ASP B 38 -13.48 20.85 2.49
CA ASP B 38 -12.93 20.69 1.13
C ASP B 38 -12.23 21.93 0.57
N ASN B 39 -12.48 23.10 1.15
CA ASN B 39 -11.84 24.33 0.68
C ASN B 39 -10.36 24.44 1.02
N VAL B 40 -9.96 23.85 2.14
CA VAL B 40 -8.60 23.96 2.65
C VAL B 40 -7.81 22.69 2.36
N ILE B 41 -6.74 22.83 1.59
CA ILE B 41 -5.91 21.71 1.18
C ILE B 41 -4.57 21.71 1.91
N LEU B 42 -4.38 20.73 2.78
CA LEU B 42 -3.10 20.51 3.46
C LEU B 42 -2.10 19.95 2.45
N SER B 43 -0.80 20.17 2.69
CA SER B 43 0.22 19.74 1.72
C SER B 43 1.65 19.71 2.29
N ASP B 44 2.35 18.61 2.03
CA ASP B 44 3.74 18.46 2.45
C ASP B 44 4.45 17.49 1.50
N ILE B 45 5.63 17.01 1.92
CA ILE B 45 6.38 15.98 1.21
C ILE B 45 6.64 14.83 2.19
N ARG B 46 5.62 14.51 2.98
CA ARG B 46 5.75 13.70 4.20
C ARG B 46 7.19 13.49 4.66
N HIS B 54 -6.51 12.47 6.17
CA HIS B 54 -7.91 12.14 5.91
C HIS B 54 -8.89 13.27 6.29
N SER B 55 -8.55 14.03 7.33
CA SER B 55 -9.45 15.07 7.86
C SER B 55 -9.87 16.10 6.81
N GLY B 56 -9.10 16.21 5.74
CA GLY B 56 -9.49 17.00 4.57
C GLY B 56 -8.56 16.72 3.41
N PRO B 57 -8.77 17.39 2.26
CA PRO B 57 -7.92 17.22 1.09
C PRO B 57 -6.43 17.26 1.43
N PHE B 58 -5.67 16.30 0.91
CA PHE B 58 -4.22 16.27 1.08
C PHE B 58 -3.53 16.01 -0.26
N VAL B 59 -2.39 16.67 -0.47
CA VAL B 59 -1.65 16.55 -1.73
C VAL B 59 -0.15 16.60 -1.47
N TYR B 60 0.59 15.71 -2.11
CA TYR B 60 2.04 15.79 -2.13
C TYR B 60 2.42 16.91 -3.10
N ALA B 61 2.97 17.99 -2.56
CA ALA B 61 3.44 19.11 -3.37
C ALA B 61 4.92 19.34 -3.11
N ASN B 62 5.70 19.32 -4.19
CA ASN B 62 7.10 19.68 -4.09
C ASN B 62 7.22 21.17 -4.43
N ILE B 63 7.72 21.93 -3.48
CA ILE B 63 7.84 23.39 -3.61
C ILE B 63 9.05 23.73 -4.47
N LEU B 64 10.07 22.90 -4.42
CA LEU B 64 11.26 23.04 -5.28
C LEU B 64 10.93 22.77 -6.75
N ASP B 65 9.89 21.99 -6.98
CA ASP B 65 9.41 21.72 -8.33
C ASP B 65 8.33 22.73 -8.69
N TYR B 66 8.78 23.93 -9.05
CA TYR B 66 7.90 25.03 -9.44
C TYR B 66 6.75 24.56 -10.31
N LYS B 67 7.09 23.85 -11.38
CA LYS B 67 6.13 23.39 -12.39
C LYS B 67 4.92 22.67 -11.80
N SER B 68 5.14 21.80 -10.80
CA SER B 68 4.05 21.04 -10.18
C SER B 68 3.22 21.88 -9.19
N LEU B 69 3.83 22.93 -8.65
CA LEU B 69 3.15 23.83 -7.73
C LEU B 69 2.09 24.64 -8.47
N ARG B 70 2.39 25.04 -9.70
CA ARG B 70 1.42 25.68 -10.59
C ARG B 70 0.13 24.88 -10.74
N GLU B 71 0.26 23.57 -11.03
CA GLU B 71 -0.90 22.68 -11.16
C GLU B 71 -1.83 22.87 -9.98
N ILE B 72 -1.29 22.65 -8.79
CA ILE B 72 -2.07 22.69 -7.56
C ILE B 72 -2.87 23.98 -7.46
N VAL B 73 -2.21 25.11 -7.70
CA VAL B 73 -2.86 26.41 -7.62
C VAL B 73 -4.00 26.56 -8.61
N VAL B 74 -3.78 26.15 -9.86
CA VAL B 74 -4.81 26.29 -10.91
C VAL B 74 -5.89 25.21 -10.83
N ASN B 75 -5.49 23.96 -10.59
CA ASN B 75 -6.42 22.83 -10.50
C ASN B 75 -7.41 23.02 -9.36
N HIS B 76 -6.91 23.47 -8.21
CA HIS B 76 -7.73 23.68 -7.02
C HIS B 76 -8.14 25.15 -6.84
N ARG B 77 -8.04 25.94 -7.92
CA ARG B 77 -8.38 27.38 -7.90
C ARG B 77 -8.05 28.08 -6.57
N ILE B 78 -6.79 27.97 -6.16
CA ILE B 78 -6.32 28.54 -4.90
C ILE B 78 -6.31 30.07 -4.95
N SER B 79 -6.87 30.72 -3.94
CA SER B 79 -6.78 32.18 -3.79
C SER B 79 -5.92 32.64 -2.59
N TRP B 80 -5.68 31.73 -1.63
CA TRP B 80 -4.87 32.00 -0.42
C TRP B 80 -3.80 30.93 -0.25
N LEU B 81 -2.59 31.31 0.13
CA LEU B 81 -1.52 30.32 0.37
C LEU B 81 -0.72 30.64 1.65
N PHE B 82 -0.70 29.70 2.58
CA PHE B 82 0.11 29.81 3.80
C PHE B 82 1.35 28.94 3.68
N HIS B 83 2.53 29.56 3.67
CA HIS B 83 3.77 28.84 3.35
C HIS B 83 4.54 28.48 4.62
N TYR B 84 4.37 27.26 5.11
CA TYR B 84 4.99 26.84 6.36
C TYR B 84 6.16 25.86 6.21
N SER B 85 6.60 25.58 4.99
CA SER B 85 7.71 24.62 4.77
C SER B 85 8.96 24.94 5.59
N ALA B 86 9.32 26.22 5.67
CA ALA B 86 10.39 26.67 6.56
C ALA B 86 9.83 26.96 7.96
N ARG B 100 19.31 27.12 3.77
CA ARG B 100 19.55 27.97 2.61
C ARG B 100 19.04 27.32 1.33
N ASP B 101 19.45 26.07 1.12
CA ASP B 101 19.07 25.30 -0.07
C ASP B 101 17.54 25.22 -0.28
N VAL B 102 16.87 24.55 0.65
CA VAL B 102 15.42 24.29 0.53
C VAL B 102 14.59 25.58 0.66
N ASN B 103 15.08 26.52 1.45
CA ASN B 103 14.32 27.73 1.77
C ASN B 103 14.20 28.70 0.60
N ILE B 104 15.33 29.23 0.14
CA ILE B 104 15.38 30.33 -0.82
C ILE B 104 14.80 29.94 -2.18
N THR B 105 15.18 28.76 -2.67
CA THR B 105 14.74 28.29 -3.97
C THR B 105 13.23 27.98 -3.93
N GLY B 106 12.78 27.41 -2.82
CA GLY B 106 11.36 27.16 -2.61
C GLY B 106 10.56 28.45 -2.49
N LEU B 107 11.09 29.38 -1.68
CA LEU B 107 10.46 30.67 -1.46
C LEU B 107 10.20 31.40 -2.78
N HIS B 108 11.18 31.39 -3.68
CA HIS B 108 11.04 32.03 -4.98
C HIS B 108 9.89 31.42 -5.77
N ASN B 109 9.81 30.09 -5.78
CA ASN B 109 8.73 29.41 -6.50
C ASN B 109 7.36 29.82 -5.96
N VAL B 110 7.22 29.84 -4.65
CA VAL B 110 5.96 30.22 -4.02
C VAL B 110 5.58 31.66 -4.38
N LEU B 111 6.53 32.58 -4.23
CA LEU B 111 6.32 33.97 -4.62
C LEU B 111 5.96 34.07 -6.08
N ASP B 112 6.71 33.37 -6.93
CA ASP B 112 6.50 33.45 -8.38
C ASP B 112 5.09 33.03 -8.75
N VAL B 113 4.66 31.86 -8.27
CA VAL B 113 3.33 31.35 -8.59
C VAL B 113 2.22 32.23 -8.02
N ALA B 114 2.34 32.60 -6.75
CA ALA B 114 1.34 33.44 -6.09
C ALA B 114 1.17 34.78 -6.82
N ALA B 115 2.29 35.36 -7.25
CA ALA B 115 2.26 36.63 -7.98
C ALA B 115 1.63 36.44 -9.34
N GLU B 116 1.98 35.34 -10.00
CA GLU B 116 1.49 35.01 -11.35
C GLU B 116 -0.03 34.84 -11.37
N TYR B 117 -0.57 34.10 -10.39
CA TYR B 117 -2.00 33.76 -10.36
C TYR B 117 -2.81 34.53 -9.30
N ASN B 118 -2.28 35.66 -8.82
CA ASN B 118 -2.97 36.54 -7.87
C ASN B 118 -3.43 35.85 -6.59
N VAL B 119 -2.60 34.95 -6.08
CA VAL B 119 -2.86 34.28 -4.80
C VAL B 119 -2.45 35.24 -3.68
N ARG B 120 -3.24 35.27 -2.61
CA ARG B 120 -2.89 36.00 -1.41
C ARG B 120 -1.91 35.14 -0.61
N LEU B 121 -0.70 35.63 -0.41
CA LEU B 121 0.36 34.81 0.16
C LEU B 121 0.74 35.20 1.59
N PHE B 122 0.68 34.23 2.50
CA PHE B 122 1.20 34.39 3.85
C PHE B 122 2.48 33.60 4.04
N VAL B 123 3.53 34.28 4.49
CA VAL B 123 4.75 33.60 4.90
C VAL B 123 5.08 34.09 6.29
N PRO B 124 5.35 33.17 7.24
CA PRO B 124 5.73 33.61 8.56
C PRO B 124 7.19 34.01 8.64
N SER B 125 7.47 35.03 9.44
CA SER B 125 8.83 35.33 9.85
C SER B 125 8.91 34.99 11.34
N THR B 126 9.88 35.55 12.04
CA THR B 126 10.16 35.13 13.41
C THR B 126 10.89 36.21 14.16
N ILE B 127 10.96 36.06 15.49
CA ILE B 127 11.80 36.93 16.32
C ILE B 127 13.29 36.68 16.06
N GLY B 128 13.61 35.52 15.50
CA GLY B 128 14.98 35.24 15.08
C GLY B 128 15.50 36.16 13.99
N ALA B 129 14.59 36.90 13.36
CA ALA B 129 14.95 37.85 12.30
C ALA B 129 15.61 39.13 12.83
N PHE B 130 15.82 39.21 14.14
CA PHE B 130 16.59 40.29 14.75
C PHE B 130 17.93 39.78 15.24
N GLY B 131 18.84 40.71 15.53
CA GLY B 131 20.19 40.37 16.04
C GLY B 131 20.63 41.28 17.18
N PRO B 132 21.85 41.06 17.69
CA PRO B 132 22.39 41.88 18.80
C PRO B 132 22.31 43.38 18.56
N THR B 133 22.60 43.82 17.34
CA THR B 133 22.56 45.23 16.97
C THR B 133 21.15 45.85 16.96
N SER B 134 20.12 45.02 16.94
CA SER B 134 18.72 45.49 16.92
C SER B 134 18.28 45.95 18.33
N PRO B 135 17.26 46.83 18.41
CA PRO B 135 16.64 47.17 19.70
C PRO B 135 15.95 45.96 20.31
N ARG B 136 16.14 45.73 21.61
CA ARG B 136 15.63 44.53 22.29
C ARG B 136 14.60 44.79 23.39
N ASN B 137 14.31 46.04 23.70
CA ASN B 137 13.39 46.36 24.81
C ASN B 137 12.55 47.61 24.56
N PRO B 138 11.59 47.53 23.61
CA PRO B 138 11.24 46.38 22.79
C PRO B 138 11.98 46.41 21.45
N ALA B 139 11.62 45.49 20.56
CA ALA B 139 12.03 45.54 19.16
C ALA B 139 10.87 46.07 18.34
N PRO B 140 11.07 47.19 17.61
CA PRO B 140 9.97 47.71 16.80
C PRO B 140 9.72 46.91 15.52
N ASP B 141 8.68 47.30 14.81
CA ASP B 141 8.29 46.65 13.56
C ASP B 141 9.33 46.91 12.48
N LEU B 142 9.81 48.15 12.41
CA LEU B 142 10.88 48.54 11.51
C LEU B 142 12.12 48.90 12.33
N CYS B 143 13.15 48.07 12.22
CA CYS B 143 14.42 48.35 12.88
C CYS B 143 15.56 47.57 12.22
N ILE B 144 16.78 47.78 12.72
CA ILE B 144 17.95 47.09 12.21
C ILE B 144 17.72 45.58 12.35
N GLN B 145 18.08 44.85 11.30
CA GLN B 145 17.85 43.41 11.26
C GLN B 145 19.09 42.72 10.71
N ARG B 146 20.00 42.39 11.63
CA ARG B 146 21.27 41.74 11.32
C ARG B 146 21.40 40.47 12.15
N PRO B 147 20.52 39.48 11.90
CA PRO B 147 20.59 38.26 12.67
C PRO B 147 21.86 37.49 12.34
N ARG B 148 22.45 36.85 13.34
CA ARG B 148 23.67 36.09 13.16
C ARG B 148 23.39 34.60 13.26
N THR B 149 22.21 34.21 12.78
CA THR B 149 21.82 32.81 12.62
C THR B 149 21.32 32.62 11.20
N ILE B 150 21.64 31.47 10.61
CA ILE B 150 21.23 31.15 9.24
C ILE B 150 19.71 31.26 9.07
N TYR B 151 18.97 30.88 10.10
CA TYR B 151 17.50 30.91 10.09
C TYR B 151 16.99 32.35 9.92
N GLY B 152 17.43 33.22 10.81
CA GLY B 152 17.01 34.63 10.82
C GLY B 152 17.35 35.39 9.56
N VAL B 153 18.56 35.17 9.05
CA VAL B 153 19.02 35.77 7.80
C VAL B 153 18.13 35.36 6.63
N SER B 154 17.71 34.10 6.62
CA SER B 154 16.74 33.60 5.63
C SER B 154 15.40 34.29 5.78
N LYS B 155 14.96 34.47 7.03
CA LYS B 155 13.68 35.11 7.28
C LYS B 155 13.73 36.59 6.95
N VAL B 156 14.88 37.24 7.11
CA VAL B 156 15.05 38.59 6.62
C VAL B 156 14.86 38.58 5.11
N HIS B 157 15.62 37.72 4.44
CA HIS B 157 15.51 37.57 3.00
C HIS B 157 14.06 37.35 2.57
N THR B 158 13.34 36.54 3.33
CA THR B 158 11.94 36.25 3.05
C THR B 158 11.07 37.49 3.20
N GLU B 159 11.27 38.23 4.27
CA GLU B 159 10.51 39.45 4.50
C GLU B 159 10.70 40.41 3.33
N LEU B 160 11.97 40.62 2.96
CA LEU B 160 12.33 41.61 1.94
C LEU B 160 11.91 41.18 0.54
N MET B 161 12.07 39.90 0.23
CA MET B 161 11.66 39.38 -1.07
C MET B 161 10.16 39.50 -1.26
N GLY B 162 9.40 39.16 -0.23
CA GLY B 162 7.93 39.26 -0.28
C GLY B 162 7.45 40.69 -0.44
N GLU B 163 8.03 41.60 0.33
CA GLU B 163 7.69 43.03 0.26
C GLU B 163 8.04 43.57 -1.11
N TYR B 164 9.22 43.23 -1.59
CA TYR B 164 9.66 43.61 -2.93
C TYR B 164 8.68 43.15 -4.02
N TYR B 165 8.21 41.90 -3.91
CA TYR B 165 7.21 41.38 -4.85
C TYR B 165 5.89 42.13 -4.76
N TYR B 166 5.56 42.64 -3.58
CA TYR B 166 4.34 43.41 -3.40
C TYR B 166 4.41 44.77 -4.09
N TYR B 167 5.57 45.43 -4.01
CA TYR B 167 5.70 46.78 -4.55
C TYR B 167 5.93 46.78 -6.07
N ARG B 168 6.77 45.86 -6.56
CA ARG B 168 7.09 45.80 -7.99
C ARG B 168 5.98 45.16 -8.81
N TYR B 169 5.56 43.98 -8.37
CA TYR B 169 4.40 43.30 -8.93
C TYR B 169 3.25 43.62 -7.99
N GLY B 170 2.14 42.92 -8.10
CA GLY B 170 0.98 43.22 -7.24
C GLY B 170 0.71 42.13 -6.24
N LEU B 171 1.76 41.47 -5.78
CA LEU B 171 1.61 40.30 -4.91
C LEU B 171 1.06 40.72 -3.56
N ASP B 172 -0.09 40.17 -3.18
CA ASP B 172 -0.67 40.44 -1.88
C ASP B 172 0.07 39.62 -0.82
N PHE B 173 1.27 40.09 -0.48
CA PHE B 173 2.16 39.36 0.43
C PHE B 173 1.95 39.84 1.85
N ARG B 174 1.70 38.90 2.77
CA ARG B 174 1.44 39.22 4.16
C ARG B 174 2.33 38.38 5.09
N CYS B 175 2.92 39.03 6.09
CA CYS B 175 3.92 38.39 6.92
C CYS B 175 3.82 38.84 8.37
N LEU B 176 3.83 37.88 9.29
CA LEU B 176 3.86 38.15 10.72
C LEU B 176 5.12 37.57 11.32
N ARG B 177 5.68 38.27 12.30
CA ARG B 177 6.83 37.76 13.05
C ARG B 177 6.35 37.01 14.28
N TYR B 178 6.39 35.69 14.22
CA TYR B 178 6.03 34.84 15.36
C TYR B 178 7.06 34.92 16.49
N PRO B 179 6.59 35.06 17.75
CA PRO B 179 7.47 34.83 18.89
C PRO B 179 7.67 33.34 19.13
N GLY B 180 8.16 32.98 20.31
CA GLY B 180 8.18 31.58 20.72
C GLY B 180 6.76 31.06 20.83
N ILE B 181 6.40 30.13 19.93
CA ILE B 181 5.06 29.55 19.89
C ILE B 181 4.95 28.38 20.86
N ILE B 182 4.22 28.58 21.96
CA ILE B 182 4.00 27.53 22.95
C ILE B 182 2.77 26.70 22.61
N SER B 183 2.91 25.38 22.69
CA SER B 183 1.79 24.49 22.44
C SER B 183 1.93 23.19 23.23
N ALA B 184 0.81 22.53 23.46
CA ALA B 184 0.78 21.28 24.24
C ALA B 184 1.34 20.11 23.45
N ASP B 185 0.93 19.99 22.18
CA ASP B 185 1.35 18.89 21.32
C ASP B 185 2.80 19.00 20.81
N SER B 186 3.47 20.12 21.08
CA SER B 186 4.83 20.35 20.57
C SER B 186 5.81 19.24 20.93
N GLN B 187 6.70 18.93 19.99
CA GLN B 187 7.70 17.88 20.18
C GLN B 187 8.94 18.48 20.84
N PRO B 188 9.73 17.66 21.57
CA PRO B 188 11.05 18.13 21.99
C PRO B 188 12.02 18.26 20.81
N GLY B 189 11.90 19.36 20.07
CA GLY B 189 12.71 19.60 18.87
C GLY B 189 14.07 20.22 19.14
N GLY B 190 14.37 20.47 20.42
CA GLY B 190 15.66 21.05 20.81
C GLY B 190 15.82 22.51 20.46
N GLY B 191 14.71 23.20 20.21
CA GLY B 191 14.72 24.63 19.89
C GLY B 191 15.03 25.46 21.11
N THR B 192 15.16 26.77 20.92
CA THR B 192 15.58 27.67 21.99
C THR B 192 14.48 27.89 23.02
N THR B 193 13.23 27.99 22.54
CA THR B 193 12.07 28.25 23.40
C THR B 193 11.48 26.97 24.00
N ASP B 194 12.06 25.83 23.66
CA ASP B 194 11.52 24.51 24.00
C ASP B 194 11.21 24.29 25.48
N TYR B 195 11.99 24.89 26.37
CA TYR B 195 11.79 24.72 27.82
C TYR B 195 10.37 25.07 28.27
N ALA B 196 9.81 26.10 27.65
CA ALA B 196 8.50 26.64 28.03
C ALA B 196 7.35 25.66 27.76
N VAL B 197 7.57 24.76 26.81
CA VAL B 197 6.67 23.63 26.60
C VAL B 197 6.94 22.53 27.63
N GLN B 198 8.21 22.13 27.73
CA GLN B 198 8.58 20.92 28.48
C GLN B 198 8.45 21.09 29.98
N ILE B 199 8.50 22.32 30.47
CA ILE B 199 8.30 22.59 31.88
C ILE B 199 6.97 22.02 32.40
N PHE B 200 5.95 22.01 31.54
CA PHE B 200 4.60 21.57 31.93
C PHE B 200 4.48 20.07 32.25
N HIS B 201 5.36 19.25 31.67
CA HIS B 201 5.43 17.83 32.04
C HIS B 201 5.79 17.67 33.53
N ALA B 202 6.75 18.47 33.98
CA ALA B 202 7.24 18.41 35.35
C ALA B 202 6.27 19.05 36.33
N ALA B 203 5.75 20.22 35.97
CA ALA B 203 4.79 20.92 36.82
C ALA B 203 3.48 20.14 36.96
N ALA B 204 3.14 19.35 35.94
CA ALA B 204 1.98 18.45 36.00
C ALA B 204 2.11 17.41 37.11
N LYS B 205 3.34 16.92 37.31
CA LYS B 205 3.65 15.97 38.40
C LYS B 205 3.92 16.67 39.75
N ASN B 206 3.91 18.00 39.77
CA ASN B 206 4.31 18.80 40.92
C ASN B 206 5.75 18.48 41.37
N GLY B 207 6.62 18.17 40.41
CA GLY B 207 8.00 17.78 40.69
C GLY B 207 8.98 18.93 40.51
N THR B 208 10.02 18.69 39.71
CA THR B 208 11.12 19.64 39.53
C THR B 208 11.59 19.64 38.07
N PHE B 209 11.88 20.83 37.54
CA PHE B 209 12.27 20.99 36.14
C PHE B 209 13.64 21.64 36.00
N GLU B 210 14.46 21.07 35.13
CA GLU B 210 15.80 21.58 34.84
C GLU B 210 15.75 22.44 33.58
N CYS B 211 16.12 23.70 33.73
CA CYS B 211 15.95 24.69 32.67
C CYS B 211 17.18 24.86 31.78
N ASN B 212 16.92 25.02 30.49
CA ASN B 212 17.97 25.29 29.49
C ASN B 212 18.62 26.65 29.65
N LEU B 213 17.87 27.61 30.19
CA LEU B 213 18.24 29.03 30.17
C LEU B 213 18.33 29.64 31.57
N GLU B 214 19.02 30.78 31.66
CA GLU B 214 19.11 31.54 32.92
C GLU B 214 17.74 31.91 33.47
N ALA B 215 17.69 32.10 34.79
CA ALA B 215 16.48 32.53 35.49
C ALA B 215 15.96 33.89 35.02
N GLY B 216 16.83 34.71 34.44
CA GLY B 216 16.47 36.05 33.97
C GLY B 216 16.34 36.22 32.47
N THR B 217 16.35 35.11 31.73
CA THR B 217 16.31 35.14 30.27
C THR B 217 14.91 35.45 29.72
N ARG B 218 14.65 36.72 29.43
CA ARG B 218 13.34 37.16 28.97
C ARG B 218 13.21 37.05 27.45
N LEU B 219 12.13 36.41 27.01
CA LEU B 219 11.83 36.26 25.58
C LEU B 219 10.35 36.56 25.32
N PRO B 220 10.02 36.98 24.09
CA PRO B 220 8.63 37.16 23.70
C PRO B 220 8.00 35.84 23.29
N MET B 221 6.83 35.54 23.87
CA MET B 221 6.17 34.26 23.70
C MET B 221 4.71 34.45 23.34
N MET B 222 4.08 33.40 22.84
CA MET B 222 2.68 33.45 22.43
C MET B 222 2.11 32.05 22.36
N TYR B 223 0.91 31.85 22.89
CA TYR B 223 0.23 30.56 22.83
C TYR B 223 -0.31 30.30 21.43
N ILE B 224 -0.19 29.04 20.98
CA ILE B 224 -0.50 28.68 19.58
C ILE B 224 -1.84 29.22 19.10
N SER B 225 -2.85 29.21 19.96
CA SER B 225 -4.17 29.72 19.61
C SER B 225 -4.09 31.15 19.08
N ASP B 226 -3.44 32.03 19.83
CA ASP B 226 -3.27 33.42 19.41
C ASP B 226 -2.51 33.54 18.09
N CYS B 227 -1.44 32.76 17.98
CA CYS B 227 -0.62 32.77 16.77
C CYS B 227 -1.46 32.43 15.54
N LEU B 228 -2.24 31.36 15.63
CA LEU B 228 -3.11 30.93 14.52
C LEU B 228 -4.17 31.98 14.18
N ARG B 229 -4.84 32.49 15.21
CA ARG B 229 -5.86 33.52 15.02
C ARG B 229 -5.29 34.81 14.40
N ALA B 230 -4.12 35.24 14.87
CA ALA B 230 -3.42 36.37 14.25
C ALA B 230 -3.15 36.10 12.77
N THR B 231 -2.77 34.87 12.45
CA THR B 231 -2.47 34.47 11.06
C THR B 231 -3.71 34.56 10.18
N LEU B 232 -4.85 34.11 10.70
CA LEU B 232 -6.12 34.22 9.98
C LEU B 232 -6.49 35.69 9.81
N GLU B 233 -6.46 36.42 10.91
CA GLU B 233 -6.95 37.78 10.95
C GLU B 233 -6.19 38.72 10.02
N VAL B 234 -4.86 38.62 10.01
CA VAL B 234 -4.04 39.48 9.14
C VAL B 234 -4.37 39.26 7.67
N MET B 235 -4.77 38.04 7.32
CA MET B 235 -5.12 37.71 5.94
C MET B 235 -6.52 38.22 5.58
N GLU B 236 -7.43 38.21 6.55
CA GLU B 236 -8.79 38.72 6.32
C GLU B 236 -8.85 40.24 6.26
N ALA B 237 -7.86 40.92 6.85
CA ALA B 237 -7.85 42.37 6.90
C ALA B 237 -7.97 42.99 5.51
N PRO B 238 -8.54 44.21 5.42
CA PRO B 238 -8.55 44.88 4.12
C PRO B 238 -7.15 45.42 3.81
N ALA B 239 -6.69 45.21 2.59
CA ALA B 239 -5.33 45.57 2.18
C ALA B 239 -4.99 47.03 2.46
N GLU B 240 -6.01 47.88 2.34
CA GLU B 240 -5.83 49.33 2.38
C GLU B 240 -5.60 49.87 3.79
N ARG B 241 -5.79 49.03 4.80
CA ARG B 241 -5.46 49.39 6.18
C ARG B 241 -4.03 49.03 6.57
N LEU B 242 -3.35 48.25 5.73
CA LEU B 242 -2.02 47.74 6.05
C LEU B 242 -0.92 48.73 5.63
N SER B 243 -0.31 49.37 6.62
CA SER B 243 0.76 50.33 6.37
C SER B 243 2.08 49.64 6.06
N MET B 244 2.17 48.35 6.35
CA MET B 244 3.35 47.55 6.01
C MET B 244 2.91 46.11 5.82
N ARG B 245 3.79 45.27 5.29
CA ARG B 245 3.44 43.88 5.02
C ARG B 245 4.11 42.85 5.93
N THR B 246 5.06 43.28 6.76
CA THR B 246 5.58 42.44 7.83
C THR B 246 5.24 43.11 9.17
N TYR B 247 4.49 42.42 10.01
CA TYR B 247 4.15 42.93 11.33
C TYR B 247 4.70 42.03 12.42
N ASN B 248 5.18 42.64 13.49
CA ASN B 248 5.36 41.91 14.74
C ASN B 248 3.98 41.62 15.30
N ILE B 249 3.80 40.43 15.87
CA ILE B 249 2.67 40.16 16.75
C ILE B 249 3.23 39.75 18.11
N SER B 250 2.66 40.31 19.17
CA SER B 250 3.14 40.10 20.52
C SER B 250 1.99 39.72 21.43
N ALA B 251 2.33 39.15 22.57
CA ALA B 251 1.34 38.76 23.56
C ALA B 251 1.92 38.93 24.96
N MET B 252 2.99 38.19 25.24
CA MET B 252 3.65 38.26 26.53
C MET B 252 5.13 38.07 26.35
N SER B 253 5.91 38.61 27.28
CA SER B 253 7.32 38.29 27.38
C SER B 253 7.59 37.94 28.81
N PHE B 254 8.12 36.74 29.03
CA PHE B 254 8.46 36.30 30.39
C PHE B 254 9.82 35.60 30.44
N THR B 255 10.27 35.38 31.67
CA THR B 255 11.52 34.71 31.95
C THR B 255 11.21 33.37 32.63
N PRO B 256 12.14 32.40 32.60
CA PRO B 256 11.89 31.13 33.29
C PRO B 256 11.43 31.23 34.76
N GLU B 257 12.00 32.16 35.52
CA GLU B 257 11.54 32.39 36.89
C GLU B 257 10.05 32.74 36.91
N GLU B 258 9.67 33.73 36.11
CA GLU B 258 8.29 34.20 36.01
C GLU B 258 7.30 33.11 35.56
N LEU B 259 7.77 32.21 34.70
CA LEU B 259 6.95 31.10 34.26
C LEU B 259 6.72 30.10 35.41
N ALA B 260 7.78 29.83 36.16
CA ALA B 260 7.69 28.91 37.30
C ALA B 260 6.88 29.52 38.44
N GLN B 261 6.99 30.83 38.62
CA GLN B 261 6.16 31.53 39.59
C GLN B 261 4.68 31.41 39.24
N ALA B 262 4.37 31.53 37.94
CA ALA B 262 3.00 31.40 37.45
C ALA B 262 2.48 29.97 37.58
N LEU B 263 3.36 28.99 37.43
CA LEU B 263 3.00 27.59 37.59
C LEU B 263 2.70 27.20 39.04
N ARG B 264 3.30 27.91 40.00
CA ARG B 264 3.12 27.61 41.43
C ARG B 264 1.68 27.78 41.91
N LYS B 265 0.92 28.64 41.26
CA LYS B 265 -0.51 28.83 41.61
C LYS B 265 -1.21 27.47 41.58
N HIS B 266 -0.84 26.62 40.63
CA HIS B 266 -1.49 25.33 40.40
C HIS B 266 -0.63 24.13 40.82
N ALA B 267 0.61 24.39 41.19
CA ALA B 267 1.50 23.36 41.76
C ALA B 267 2.45 24.05 42.73
N PRO B 268 1.99 24.32 43.96
CA PRO B 268 2.75 25.17 44.90
C PRO B 268 4.12 24.62 45.31
N ASP B 269 4.28 23.30 45.29
CA ASP B 269 5.55 22.65 45.65
C ASP B 269 6.47 22.42 44.43
N PHE B 270 6.17 23.07 43.31
CA PHE B 270 6.99 22.95 42.10
C PHE B 270 8.26 23.81 42.24
N GLN B 271 9.37 23.28 41.72
CA GLN B 271 10.66 23.96 41.83
C GLN B 271 11.41 23.95 40.50
N ILE B 272 12.22 24.98 40.30
CA ILE B 272 12.98 25.16 39.07
C ILE B 272 14.48 25.07 39.40
N THR B 273 15.23 24.34 38.56
CA THR B 273 16.69 24.31 38.65
C THR B 273 17.28 24.65 37.29
N TYR B 274 18.50 25.16 37.28
CA TYR B 274 19.10 25.70 36.07
C TYR B 274 20.43 25.00 35.71
N CYS B 275 20.46 24.41 34.52
CA CYS B 275 21.66 23.79 33.98
C CYS B 275 21.81 24.27 32.54
N VAL B 276 22.52 25.39 32.39
CA VAL B 276 22.48 26.19 31.16
C VAL B 276 23.15 25.51 29.97
N ASP B 277 22.46 25.55 28.83
CA ASP B 277 23.04 25.22 27.54
C ASP B 277 23.34 26.54 26.83
N PRO B 278 24.61 26.99 26.81
CA PRO B 278 24.93 28.30 26.23
C PRO B 278 24.88 28.37 24.70
N LEU B 279 24.63 27.24 24.03
CA LEU B 279 24.36 27.24 22.59
C LEU B 279 23.08 28.02 22.32
N ARG B 280 22.02 27.67 23.06
CA ARG B 280 20.71 28.30 22.93
C ARG B 280 20.63 29.59 23.74
N GLN B 281 21.26 29.61 24.91
CA GLN B 281 21.28 30.80 25.77
C GLN B 281 21.91 31.99 25.04
N ALA B 282 22.90 31.71 24.19
CA ALA B 282 23.52 32.74 23.36
C ALA B 282 22.57 33.17 22.26
N ILE B 283 21.83 32.20 21.69
CA ILE B 283 20.77 32.49 20.73
C ILE B 283 19.69 33.36 21.35
N ALA B 284 19.35 33.07 22.61
CA ALA B 284 18.33 33.82 23.33
C ALA B 284 18.74 35.28 23.53
N GLU B 285 19.99 35.50 23.91
CA GLU B 285 20.51 36.86 24.11
C GLU B 285 20.59 37.67 22.82
N SER B 286 20.60 36.99 21.67
CA SER B 286 20.64 37.65 20.37
C SER B 286 19.26 38.10 19.90
N TRP B 287 18.22 37.61 20.57
CA TRP B 287 16.84 37.97 20.24
C TRP B 287 16.33 39.06 21.17
N PRO B 288 15.27 39.77 20.73
CA PRO B 288 14.69 40.80 21.58
C PRO B 288 14.03 40.22 22.83
N MET B 289 13.96 41.03 23.88
CA MET B 289 13.26 40.64 25.10
C MET B 289 11.77 40.89 24.94
N ILE B 290 11.40 41.93 24.20
CA ILE B 290 10.01 42.28 23.95
C ILE B 290 9.79 42.68 22.49
N LEU B 291 8.65 42.29 21.95
CA LEU B 291 8.22 42.73 20.61
C LEU B 291 7.15 43.80 20.74
N ASP B 292 7.35 44.94 20.10
CA ASP B 292 6.31 45.95 20.03
C ASP B 292 5.43 45.68 18.81
N ASP B 293 4.13 45.57 19.05
CA ASP B 293 3.16 45.29 17.98
C ASP B 293 2.19 46.45 17.78
N SER B 294 2.70 47.67 17.95
CA SER B 294 1.87 48.89 17.89
C SER B 294 1.12 49.01 16.57
N ASN B 295 1.82 48.71 15.47
CA ASN B 295 1.25 48.84 14.14
C ASN B 295 0.22 47.77 13.83
N ALA B 296 0.43 46.57 14.38
CA ALA B 296 -0.50 45.47 14.16
C ALA B 296 -1.83 45.72 14.89
N ARG B 297 -1.77 46.36 16.05
CA ARG B 297 -2.97 46.64 16.84
C ARG B 297 -3.80 47.76 16.22
N LYS B 298 -3.15 48.74 15.62
CA LYS B 298 -3.82 49.86 14.96
C LYS B 298 -4.38 49.45 13.61
N ASP B 299 -3.49 48.99 12.73
CA ASP B 299 -3.82 48.73 11.33
C ASP B 299 -4.92 47.68 11.11
N TRP B 300 -4.85 46.56 11.82
CA TRP B 300 -5.85 45.50 11.65
C TRP B 300 -6.41 44.89 12.95
N GLY B 301 -6.21 45.60 14.06
CA GLY B 301 -6.92 45.29 15.30
C GLY B 301 -6.46 44.07 16.07
N TRP B 302 -5.15 43.78 16.02
CA TRP B 302 -4.59 42.64 16.76
C TRP B 302 -4.68 42.81 18.28
N LYS B 303 -5.27 41.81 18.93
CA LYS B 303 -5.32 41.72 20.38
C LYS B 303 -5.10 40.25 20.74
N HIS B 304 -4.19 40.01 21.68
CA HIS B 304 -3.92 38.65 22.18
C HIS B 304 -4.87 38.31 23.33
N ASP B 305 -5.30 37.06 23.38
CA ASP B 305 -6.17 36.55 24.44
C ASP B 305 -5.42 35.90 25.61
N PHE B 306 -4.20 35.43 25.38
CA PHE B 306 -3.49 34.60 26.35
C PHE B 306 -2.29 35.29 26.97
N ASP B 307 -2.44 35.67 28.23
CA ASP B 307 -1.34 36.13 29.06
C ASP B 307 -0.71 34.92 29.76
N LEU B 308 0.26 35.15 30.64
CA LEU B 308 0.90 34.07 31.38
C LEU B 308 -0.11 33.23 32.18
N PRO B 309 -0.99 33.89 32.95
CA PRO B 309 -1.99 33.14 33.74
C PRO B 309 -2.86 32.21 32.89
N GLU B 310 -3.31 32.68 31.73
CA GLU B 310 -4.12 31.87 30.82
C GLU B 310 -3.33 30.80 30.08
N LEU B 311 -2.14 31.14 29.61
CA LEU B 311 -1.26 30.16 28.99
C LEU B 311 -1.05 29.00 29.95
N VAL B 312 -0.61 29.31 31.17
CA VAL B 312 -0.37 28.30 32.20
C VAL B 312 -1.62 27.48 32.45
N ALA B 313 -2.74 28.17 32.66
CA ALA B 313 -4.03 27.54 32.91
C ALA B 313 -4.36 26.51 31.84
N THR B 314 -4.26 26.94 30.58
CA THR B 314 -4.61 26.10 29.43
C THR B 314 -3.65 24.93 29.29
N MET B 315 -2.35 25.23 29.23
CA MET B 315 -1.33 24.20 29.02
C MET B 315 -1.43 23.09 30.06
N LEU B 316 -1.57 23.47 31.33
CA LEU B 316 -1.73 22.52 32.42
C LEU B 316 -2.95 21.60 32.25
N ASN B 317 -4.05 22.15 31.75
CA ASN B 317 -5.27 21.36 31.54
C ASN B 317 -5.07 20.19 30.57
N PHE B 318 -4.19 20.37 29.60
CA PHE B 318 -3.86 19.30 28.65
C PHE B 318 -3.08 18.14 29.28
N HIS B 319 -2.37 18.43 30.37
CA HIS B 319 -1.69 17.40 31.17
C HIS B 319 -2.64 16.79 32.23
N GLY B 320 -3.85 17.33 32.31
CA GLY B 320 -4.93 16.71 33.06
C GLY B 320 -5.07 17.21 34.49
N VAL B 321 -4.52 18.38 34.79
CA VAL B 321 -4.67 18.97 36.12
C VAL B 321 -5.67 20.11 36.07
N SER B 322 -6.40 20.28 37.15
CA SER B 322 -7.47 21.29 37.20
C SER B 322 -6.90 22.70 37.34
N THR B 323 -7.78 23.69 37.19
CA THR B 323 -7.39 25.09 37.22
C THR B 323 -8.55 25.95 37.74
N GLU C 10 7.64 -9.88 -34.93
CA GLU C 10 6.81 -9.95 -36.18
C GLU C 10 5.46 -9.24 -36.02
N PRO C 11 4.66 -9.59 -34.99
CA PRO C 11 3.49 -8.76 -34.73
C PRO C 11 3.89 -7.52 -33.94
N PRO C 12 3.11 -6.42 -34.06
CA PRO C 12 3.54 -5.14 -33.54
C PRO C 12 3.43 -5.02 -32.03
N ARG C 13 4.44 -4.40 -31.41
CA ARG C 13 4.39 -4.06 -29.99
C ARG C 13 3.74 -2.68 -29.88
N VAL C 14 2.72 -2.56 -29.05
CA VAL C 14 1.86 -1.37 -29.02
C VAL C 14 1.90 -0.67 -27.67
N LEU C 15 2.01 0.66 -27.68
CA LEU C 15 1.81 1.48 -26.49
C LEU C 15 0.58 2.38 -26.66
N ILE C 16 -0.24 2.47 -25.62
CA ILE C 16 -1.41 3.34 -25.63
C ILE C 16 -1.30 4.29 -24.45
N THR C 17 -1.18 5.59 -24.74
CA THR C 17 -1.05 6.60 -23.68
C THR C 17 -2.40 7.10 -23.23
N GLY C 18 -2.45 7.71 -22.05
CA GLY C 18 -3.69 8.21 -21.47
C GLY C 18 -4.91 7.35 -21.75
N GLY C 19 -4.71 6.03 -21.76
CA GLY C 19 -5.74 5.10 -22.22
C GLY C 19 -6.55 4.46 -21.11
N LEU C 20 -6.77 5.21 -20.03
CA LEU C 20 -7.59 4.74 -18.92
C LEU C 20 -9.02 5.29 -19.04
N GLY C 21 -9.25 6.12 -20.05
CA GLY C 21 -10.59 6.53 -20.46
C GLY C 21 -11.19 5.47 -21.36
N GLN C 22 -12.50 5.57 -21.60
CA GLN C 22 -13.24 4.56 -22.37
C GLN C 22 -12.55 4.07 -23.64
N LEU C 23 -11.99 5.01 -24.41
CA LEU C 23 -11.47 4.70 -25.73
C LEU C 23 -10.20 3.85 -25.68
N GLY C 24 -9.31 4.16 -24.74
CA GLY C 24 -8.07 3.42 -24.59
C GLY C 24 -8.24 2.00 -24.07
N VAL C 25 -9.18 1.82 -23.15
CA VAL C 25 -9.49 0.52 -22.59
C VAL C 25 -10.04 -0.41 -23.67
N GLY C 26 -11.03 0.09 -24.42
CA GLY C 26 -11.63 -0.67 -25.50
C GLY C 26 -10.66 -1.06 -26.58
N LEU C 27 -9.73 -0.16 -26.90
CA LEU C 27 -8.68 -0.42 -27.90
C LEU C 27 -7.69 -1.47 -27.40
N ALA C 28 -7.35 -1.41 -26.11
CA ALA C 28 -6.46 -2.40 -25.52
C ALA C 28 -7.07 -3.80 -25.66
N ASN C 29 -8.32 -3.92 -25.23
CA ASN C 29 -9.08 -5.17 -25.42
C ASN C 29 -9.05 -5.68 -26.86
N LEU C 30 -9.24 -4.78 -27.82
CA LEU C 30 -9.31 -5.17 -29.22
C LEU C 30 -7.93 -5.57 -29.79
N LEU C 31 -6.91 -4.77 -29.51
CA LEU C 31 -5.57 -5.05 -30.04
C LEU C 31 -4.91 -6.27 -29.40
N ARG C 32 -5.45 -6.73 -28.26
CA ARG C 32 -4.94 -7.93 -27.59
C ARG C 32 -5.58 -9.19 -28.12
N LYS C 33 -6.82 -9.08 -28.60
CA LYS C 33 -7.47 -10.16 -29.32
C LYS C 33 -6.86 -10.35 -30.72
N ARG C 34 -5.92 -9.48 -31.08
CA ARG C 34 -5.23 -9.56 -32.37
C ARG C 34 -3.73 -9.78 -32.21
N PHE C 35 -3.08 -9.08 -31.27
CA PHE C 35 -1.63 -9.16 -31.09
C PHE C 35 -1.23 -9.74 -29.72
N GLY C 36 -2.19 -10.32 -29.00
CA GLY C 36 -1.92 -10.96 -27.72
C GLY C 36 -1.80 -10.00 -26.56
N LYS C 37 -1.95 -10.54 -25.36
CA LYS C 37 -1.96 -9.76 -24.12
C LYS C 37 -0.67 -8.96 -23.90
N ASP C 38 0.48 -9.63 -23.98
CA ASP C 38 1.78 -9.02 -23.68
C ASP C 38 2.11 -7.80 -24.55
N ASN C 39 1.72 -7.85 -25.81
CA ASN C 39 2.14 -6.85 -26.80
C ASN C 39 1.54 -5.45 -26.62
N VAL C 40 0.33 -5.36 -26.07
CA VAL C 40 -0.35 -4.08 -25.92
C VAL C 40 -0.14 -3.49 -24.53
N ILE C 41 0.87 -2.64 -24.42
CA ILE C 41 1.16 -1.95 -23.16
C ILE C 41 0.24 -0.73 -23.05
N LEU C 42 -0.46 -0.62 -21.93
CA LEU C 42 -1.37 0.50 -21.68
C LEU C 42 -0.71 1.44 -20.68
N SER C 43 -1.07 2.72 -20.73
CA SER C 43 -0.37 3.73 -19.92
C SER C 43 -1.22 4.96 -19.56
N ASP C 44 -0.99 5.47 -18.35
CA ASP C 44 -1.62 6.71 -17.89
C ASP C 44 -0.82 7.27 -16.71
N ILE C 45 -1.28 8.37 -16.13
CA ILE C 45 -0.59 9.02 -15.00
C ILE C 45 -1.15 8.62 -13.63
N ARG C 46 -2.46 8.37 -13.53
CA ARG C 46 -3.09 8.02 -12.25
C ARG C 46 -2.86 6.56 -11.87
N ALA C 50 -9.14 -0.54 -11.12
CA ALA C 50 -8.62 -1.71 -10.41
C ALA C 50 -8.46 -2.92 -11.33
N HIS C 51 -9.45 -3.13 -12.21
CA HIS C 51 -9.44 -4.27 -13.12
C HIS C 51 -8.48 -4.09 -14.31
N VAL C 52 -7.98 -2.87 -14.51
CA VAL C 52 -7.08 -2.57 -15.62
C VAL C 52 -5.73 -3.28 -15.50
N PHE C 53 -5.16 -3.29 -14.30
CA PHE C 53 -3.83 -3.87 -14.07
C PHE C 53 -3.82 -5.38 -14.32
N HIS C 54 -4.93 -6.04 -14.01
CA HIS C 54 -5.06 -7.49 -14.17
C HIS C 54 -5.45 -7.88 -15.60
N SER C 55 -5.84 -6.91 -16.42
CA SER C 55 -6.23 -7.15 -17.81
C SER C 55 -5.03 -7.21 -18.76
N GLY C 56 -3.92 -6.58 -18.36
CA GLY C 56 -2.70 -6.59 -19.18
C GLY C 56 -1.58 -5.73 -18.61
N PRO C 57 -0.48 -5.56 -19.39
CA PRO C 57 0.64 -4.72 -18.96
C PRO C 57 0.26 -3.24 -18.82
N PHE C 58 0.65 -2.63 -17.70
CA PHE C 58 0.36 -1.23 -17.44
C PHE C 58 1.56 -0.57 -16.77
N VAL C 59 2.19 0.37 -17.46
CA VAL C 59 3.28 1.16 -16.90
C VAL C 59 2.80 2.55 -16.53
N TYR C 60 3.48 3.17 -15.56
CA TYR C 60 3.32 4.59 -15.30
C TYR C 60 4.10 5.33 -16.39
N ALA C 61 3.54 6.44 -16.87
CA ALA C 61 4.26 7.29 -17.83
C ALA C 61 3.73 8.73 -17.83
N ASN C 62 4.64 9.67 -17.58
CA ASN C 62 4.35 11.09 -17.70
C ASN C 62 4.85 11.57 -19.05
N ILE C 63 3.92 11.92 -19.94
CA ILE C 63 4.28 12.37 -21.30
C ILE C 63 5.02 13.69 -21.32
N LEU C 64 4.86 14.50 -20.28
CA LEU C 64 5.57 15.78 -20.15
C LEU C 64 7.09 15.62 -19.89
N ASP C 65 7.51 14.44 -19.48
CA ASP C 65 8.94 14.14 -19.30
C ASP C 65 9.44 13.32 -20.49
N TYR C 66 10.08 14.01 -21.44
CA TYR C 66 10.54 13.38 -22.68
C TYR C 66 11.43 12.18 -22.42
N LYS C 67 12.43 12.34 -21.55
CA LYS C 67 13.43 11.29 -21.29
C LYS C 67 12.83 9.98 -20.76
N SER C 68 11.72 10.07 -20.01
CA SER C 68 11.02 8.89 -19.51
C SER C 68 10.21 8.23 -20.62
N LEU C 69 9.78 9.04 -21.58
CA LEU C 69 8.99 8.56 -22.71
C LEU C 69 9.84 7.73 -23.68
N ARG C 70 11.13 8.08 -23.80
CA ARG C 70 12.11 7.24 -24.50
C ARG C 70 12.15 5.84 -23.90
N GLU C 71 12.31 5.82 -22.58
CA GLU C 71 12.54 4.59 -21.81
C GLU C 71 11.52 3.50 -22.14
N ILE C 72 10.24 3.85 -22.08
CA ILE C 72 9.17 2.90 -22.38
C ILE C 72 9.32 2.38 -23.82
N VAL C 73 9.57 3.29 -24.75
CA VAL C 73 9.58 2.95 -26.17
C VAL C 73 10.72 2.00 -26.53
N VAL C 74 11.93 2.31 -26.07
CA VAL C 74 13.10 1.49 -26.39
C VAL C 74 13.11 0.14 -25.66
N ASN C 75 12.78 0.14 -24.37
CA ASN C 75 12.81 -1.08 -23.56
C ASN C 75 11.69 -2.04 -23.95
N HIS C 76 10.46 -1.54 -23.98
CA HIS C 76 9.31 -2.35 -24.41
C HIS C 76 9.22 -2.47 -25.94
N ARG C 77 10.19 -1.88 -26.66
CA ARG C 77 10.36 -2.07 -28.09
C ARG C 77 9.09 -1.70 -28.86
N ILE C 78 8.57 -0.52 -28.56
CA ILE C 78 7.28 -0.08 -29.07
C ILE C 78 7.39 0.36 -30.53
N SER C 79 6.56 -0.22 -31.38
CA SER C 79 6.52 0.10 -32.80
C SER C 79 5.24 0.84 -33.20
N TRP C 80 4.18 0.72 -32.38
CA TRP C 80 2.92 1.44 -32.58
C TRP C 80 2.56 2.23 -31.34
N LEU C 81 2.19 3.50 -31.49
CA LEU C 81 1.75 4.31 -30.35
C LEU C 81 0.41 4.98 -30.61
N PHE C 82 -0.54 4.75 -29.72
CA PHE C 82 -1.85 5.41 -29.75
C PHE C 82 -1.89 6.46 -28.66
N HIS C 83 -1.87 7.73 -29.05
CA HIS C 83 -1.77 8.83 -28.11
C HIS C 83 -3.15 9.42 -27.79
N TYR C 84 -3.75 8.98 -26.69
CA TYR C 84 -5.07 9.45 -26.28
C TYR C 84 -5.04 10.46 -25.11
N SER C 85 -3.86 10.91 -24.71
CA SER C 85 -3.74 11.88 -23.61
C SER C 85 -4.25 13.26 -24.05
N ARG C 100 -3.77 24.67 -21.79
CA ARG C 100 -3.11 24.52 -23.08
C ARG C 100 -1.71 23.93 -22.93
N ASP C 101 -0.85 24.63 -22.19
CA ASP C 101 0.54 24.21 -21.93
C ASP C 101 0.68 22.70 -21.76
N VAL C 102 -0.25 22.10 -21.01
CA VAL C 102 -0.22 20.66 -20.73
C VAL C 102 -0.03 19.77 -21.97
N ASN C 103 -1.01 19.74 -22.88
CA ASN C 103 -1.01 18.78 -23.98
C ASN C 103 -0.16 19.23 -25.17
N ILE C 104 -0.08 20.54 -25.39
CA ILE C 104 0.74 21.10 -26.47
C ILE C 104 2.20 20.65 -26.35
N THR C 105 2.71 20.60 -25.11
CA THR C 105 4.08 20.16 -24.84
C THR C 105 4.16 18.63 -24.87
N GLY C 106 3.17 17.98 -24.28
CA GLY C 106 3.08 16.53 -24.29
C GLY C 106 3.11 15.99 -25.70
N LEU C 107 2.29 16.60 -26.56
CA LEU C 107 2.23 16.25 -27.98
C LEU C 107 3.60 16.32 -28.67
N HIS C 108 4.33 17.40 -28.41
CA HIS C 108 5.65 17.60 -29.02
C HIS C 108 6.63 16.49 -28.65
N ASN C 109 6.61 16.05 -27.40
CA ASN C 109 7.44 14.95 -26.93
C ASN C 109 7.06 13.63 -27.60
N VAL C 110 5.76 13.38 -27.72
CA VAL C 110 5.27 12.18 -28.37
C VAL C 110 5.77 12.13 -29.81
N LEU C 111 5.64 13.25 -30.52
CA LEU C 111 6.02 13.34 -31.92
C LEU C 111 7.52 13.15 -32.14
N ASP C 112 8.34 13.68 -31.24
CA ASP C 112 9.79 13.56 -31.33
C ASP C 112 10.22 12.10 -31.21
N VAL C 113 9.77 11.45 -30.14
CA VAL C 113 10.12 10.05 -29.86
C VAL C 113 9.62 9.14 -30.98
N ALA C 114 8.39 9.35 -31.43
CA ALA C 114 7.81 8.52 -32.49
C ALA C 114 8.58 8.67 -33.80
N ALA C 115 9.06 9.89 -34.06
CA ALA C 115 9.85 10.17 -35.25
C ALA C 115 11.24 9.51 -35.16
N GLU C 116 11.91 9.73 -34.03
CA GLU C 116 13.27 9.23 -33.82
C GLU C 116 13.40 7.71 -33.89
N TYR C 117 12.50 6.99 -33.23
CA TYR C 117 12.58 5.52 -33.15
C TYR C 117 11.64 4.80 -34.13
N ASN C 118 11.17 5.53 -35.14
CA ASN C 118 10.39 4.95 -36.25
C ASN C 118 9.08 4.28 -35.84
N VAL C 119 8.40 4.88 -34.88
CA VAL C 119 7.11 4.36 -34.40
C VAL C 119 6.00 4.79 -35.37
N ARG C 120 5.08 3.87 -35.67
CA ARG C 120 3.85 4.23 -36.39
C ARG C 120 2.92 4.89 -35.39
N LEU C 121 2.58 6.15 -35.63
CA LEU C 121 1.95 6.97 -34.61
C LEU C 121 0.52 7.33 -34.95
N PHE C 122 -0.40 6.93 -34.07
CA PHE C 122 -1.77 7.36 -34.16
C PHE C 122 -2.06 8.46 -33.13
N VAL C 123 -2.68 9.54 -33.59
CA VAL C 123 -3.21 10.59 -32.72
C VAL C 123 -4.55 11.04 -33.30
N PRO C 124 -5.62 10.99 -32.48
CA PRO C 124 -6.95 11.30 -33.00
C PRO C 124 -7.24 12.80 -33.07
N SER C 125 -8.16 13.18 -33.96
CA SER C 125 -8.73 14.52 -33.97
C SER C 125 -10.24 14.40 -33.80
N THR C 126 -10.95 15.50 -33.98
CA THR C 126 -12.37 15.56 -33.66
C THR C 126 -13.14 16.46 -34.64
N ILE C 127 -14.45 16.25 -34.73
CA ILE C 127 -15.33 17.16 -35.47
C ILE C 127 -15.21 18.59 -34.96
N GLY C 128 -14.75 18.75 -33.72
CA GLY C 128 -14.43 20.06 -33.17
C GLY C 128 -13.28 20.82 -33.80
N ALA C 129 -12.49 20.14 -34.64
CA ALA C 129 -11.42 20.80 -35.39
C ALA C 129 -11.94 21.69 -36.52
N PHE C 130 -13.24 21.60 -36.83
CA PHE C 130 -13.90 22.51 -37.77
C PHE C 130 -14.60 23.65 -37.02
N GLY C 131 -15.01 24.67 -37.77
CA GLY C 131 -15.69 25.83 -37.18
C GLY C 131 -16.82 26.36 -38.07
N PRO C 132 -17.47 27.46 -37.66
CA PRO C 132 -18.57 28.08 -38.40
C PRO C 132 -18.23 28.40 -39.86
N THR C 133 -17.01 28.87 -40.09
CA THR C 133 -16.54 29.17 -41.45
C THR C 133 -16.39 27.94 -42.33
N SER C 134 -16.24 26.76 -41.72
CA SER C 134 -16.06 25.51 -42.48
C SER C 134 -17.35 25.09 -43.17
N PRO C 135 -17.24 24.31 -44.26
CA PRO C 135 -18.44 23.67 -44.81
C PRO C 135 -19.04 22.72 -43.77
N ARG C 136 -20.35 22.75 -43.62
CA ARG C 136 -21.03 21.97 -42.57
C ARG C 136 -21.94 20.88 -43.10
N ASN C 137 -22.06 20.75 -44.41
CA ASN C 137 -23.10 19.91 -45.00
C ASN C 137 -22.74 19.35 -46.39
N PRO C 138 -21.75 18.45 -46.45
CA PRO C 138 -20.91 17.97 -45.36
C PRO C 138 -19.53 18.61 -45.35
N ALA C 139 -18.82 18.46 -44.22
CA ALA C 139 -17.44 18.90 -44.10
C ALA C 139 -16.51 17.86 -44.73
N PRO C 140 -15.83 18.23 -45.84
CA PRO C 140 -14.90 17.27 -46.45
C PRO C 140 -13.58 17.17 -45.67
N ASP C 141 -12.71 16.28 -46.12
CA ASP C 141 -11.45 15.98 -45.43
C ASP C 141 -10.48 17.16 -45.36
N LEU C 142 -10.48 17.97 -46.42
CA LEU C 142 -9.67 19.17 -46.47
C LEU C 142 -10.55 20.38 -46.73
N CYS C 143 -10.58 21.30 -45.76
CA CYS C 143 -11.38 22.51 -45.87
C CYS C 143 -10.93 23.56 -44.86
N ILE C 144 -11.61 24.70 -44.85
CA ILE C 144 -11.38 25.75 -43.87
C ILE C 144 -11.58 25.15 -42.48
N GLN C 145 -10.65 25.41 -41.58
CA GLN C 145 -10.71 24.89 -40.21
C GLN C 145 -10.37 25.99 -39.23
N ARG C 146 -11.39 26.74 -38.82
CA ARG C 146 -11.23 27.83 -37.87
C ARG C 146 -12.07 27.61 -36.63
N PRO C 147 -11.74 26.58 -35.84
CA PRO C 147 -12.56 26.26 -34.67
C PRO C 147 -12.47 27.34 -33.61
N ARG C 148 -13.58 27.57 -32.91
CA ARG C 148 -13.64 28.59 -31.88
C ARG C 148 -13.75 27.98 -30.47
N THR C 149 -13.11 26.81 -30.29
CA THR C 149 -12.91 26.21 -28.98
C THR C 149 -11.42 25.97 -28.79
N ILE C 150 -10.92 26.24 -27.59
CA ILE C 150 -9.52 26.00 -27.27
C ILE C 150 -9.12 24.57 -27.63
N TYR C 151 -10.00 23.61 -27.36
CA TYR C 151 -9.77 22.20 -27.66
C TYR C 151 -9.69 21.93 -29.16
N GLY C 152 -10.61 22.52 -29.91
CA GLY C 152 -10.65 22.38 -31.37
C GLY C 152 -9.44 22.98 -32.07
N VAL C 153 -8.95 24.10 -31.55
CA VAL C 153 -7.71 24.71 -32.05
C VAL C 153 -6.52 23.76 -31.84
N SER C 154 -6.51 23.06 -30.71
CA SER C 154 -5.48 22.07 -30.41
C SER C 154 -5.50 20.92 -31.41
N LYS C 155 -6.71 20.45 -31.72
CA LYS C 155 -6.89 19.36 -32.66
C LYS C 155 -6.38 19.75 -34.04
N VAL C 156 -6.54 21.02 -34.40
CA VAL C 156 -5.99 21.52 -35.66
C VAL C 156 -4.47 21.49 -35.57
N HIS C 157 -3.93 22.10 -34.53
CA HIS C 157 -2.48 22.09 -34.31
C HIS C 157 -1.91 20.68 -34.31
N THR C 158 -2.68 19.74 -33.75
CA THR C 158 -2.31 18.34 -33.70
C THR C 158 -2.22 17.72 -35.10
N GLU C 159 -3.21 18.01 -35.93
CA GLU C 159 -3.22 17.51 -37.31
C GLU C 159 -2.05 18.07 -38.12
N LEU C 160 -1.73 19.34 -37.90
CA LEU C 160 -0.71 20.02 -38.71
C LEU C 160 0.70 19.65 -38.30
N MET C 161 0.95 19.67 -36.99
CA MET C 161 2.23 19.20 -36.44
C MET C 161 2.52 17.75 -36.85
N GLY C 162 1.47 16.94 -36.94
CA GLY C 162 1.61 15.54 -37.31
C GLY C 162 2.02 15.34 -38.76
N GLU C 163 1.37 16.06 -39.65
CA GLU C 163 1.70 16.00 -41.08
C GLU C 163 3.05 16.64 -41.34
N TYR C 164 3.33 17.76 -40.67
CA TYR C 164 4.65 18.38 -40.72
C TYR C 164 5.75 17.35 -40.51
N TYR C 165 5.65 16.62 -39.40
CA TYR C 165 6.66 15.61 -39.05
C TYR C 165 6.74 14.48 -40.07
N TYR C 166 5.63 14.17 -40.73
CA TYR C 166 5.61 13.13 -41.77
C TYR C 166 6.33 13.57 -43.03
N TYR C 167 6.08 14.81 -43.45
CA TYR C 167 6.68 15.33 -44.68
C TYR C 167 8.15 15.68 -44.50
N ARG C 168 8.46 16.35 -43.40
CA ARG C 168 9.83 16.73 -43.08
C ARG C 168 10.66 15.50 -42.74
N TYR C 169 10.39 14.91 -41.59
CA TYR C 169 11.07 13.71 -41.15
C TYR C 169 10.29 12.53 -41.74
N GLY C 170 10.65 11.31 -41.38
CA GLY C 170 9.95 10.14 -41.93
C GLY C 170 8.84 9.61 -41.04
N LEU C 171 8.16 10.51 -40.33
CA LEU C 171 7.23 10.07 -39.28
C LEU C 171 5.97 9.46 -39.85
N ASP C 172 5.78 8.17 -39.60
CA ASP C 172 4.57 7.47 -39.98
C ASP C 172 3.39 7.94 -39.08
N PHE C 173 2.82 9.08 -39.45
CA PHE C 173 1.76 9.71 -38.68
C PHE C 173 0.41 9.40 -39.31
N ARG C 174 -0.55 9.00 -38.48
CA ARG C 174 -1.88 8.65 -38.95
C ARG C 174 -2.92 9.23 -37.99
N CYS C 175 -3.96 9.83 -38.53
CA CYS C 175 -4.94 10.57 -37.72
C CYS C 175 -6.34 10.47 -38.30
N LEU C 176 -7.31 10.21 -37.43
CA LEU C 176 -8.72 10.20 -37.82
C LEU C 176 -9.50 11.25 -37.04
N ARG C 177 -10.43 11.92 -37.72
CA ARG C 177 -11.32 12.86 -37.08
C ARG C 177 -12.52 12.08 -36.54
N TYR C 178 -12.64 12.02 -35.21
CA TYR C 178 -13.71 11.28 -34.57
C TYR C 178 -14.99 12.09 -34.58
N PRO C 179 -16.12 11.46 -34.95
CA PRO C 179 -17.41 12.04 -34.62
C PRO C 179 -17.71 11.92 -33.13
N GLY C 180 -18.89 12.38 -32.72
CA GLY C 180 -19.37 12.10 -31.37
C GLY C 180 -19.44 10.60 -31.18
N ILE C 181 -18.63 10.09 -30.26
CA ILE C 181 -18.53 8.66 -30.00
C ILE C 181 -19.57 8.26 -28.97
N ILE C 182 -20.33 7.20 -29.28
CA ILE C 182 -21.34 6.68 -28.36
C ILE C 182 -20.90 5.33 -27.80
N SER C 183 -20.82 5.26 -26.48
CA SER C 183 -20.52 4.02 -25.75
C SER C 183 -21.38 3.94 -24.51
N ALA C 184 -21.62 2.73 -24.02
CA ALA C 184 -22.50 2.51 -22.87
C ALA C 184 -21.79 2.77 -21.53
N ASP C 185 -20.85 3.71 -21.53
CA ASP C 185 -20.13 4.10 -20.32
C ASP C 185 -20.12 5.63 -20.23
N SER C 186 -20.30 6.13 -19.01
CA SER C 186 -20.47 7.56 -18.77
C SER C 186 -19.30 8.14 -17.98
N THR C 192 -20.66 17.53 -24.37
CA THR C 192 -21.29 18.29 -25.45
C THR C 192 -22.20 17.43 -26.32
N THR C 193 -21.88 16.15 -26.43
CA THR C 193 -22.70 15.19 -27.18
C THR C 193 -23.28 14.10 -26.26
N ASP C 194 -23.32 14.40 -24.96
CA ASP C 194 -23.79 13.46 -23.92
C ASP C 194 -25.21 12.96 -24.10
N TYR C 195 -26.10 13.80 -24.62
CA TYR C 195 -27.52 13.47 -24.70
C TYR C 195 -27.74 12.10 -25.35
N ALA C 196 -26.94 11.80 -26.37
CA ALA C 196 -27.06 10.54 -27.12
C ALA C 196 -26.61 9.32 -26.32
N VAL C 197 -25.86 9.55 -25.25
CA VAL C 197 -25.52 8.48 -24.31
C VAL C 197 -26.59 8.38 -23.23
N GLN C 198 -26.86 9.50 -22.56
CA GLN C 198 -27.76 9.54 -21.39
C GLN C 198 -29.23 9.27 -21.70
N ILE C 199 -29.66 9.54 -22.94
CA ILE C 199 -31.04 9.29 -23.37
C ILE C 199 -31.47 7.83 -23.17
N PHE C 200 -30.53 6.90 -23.29
CA PHE C 200 -30.83 5.47 -23.22
C PHE C 200 -31.26 4.98 -21.84
N HIS C 201 -30.80 5.66 -20.78
CA HIS C 201 -31.25 5.36 -19.42
C HIS C 201 -32.77 5.48 -19.30
N ALA C 202 -33.29 6.62 -19.72
CA ALA C 202 -34.73 6.90 -19.64
C ALA C 202 -35.51 6.04 -20.63
N ALA C 203 -34.96 5.88 -21.84
CA ALA C 203 -35.61 5.11 -22.90
C ALA C 203 -35.77 3.64 -22.54
N ALA C 204 -34.78 3.09 -21.83
CA ALA C 204 -34.86 1.73 -21.31
C ALA C 204 -36.05 1.55 -20.38
N LYS C 205 -36.26 2.54 -19.50
CA LYS C 205 -37.36 2.52 -18.54
C LYS C 205 -38.69 3.02 -19.15
N ASN C 206 -38.69 3.30 -20.46
CA ASN C 206 -39.89 3.75 -21.18
C ASN C 206 -40.42 5.10 -20.67
N GLY C 207 -39.56 5.87 -20.01
CA GLY C 207 -39.97 7.13 -19.36
C GLY C 207 -39.81 8.34 -20.27
N THR C 208 -39.22 9.39 -19.73
CA THR C 208 -39.00 10.64 -20.47
C THR C 208 -37.59 11.17 -20.25
N PHE C 209 -37.07 11.91 -21.23
CA PHE C 209 -35.71 12.44 -21.18
C PHE C 209 -35.65 13.94 -21.50
N GLU C 210 -34.78 14.64 -20.80
CA GLU C 210 -34.57 16.08 -21.00
C GLU C 210 -33.29 16.33 -21.83
N CYS C 211 -33.46 16.50 -23.14
CA CYS C 211 -32.35 16.73 -24.06
C CYS C 211 -31.90 18.19 -24.06
N ASN C 212 -30.61 18.41 -23.80
CA ASN C 212 -30.06 19.78 -23.73
C ASN C 212 -29.65 20.38 -25.09
N LEU C 213 -30.03 19.73 -26.18
CA LEU C 213 -29.83 20.29 -27.52
C LEU C 213 -31.19 20.42 -28.21
N GLU C 214 -31.31 21.38 -29.11
CA GLU C 214 -32.58 21.62 -29.79
C GLU C 214 -33.06 20.41 -30.60
N ALA C 215 -34.38 20.31 -30.73
CA ALA C 215 -35.02 19.13 -31.31
C ALA C 215 -34.40 18.65 -32.62
N GLY C 216 -33.89 19.58 -33.42
CA GLY C 216 -33.38 19.27 -34.76
C GLY C 216 -31.92 19.62 -35.01
N THR C 217 -31.05 19.46 -34.01
CA THR C 217 -29.62 19.73 -34.16
C THR C 217 -28.90 18.48 -34.68
N ARG C 218 -28.58 18.50 -35.97
CA ARG C 218 -27.94 17.36 -36.63
C ARG C 218 -26.43 17.36 -36.40
N LEU C 219 -25.89 16.21 -35.98
CA LEU C 219 -24.47 16.06 -35.71
C LEU C 219 -23.97 14.69 -36.13
N PRO C 220 -22.69 14.59 -36.58
CA PRO C 220 -22.11 13.30 -36.91
C PRO C 220 -21.80 12.47 -35.66
N MET C 221 -22.21 11.20 -35.69
CA MET C 221 -22.05 10.32 -34.55
C MET C 221 -21.52 8.97 -35.02
N MET C 222 -20.93 8.23 -34.08
CA MET C 222 -20.44 6.90 -34.35
C MET C 222 -20.48 6.08 -33.08
N TYR C 223 -20.91 4.83 -33.18
CA TYR C 223 -20.82 3.91 -32.06
C TYR C 223 -19.36 3.50 -31.88
N ILE C 224 -18.95 3.38 -30.63
CA ILE C 224 -17.54 3.13 -30.27
C ILE C 224 -16.86 1.98 -31.03
N SER C 225 -17.59 0.88 -31.25
CA SER C 225 -17.03 -0.26 -31.98
C SER C 225 -16.43 0.13 -33.33
N ASP C 226 -17.19 0.88 -34.13
CA ASP C 226 -16.71 1.44 -35.39
C ASP C 226 -15.52 2.37 -35.18
N CYS C 227 -15.55 3.14 -34.10
CA CYS C 227 -14.46 4.05 -33.77
C CYS C 227 -13.13 3.31 -33.61
N LEU C 228 -13.18 2.21 -32.86
CA LEU C 228 -11.99 1.41 -32.59
C LEU C 228 -11.55 0.63 -33.83
N ARG C 229 -12.52 0.07 -34.55
CA ARG C 229 -12.22 -0.67 -35.78
C ARG C 229 -11.63 0.23 -36.87
N ALA C 230 -12.17 1.44 -37.00
CA ALA C 230 -11.63 2.43 -37.93
C ALA C 230 -10.20 2.75 -37.57
N THR C 231 -9.96 3.02 -36.29
CA THR C 231 -8.64 3.34 -35.75
C THR C 231 -7.64 2.22 -36.04
N LEU C 232 -8.07 0.98 -35.92
CA LEU C 232 -7.21 -0.16 -36.24
C LEU C 232 -6.96 -0.21 -37.74
N GLU C 233 -8.04 -0.19 -38.51
CA GLU C 233 -7.98 -0.35 -39.97
C GLU C 233 -7.10 0.66 -40.71
N VAL C 234 -6.93 1.86 -40.13
CA VAL C 234 -6.06 2.87 -40.73
C VAL C 234 -4.59 2.60 -40.39
N MET C 235 -4.33 2.03 -39.22
CA MET C 235 -2.96 1.72 -38.78
C MET C 235 -2.39 0.49 -39.49
N GLU C 236 -3.28 -0.39 -39.95
CA GLU C 236 -2.87 -1.59 -40.69
C GLU C 236 -2.86 -1.35 -42.20
N ALA C 237 -3.35 -0.21 -42.65
CA ALA C 237 -3.39 0.10 -44.07
C ALA C 237 -1.99 0.39 -44.60
N PRO C 238 -1.72 0.01 -45.87
CA PRO C 238 -0.39 0.25 -46.44
C PRO C 238 -0.13 1.74 -46.70
N ALA C 239 1.07 2.19 -46.37
CA ALA C 239 1.45 3.61 -46.51
C ALA C 239 1.26 4.12 -47.94
N GLU C 240 1.74 3.35 -48.92
CA GLU C 240 1.65 3.73 -50.33
C GLU C 240 0.21 4.04 -50.80
N ARG C 241 -0.77 3.61 -50.03
CA ARG C 241 -2.18 3.76 -50.37
C ARG C 241 -2.86 4.99 -49.74
N LEU C 242 -2.15 5.63 -48.81
CA LEU C 242 -2.68 6.79 -48.08
C LEU C 242 -2.44 8.10 -48.83
N SER C 243 -3.49 8.66 -49.41
CA SER C 243 -3.38 9.95 -50.12
C SER C 243 -3.12 11.10 -49.15
N MET C 244 -3.66 10.98 -47.93
CA MET C 244 -3.47 11.98 -46.89
C MET C 244 -3.25 11.28 -45.55
N ARG C 245 -2.90 12.05 -44.52
CA ARG C 245 -2.59 11.49 -43.21
C ARG C 245 -3.59 11.86 -42.12
N THR C 246 -4.45 12.85 -42.38
CA THR C 246 -5.63 13.07 -41.57
C THR C 246 -6.85 12.67 -42.39
N TYR C 247 -7.76 11.93 -41.77
CA TYR C 247 -8.99 11.50 -42.45
C TYR C 247 -10.21 11.81 -41.59
N ASN C 248 -11.32 12.12 -42.26
CA ASN C 248 -12.62 12.00 -41.63
C ASN C 248 -13.00 10.54 -41.60
N ILE C 249 -13.74 10.15 -40.56
CA ILE C 249 -14.44 8.88 -40.55
C ILE C 249 -15.90 9.12 -40.20
N SER C 250 -16.78 8.51 -40.96
CA SER C 250 -18.20 8.75 -40.81
C SER C 250 -18.95 7.43 -40.67
N ALA C 251 -19.99 7.48 -39.85
CA ALA C 251 -20.92 6.37 -39.70
C ALA C 251 -22.33 6.89 -39.96
N MET C 252 -22.75 7.84 -39.14
CA MET C 252 -24.10 8.40 -39.23
C MET C 252 -24.12 9.85 -38.75
N SER C 253 -25.19 10.55 -39.11
CA SER C 253 -25.49 11.88 -38.58
C SER C 253 -26.96 11.93 -38.23
N PHE C 254 -27.29 12.33 -37.01
CA PHE C 254 -28.69 12.38 -36.61
C PHE C 254 -29.04 13.50 -35.64
N THR C 255 -30.35 13.67 -35.49
CA THR C 255 -30.95 14.73 -34.69
C THR C 255 -31.60 14.09 -33.46
N PRO C 256 -31.71 14.83 -32.34
CA PRO C 256 -32.35 14.28 -31.13
C PRO C 256 -33.76 13.75 -31.37
N GLU C 257 -34.52 14.42 -32.22
CA GLU C 257 -35.83 13.94 -32.67
C GLU C 257 -35.75 12.60 -33.40
N GLU C 258 -34.76 12.45 -34.29
CA GLU C 258 -34.59 11.22 -35.07
C GLU C 258 -34.17 10.05 -34.18
N LEU C 259 -33.29 10.31 -33.22
CA LEU C 259 -32.85 9.30 -32.27
C LEU C 259 -34.02 8.82 -31.42
N ALA C 260 -34.78 9.78 -30.88
CA ALA C 260 -35.97 9.48 -30.08
C ALA C 260 -36.98 8.65 -30.86
N GLN C 261 -37.09 8.89 -32.16
CA GLN C 261 -37.94 8.07 -33.03
C GLN C 261 -37.45 6.63 -33.15
N ALA C 262 -36.12 6.46 -33.27
CA ALA C 262 -35.52 5.13 -33.33
C ALA C 262 -35.74 4.36 -32.04
N LEU C 263 -35.72 5.07 -30.91
CA LEU C 263 -35.96 4.46 -29.60
C LEU C 263 -37.41 3.98 -29.42
N ARG C 264 -38.35 4.71 -30.02
CA ARG C 264 -39.78 4.37 -29.95
C ARG C 264 -40.12 2.99 -30.53
N LYS C 265 -39.29 2.51 -31.45
CA LYS C 265 -39.45 1.16 -32.00
C LYS C 265 -39.33 0.08 -30.92
N HIS C 266 -38.51 0.33 -29.90
CA HIS C 266 -38.34 -0.62 -28.79
C HIS C 266 -39.08 -0.18 -27.53
N ALA C 267 -39.11 1.12 -27.27
CA ALA C 267 -39.85 1.69 -26.14
C ALA C 267 -40.86 2.72 -26.67
N PRO C 268 -42.09 2.27 -26.99
CA PRO C 268 -43.06 3.08 -27.76
C PRO C 268 -43.68 4.26 -27.01
N ASP C 269 -43.75 4.20 -25.68
CA ASP C 269 -44.28 5.31 -24.88
C ASP C 269 -43.17 6.25 -24.40
N PHE C 270 -41.99 6.15 -24.99
CA PHE C 270 -40.88 7.04 -24.65
C PHE C 270 -41.14 8.45 -25.18
N GLN C 271 -40.95 9.43 -24.30
CA GLN C 271 -41.15 10.83 -24.67
C GLN C 271 -39.84 11.62 -24.50
N ILE C 272 -39.78 12.74 -25.21
CA ILE C 272 -38.59 13.59 -25.20
C ILE C 272 -38.99 15.06 -24.96
N THR C 273 -38.37 15.67 -23.95
CA THR C 273 -38.53 17.09 -23.69
C THR C 273 -37.22 17.81 -24.00
N TYR C 274 -37.27 19.14 -24.08
CA TYR C 274 -36.11 19.94 -24.47
C TYR C 274 -35.89 21.16 -23.56
N CYS C 275 -34.91 21.04 -22.65
CA CYS C 275 -34.41 22.19 -21.89
C CYS C 275 -33.00 22.49 -22.40
N VAL C 276 -32.95 23.27 -23.48
CA VAL C 276 -31.70 23.53 -24.21
C VAL C 276 -30.63 24.23 -23.35
N ASP C 277 -29.39 23.76 -23.48
CA ASP C 277 -28.23 24.40 -22.87
C ASP C 277 -27.59 25.30 -23.93
N PRO C 278 -27.55 26.62 -23.70
CA PRO C 278 -27.04 27.54 -24.72
C PRO C 278 -25.55 27.39 -25.01
N LEU C 279 -24.78 27.08 -23.97
CA LEU C 279 -23.33 26.88 -24.08
C LEU C 279 -23.00 25.71 -25.00
N ARG C 280 -23.63 24.56 -24.75
CA ARG C 280 -23.43 23.36 -25.58
C ARG C 280 -24.06 23.50 -26.97
N GLN C 281 -25.15 24.25 -27.06
CA GLN C 281 -25.86 24.45 -28.33
C GLN C 281 -25.06 25.27 -29.34
N ALA C 282 -24.41 26.33 -28.88
CA ALA C 282 -23.58 27.17 -29.75
C ALA C 282 -22.41 26.38 -30.33
N ILE C 283 -21.87 25.47 -29.53
CA ILE C 283 -20.78 24.61 -29.95
C ILE C 283 -21.25 23.65 -31.03
N ALA C 284 -22.43 23.06 -30.84
CA ALA C 284 -22.98 22.09 -31.79
C ALA C 284 -23.24 22.73 -33.16
N GLU C 285 -23.77 23.94 -33.14
CA GLU C 285 -24.01 24.69 -34.38
C GLU C 285 -22.70 25.05 -35.07
N SER C 286 -21.65 25.29 -34.28
CA SER C 286 -20.33 25.59 -34.82
C SER C 286 -19.67 24.36 -35.43
N TRP C 287 -20.10 23.17 -35.01
CA TRP C 287 -19.62 21.92 -35.57
C TRP C 287 -20.38 21.57 -36.84
N PRO C 288 -19.76 20.74 -37.71
CA PRO C 288 -20.44 20.35 -38.94
C PRO C 288 -21.61 19.43 -38.69
N MET C 289 -22.57 19.41 -39.61
CA MET C 289 -23.75 18.55 -39.50
C MET C 289 -23.44 17.13 -39.96
N ILE C 290 -22.61 17.01 -40.99
CA ILE C 290 -22.30 15.72 -41.59
C ILE C 290 -20.84 15.68 -42.01
N LEU C 291 -20.15 14.60 -41.69
CA LEU C 291 -18.78 14.38 -42.15
C LEU C 291 -18.82 13.61 -43.46
N ASP C 292 -17.91 13.97 -44.35
CA ASP C 292 -17.74 13.24 -45.60
C ASP C 292 -16.41 12.47 -45.54
N ASP C 293 -16.48 11.16 -45.78
CA ASP C 293 -15.29 10.30 -45.71
C ASP C 293 -15.08 9.51 -47.00
N SER C 294 -15.22 10.20 -48.13
CA SER C 294 -15.00 9.60 -49.45
C SER C 294 -13.56 9.13 -49.62
N ASN C 295 -12.64 9.89 -49.01
CA ASN C 295 -11.21 9.58 -49.14
C ASN C 295 -10.82 8.33 -48.36
N ALA C 296 -11.23 8.26 -47.10
CA ALA C 296 -10.94 7.10 -46.27
C ALA C 296 -11.55 5.82 -46.85
N ARG C 297 -12.79 5.90 -47.33
CA ARG C 297 -13.46 4.78 -47.97
C ARG C 297 -12.75 4.35 -49.26
N LYS C 298 -12.27 5.31 -50.03
CA LYS C 298 -11.53 5.02 -51.26
C LYS C 298 -10.12 4.51 -50.97
N ASP C 299 -9.40 5.22 -50.10
CA ASP C 299 -7.99 4.92 -49.83
C ASP C 299 -7.74 3.61 -49.09
N TRP C 300 -8.29 3.47 -47.89
CA TRP C 300 -8.01 2.30 -47.04
C TRP C 300 -9.27 1.51 -46.66
N GLY C 301 -10.26 1.53 -47.53
CA GLY C 301 -11.43 0.65 -47.43
C GLY C 301 -12.24 0.74 -46.16
N TRP C 302 -12.38 1.96 -45.62
CA TRP C 302 -13.24 2.16 -44.46
C TRP C 302 -14.69 1.89 -44.83
N LYS C 303 -15.41 1.25 -43.92
CA LYS C 303 -16.83 1.02 -44.06
C LYS C 303 -17.41 0.91 -42.65
N HIS C 304 -18.46 1.68 -42.38
CA HIS C 304 -19.10 1.65 -41.06
C HIS C 304 -20.08 0.48 -40.94
N ASP C 305 -20.29 -0.01 -39.72
CA ASP C 305 -21.20 -1.12 -39.43
C ASP C 305 -22.48 -0.66 -38.74
N PHE C 306 -22.33 0.17 -37.71
CA PHE C 306 -23.47 0.67 -36.96
C PHE C 306 -24.00 1.97 -37.52
N ASP C 307 -25.21 1.92 -38.08
CA ASP C 307 -26.00 3.13 -38.31
C ASP C 307 -27.04 3.19 -37.18
N LEU C 308 -28.02 4.08 -37.30
CA LEU C 308 -28.91 4.38 -36.17
C LEU C 308 -29.70 3.18 -35.61
N PRO C 309 -30.31 2.35 -36.49
CA PRO C 309 -30.96 1.13 -35.99
C PRO C 309 -30.07 0.22 -35.13
N GLU C 310 -28.90 -0.17 -35.66
CA GLU C 310 -28.00 -1.06 -34.93
C GLU C 310 -27.39 -0.39 -33.69
N LEU C 311 -27.20 0.92 -33.77
CA LEU C 311 -26.74 1.69 -32.61
C LEU C 311 -27.72 1.54 -31.46
N VAL C 312 -28.99 1.80 -31.73
CA VAL C 312 -30.03 1.76 -30.70
C VAL C 312 -30.23 0.34 -30.17
N ALA C 313 -30.12 -0.65 -31.04
CA ALA C 313 -30.32 -2.05 -30.63
C ALA C 313 -29.24 -2.50 -29.65
N THR C 314 -27.98 -2.32 -30.06
CA THR C 314 -26.82 -2.65 -29.23
C THR C 314 -26.84 -1.86 -27.94
N MET C 315 -27.20 -0.59 -28.04
CA MET C 315 -27.14 0.33 -26.90
C MET C 315 -28.14 -0.04 -25.82
N LEU C 316 -29.33 -0.43 -26.25
CA LEU C 316 -30.40 -0.79 -25.32
C LEU C 316 -30.20 -2.18 -24.73
N ASN C 317 -29.34 -3.01 -25.33
CA ASN C 317 -29.01 -4.31 -24.74
C ASN C 317 -28.08 -4.19 -23.54
N PHE C 318 -27.29 -3.13 -23.49
CA PHE C 318 -26.42 -2.89 -22.34
C PHE C 318 -27.24 -2.42 -21.14
N HIS C 319 -28.38 -1.81 -21.42
CA HIS C 319 -29.48 -1.72 -20.45
C HIS C 319 -30.33 -2.98 -20.68
N GLY C 320 -31.13 -3.39 -19.71
CA GLY C 320 -31.69 -4.76 -19.73
C GLY C 320 -32.95 -5.02 -20.54
N VAL C 321 -32.97 -4.60 -21.82
CA VAL C 321 -34.17 -4.73 -22.65
C VAL C 321 -33.89 -5.43 -23.98
N SER C 322 -34.90 -6.15 -24.47
CA SER C 322 -34.79 -6.87 -25.73
C SER C 322 -34.84 -5.92 -26.91
N THR C 323 -33.91 -6.11 -27.86
CA THR C 323 -33.85 -5.31 -29.08
C THR C 323 -33.79 -6.20 -30.31
N ARG C 324 -34.56 -7.29 -30.26
CA ARG C 324 -34.55 -8.30 -31.32
C ARG C 324 -35.28 -7.79 -32.55
N GLU D 10 54.96 38.24 3.46
CA GLU D 10 54.82 38.03 1.99
C GLU D 10 53.62 38.81 1.44
N PRO D 11 53.61 39.09 0.11
CA PRO D 11 52.46 39.76 -0.49
C PRO D 11 51.32 38.77 -0.74
N PRO D 12 50.06 39.23 -0.62
CA PRO D 12 48.91 38.33 -0.77
C PRO D 12 48.69 37.88 -2.22
N ARG D 13 48.10 36.69 -2.37
CA ARG D 13 47.72 36.17 -3.68
C ARG D 13 46.22 36.44 -3.88
N VAL D 14 45.87 37.02 -5.03
CA VAL D 14 44.56 37.65 -5.23
C VAL D 14 43.78 37.06 -6.41
N LEU D 15 42.48 36.84 -6.20
CA LEU D 15 41.56 36.39 -7.24
C LEU D 15 40.42 37.39 -7.36
N ILE D 16 40.03 37.72 -8.60
CA ILE D 16 38.91 38.64 -8.86
C ILE D 16 37.86 37.96 -9.74
N THR D 17 36.62 37.89 -9.26
CA THR D 17 35.57 37.06 -9.88
C THR D 17 34.81 37.74 -11.01
N GLY D 18 34.58 39.05 -10.91
CA GLY D 18 33.87 39.78 -11.95
C GLY D 18 34.68 39.75 -13.24
N GLY D 19 35.94 40.18 -13.14
CA GLY D 19 36.88 40.07 -14.23
C GLY D 19 36.65 41.08 -15.35
N LEU D 20 35.75 40.73 -16.26
CA LEU D 20 35.55 41.52 -17.48
C LEU D 20 34.65 42.76 -17.29
N GLY D 21 34.09 42.93 -16.09
CA GLY D 21 33.48 44.20 -15.71
C GLY D 21 34.59 45.20 -15.49
N GLN D 22 34.32 46.47 -15.77
CA GLN D 22 35.36 47.52 -15.69
C GLN D 22 36.01 47.63 -14.31
N LEU D 23 35.27 47.26 -13.25
CA LEU D 23 35.80 47.33 -11.89
C LEU D 23 36.89 46.29 -11.65
N GLY D 24 36.68 45.07 -12.15
CA GLY D 24 37.67 44.00 -12.04
C GLY D 24 38.96 44.33 -12.78
N VAL D 25 38.82 44.77 -14.02
CA VAL D 25 39.95 45.23 -14.83
C VAL D 25 40.67 46.35 -14.09
N GLY D 26 39.91 47.37 -13.69
CA GLY D 26 40.46 48.52 -12.98
C GLY D 26 41.13 48.16 -11.66
N LEU D 27 40.55 47.21 -10.93
CA LEU D 27 41.11 46.74 -9.68
C LEU D 27 42.34 45.88 -9.90
N ALA D 28 42.33 45.11 -10.99
CA ALA D 28 43.47 44.27 -11.36
C ALA D 28 44.70 45.14 -11.62
N ASN D 29 44.51 46.19 -12.42
CA ASN D 29 45.57 47.15 -12.72
C ASN D 29 46.17 47.76 -11.46
N LEU D 30 45.29 48.19 -10.55
CA LEU D 30 45.71 48.83 -9.30
C LEU D 30 46.49 47.88 -8.40
N LEU D 31 46.03 46.63 -8.32
CA LEU D 31 46.68 45.63 -7.46
C LEU D 31 47.97 45.06 -8.08
N ARG D 32 48.01 44.99 -9.40
CA ARG D 32 49.20 44.52 -10.12
C ARG D 32 50.35 45.51 -10.04
N LYS D 33 50.02 46.81 -10.05
CA LYS D 33 51.02 47.85 -9.84
C LYS D 33 51.53 47.90 -8.39
N ARG D 34 50.86 47.16 -7.50
CA ARG D 34 51.21 47.14 -6.09
C ARG D 34 51.85 45.84 -5.66
N PHE D 35 51.30 44.71 -6.11
CA PHE D 35 51.80 43.39 -5.74
C PHE D 35 52.39 42.59 -6.90
N GLY D 36 52.29 43.11 -8.12
CA GLY D 36 52.92 42.49 -9.28
C GLY D 36 51.96 41.76 -10.20
N LYS D 37 52.39 41.58 -11.45
CA LYS D 37 51.64 40.89 -12.49
C LYS D 37 51.20 39.50 -12.05
N ASP D 38 52.10 38.76 -11.41
CA ASP D 38 51.87 37.36 -11.05
C ASP D 38 50.83 37.16 -9.95
N ASN D 39 50.85 38.01 -8.93
CA ASN D 39 50.03 37.80 -7.72
C ASN D 39 48.57 38.29 -7.80
N VAL D 40 48.05 38.48 -9.00
CA VAL D 40 46.66 38.91 -9.18
C VAL D 40 46.04 38.15 -10.36
N ILE D 41 45.02 37.34 -10.07
CA ILE D 41 44.38 36.50 -11.07
C ILE D 41 42.97 37.01 -11.34
N LEU D 42 42.66 37.19 -12.63
CA LEU D 42 41.38 37.75 -13.05
C LEU D 42 40.54 36.66 -13.70
N SER D 43 39.38 36.34 -13.10
CA SER D 43 38.55 35.25 -13.62
C SER D 43 37.19 35.72 -14.10
N ASP D 44 36.61 34.92 -15.00
CA ASP D 44 35.26 35.14 -15.51
C ASP D 44 34.88 33.90 -16.32
N ILE D 45 33.60 33.76 -16.65
CA ILE D 45 33.15 32.68 -17.53
C ILE D 45 33.25 33.07 -19.01
N ARG D 46 33.56 34.35 -19.26
CA ARG D 46 33.46 34.92 -20.59
C ARG D 46 34.84 35.08 -21.26
N LYS D 47 34.86 34.93 -22.58
CA LYS D 47 36.06 35.13 -23.39
C LYS D 47 36.55 36.57 -23.26
N PRO D 48 37.75 36.77 -22.67
CA PRO D 48 38.23 38.12 -22.39
C PRO D 48 38.70 38.87 -23.64
N PRO D 49 38.76 40.22 -23.55
CA PRO D 49 39.45 41.02 -24.56
C PRO D 49 40.91 40.61 -24.77
N ALA D 50 41.52 41.12 -25.83
CA ALA D 50 42.92 40.84 -26.12
C ALA D 50 43.84 41.48 -25.09
N HIS D 51 43.63 42.77 -24.84
CA HIS D 51 44.52 43.56 -23.97
C HIS D 51 44.52 43.09 -22.51
N VAL D 52 43.35 42.72 -21.99
CA VAL D 52 43.24 42.28 -20.59
C VAL D 52 43.93 40.93 -20.38
N PHE D 53 43.94 40.10 -21.43
CA PHE D 53 44.60 38.80 -21.38
C PHE D 53 46.09 38.95 -21.08
N HIS D 54 46.76 39.85 -21.80
CA HIS D 54 48.20 40.04 -21.64
C HIS D 54 48.58 40.83 -20.38
N SER D 55 47.59 41.39 -19.69
CA SER D 55 47.83 42.15 -18.46
C SER D 55 48.32 41.28 -17.31
N GLY D 56 47.95 40.00 -17.32
CA GLY D 56 48.34 39.07 -16.26
C GLY D 56 47.62 37.74 -16.33
N PRO D 57 47.76 36.93 -15.27
CA PRO D 57 47.06 35.65 -15.19
C PRO D 57 45.55 35.79 -15.25
N PHE D 58 44.92 34.94 -16.08
CA PHE D 58 43.48 34.92 -16.23
C PHE D 58 43.04 33.46 -16.41
N VAL D 59 42.06 33.04 -15.62
CA VAL D 59 41.56 31.66 -15.67
C VAL D 59 40.04 31.62 -15.70
N TYR D 60 39.49 30.71 -16.50
CA TYR D 60 38.06 30.52 -16.57
C TYR D 60 37.60 29.84 -15.29
N ALA D 61 36.74 30.54 -14.53
CA ALA D 61 36.18 30.00 -13.30
C ALA D 61 34.66 30.12 -13.31
N ASN D 62 33.98 29.00 -13.11
CA ASN D 62 32.54 29.01 -12.92
C ASN D 62 32.22 28.91 -11.43
N ILE D 63 31.71 30.00 -10.88
CA ILE D 63 31.40 30.06 -9.44
C ILE D 63 30.14 29.29 -9.04
N LEU D 64 29.32 28.90 -10.02
CA LEU D 64 28.19 28.03 -9.76
C LEU D 64 28.64 26.58 -9.53
N ASP D 65 29.84 26.26 -10.00
CA ASP D 65 30.45 24.96 -9.76
C ASP D 65 31.49 25.10 -8.64
N TYR D 66 31.16 24.56 -7.46
CA TYR D 66 32.01 24.70 -6.26
C TYR D 66 33.40 24.10 -6.43
N LYS D 67 33.48 22.93 -7.07
CA LYS D 67 34.77 22.25 -7.24
C LYS D 67 35.73 23.04 -8.15
N SER D 68 35.18 23.65 -9.20
CA SER D 68 35.95 24.55 -10.06
C SER D 68 36.58 25.72 -9.30
N LEU D 69 35.80 26.35 -8.42
CA LEU D 69 36.28 27.50 -7.66
C LEU D 69 37.31 27.09 -6.62
N ARG D 70 37.10 25.92 -6.00
CA ARG D 70 38.06 25.36 -5.05
C ARG D 70 39.39 25.03 -5.74
N GLU D 71 39.33 24.53 -6.97
CA GLU D 71 40.53 24.26 -7.76
C GLU D 71 41.41 25.51 -7.85
N ILE D 72 40.82 26.63 -8.28
CA ILE D 72 41.58 27.88 -8.46
C ILE D 72 42.24 28.34 -7.16
N VAL D 73 41.47 28.34 -6.07
CA VAL D 73 41.96 28.84 -4.79
C VAL D 73 43.13 27.98 -4.29
N VAL D 74 42.98 26.66 -4.36
CA VAL D 74 44.04 25.74 -3.98
C VAL D 74 45.26 25.90 -4.87
N ASN D 75 45.05 25.77 -6.18
CA ASN D 75 46.14 25.75 -7.15
C ASN D 75 46.89 27.07 -7.30
N HIS D 76 46.36 28.15 -6.73
CA HIS D 76 47.04 29.45 -6.78
C HIS D 76 47.24 30.02 -5.39
N ARG D 77 47.16 29.17 -4.37
CA ARG D 77 47.34 29.58 -2.98
C ARG D 77 46.75 30.97 -2.73
N ILE D 78 45.46 31.12 -3.02
CA ILE D 78 44.78 32.42 -2.92
C ILE D 78 44.54 32.81 -1.47
N SER D 79 44.98 34.00 -1.10
CA SER D 79 44.74 34.54 0.25
C SER D 79 43.67 35.65 0.25
N TRP D 80 43.47 36.31 -0.90
CA TRP D 80 42.56 37.44 -1.03
C TRP D 80 41.60 37.19 -2.19
N LEU D 81 40.31 37.47 -2.00
CA LEU D 81 39.31 37.28 -3.05
C LEU D 81 38.31 38.44 -3.13
N PHE D 82 38.20 39.04 -4.31
CA PHE D 82 37.24 40.12 -4.56
C PHE D 82 36.13 39.62 -5.48
N HIS D 83 34.91 39.59 -4.97
CA HIS D 83 33.79 38.96 -5.65
C HIS D 83 32.93 39.98 -6.41
N TYR D 84 33.12 40.05 -7.73
CA TYR D 84 32.36 40.98 -8.59
C TYR D 84 31.48 40.28 -9.64
N SER D 85 31.04 39.04 -9.39
CA SER D 85 30.26 38.30 -10.38
C SER D 85 28.84 38.86 -10.53
N LEU D 98 16.73 32.73 -13.09
CA LEU D 98 17.76 32.95 -14.10
C LEU D 98 18.93 33.75 -13.51
N ALA D 99 18.67 35.00 -13.12
CA ALA D 99 19.70 35.89 -12.56
C ALA D 99 19.75 35.80 -11.04
N ARG D 100 18.59 35.68 -10.40
CA ARG D 100 18.49 35.56 -8.95
C ARG D 100 19.14 34.28 -8.44
N ASP D 101 18.84 33.18 -9.11
CA ASP D 101 19.41 31.88 -8.76
C ASP D 101 20.94 31.89 -8.75
N VAL D 102 21.54 32.40 -9.81
CA VAL D 102 23.00 32.33 -10.01
C VAL D 102 23.81 33.24 -9.09
N ASN D 103 23.25 34.40 -8.72
CA ASN D 103 23.94 35.33 -7.83
C ASN D 103 24.00 34.82 -6.40
N ILE D 104 22.85 34.37 -5.88
CA ILE D 104 22.75 33.85 -4.52
C ILE D 104 23.58 32.57 -4.34
N THR D 105 23.52 31.68 -5.33
CA THR D 105 24.30 30.43 -5.30
C THR D 105 25.80 30.71 -5.40
N GLY D 106 26.17 31.57 -6.35
CA GLY D 106 27.55 31.99 -6.52
C GLY D 106 28.13 32.54 -5.22
N LEU D 107 27.34 33.39 -4.55
CA LEU D 107 27.74 33.97 -3.27
C LEU D 107 28.02 32.88 -2.25
N HIS D 108 27.17 31.86 -2.20
CA HIS D 108 27.32 30.78 -1.22
C HIS D 108 28.53 29.90 -1.48
N ASN D 109 28.83 29.64 -2.76
CA ASN D 109 30.02 28.88 -3.13
C ASN D 109 31.27 29.68 -2.77
N VAL D 110 31.24 30.97 -3.06
CA VAL D 110 32.34 31.87 -2.71
C VAL D 110 32.54 31.95 -1.20
N LEU D 111 31.44 32.01 -0.47
CA LEU D 111 31.50 32.12 0.99
C LEU D 111 32.12 30.86 1.59
N ASP D 112 31.66 29.70 1.14
CA ASP D 112 32.18 28.42 1.63
C ASP D 112 33.67 28.28 1.34
N VAL D 113 34.04 28.47 0.08
CA VAL D 113 35.44 28.38 -0.33
C VAL D 113 36.31 29.31 0.51
N ALA D 114 35.90 30.57 0.63
CA ALA D 114 36.70 31.55 1.37
C ALA D 114 36.87 31.14 2.82
N ALA D 115 35.80 30.63 3.43
CA ALA D 115 35.82 30.24 4.84
C ALA D 115 36.70 29.01 5.07
N GLU D 116 36.58 28.01 4.19
CA GLU D 116 37.32 26.77 4.32
C GLU D 116 38.84 26.90 4.09
N TYR D 117 39.27 28.00 3.47
CA TYR D 117 40.69 28.21 3.17
C TYR D 117 41.25 29.53 3.72
N ASN D 118 40.56 30.08 4.72
CA ASN D 118 41.03 31.28 5.41
C ASN D 118 41.44 32.38 4.43
N VAL D 119 40.54 32.66 3.48
CA VAL D 119 40.75 33.70 2.48
C VAL D 119 40.13 35.02 2.95
N ARG D 120 40.79 36.13 2.64
CA ARG D 120 40.16 37.44 2.82
C ARG D 120 39.20 37.67 1.66
N LEU D 121 37.91 37.66 1.97
CA LEU D 121 36.87 37.83 0.97
C LEU D 121 36.32 39.24 0.99
N PHE D 122 36.31 39.89 -0.16
CA PHE D 122 35.64 41.16 -0.34
C PHE D 122 34.46 41.00 -1.28
N VAL D 123 33.29 41.44 -0.83
CA VAL D 123 32.12 41.54 -1.70
C VAL D 123 31.56 42.95 -1.57
N PRO D 124 31.30 43.63 -2.70
CA PRO D 124 30.71 44.95 -2.62
C PRO D 124 29.22 44.88 -2.33
N SER D 125 28.72 45.90 -1.63
CA SER D 125 27.30 46.17 -1.52
C SER D 125 27.01 47.43 -2.33
N THR D 126 25.93 48.14 -2.01
CA THR D 126 25.55 49.32 -2.79
C THR D 126 24.67 50.27 -1.98
N ILE D 127 24.45 51.48 -2.51
CA ILE D 127 23.44 52.39 -1.96
C ILE D 127 22.04 51.81 -2.13
N GLY D 128 21.85 50.99 -3.16
CA GLY D 128 20.60 50.28 -3.37
C GLY D 128 20.17 49.34 -2.26
N ALA D 129 21.05 49.09 -1.29
CA ALA D 129 20.73 48.26 -0.14
C ALA D 129 19.84 48.97 0.90
N PHE D 130 19.58 50.26 0.70
CA PHE D 130 18.64 51.00 1.55
C PHE D 130 17.32 51.23 0.83
N GLY D 131 16.27 51.55 1.60
CA GLY D 131 14.93 51.80 1.05
C GLY D 131 14.27 53.05 1.62
N PRO D 132 12.99 53.29 1.26
CA PRO D 132 12.22 54.45 1.75
C PRO D 132 12.13 54.54 3.27
N THR D 133 12.03 53.39 3.93
CA THR D 133 11.99 53.33 5.39
C THR D 133 13.33 53.65 6.03
N SER D 134 14.41 53.54 5.25
CA SER D 134 15.75 53.87 5.74
C SER D 134 15.88 55.38 5.93
N PRO D 135 16.70 55.82 6.91
CA PRO D 135 17.07 57.23 6.97
C PRO D 135 17.93 57.58 5.76
N ARG D 136 17.63 58.72 5.11
CA ARG D 136 18.23 59.02 3.82
C ARG D 136 19.13 60.27 3.80
N ASN D 137 19.25 60.96 4.94
CA ASN D 137 19.88 62.28 4.97
C ASN D 137 20.60 62.56 6.28
N PRO D 138 21.71 61.85 6.54
CA PRO D 138 22.30 60.77 5.76
C PRO D 138 21.91 59.38 6.27
N ALA D 139 22.05 58.37 5.42
CA ALA D 139 21.92 56.98 5.85
C ALA D 139 23.13 56.60 6.70
N PRO D 140 22.90 56.11 7.93
CA PRO D 140 24.04 55.63 8.71
C PRO D 140 24.59 54.30 8.20
N ASP D 141 25.63 53.80 8.83
CA ASP D 141 26.19 52.49 8.50
C ASP D 141 25.24 51.37 8.91
N LEU D 142 24.79 51.42 10.16
CA LEU D 142 23.80 50.50 10.69
C LEU D 142 22.46 51.21 10.80
N CYS D 143 21.49 50.78 9.99
CA CYS D 143 20.14 51.31 10.03
C CYS D 143 19.17 50.35 9.35
N ILE D 144 17.91 50.76 9.22
CA ILE D 144 16.89 49.97 8.54
C ILE D 144 17.23 49.82 7.06
N GLN D 145 17.05 48.60 6.52
CA GLN D 145 17.35 48.27 5.12
C GLN D 145 16.24 47.43 4.51
N ARG D 146 15.38 48.06 3.72
CA ARG D 146 14.28 47.37 3.04
C ARG D 146 14.14 47.84 1.60
N PRO D 147 15.11 47.49 0.76
CA PRO D 147 15.14 48.00 -0.60
C PRO D 147 13.96 47.49 -1.45
N ARG D 148 13.46 48.36 -2.32
CA ARG D 148 12.37 48.02 -3.22
C ARG D 148 12.93 47.61 -4.58
N THR D 149 14.06 46.93 -4.57
CA THR D 149 14.74 46.57 -5.81
C THR D 149 15.42 45.21 -5.61
N ILE D 150 15.31 44.35 -6.63
CA ILE D 150 15.84 42.99 -6.57
C ILE D 150 17.35 42.97 -6.30
N TYR D 151 18.07 43.87 -6.95
CA TYR D 151 19.52 43.99 -6.79
C TYR D 151 19.91 44.33 -5.35
N GLY D 152 19.12 45.19 -4.72
CA GLY D 152 19.41 45.71 -3.39
C GLY D 152 19.06 44.72 -2.30
N VAL D 153 17.98 43.97 -2.52
CA VAL D 153 17.58 42.88 -1.61
C VAL D 153 18.66 41.80 -1.59
N SER D 154 19.20 41.47 -2.77
CA SER D 154 20.29 40.51 -2.87
C SER D 154 21.55 40.99 -2.16
N LYS D 155 21.76 42.32 -2.15
CA LYS D 155 22.93 42.89 -1.49
C LYS D 155 22.74 42.96 0.03
N VAL D 156 21.50 43.12 0.50
CA VAL D 156 21.23 42.98 1.93
C VAL D 156 21.57 41.54 2.33
N HIS D 157 21.11 40.59 1.53
CA HIS D 157 21.44 39.18 1.75
C HIS D 157 22.94 38.91 1.74
N THR D 158 23.67 39.57 0.84
CA THR D 158 25.13 39.44 0.77
C THR D 158 25.79 39.92 2.06
N GLU D 159 25.46 41.14 2.47
CA GLU D 159 26.01 41.72 3.69
C GLU D 159 25.81 40.79 4.88
N LEU D 160 24.58 40.33 5.08
CA LEU D 160 24.23 39.52 6.25
C LEU D 160 24.87 38.14 6.21
N MET D 161 24.91 37.54 5.03
CA MET D 161 25.50 36.22 4.86
C MET D 161 26.99 36.24 5.18
N GLY D 162 27.69 37.25 4.68
CA GLY D 162 29.10 37.43 4.95
C GLY D 162 29.39 37.64 6.43
N GLU D 163 28.64 38.55 7.05
CA GLU D 163 28.78 38.83 8.47
C GLU D 163 28.42 37.62 9.33
N TYR D 164 27.44 36.84 8.90
CA TYR D 164 27.09 35.60 9.58
C TYR D 164 28.29 34.66 9.59
N TYR D 165 28.87 34.47 8.41
CA TYR D 165 30.05 33.63 8.24
C TYR D 165 31.26 34.13 9.04
N TYR D 166 31.34 35.43 9.28
CA TYR D 166 32.41 36.00 10.12
C TYR D 166 32.21 35.61 11.58
N TYR D 167 31.01 35.87 12.10
CA TYR D 167 30.69 35.57 13.50
C TYR D 167 30.60 34.07 13.79
N ARG D 168 30.12 33.30 12.80
CA ARG D 168 30.01 31.85 12.93
C ARG D 168 31.37 31.18 12.73
N TYR D 169 31.94 31.30 11.53
CA TYR D 169 33.22 30.67 11.18
C TYR D 169 34.35 31.69 11.21
N GLY D 170 35.58 31.19 11.11
CA GLY D 170 36.74 32.07 11.03
C GLY D 170 36.91 32.62 9.62
N LEU D 171 36.05 33.56 9.25
CA LEU D 171 36.07 34.13 7.90
C LEU D 171 36.30 35.63 7.95
N ASP D 172 37.37 36.06 7.26
CA ASP D 172 37.67 37.48 7.13
C ASP D 172 36.86 38.04 5.95
N PHE D 173 35.62 38.43 6.26
CA PHE D 173 34.70 38.98 5.28
C PHE D 173 34.72 40.50 5.35
N ARG D 174 34.80 41.17 4.20
CA ARG D 174 34.89 42.62 4.17
C ARG D 174 34.02 43.20 3.06
N CYS D 175 33.28 44.26 3.39
CA CYS D 175 32.27 44.80 2.49
C CYS D 175 32.14 46.32 2.59
N LEU D 176 32.28 47.00 1.46
CA LEU D 176 31.98 48.41 1.37
C LEU D 176 30.72 48.61 0.55
N ARG D 177 29.87 49.55 0.97
CA ARG D 177 28.72 49.96 0.17
C ARG D 177 29.15 51.01 -0.82
N TYR D 178 29.16 50.66 -2.10
CA TYR D 178 29.56 51.58 -3.16
C TYR D 178 28.45 52.57 -3.47
N PRO D 179 28.79 53.88 -3.53
CA PRO D 179 27.89 54.86 -4.14
C PRO D 179 27.77 54.63 -5.65
N GLY D 180 27.06 55.53 -6.31
CA GLY D 180 26.99 55.52 -7.77
C GLY D 180 28.39 55.77 -8.33
N ILE D 181 28.97 54.73 -8.94
CA ILE D 181 30.33 54.82 -9.47
C ILE D 181 30.36 55.57 -10.80
N ILE D 182 31.36 56.42 -10.97
CA ILE D 182 31.57 57.14 -12.22
C ILE D 182 32.94 56.84 -12.80
N SER D 183 32.97 56.59 -14.12
CA SER D 183 34.21 56.30 -14.84
C SER D 183 34.08 56.62 -16.34
N ALA D 184 35.23 56.70 -17.01
CA ALA D 184 35.33 57.01 -18.44
C ALA D 184 34.07 56.66 -19.25
N GLY D 191 21.54 51.74 -16.19
CA GLY D 191 21.18 51.82 -14.77
C GLY D 191 20.44 53.09 -14.42
N THR D 192 20.39 53.41 -13.13
CA THR D 192 19.71 54.62 -12.64
C THR D 192 20.65 55.82 -12.58
N THR D 193 21.88 55.61 -12.11
CA THR D 193 22.86 56.69 -11.98
C THR D 193 23.70 56.88 -13.25
N ASP D 194 23.22 56.36 -14.38
CA ASP D 194 23.94 56.47 -15.66
C ASP D 194 23.98 57.89 -16.21
N TYR D 195 22.96 58.69 -15.92
CA TYR D 195 22.92 60.09 -16.36
C TYR D 195 24.23 60.80 -16.02
N ALA D 196 24.77 60.50 -14.83
CA ALA D 196 26.00 61.14 -14.36
C ALA D 196 27.26 60.69 -15.12
N VAL D 197 27.13 59.64 -15.93
CA VAL D 197 28.21 59.20 -16.81
C VAL D 197 27.95 59.67 -18.25
N GLN D 198 26.73 59.47 -18.72
CA GLN D 198 26.35 59.84 -20.09
C GLN D 198 26.31 61.36 -20.31
N ILE D 199 26.16 62.12 -19.23
CA ILE D 199 26.24 63.58 -19.28
C ILE D 199 27.57 64.05 -19.89
N PHE D 200 28.67 63.38 -19.54
CA PHE D 200 30.01 63.79 -19.96
C PHE D 200 30.31 63.66 -21.46
N HIS D 201 29.52 62.86 -22.16
CA HIS D 201 29.68 62.71 -23.61
C HIS D 201 29.22 63.95 -24.39
N ALA D 202 28.28 64.71 -23.82
CA ALA D 202 27.82 65.95 -24.43
C ALA D 202 28.70 67.14 -24.04
N ALA D 203 28.86 67.33 -22.73
CA ALA D 203 29.60 68.47 -22.18
C ALA D 203 30.95 68.75 -22.87
N ALA D 204 31.68 67.70 -23.25
CA ALA D 204 32.98 67.86 -23.90
C ALA D 204 32.90 68.56 -25.28
N LYS D 205 31.73 68.52 -25.90
CA LYS D 205 31.48 69.20 -27.17
C LYS D 205 30.53 70.40 -27.03
N ASN D 206 30.27 70.81 -25.78
CA ASN D 206 29.32 71.88 -25.44
C ASN D 206 27.90 71.65 -25.99
N GLY D 207 27.51 70.38 -26.16
CA GLY D 207 26.23 70.02 -26.76
C GLY D 207 25.07 70.11 -25.79
N THR D 208 24.13 69.17 -25.91
CA THR D 208 22.95 69.11 -25.02
C THR D 208 22.82 67.72 -24.40
N PHE D 209 22.03 67.61 -23.33
CA PHE D 209 21.80 66.33 -22.67
C PHE D 209 20.41 66.24 -22.06
N GLU D 210 19.75 65.10 -22.27
CA GLU D 210 18.45 64.80 -21.67
C GLU D 210 18.65 64.00 -20.39
N CYS D 211 18.02 64.45 -19.31
CA CYS D 211 18.18 63.81 -18.01
C CYS D 211 16.90 63.08 -17.61
N ASN D 212 17.04 61.80 -17.29
CA ASN D 212 15.90 60.96 -16.91
C ASN D 212 15.40 61.20 -15.48
N LEU D 213 16.27 61.76 -14.63
CA LEU D 213 15.89 62.13 -13.26
C LEU D 213 15.55 63.61 -13.17
N GLU D 214 14.91 64.00 -12.07
CA GLU D 214 14.57 65.41 -11.83
C GLU D 214 15.81 66.21 -11.48
N ALA D 215 15.73 67.52 -11.69
CA ALA D 215 16.85 68.44 -11.44
C ALA D 215 17.38 68.35 -10.03
N GLY D 216 16.50 68.20 -9.05
CA GLY D 216 16.88 68.19 -7.64
C GLY D 216 16.91 66.81 -6.98
N THR D 217 17.26 65.79 -7.75
CA THR D 217 17.37 64.41 -7.23
C THR D 217 18.79 64.15 -6.74
N ARG D 218 19.00 64.21 -5.42
CA ARG D 218 20.31 64.02 -4.83
C ARG D 218 20.64 62.54 -4.60
N LEU D 219 21.84 62.13 -5.01
CA LEU D 219 22.32 60.76 -4.76
C LEU D 219 23.82 60.73 -4.46
N PRO D 220 24.26 59.78 -3.60
CA PRO D 220 25.69 59.64 -3.32
C PRO D 220 26.44 59.16 -4.55
N MET D 221 27.61 59.75 -4.80
CA MET D 221 28.34 59.49 -6.03
C MET D 221 29.84 59.42 -5.73
N MET D 222 30.56 58.68 -6.56
CA MET D 222 31.99 58.46 -6.33
C MET D 222 32.72 58.16 -7.63
N TYR D 223 33.89 58.77 -7.80
CA TYR D 223 34.75 58.48 -8.95
C TYR D 223 35.46 57.14 -8.74
N ILE D 224 35.54 56.37 -9.81
CA ILE D 224 36.08 55.01 -9.77
C ILE D 224 37.40 54.88 -9.00
N SER D 225 38.30 55.85 -9.14
CA SER D 225 39.61 55.79 -8.48
C SER D 225 39.50 55.74 -6.96
N ASP D 226 38.51 56.43 -6.40
CA ASP D 226 38.25 56.39 -4.96
C ASP D 226 37.58 55.07 -4.58
N CYS D 227 36.66 54.61 -5.43
CA CYS D 227 35.97 53.35 -5.19
C CYS D 227 36.93 52.16 -5.09
N LEU D 228 37.84 52.06 -6.06
CA LEU D 228 38.83 50.98 -6.13
C LEU D 228 39.86 51.05 -4.99
N ARG D 229 40.35 52.26 -4.70
CA ARG D 229 41.31 52.46 -3.62
C ARG D 229 40.68 52.17 -2.25
N ALA D 230 39.44 52.61 -2.06
CA ALA D 230 38.69 52.34 -0.82
C ALA D 230 38.67 50.85 -0.55
N THR D 231 38.43 50.09 -1.62
CA THR D 231 38.42 48.64 -1.59
C THR D 231 39.77 48.10 -1.12
N LEU D 232 40.84 48.51 -1.77
CA LEU D 232 42.19 48.07 -1.41
C LEU D 232 42.50 48.38 0.05
N GLU D 233 42.19 49.60 0.47
CA GLU D 233 42.51 50.04 1.82
C GLU D 233 41.83 49.21 2.90
N VAL D 234 40.52 49.04 2.81
CA VAL D 234 39.78 48.26 3.82
C VAL D 234 40.30 46.82 3.91
N MET D 235 40.68 46.24 2.78
CA MET D 235 41.26 44.89 2.75
C MET D 235 42.63 44.84 3.42
N GLU D 236 43.46 45.85 3.16
CA GLU D 236 44.78 45.95 3.77
C GLU D 236 44.71 46.23 5.27
N ALA D 237 43.64 46.87 5.72
CA ALA D 237 43.54 47.35 7.10
C ALA D 237 43.62 46.23 8.13
N PRO D 238 44.14 46.55 9.34
CA PRO D 238 44.17 45.58 10.42
C PRO D 238 42.76 45.25 10.93
N ALA D 239 42.47 43.96 11.03
CA ALA D 239 41.13 43.48 11.40
C ALA D 239 40.66 43.98 12.76
N GLU D 240 41.59 44.13 13.71
CA GLU D 240 41.24 44.55 15.07
C GLU D 240 40.57 45.93 15.12
N ARG D 241 40.94 46.81 14.20
CA ARG D 241 40.37 48.17 14.14
C ARG D 241 38.96 48.22 13.56
N LEU D 242 38.57 47.19 12.80
CA LEU D 242 37.25 47.14 12.17
C LEU D 242 36.16 46.82 13.19
N SER D 243 35.29 47.79 13.47
CA SER D 243 34.20 47.61 14.43
C SER D 243 32.99 46.96 13.79
N MET D 244 33.01 46.84 12.47
CA MET D 244 32.00 46.09 11.73
C MET D 244 32.53 45.75 10.35
N ARG D 245 31.84 44.84 9.66
CA ARG D 245 32.34 44.28 8.40
C ARG D 245 31.75 44.93 7.15
N THR D 246 30.64 45.64 7.31
CA THR D 246 30.04 46.38 6.22
C THR D 246 30.14 47.89 6.51
N TYR D 247 30.78 48.62 5.60
CA TYR D 247 31.00 50.05 5.74
C TYR D 247 30.42 50.82 4.58
N ASN D 248 29.84 51.98 4.88
CA ASN D 248 29.60 52.96 3.85
C ASN D 248 30.93 53.59 3.45
N ILE D 249 31.01 54.02 2.19
CA ILE D 249 32.04 54.95 1.75
C ILE D 249 31.32 56.02 0.96
N SER D 250 31.78 57.27 1.09
CA SER D 250 31.23 58.37 0.33
C SER D 250 32.35 59.26 -0.20
N ALA D 251 32.02 60.03 -1.22
CA ALA D 251 32.91 61.09 -1.70
C ALA D 251 32.11 62.38 -1.76
N MET D 252 30.99 62.33 -2.48
CA MET D 252 30.11 63.46 -2.64
C MET D 252 28.69 62.99 -2.85
N SER D 253 27.75 63.92 -2.72
CA SER D 253 26.40 63.74 -3.21
C SER D 253 26.10 64.90 -4.12
N PHE D 254 25.49 64.66 -5.27
CA PHE D 254 25.04 65.76 -6.10
C PHE D 254 23.76 65.48 -6.87
N THR D 255 23.09 66.55 -7.25
CA THR D 255 21.90 66.49 -8.08
C THR D 255 22.35 66.71 -9.52
N PRO D 256 21.45 66.47 -10.49
CA PRO D 256 21.81 66.81 -11.86
C PRO D 256 22.16 68.28 -12.07
N GLU D 257 21.26 69.18 -11.68
CA GLU D 257 21.48 70.63 -11.88
C GLU D 257 22.83 71.07 -11.32
N GLU D 258 23.21 70.53 -10.16
CA GLU D 258 24.51 70.82 -9.54
C GLU D 258 25.69 70.30 -10.36
N LEU D 259 25.48 69.21 -11.10
CA LEU D 259 26.53 68.64 -11.95
C LEU D 259 26.71 69.49 -13.21
N ALA D 260 25.59 69.84 -13.85
CA ALA D 260 25.62 70.76 -14.98
C ALA D 260 26.30 72.07 -14.58
N GLN D 261 25.98 72.55 -13.38
CA GLN D 261 26.67 73.69 -12.75
C GLN D 261 28.18 73.54 -12.74
N ALA D 262 28.66 72.39 -12.27
CA ALA D 262 30.11 72.12 -12.23
C ALA D 262 30.70 71.92 -13.62
N LEU D 263 29.89 71.45 -14.57
CA LEU D 263 30.32 71.26 -15.95
C LEU D 263 30.44 72.57 -16.72
N ARG D 264 29.53 73.51 -16.45
CA ARG D 264 29.53 74.81 -17.12
C ARG D 264 30.74 75.69 -16.74
N LYS D 265 31.52 75.29 -15.75
CA LYS D 265 32.81 75.91 -15.47
C LYS D 265 33.82 75.60 -16.59
N HIS D 266 33.63 74.47 -17.27
CA HIS D 266 34.50 74.04 -18.35
C HIS D 266 33.84 74.11 -19.72
N ALA D 267 32.53 73.83 -19.78
CA ALA D 267 31.77 73.86 -21.02
C ALA D 267 30.55 74.77 -20.90
N PRO D 268 30.76 76.09 -20.80
CA PRO D 268 29.70 77.06 -20.47
C PRO D 268 28.48 77.07 -21.39
N ASP D 269 28.64 76.62 -22.63
CA ASP D 269 27.54 76.61 -23.60
C ASP D 269 26.75 75.30 -23.58
N PHE D 270 26.99 74.46 -22.55
CA PHE D 270 26.28 73.19 -22.36
C PHE D 270 24.87 73.43 -21.83
N GLN D 271 23.91 72.66 -22.32
CA GLN D 271 22.50 72.84 -21.98
C GLN D 271 21.92 71.55 -21.37
N ILE D 272 21.26 71.69 -20.23
CA ILE D 272 20.63 70.57 -19.52
C ILE D 272 19.11 70.61 -19.72
N THR D 273 18.53 69.45 -20.04
CA THR D 273 17.09 69.32 -20.26
C THR D 273 16.54 68.16 -19.45
N TYR D 274 15.29 68.28 -19.01
CA TYR D 274 14.70 67.32 -18.08
C TYR D 274 13.47 66.62 -18.65
N CYS D 275 13.65 65.33 -18.99
CA CYS D 275 12.56 64.46 -19.43
C CYS D 275 12.44 63.31 -18.42
N VAL D 276 11.68 63.57 -17.35
CA VAL D 276 11.66 62.69 -16.16
C VAL D 276 11.06 61.31 -16.45
N ASP D 277 11.69 60.27 -15.90
CA ASP D 277 11.25 58.88 -16.02
C ASP D 277 10.80 58.37 -14.65
N PRO D 278 9.48 58.20 -14.43
CA PRO D 278 8.94 57.75 -13.14
C PRO D 278 9.55 56.45 -12.61
N LEU D 279 9.98 55.58 -13.52
CA LEU D 279 10.66 54.33 -13.16
C LEU D 279 11.93 54.63 -12.35
N ARG D 280 12.90 55.27 -13.00
CA ARG D 280 14.19 55.56 -12.36
C ARG D 280 14.10 56.63 -11.27
N GLN D 281 13.10 57.50 -11.38
CA GLN D 281 12.90 58.57 -10.40
C GLN D 281 12.36 58.04 -9.07
N ALA D 282 11.48 57.04 -9.14
CA ALA D 282 10.99 56.37 -7.94
C ALA D 282 12.09 55.54 -7.30
N ILE D 283 12.89 54.87 -8.13
CA ILE D 283 14.08 54.15 -7.66
C ILE D 283 15.05 55.10 -6.97
N ALA D 284 15.30 56.24 -7.61
CA ALA D 284 16.23 57.23 -7.09
C ALA D 284 15.85 57.68 -5.69
N GLU D 285 14.59 58.04 -5.51
CA GLU D 285 14.12 58.55 -4.22
C GLU D 285 13.82 57.44 -3.20
N SER D 286 14.07 56.18 -3.56
CA SER D 286 14.08 55.09 -2.61
C SER D 286 15.49 54.90 -2.02
N TRP D 287 16.49 55.34 -2.77
CA TRP D 287 17.88 55.31 -2.30
C TRP D 287 18.18 56.53 -1.44
N PRO D 288 19.25 56.46 -0.63
CA PRO D 288 19.61 57.60 0.20
C PRO D 288 20.22 58.74 -0.60
N MET D 289 20.20 59.95 -0.04
CA MET D 289 20.80 61.10 -0.69
C MET D 289 22.27 61.21 -0.33
N ILE D 290 22.55 61.01 0.96
CA ILE D 290 23.91 61.04 1.48
C ILE D 290 24.18 59.76 2.25
N LEU D 291 25.39 59.23 2.10
CA LEU D 291 25.87 58.16 2.96
C LEU D 291 26.78 58.77 4.01
N ASP D 292 26.56 58.41 5.27
CA ASP D 292 27.45 58.80 6.37
C ASP D 292 28.52 57.73 6.56
N ASP D 293 29.77 58.06 6.23
CA ASP D 293 30.87 57.11 6.35
C ASP D 293 31.80 57.47 7.52
N SER D 294 31.20 57.78 8.67
CA SER D 294 31.94 58.14 9.87
C SER D 294 32.89 57.03 10.29
N ASN D 295 32.36 55.81 10.32
CA ASN D 295 33.12 54.66 10.80
C ASN D 295 34.28 54.28 9.88
N ALA D 296 34.07 54.30 8.57
CA ALA D 296 35.15 54.03 7.64
C ALA D 296 36.30 55.03 7.83
N ARG D 297 35.96 56.31 7.94
CA ARG D 297 36.95 57.38 8.15
C ARG D 297 37.66 57.26 9.50
N LYS D 298 36.96 56.73 10.50
CA LYS D 298 37.53 56.60 11.84
C LYS D 298 38.32 55.30 12.02
N ASP D 299 37.76 54.19 11.54
CA ASP D 299 38.30 52.87 11.83
C ASP D 299 39.55 52.52 11.00
N TRP D 300 39.47 52.71 9.69
CA TRP D 300 40.60 52.45 8.79
C TRP D 300 41.02 53.66 7.95
N GLY D 301 40.61 54.85 8.38
CA GLY D 301 41.09 56.10 7.80
C GLY D 301 40.69 56.35 6.36
N TRP D 302 39.44 56.06 6.01
CA TRP D 302 38.94 56.39 4.69
C TRP D 302 39.01 57.90 4.48
N LYS D 303 39.43 58.30 3.28
CA LYS D 303 39.35 59.69 2.88
C LYS D 303 39.32 59.77 1.35
N HIS D 304 38.21 60.26 0.82
CA HIS D 304 38.06 60.46 -0.62
C HIS D 304 39.02 61.55 -1.13
N ASP D 305 39.52 61.37 -2.35
CA ASP D 305 40.38 62.35 -3.02
C ASP D 305 39.59 63.18 -4.03
N PHE D 306 38.64 62.56 -4.71
CA PHE D 306 37.89 63.22 -5.79
C PHE D 306 36.57 63.81 -5.32
N ASP D 307 36.52 65.15 -5.22
CA ASP D 307 35.27 65.87 -5.00
C ASP D 307 34.66 66.21 -6.36
N LEU D 308 33.57 66.98 -6.38
CA LEU D 308 32.84 67.24 -7.61
C LEU D 308 33.65 67.95 -8.71
N PRO D 309 34.29 69.10 -8.40
CA PRO D 309 35.10 69.74 -9.44
C PRO D 309 36.25 68.88 -10.00
N GLU D 310 36.90 68.09 -9.15
CA GLU D 310 37.95 67.17 -9.59
C GLU D 310 37.39 66.00 -10.40
N LEU D 311 36.25 65.48 -9.98
CA LEU D 311 35.52 64.48 -10.76
C LEU D 311 35.26 64.98 -12.16
N VAL D 312 34.68 66.18 -12.25
CA VAL D 312 34.30 66.79 -13.52
C VAL D 312 35.53 67.11 -14.38
N ALA D 313 36.59 67.60 -13.75
CA ALA D 313 37.82 67.93 -14.46
C ALA D 313 38.50 66.68 -15.03
N THR D 314 38.63 65.67 -14.19
CA THR D 314 39.27 64.41 -14.57
C THR D 314 38.50 63.71 -15.69
N MET D 315 37.18 63.64 -15.56
CA MET D 315 36.33 62.97 -16.53
C MET D 315 36.28 63.67 -17.90
N LEU D 316 36.61 64.96 -17.94
CA LEU D 316 36.62 65.71 -19.20
C LEU D 316 37.90 65.49 -19.99
N ASN D 317 39.00 65.21 -19.31
CA ASN D 317 40.30 65.01 -19.95
C ASN D 317 40.46 63.65 -20.65
N PHE D 318 39.36 62.90 -20.77
CA PHE D 318 39.35 61.65 -21.54
C PHE D 318 38.81 61.82 -22.96
N HIS D 319 37.99 62.85 -23.16
CA HIS D 319 37.37 63.09 -24.47
C HIS D 319 38.24 64.02 -25.32
N GLU E 10 -5.68 60.16 -25.40
CA GLU E 10 -5.99 60.50 -26.82
C GLU E 10 -5.19 59.63 -27.80
N PRO E 11 -3.85 59.77 -27.82
CA PRO E 11 -3.06 58.85 -28.64
C PRO E 11 -2.87 57.52 -27.91
N PRO E 12 -2.79 56.40 -28.65
CA PRO E 12 -2.59 55.11 -28.01
C PRO E 12 -1.19 54.96 -27.41
N ARG E 13 -1.09 54.20 -26.32
CA ARG E 13 0.19 53.86 -25.73
C ARG E 13 0.61 52.52 -26.31
N VAL E 14 1.82 52.46 -26.84
CA VAL E 14 2.23 51.36 -27.70
C VAL E 14 3.42 50.58 -27.12
N LEU E 15 3.24 49.28 -26.93
CA LEU E 15 4.34 48.36 -26.65
C LEU E 15 4.63 47.53 -27.89
N ILE E 16 5.90 47.37 -28.21
CA ILE E 16 6.31 46.57 -29.37
C ILE E 16 7.30 45.51 -28.92
N THR E 17 6.84 44.27 -28.76
CA THR E 17 7.72 43.16 -28.39
C THR E 17 8.51 42.71 -29.61
N GLY E 18 9.57 41.94 -29.38
CA GLY E 18 10.50 41.53 -30.43
C GLY E 18 11.05 42.72 -31.19
N GLY E 19 11.45 43.75 -30.45
CA GLY E 19 11.69 45.08 -31.01
C GLY E 19 12.93 45.28 -31.87
N LEU E 20 13.99 44.55 -31.58
CA LEU E 20 15.28 44.75 -32.25
C LEU E 20 15.36 44.19 -33.67
N GLY E 21 14.34 43.43 -34.09
CA GLY E 21 14.20 43.02 -35.48
C GLY E 21 13.89 44.23 -36.35
N GLN E 22 14.13 44.12 -37.65
CA GLN E 22 14.03 45.27 -38.53
C GLN E 22 12.62 45.87 -38.58
N LEU E 23 11.60 45.01 -38.48
CA LEU E 23 10.22 45.46 -38.47
C LEU E 23 9.88 46.27 -37.23
N GLY E 24 10.27 45.76 -36.07
CA GLY E 24 10.05 46.44 -34.80
C GLY E 24 10.68 47.82 -34.77
N VAL E 25 11.93 47.90 -35.22
CA VAL E 25 12.65 49.17 -35.28
C VAL E 25 11.96 50.11 -36.28
N GLY E 26 11.57 49.56 -37.42
CA GLY E 26 10.88 50.33 -38.46
C GLY E 26 9.53 50.85 -38.01
N LEU E 27 8.73 49.99 -37.40
CA LEU E 27 7.40 50.37 -36.94
C LEU E 27 7.47 51.40 -35.83
N ALA E 28 8.44 51.25 -34.92
CA ALA E 28 8.66 52.24 -33.87
C ALA E 28 8.86 53.61 -34.50
N ASN E 29 9.75 53.68 -35.50
CA ASN E 29 10.00 54.92 -36.23
C ASN E 29 8.72 55.51 -36.84
N LEU E 30 7.89 54.63 -37.39
CA LEU E 30 6.64 55.05 -38.04
C LEU E 30 5.64 55.58 -37.02
N LEU E 31 5.38 54.79 -35.98
CA LEU E 31 4.39 55.15 -34.97
C LEU E 31 4.83 56.35 -34.12
N ARG E 32 6.13 56.47 -33.88
CA ARG E 32 6.66 57.57 -33.09
C ARG E 32 6.49 58.91 -33.79
N LYS E 33 6.57 58.92 -35.12
CA LYS E 33 6.29 60.12 -35.91
C LYS E 33 4.86 60.60 -35.74
N ARG E 34 3.92 59.66 -35.60
CA ARG E 34 2.50 59.98 -35.58
C ARG E 34 1.96 60.26 -34.17
N PHE E 35 2.48 59.54 -33.17
CA PHE E 35 1.97 59.63 -31.80
C PHE E 35 2.91 60.33 -30.83
N GLY E 36 4.20 60.35 -31.13
CA GLY E 36 5.21 60.93 -30.26
C GLY E 36 6.16 59.86 -29.75
N LYS E 37 7.38 60.29 -29.40
CA LYS E 37 8.43 59.35 -28.95
C LYS E 37 8.00 58.55 -27.73
N ASP E 38 7.43 59.24 -26.75
CA ASP E 38 7.15 58.64 -25.43
C ASP E 38 5.86 57.79 -25.38
N ASN E 39 5.00 57.93 -26.39
CA ASN E 39 3.81 57.09 -26.49
C ASN E 39 4.09 55.69 -27.05
N VAL E 40 5.33 55.44 -27.47
CA VAL E 40 5.71 54.19 -28.13
C VAL E 40 6.95 53.58 -27.48
N ILE E 41 6.77 52.41 -26.86
CA ILE E 41 7.86 51.72 -26.17
C ILE E 41 8.26 50.44 -26.92
N LEU E 42 9.52 50.37 -27.34
CA LEU E 42 10.10 49.15 -27.90
C LEU E 42 10.55 48.20 -26.80
N SER E 43 10.53 46.90 -27.09
CA SER E 43 10.91 45.88 -26.13
C SER E 43 11.58 44.66 -26.76
N ASP E 44 12.56 44.13 -26.06
CA ASP E 44 13.23 42.89 -26.45
C ASP E 44 13.87 42.27 -25.22
N ILE E 45 14.58 41.16 -25.40
CA ILE E 45 15.30 40.50 -24.30
C ILE E 45 16.80 40.45 -24.58
N ARG E 46 17.29 41.45 -25.33
CA ARG E 46 18.72 41.54 -25.66
C ARG E 46 19.16 42.99 -25.58
N LYS E 47 20.47 43.21 -25.53
CA LYS E 47 21.02 44.54 -25.37
C LYS E 47 20.81 45.35 -26.65
N PRO E 48 20.21 46.56 -26.54
CA PRO E 48 19.97 47.41 -27.72
C PRO E 48 21.17 48.29 -28.07
N PRO E 49 21.45 48.47 -29.38
CA PRO E 49 22.40 49.50 -29.81
C PRO E 49 21.96 50.91 -29.40
N ALA E 50 22.92 51.82 -29.26
CA ALA E 50 22.65 53.16 -28.71
C ALA E 50 21.61 53.95 -29.51
N HIS E 51 21.62 53.81 -30.83
CA HIS E 51 20.66 54.53 -31.69
C HIS E 51 19.22 54.01 -31.56
N VAL E 52 19.07 52.78 -31.07
CA VAL E 52 17.76 52.24 -30.73
C VAL E 52 17.34 52.78 -29.35
N PHE E 53 18.32 52.85 -28.44
CA PHE E 53 18.07 53.24 -27.06
C PHE E 53 17.68 54.71 -26.91
N HIS E 54 18.42 55.60 -27.57
CA HIS E 54 18.19 57.03 -27.46
C HIS E 54 17.00 57.54 -28.29
N SER E 55 16.53 56.73 -29.24
CA SER E 55 15.40 57.11 -30.10
C SER E 55 14.06 57.17 -29.35
N GLY E 56 13.97 56.47 -28.23
CA GLY E 56 12.77 56.51 -27.40
C GLY E 56 12.80 55.51 -26.25
N PRO E 57 11.68 55.38 -25.53
CA PRO E 57 11.56 54.41 -24.44
C PRO E 57 11.83 52.97 -24.88
N PHE E 58 12.87 52.36 -24.32
CA PHE E 58 13.13 50.94 -24.49
C PHE E 58 13.06 50.29 -23.11
N VAL E 59 12.50 49.08 -23.05
CA VAL E 59 12.48 48.30 -21.81
C VAL E 59 12.75 46.82 -22.08
N TYR E 60 13.42 46.16 -21.13
CA TYR E 60 13.62 44.72 -21.21
C TYR E 60 12.35 44.05 -20.72
N ALA E 61 11.75 43.21 -21.56
CA ALA E 61 10.51 42.54 -21.23
C ALA E 61 10.57 41.06 -21.64
N ASN E 62 10.58 40.18 -20.65
CA ASN E 62 10.58 38.74 -20.89
C ASN E 62 9.14 38.26 -21.04
N ILE E 63 8.74 37.97 -22.28
CA ILE E 63 7.38 37.54 -22.60
C ILE E 63 7.04 36.15 -22.05
N LEU E 64 8.08 35.39 -21.72
CA LEU E 64 7.92 34.07 -21.11
C LEU E 64 7.56 34.15 -19.61
N ASP E 65 7.70 35.35 -19.03
CA ASP E 65 7.35 35.58 -17.63
C ASP E 65 6.12 36.50 -17.54
N TYR E 66 4.96 35.90 -17.29
CA TYR E 66 3.69 36.63 -17.28
C TYR E 66 3.73 37.89 -16.39
N LYS E 67 4.25 37.76 -15.17
CA LYS E 67 4.30 38.90 -14.24
C LYS E 67 5.14 40.06 -14.75
N SER E 68 6.20 39.75 -15.50
CA SER E 68 7.06 40.77 -16.07
C SER E 68 6.34 41.52 -17.19
N LEU E 69 5.76 40.77 -18.14
CA LEU E 69 4.97 41.34 -19.23
C LEU E 69 3.80 42.19 -18.71
N ARG E 70 3.18 41.72 -17.63
CA ARG E 70 2.09 42.43 -16.98
C ARG E 70 2.55 43.73 -16.29
N GLU E 71 3.76 43.71 -15.74
CA GLU E 71 4.37 44.92 -15.17
C GLU E 71 4.50 46.02 -16.22
N ILE E 72 4.90 45.64 -17.44
CA ILE E 72 5.10 46.60 -18.52
C ILE E 72 3.77 47.22 -18.96
N VAL E 73 2.75 46.38 -19.12
CA VAL E 73 1.45 46.84 -19.60
C VAL E 73 0.75 47.76 -18.61
N VAL E 74 0.82 47.45 -17.33
CA VAL E 74 0.11 48.21 -16.29
C VAL E 74 0.79 49.56 -15.99
N ASN E 75 2.10 49.53 -15.72
CA ASN E 75 2.83 50.74 -15.37
C ASN E 75 2.84 51.76 -16.50
N HIS E 76 3.21 51.31 -17.71
CA HIS E 76 3.24 52.18 -18.88
C HIS E 76 1.85 52.34 -19.52
N ARG E 77 0.84 51.67 -18.95
CA ARG E 77 -0.55 51.82 -19.37
C ARG E 77 -0.71 51.57 -20.86
N ILE E 78 -0.27 50.42 -21.32
CA ILE E 78 -0.30 50.11 -22.74
C ILE E 78 -1.75 49.90 -23.20
N SER E 79 -2.10 50.49 -24.34
CA SER E 79 -3.40 50.24 -24.98
C SER E 79 -3.25 49.50 -26.32
N TRP E 80 -2.11 49.67 -26.99
CA TRP E 80 -1.79 48.98 -28.23
C TRP E 80 -0.55 48.11 -28.03
N LEU E 81 -0.60 46.86 -28.48
CA LEU E 81 0.55 45.97 -28.38
C LEU E 81 0.82 45.29 -29.72
N PHE E 82 2.01 45.47 -30.26
CA PHE E 82 2.43 44.81 -31.48
C PHE E 82 3.40 43.69 -31.13
N HIS E 83 2.96 42.45 -31.28
CA HIS E 83 3.79 41.28 -30.94
C HIS E 83 4.64 40.82 -32.11
N TYR E 84 5.95 41.11 -32.06
CA TYR E 84 6.89 40.70 -33.11
C TYR E 84 7.94 39.67 -32.67
N SER E 85 7.86 39.16 -31.44
CA SER E 85 8.81 38.14 -30.99
C SER E 85 8.53 36.80 -31.66
N ASP E 101 8.73 25.74 -29.28
CA ASP E 101 8.00 25.63 -28.03
C ASP E 101 7.91 26.98 -27.28
N VAL E 102 9.05 27.63 -27.10
CA VAL E 102 9.14 28.91 -26.37
C VAL E 102 8.33 30.05 -27.00
N ASN E 103 8.22 30.06 -28.33
CA ASN E 103 7.39 31.06 -29.03
C ASN E 103 5.91 30.91 -28.68
N ILE E 104 5.43 29.67 -28.73
CA ILE E 104 4.04 29.34 -28.43
C ILE E 104 3.65 29.71 -26.99
N THR E 105 4.56 29.49 -26.04
CA THR E 105 4.34 29.87 -24.64
C THR E 105 4.33 31.39 -24.49
N GLY E 106 5.19 32.06 -25.24
CA GLY E 106 5.21 33.51 -25.28
C GLY E 106 3.93 34.10 -25.84
N LEU E 107 3.38 33.45 -26.86
CA LEU E 107 2.14 33.91 -27.50
C LEU E 107 0.97 33.89 -26.51
N HIS E 108 0.86 32.80 -25.76
CA HIS E 108 -0.23 32.63 -24.80
C HIS E 108 -0.24 33.71 -23.73
N ASN E 109 0.96 34.09 -23.28
CA ASN E 109 1.12 35.17 -22.31
C ASN E 109 0.67 36.52 -22.85
N VAL E 110 1.08 36.81 -24.08
CA VAL E 110 0.67 38.04 -24.75
C VAL E 110 -0.85 38.05 -24.90
N LEU E 111 -1.44 36.92 -25.30
CA LEU E 111 -2.89 36.78 -25.39
C LEU E 111 -3.57 37.01 -24.04
N ASP E 112 -3.03 36.44 -22.96
CA ASP E 112 -3.62 36.58 -21.62
C ASP E 112 -3.54 38.02 -21.12
N VAL E 113 -2.35 38.61 -21.20
CA VAL E 113 -2.16 39.98 -20.73
C VAL E 113 -2.98 40.98 -21.53
N ALA E 114 -3.07 40.77 -22.84
CA ALA E 114 -3.78 41.69 -23.73
C ALA E 114 -5.30 41.62 -23.51
N ALA E 115 -5.82 40.41 -23.38
CA ALA E 115 -7.24 40.20 -23.12
C ALA E 115 -7.66 40.82 -21.78
N GLU E 116 -6.88 40.52 -20.74
CA GLU E 116 -7.17 40.94 -19.37
C GLU E 116 -7.22 42.47 -19.22
N TYR E 117 -6.25 43.16 -19.80
CA TYR E 117 -6.12 44.60 -19.60
C TYR E 117 -6.61 45.42 -20.81
N ASN E 118 -7.54 44.84 -21.58
CA ASN E 118 -8.19 45.52 -22.70
C ASN E 118 -7.21 46.18 -23.66
N VAL E 119 -6.23 45.40 -24.10
CA VAL E 119 -5.21 45.87 -25.03
C VAL E 119 -5.61 45.48 -26.45
N ARG E 120 -5.31 46.36 -27.40
CA ARG E 120 -5.50 46.05 -28.81
C ARG E 120 -4.22 45.37 -29.29
N LEU E 121 -4.34 44.10 -29.69
CA LEU E 121 -3.19 43.27 -30.00
C LEU E 121 -3.04 43.03 -31.49
N PHE E 122 -1.85 43.33 -32.02
CA PHE E 122 -1.47 42.92 -33.37
C PHE E 122 -0.41 41.82 -33.33
N VAL E 123 -0.61 40.79 -34.13
CA VAL E 123 0.39 39.75 -34.35
C VAL E 123 0.44 39.44 -35.84
N PRO E 124 1.65 39.42 -36.43
CA PRO E 124 1.74 39.14 -37.85
C PRO E 124 1.64 37.65 -38.15
N SER E 125 1.03 37.33 -39.29
CA SER E 125 1.11 35.99 -39.87
C SER E 125 1.94 36.11 -41.14
N THR E 126 1.92 35.08 -41.98
CA THR E 126 2.77 35.05 -43.17
C THR E 126 2.17 34.20 -44.29
N ILE E 127 2.74 34.30 -45.49
CA ILE E 127 2.38 33.43 -46.60
C ILE E 127 2.89 32.00 -46.37
N GLY E 128 3.78 31.84 -45.39
CA GLY E 128 4.17 30.51 -44.91
C GLY E 128 3.03 29.75 -44.24
N ALA E 129 1.97 30.47 -43.87
CA ALA E 129 0.77 29.88 -43.26
C ALA E 129 -0.05 29.04 -44.23
N PHE E 130 0.31 29.04 -45.52
CA PHE E 130 -0.37 28.23 -46.52
C PHE E 130 0.48 27.03 -46.94
N GLY E 131 -0.17 26.05 -47.56
CA GLY E 131 0.52 24.84 -48.03
C GLY E 131 0.06 24.44 -49.42
N PRO E 132 0.59 23.31 -49.93
CA PRO E 132 0.24 22.85 -51.28
C PRO E 132 -1.26 22.66 -51.47
N THR E 133 -1.93 22.12 -50.46
CA THR E 133 -3.38 21.91 -50.51
C THR E 133 -4.18 23.22 -50.47
N SER E 134 -3.53 24.32 -50.13
CA SER E 134 -4.17 25.64 -50.21
C SER E 134 -4.31 26.03 -51.69
N PRO E 135 -5.33 26.86 -52.01
CA PRO E 135 -5.34 27.51 -53.32
C PRO E 135 -4.15 28.45 -53.40
N ARG E 136 -3.52 28.53 -54.58
CA ARG E 136 -2.26 29.26 -54.72
C ARG E 136 -2.26 30.38 -55.78
N ASN E 137 -3.35 30.51 -56.55
CA ASN E 137 -3.38 31.49 -57.65
C ASN E 137 -4.76 32.10 -57.89
N PRO E 138 -5.22 32.97 -56.96
CA PRO E 138 -4.57 33.39 -55.74
C PRO E 138 -5.10 32.66 -54.51
N ALA E 139 -4.34 32.72 -53.41
CA ALA E 139 -4.81 32.21 -52.13
C ALA E 139 -5.79 33.20 -51.52
N PRO E 140 -7.03 32.77 -51.24
CA PRO E 140 -7.98 33.68 -50.60
C PRO E 140 -7.64 33.95 -49.13
N ASP E 141 -8.44 34.81 -48.51
CA ASP E 141 -8.29 35.11 -47.09
C ASP E 141 -8.70 33.92 -46.23
N LEU E 142 -9.79 33.26 -46.59
CA LEU E 142 -10.25 32.06 -45.91
C LEU E 142 -10.11 30.86 -46.84
N CYS E 143 -9.22 29.94 -46.48
CA CYS E 143 -9.00 28.73 -47.27
C CYS E 143 -8.30 27.63 -46.47
N ILE E 144 -8.05 26.50 -47.13
CA ILE E 144 -7.32 25.39 -46.54
C ILE E 144 -5.94 25.87 -46.13
N GLN E 145 -5.51 25.46 -44.93
CA GLN E 145 -4.23 25.92 -44.38
C GLN E 145 -3.44 24.77 -43.75
N ARG E 146 -2.69 24.06 -44.58
CA ARG E 146 -1.88 22.95 -44.13
C ARG E 146 -0.42 23.20 -44.48
N PRO E 147 0.24 24.12 -43.76
CA PRO E 147 1.63 24.44 -44.05
C PRO E 147 2.56 23.31 -43.63
N ARG E 148 3.74 23.26 -44.23
CA ARG E 148 4.67 22.17 -44.00
C ARG E 148 6.02 22.69 -43.56
N THR E 149 6.00 23.81 -42.85
CA THR E 149 7.15 24.36 -42.16
C THR E 149 6.73 24.63 -40.72
N ILE E 150 7.65 24.43 -39.78
CA ILE E 150 7.36 24.67 -38.36
C ILE E 150 6.88 26.10 -38.11
N TYR E 151 7.47 27.06 -38.83
CA TYR E 151 7.11 28.47 -38.71
C TYR E 151 5.68 28.74 -39.18
N GLY E 152 5.30 28.14 -40.31
CA GLY E 152 3.98 28.33 -40.89
C GLY E 152 2.88 27.70 -40.03
N VAL E 153 3.13 26.48 -39.58
CA VAL E 153 2.23 25.77 -38.69
C VAL E 153 1.98 26.59 -37.42
N SER E 154 3.05 27.17 -36.90
CA SER E 154 2.99 28.01 -35.72
C SER E 154 2.13 29.26 -35.92
N LYS E 155 2.16 29.82 -37.13
CA LYS E 155 1.37 31.01 -37.44
C LYS E 155 -0.10 30.71 -37.75
N VAL E 156 -0.40 29.47 -38.14
CA VAL E 156 -1.78 29.03 -38.23
C VAL E 156 -2.33 28.95 -36.81
N HIS E 157 -1.54 28.38 -35.90
CA HIS E 157 -1.89 28.36 -34.48
C HIS E 157 -2.02 29.77 -33.90
N THR E 158 -1.15 30.69 -34.33
CA THR E 158 -1.25 32.09 -33.95
C THR E 158 -2.57 32.71 -34.42
N GLU E 159 -2.93 32.47 -35.68
CA GLU E 159 -4.17 33.00 -36.24
C GLU E 159 -5.40 32.51 -35.49
N LEU E 160 -5.43 31.21 -35.19
CA LEU E 160 -6.61 30.60 -34.57
C LEU E 160 -6.75 30.98 -33.10
N MET E 161 -5.63 31.10 -32.40
CA MET E 161 -5.68 31.46 -30.97
C MET E 161 -6.15 32.89 -30.78
N GLY E 162 -5.57 33.81 -31.53
CA GLY E 162 -5.97 35.21 -31.44
C GLY E 162 -7.43 35.41 -31.82
N GLU E 163 -7.89 34.65 -32.80
CA GLU E 163 -9.30 34.67 -33.18
C GLU E 163 -10.16 34.01 -32.13
N TYR E 164 -9.66 32.95 -31.51
CA TYR E 164 -10.36 32.30 -30.39
C TYR E 164 -10.62 33.30 -29.28
N TYR E 165 -9.56 33.98 -28.85
CA TYR E 165 -9.67 34.96 -27.77
C TYR E 165 -10.60 36.11 -28.12
N TYR E 166 -10.74 36.44 -29.40
CA TYR E 166 -11.67 37.48 -29.83
C TYR E 166 -13.12 37.03 -29.67
N TYR E 167 -13.43 35.83 -30.14
CA TYR E 167 -14.80 35.32 -30.06
C TYR E 167 -15.16 34.88 -28.64
N ARG E 168 -14.19 34.33 -27.92
CA ARG E 168 -14.40 33.83 -26.56
C ARG E 168 -14.46 35.00 -25.58
N TYR E 169 -13.35 35.74 -25.48
CA TYR E 169 -13.25 36.89 -24.58
C TYR E 169 -13.32 38.17 -25.42
N GLY E 170 -13.16 39.33 -24.80
CA GLY E 170 -13.28 40.60 -25.52
C GLY E 170 -12.03 41.10 -26.24
N LEU E 171 -11.11 40.19 -26.58
CA LEU E 171 -9.80 40.57 -27.11
C LEU E 171 -9.88 41.16 -28.51
N ASP E 172 -9.45 42.41 -28.66
CA ASP E 172 -9.38 43.03 -29.97
C ASP E 172 -8.11 42.55 -30.70
N PHE E 173 -8.21 41.35 -31.27
CA PHE E 173 -7.11 40.73 -32.00
C PHE E 173 -7.14 41.15 -33.47
N ARG E 174 -5.99 41.55 -33.98
CA ARG E 174 -5.87 41.92 -35.38
C ARG E 174 -4.59 41.34 -35.96
N CYS E 175 -4.71 40.68 -37.10
CA CYS E 175 -3.59 39.97 -37.70
C CYS E 175 -3.53 40.21 -39.20
N LEU E 176 -2.31 40.32 -39.73
CA LEU E 176 -2.07 40.46 -41.16
C LEU E 176 -1.08 39.40 -41.63
N ARG E 177 -1.40 38.74 -42.75
CA ARG E 177 -0.46 37.81 -43.37
C ARG E 177 0.55 38.55 -44.21
N TYR E 178 1.76 38.73 -43.68
CA TYR E 178 2.83 39.39 -44.42
C TYR E 178 3.33 38.52 -45.57
N PRO E 179 3.31 39.06 -46.80
CA PRO E 179 4.03 38.38 -47.88
C PRO E 179 5.54 38.56 -47.69
N GLY E 180 6.34 37.99 -48.59
CA GLY E 180 7.78 38.21 -48.54
C GLY E 180 8.08 39.70 -48.41
N ILE E 181 8.82 40.07 -47.37
CA ILE E 181 9.13 41.48 -47.12
C ILE E 181 10.51 41.81 -47.66
N ILE E 182 10.63 43.00 -48.24
CA ILE E 182 11.88 43.47 -48.83
C ILE E 182 12.29 44.81 -48.20
N SER E 183 13.56 44.88 -47.81
CA SER E 183 14.13 46.09 -47.22
C SER E 183 15.62 46.16 -47.52
N ALA E 184 16.20 47.36 -47.42
CA ALA E 184 17.62 47.54 -47.64
C ALA E 184 18.44 46.76 -46.61
N ASP E 185 18.05 46.88 -45.35
CA ASP E 185 18.68 46.18 -44.24
C ASP E 185 17.82 44.99 -43.81
N GLY E 190 19.14 34.42 -44.47
CA GLY E 190 19.14 33.29 -45.39
C GLY E 190 17.81 32.58 -45.49
N GLY E 191 16.73 33.34 -45.70
CA GLY E 191 15.39 32.79 -45.87
C GLY E 191 15.07 32.43 -47.31
N THR E 192 13.85 31.95 -47.54
CA THR E 192 13.37 31.61 -48.89
C THR E 192 13.21 32.87 -49.75
N THR E 193 12.89 33.98 -49.09
CA THR E 193 12.54 35.24 -49.74
C THR E 193 13.74 36.21 -49.70
N ASP E 194 14.94 35.65 -49.52
CA ASP E 194 16.15 36.46 -49.30
C ASP E 194 16.80 36.93 -50.61
N TYR E 195 16.64 36.16 -51.69
CA TYR E 195 17.17 36.58 -53.00
C TYR E 195 16.61 37.93 -53.39
N ALA E 196 15.33 38.16 -53.11
CA ALA E 196 14.66 39.43 -53.42
C ALA E 196 15.33 40.63 -52.75
N VAL E 197 16.07 40.39 -51.66
CA VAL E 197 16.86 41.43 -50.98
C VAL E 197 18.32 41.39 -51.39
N GLN E 198 18.91 40.19 -51.41
CA GLN E 198 20.34 40.05 -51.68
C GLN E 198 20.72 40.41 -53.12
N ILE E 199 19.79 40.20 -54.05
CA ILE E 199 20.02 40.52 -55.47
C ILE E 199 20.40 41.99 -55.70
N PHE E 200 19.91 42.87 -54.82
CA PHE E 200 20.16 44.30 -54.94
C PHE E 200 21.63 44.71 -54.75
N HIS E 201 22.40 43.91 -53.99
CA HIS E 201 23.82 44.19 -53.78
C HIS E 201 24.62 44.02 -55.08
N ALA E 202 24.37 42.92 -55.78
CA ALA E 202 25.02 42.65 -57.06
C ALA E 202 24.53 43.59 -58.17
N ALA E 203 23.28 44.04 -58.07
CA ALA E 203 22.65 44.88 -59.09
C ALA E 203 23.18 46.32 -59.12
N ALA E 204 23.45 46.89 -57.95
CA ALA E 204 23.98 48.26 -57.86
C ALA E 204 25.39 48.40 -58.45
N LYS E 205 26.14 47.30 -58.42
CA LYS E 205 27.48 47.24 -59.02
C LYS E 205 27.45 46.65 -60.44
N ASN E 206 26.25 46.45 -60.97
CA ASN E 206 26.04 45.87 -62.31
C ASN E 206 26.70 44.50 -62.51
N GLY E 207 26.89 43.76 -61.41
CA GLY E 207 27.60 42.48 -61.45
C GLY E 207 26.67 41.30 -61.66
N THR E 208 27.16 40.12 -61.30
CA THR E 208 26.39 38.87 -61.44
C THR E 208 25.75 38.48 -60.12
N PHE E 209 24.66 37.72 -60.21
CA PHE E 209 23.99 37.20 -59.01
C PHE E 209 23.57 35.74 -59.17
N GLU E 210 23.92 34.93 -58.17
CA GLU E 210 23.49 33.54 -58.09
C GLU E 210 22.18 33.49 -57.33
N CYS E 211 21.15 32.95 -57.99
CA CYS E 211 19.80 32.91 -57.43
C CYS E 211 19.46 31.48 -57.02
N ASN E 212 19.09 31.31 -55.75
CA ASN E 212 18.82 29.97 -55.20
C ASN E 212 17.50 29.36 -55.67
N LEU E 213 16.63 30.15 -56.30
CA LEU E 213 15.32 29.67 -56.78
C LEU E 213 15.22 29.65 -58.30
N GLU E 214 14.35 28.78 -58.82
CA GLU E 214 14.09 28.68 -60.26
C GLU E 214 13.66 30.03 -60.83
N ALA E 215 13.94 30.23 -62.11
CA ALA E 215 13.71 31.51 -62.79
C ALA E 215 12.26 32.00 -62.75
N GLY E 216 11.30 31.06 -62.80
CA GLY E 216 9.87 31.39 -62.87
C GLY E 216 9.09 31.06 -61.60
N THR E 217 9.70 31.31 -60.45
CA THR E 217 9.11 31.00 -59.15
C THR E 217 8.34 32.21 -58.59
N ARG E 218 7.04 32.26 -58.86
CA ARG E 218 6.22 33.39 -58.46
C ARG E 218 5.87 33.35 -56.97
N LEU E 219 6.17 34.44 -56.27
CA LEU E 219 5.84 34.59 -54.86
C LEU E 219 5.27 35.98 -54.61
N PRO E 220 4.39 36.11 -53.61
CA PRO E 220 3.99 37.45 -53.17
C PRO E 220 5.11 38.15 -52.43
N MET E 221 5.34 39.42 -52.77
CA MET E 221 6.36 40.24 -52.13
C MET E 221 5.78 41.59 -51.75
N MET E 222 6.46 42.32 -50.88
CA MET E 222 6.00 43.64 -50.44
C MET E 222 7.14 44.46 -49.85
N TYR E 223 7.19 45.74 -50.20
CA TYR E 223 8.21 46.64 -49.66
C TYR E 223 7.91 46.94 -48.19
N ILE E 224 8.97 47.04 -47.40
CA ILE E 224 8.85 47.20 -45.95
C ILE E 224 7.89 48.32 -45.51
N SER E 225 7.85 49.43 -46.26
CA SER E 225 7.04 50.59 -45.88
C SER E 225 5.54 50.38 -46.11
N ASP E 226 5.19 49.59 -47.12
CA ASP E 226 3.80 49.15 -47.31
C ASP E 226 3.38 48.26 -46.14
N CYS E 227 4.28 47.35 -45.76
CA CYS E 227 4.01 46.36 -44.72
C CYS E 227 3.75 47.01 -43.36
N LEU E 228 4.58 47.99 -42.99
CA LEU E 228 4.42 48.70 -41.73
C LEU E 228 3.19 49.61 -41.73
N ARG E 229 2.96 50.27 -42.87
CA ARG E 229 1.79 51.14 -43.02
C ARG E 229 0.49 50.35 -42.92
N ALA E 230 0.46 49.18 -43.54
CA ALA E 230 -0.69 48.27 -43.44
C ALA E 230 -0.99 47.99 -41.98
N THR E 231 0.07 47.70 -41.23
CA THR E 231 -0.01 47.33 -39.83
C THR E 231 -0.61 48.44 -38.98
N LEU E 232 -0.28 49.69 -39.28
CA LEU E 232 -0.89 50.83 -38.60
C LEU E 232 -2.36 50.97 -39.01
N GLU E 233 -2.61 50.97 -40.31
CA GLU E 233 -3.95 51.27 -40.83
C GLU E 233 -5.02 50.27 -40.39
N VAL E 234 -4.64 49.00 -40.23
CA VAL E 234 -5.57 47.98 -39.75
C VAL E 234 -5.87 48.18 -38.26
N MET E 235 -4.89 48.69 -37.51
CA MET E 235 -5.08 48.94 -36.09
C MET E 235 -5.92 50.19 -35.87
N GLU E 236 -5.78 51.15 -36.78
CA GLU E 236 -6.59 52.37 -36.73
C GLU E 236 -8.06 52.09 -37.10
N ALA E 237 -8.27 51.28 -38.14
CA ALA E 237 -9.60 50.96 -38.62
C ALA E 237 -10.57 50.63 -37.48
N PRO E 238 -11.81 51.13 -37.56
CA PRO E 238 -12.81 50.81 -36.53
C PRO E 238 -13.27 49.35 -36.58
N ALA E 239 -13.49 48.77 -35.40
CA ALA E 239 -13.82 47.35 -35.25
C ALA E 239 -14.96 46.87 -36.14
N GLU E 240 -15.94 47.74 -36.37
CA GLU E 240 -17.22 47.35 -36.98
C GLU E 240 -17.10 47.03 -38.47
N ARG E 241 -16.04 47.51 -39.12
CA ARG E 241 -15.82 47.25 -40.54
C ARG E 241 -15.03 45.96 -40.80
N LEU E 242 -14.65 45.25 -39.75
CA LEU E 242 -13.80 44.07 -39.89
C LEU E 242 -14.60 42.76 -39.94
N SER E 243 -14.81 42.24 -41.14
CA SER E 243 -15.57 41.00 -41.34
C SER E 243 -14.79 39.78 -40.85
N MET E 244 -13.49 39.96 -40.61
CA MET E 244 -12.61 38.92 -40.08
C MET E 244 -11.45 39.60 -39.35
N ARG E 245 -10.73 38.85 -38.52
CA ARG E 245 -9.59 39.42 -37.79
C ARG E 245 -8.22 38.96 -38.32
N THR E 246 -8.22 38.26 -39.46
CA THR E 246 -6.98 37.87 -40.13
C THR E 246 -7.08 38.16 -41.63
N TYR E 247 -6.22 39.07 -42.12
CA TYR E 247 -6.29 39.53 -43.51
C TYR E 247 -5.04 39.24 -44.30
N ASN E 248 -5.20 38.75 -45.52
CA ASN E 248 -4.15 38.82 -46.53
C ASN E 248 -3.91 40.27 -46.91
N ILE E 249 -2.65 40.64 -47.07
CA ILE E 249 -2.29 41.90 -47.69
C ILE E 249 -1.34 41.63 -48.85
N SER E 250 -1.55 42.38 -49.93
CA SER E 250 -0.83 42.14 -51.16
C SER E 250 -0.42 43.46 -51.77
N ALA E 251 0.74 43.45 -52.43
CA ALA E 251 1.17 44.58 -53.25
C ALA E 251 1.51 44.05 -54.63
N MET E 252 2.49 43.15 -54.68
CA MET E 252 2.95 42.57 -55.93
C MET E 252 3.30 41.10 -55.78
N SER E 253 3.49 40.45 -56.92
CA SER E 253 3.92 39.07 -56.98
C SER E 253 4.83 38.93 -58.19
N PHE E 254 6.08 38.53 -57.98
CA PHE E 254 7.00 38.39 -59.10
C PHE E 254 7.90 37.16 -59.01
N THR E 255 8.43 36.79 -60.16
CA THR E 255 9.43 35.72 -60.27
C THR E 255 10.81 36.36 -60.23
N PRO E 256 11.88 35.54 -60.07
CA PRO E 256 13.24 36.08 -60.15
C PRO E 256 13.58 36.76 -61.47
N GLU E 257 13.26 36.10 -62.59
CA GLU E 257 13.55 36.66 -63.92
C GLU E 257 12.84 37.99 -64.18
N GLU E 258 11.68 38.18 -63.54
CA GLU E 258 10.94 39.44 -63.63
C GLU E 258 11.64 40.56 -62.86
N LEU E 259 11.99 40.27 -61.60
CA LEU E 259 12.72 41.26 -60.78
C LEU E 259 14.05 41.58 -61.44
N ALA E 260 14.69 40.56 -62.01
CA ALA E 260 15.94 40.73 -62.74
C ALA E 260 15.74 41.66 -63.94
N GLN E 261 14.64 41.46 -64.66
CA GLN E 261 14.32 42.30 -65.81
C GLN E 261 14.05 43.75 -65.40
N ALA E 262 13.25 43.93 -64.35
CA ALA E 262 12.94 45.28 -63.83
C ALA E 262 14.20 46.01 -63.34
N LEU E 263 15.19 45.23 -62.89
CA LEU E 263 16.48 45.80 -62.49
C LEU E 263 17.29 46.25 -63.70
N ARG E 264 17.14 45.56 -64.83
CA ARG E 264 17.88 45.91 -66.05
C ARG E 264 17.44 47.23 -66.71
N LYS E 265 16.32 47.80 -66.28
CA LYS E 265 15.98 49.17 -66.65
C LYS E 265 17.07 50.13 -66.16
N HIS E 266 17.60 49.87 -64.97
CA HIS E 266 18.59 50.73 -64.31
C HIS E 266 20.03 50.21 -64.43
N ALA E 267 20.18 48.89 -64.54
CA ALA E 267 21.49 48.25 -64.63
C ALA E 267 21.49 47.16 -65.71
N PRO E 268 21.61 47.57 -66.99
CA PRO E 268 21.48 46.64 -68.13
C PRO E 268 22.53 45.52 -68.15
N ASP E 269 23.70 45.78 -67.58
CA ASP E 269 24.78 44.80 -67.56
C ASP E 269 24.60 43.75 -66.45
N PHE E 270 23.77 44.05 -65.45
CA PHE E 270 23.48 43.10 -64.37
C PHE E 270 23.02 41.75 -64.94
N GLN E 271 23.73 40.69 -64.59
CA GLN E 271 23.42 39.35 -65.07
C GLN E 271 22.94 38.44 -63.93
N ILE E 272 22.29 37.34 -64.33
CA ILE E 272 21.58 36.46 -63.40
C ILE E 272 21.93 35.00 -63.70
N THR E 273 22.40 34.27 -62.69
CA THR E 273 22.70 32.85 -62.83
C THR E 273 21.89 32.02 -61.82
N TYR E 274 21.50 30.82 -62.23
CA TYR E 274 20.59 29.98 -61.45
C TYR E 274 21.21 28.66 -60.98
N CYS E 275 21.47 28.57 -59.68
CA CYS E 275 21.83 27.29 -59.04
C CYS E 275 20.73 26.95 -58.03
N VAL E 276 19.80 26.09 -58.45
CA VAL E 276 18.54 25.91 -57.74
C VAL E 276 18.71 25.06 -56.47
N ASP E 277 18.59 25.71 -55.31
CA ASP E 277 18.55 25.02 -54.02
C ASP E 277 17.16 24.39 -53.83
N PRO E 278 17.07 23.05 -53.87
CA PRO E 278 15.75 22.41 -53.82
C PRO E 278 15.03 22.55 -52.47
N LEU E 279 15.80 22.72 -51.39
CA LEU E 279 15.24 22.95 -50.05
C LEU E 279 14.29 24.14 -50.08
N ARG E 280 14.81 25.29 -50.50
CA ARG E 280 14.04 26.52 -50.58
C ARG E 280 13.03 26.52 -51.74
N GLN E 281 13.30 25.72 -52.77
CA GLN E 281 12.38 25.62 -53.91
C GLN E 281 11.10 24.88 -53.51
N ALA E 282 11.25 23.77 -52.80
CA ALA E 282 10.11 23.01 -52.28
C ALA E 282 9.24 23.87 -51.37
N ILE E 283 9.90 24.59 -50.47
CA ILE E 283 9.23 25.53 -49.57
C ILE E 283 8.46 26.58 -50.36
N ALA E 284 9.10 27.12 -51.40
CA ALA E 284 8.49 28.18 -52.23
C ALA E 284 7.31 27.63 -53.03
N GLU E 285 7.43 26.39 -53.48
CA GLU E 285 6.35 25.72 -54.22
C GLU E 285 5.16 25.38 -53.31
N SER E 286 5.41 25.24 -52.01
CA SER E 286 4.34 25.01 -51.04
C SER E 286 3.54 26.28 -50.76
N TRP E 287 4.22 27.43 -50.86
CA TRP E 287 3.57 28.73 -50.65
C TRP E 287 2.76 29.15 -51.86
N PRO E 288 1.82 30.09 -51.66
CA PRO E 288 1.06 30.62 -52.81
C PRO E 288 1.93 31.40 -53.79
N MET E 289 1.32 31.77 -54.92
CA MET E 289 2.00 32.56 -55.95
C MET E 289 1.51 34.00 -55.90
N ILE E 290 0.19 34.15 -55.81
CA ILE E 290 -0.44 35.46 -55.64
C ILE E 290 -1.33 35.39 -54.41
N LEU E 291 -1.43 36.51 -53.70
CA LEU E 291 -2.21 36.58 -52.48
C LEU E 291 -3.41 37.50 -52.71
N ASP E 292 -4.60 36.99 -52.47
CA ASP E 292 -5.84 37.75 -52.70
C ASP E 292 -6.26 38.56 -51.47
N ASP E 293 -5.91 39.85 -51.46
CA ASP E 293 -6.25 40.75 -50.35
C ASP E 293 -7.54 41.56 -50.61
N SER E 294 -8.55 40.91 -51.18
CA SER E 294 -9.81 41.59 -51.51
C SER E 294 -10.49 42.14 -50.26
N ASN E 295 -10.54 41.33 -49.20
CA ASN E 295 -11.22 41.70 -47.96
C ASN E 295 -10.58 42.91 -47.27
N ALA E 296 -9.25 42.99 -47.32
CA ALA E 296 -8.52 44.10 -46.69
C ALA E 296 -8.80 45.44 -47.35
N ARG E 297 -8.94 45.44 -48.67
CA ARG E 297 -9.21 46.66 -49.44
C ARG E 297 -10.65 47.12 -49.23
N LYS E 298 -11.57 46.14 -49.28
CA LYS E 298 -12.98 46.39 -49.08
C LYS E 298 -13.26 46.94 -47.68
N ASP E 299 -12.69 46.29 -46.66
CA ASP E 299 -13.04 46.55 -45.27
C ASP E 299 -12.38 47.81 -44.68
N TRP E 300 -11.08 47.97 -44.85
CA TRP E 300 -10.35 49.13 -44.29
C TRP E 300 -9.46 49.84 -45.32
N GLY E 301 -9.88 49.80 -46.59
CA GLY E 301 -9.28 50.64 -47.63
C GLY E 301 -7.78 50.45 -47.83
N TRP E 302 -7.32 49.22 -47.70
CA TRP E 302 -5.90 48.91 -47.91
C TRP E 302 -5.51 49.17 -49.36
N LYS E 303 -4.47 49.99 -49.54
CA LYS E 303 -3.88 50.20 -50.85
C LYS E 303 -2.35 50.25 -50.75
N HIS E 304 -1.68 49.47 -51.57
CA HIS E 304 -0.22 49.47 -51.62
C HIS E 304 0.27 50.65 -52.47
N ASP E 305 1.47 51.15 -52.15
CA ASP E 305 2.07 52.28 -52.86
C ASP E 305 3.30 51.90 -53.69
N PHE E 306 3.79 50.68 -53.52
CA PHE E 306 5.00 50.24 -54.20
C PHE E 306 4.73 48.98 -54.99
N ASP E 307 4.69 49.14 -56.32
CA ASP E 307 4.73 47.99 -57.24
C ASP E 307 6.18 47.74 -57.65
N LEU E 308 6.43 46.73 -58.47
CA LEU E 308 7.81 46.29 -58.77
C LEU E 308 8.75 47.40 -59.28
N PRO E 309 8.28 48.26 -60.21
CA PRO E 309 9.10 49.42 -60.61
C PRO E 309 9.39 50.38 -59.45
N GLU E 310 8.35 50.78 -58.73
CA GLU E 310 8.49 51.75 -57.62
C GLU E 310 9.37 51.22 -56.48
N LEU E 311 9.26 49.92 -56.20
CA LEU E 311 10.14 49.23 -55.26
C LEU E 311 11.59 49.33 -55.70
N VAL E 312 11.88 48.71 -56.85
CA VAL E 312 13.23 48.72 -57.44
C VAL E 312 13.86 50.11 -57.41
N ALA E 313 13.10 51.12 -57.83
CA ALA E 313 13.58 52.50 -57.77
C ALA E 313 14.09 52.84 -56.38
N THR E 314 13.26 52.57 -55.37
CA THR E 314 13.56 52.98 -54.00
C THR E 314 14.74 52.21 -53.39
N MET E 315 14.79 50.90 -53.62
CA MET E 315 15.87 50.07 -53.09
C MET E 315 17.25 50.48 -53.62
N LEU E 316 17.31 50.83 -54.90
CA LEU E 316 18.58 51.18 -55.55
C LEU E 316 19.14 52.53 -55.09
N ASN E 317 18.26 53.42 -54.63
CA ASN E 317 18.67 54.71 -54.06
C ASN E 317 19.50 54.57 -52.78
N PHE E 318 19.45 53.40 -52.16
CA PHE E 318 20.23 53.10 -50.97
C PHE E 318 21.60 52.57 -51.39
N HIS E 319 21.61 51.64 -52.33
CA HIS E 319 22.85 51.03 -52.83
C HIS E 319 23.48 51.90 -53.91
N GLU F 10 -62.62 -15.09 18.83
CA GLU F 10 -61.87 -16.38 18.80
C GLU F 10 -60.89 -16.45 19.99
N PRO F 11 -60.71 -17.66 20.57
CA PRO F 11 -59.67 -17.81 21.60
C PRO F 11 -58.25 -17.70 21.03
N PRO F 12 -57.26 -17.44 21.90
CA PRO F 12 -55.89 -17.20 21.46
C PRO F 12 -55.17 -18.45 20.98
N ARG F 13 -54.26 -18.25 20.03
CA ARG F 13 -53.31 -19.28 19.60
C ARG F 13 -52.04 -18.99 20.37
N VAL F 14 -51.62 -19.91 21.22
CA VAL F 14 -50.53 -19.62 22.16
C VAL F 14 -49.32 -20.53 21.94
N LEU F 15 -48.14 -19.96 22.12
CA LEU F 15 -46.86 -20.67 21.99
C LEU F 15 -46.14 -20.56 23.32
N ILE F 16 -45.59 -21.66 23.80
CA ILE F 16 -44.79 -21.63 25.03
C ILE F 16 -43.38 -22.14 24.74
N THR F 17 -42.46 -21.21 24.51
CA THR F 17 -41.07 -21.55 24.27
C THR F 17 -40.36 -21.73 25.60
N GLY F 18 -40.87 -22.64 26.42
CA GLY F 18 -40.26 -22.94 27.70
C GLY F 18 -39.29 -24.07 27.50
N GLY F 19 -39.79 -25.30 27.35
CA GLY F 19 -41.22 -25.64 27.48
C GLY F 19 -41.43 -26.87 28.36
N LEU F 20 -40.39 -27.70 28.46
CA LEU F 20 -40.40 -28.88 29.31
C LEU F 20 -40.03 -28.54 30.77
N GLY F 21 -39.87 -27.26 31.07
CA GLY F 21 -39.62 -26.81 32.44
C GLY F 21 -40.83 -26.97 33.33
N GLN F 22 -40.59 -26.91 34.65
CA GLN F 22 -41.64 -27.04 35.66
C GLN F 22 -42.85 -26.13 35.36
N LEU F 23 -42.56 -24.87 35.02
CA LEU F 23 -43.60 -23.86 34.77
C LEU F 23 -44.32 -24.06 33.45
N GLY F 24 -43.56 -24.36 32.39
CA GLY F 24 -44.12 -24.54 31.05
C GLY F 24 -45.18 -25.64 30.98
N VAL F 25 -44.85 -26.80 31.56
CA VAL F 25 -45.77 -27.92 31.58
C VAL F 25 -47.02 -27.54 32.39
N GLY F 26 -46.79 -26.89 33.53
CA GLY F 26 -47.88 -26.39 34.38
C GLY F 26 -48.79 -25.39 33.69
N LEU F 27 -48.21 -24.51 32.87
CA LEU F 27 -48.99 -23.48 32.18
C LEU F 27 -49.74 -24.06 30.98
N ALA F 28 -49.11 -24.97 30.25
CA ALA F 28 -49.79 -25.64 29.15
C ALA F 28 -51.08 -26.28 29.67
N ASN F 29 -50.93 -27.10 30.70
CA ASN F 29 -52.07 -27.73 31.39
C ASN F 29 -53.25 -26.79 31.61
N LEU F 30 -52.95 -25.64 32.20
CA LEU F 30 -53.98 -24.68 32.58
C LEU F 30 -54.61 -24.05 31.35
N LEU F 31 -53.79 -23.53 30.44
CA LEU F 31 -54.27 -22.88 29.24
C LEU F 31 -55.05 -23.83 28.32
N ARG F 32 -54.69 -25.11 28.34
CA ARG F 32 -55.39 -26.12 27.54
C ARG F 32 -56.82 -26.39 28.05
N LYS F 33 -57.02 -26.30 29.36
CA LYS F 33 -58.36 -26.35 29.93
C LYS F 33 -59.16 -25.08 29.59
N ARG F 34 -58.45 -23.96 29.47
CA ARG F 34 -59.09 -22.67 29.23
C ARG F 34 -59.39 -22.43 27.74
N PHE F 35 -58.42 -22.74 26.89
CA PHE F 35 -58.54 -22.41 25.46
C PHE F 35 -58.65 -23.64 24.55
N GLY F 36 -58.60 -24.83 25.12
CA GLY F 36 -58.68 -26.06 24.32
C GLY F 36 -57.30 -26.63 24.03
N LYS F 37 -57.28 -27.91 23.70
CA LYS F 37 -56.04 -28.69 23.55
C LYS F 37 -55.14 -28.18 22.43
N ASP F 38 -55.72 -27.98 21.25
CA ASP F 38 -54.95 -27.69 20.04
C ASP F 38 -54.61 -26.20 19.86
N ASN F 39 -55.17 -25.35 20.71
CA ASN F 39 -54.86 -23.91 20.69
C ASN F 39 -53.59 -23.55 21.46
N VAL F 40 -52.95 -24.53 22.10
CA VAL F 40 -51.79 -24.29 22.95
C VAL F 40 -50.62 -25.21 22.58
N ILE F 41 -49.58 -24.60 21.98
CA ILE F 41 -48.42 -25.34 21.48
C ILE F 41 -47.22 -25.18 22.43
N LEU F 42 -46.68 -26.30 22.89
CA LEU F 42 -45.42 -26.31 23.64
C LEU F 42 -44.25 -26.37 22.67
N SER F 43 -43.08 -25.98 23.13
CA SER F 43 -41.87 -26.08 22.33
C SER F 43 -40.62 -26.06 23.19
N ASP F 44 -39.64 -26.86 22.81
CA ASP F 44 -38.36 -26.90 23.48
C ASP F 44 -37.32 -27.37 22.47
N ILE F 45 -36.09 -27.57 22.93
CA ILE F 45 -35.01 -28.11 22.08
C ILE F 45 -34.72 -29.58 22.42
N ARG F 46 -34.87 -29.94 23.69
CA ARG F 46 -34.50 -31.27 24.18
C ARG F 46 -35.63 -32.29 24.02
N LYS F 47 -35.30 -33.55 24.28
CA LYS F 47 -36.22 -34.67 24.13
C LYS F 47 -37.37 -34.60 25.15
N PRO F 48 -38.62 -34.47 24.66
CA PRO F 48 -39.78 -34.40 25.55
C PRO F 48 -40.28 -35.78 25.97
N PRO F 49 -40.70 -35.93 27.25
CA PRO F 49 -41.40 -37.18 27.65
C PRO F 49 -42.77 -37.33 26.99
N ALA F 50 -43.35 -38.53 27.10
CA ALA F 50 -44.56 -38.90 26.37
C ALA F 50 -45.83 -38.27 26.94
N HIS F 51 -45.89 -38.09 28.25
CA HIS F 51 -47.08 -37.52 28.90
C HIS F 51 -47.35 -36.08 28.48
N VAL F 52 -46.29 -35.27 28.34
CA VAL F 52 -46.43 -33.92 27.79
C VAL F 52 -46.67 -33.93 26.28
N PHE F 53 -46.11 -34.94 25.61
CA PHE F 53 -46.31 -35.15 24.17
C PHE F 53 -47.79 -35.37 23.85
N HIS F 54 -48.42 -36.24 24.62
CA HIS F 54 -49.84 -36.59 24.39
C HIS F 54 -50.81 -35.56 24.95
N SER F 55 -50.32 -34.69 25.82
CA SER F 55 -51.14 -33.61 26.38
C SER F 55 -51.69 -32.74 25.25
N GLY F 56 -50.82 -32.42 24.30
CA GLY F 56 -51.21 -31.60 23.16
C GLY F 56 -50.03 -31.32 22.24
N PRO F 57 -50.22 -30.42 21.26
CA PRO F 57 -49.18 -30.06 20.28
C PRO F 57 -47.83 -29.70 20.91
N PHE F 58 -46.78 -30.37 20.47
CA PHE F 58 -45.41 -30.01 20.82
C PHE F 58 -44.60 -29.84 19.52
N VAL F 59 -43.58 -28.98 19.55
CA VAL F 59 -42.67 -28.80 18.41
C VAL F 59 -41.22 -28.60 18.85
N TYR F 60 -40.30 -28.93 17.96
CA TYR F 60 -38.88 -28.64 18.16
C TYR F 60 -38.59 -27.26 17.59
N ALA F 61 -38.30 -26.31 18.47
CA ALA F 61 -38.02 -24.93 18.08
C ALA F 61 -36.67 -24.49 18.64
N ASN F 62 -35.92 -23.73 17.85
CA ASN F 62 -34.65 -23.18 18.27
C ASN F 62 -34.69 -21.67 18.20
N ILE F 63 -35.03 -21.03 19.31
CA ILE F 63 -35.13 -19.57 19.38
C ILE F 63 -33.82 -18.86 19.01
N LEU F 64 -32.69 -19.55 19.17
CA LEU F 64 -31.40 -19.03 18.70
C LEU F 64 -31.36 -18.89 17.18
N ASP F 65 -32.20 -19.66 16.50
CA ASP F 65 -32.36 -19.55 15.05
C ASP F 65 -33.64 -18.78 14.75
N TYR F 66 -33.48 -17.54 14.28
CA TYR F 66 -34.62 -16.67 14.01
C TYR F 66 -35.64 -17.31 13.09
N LYS F 67 -35.20 -17.84 11.95
CA LYS F 67 -36.11 -18.34 10.91
C LYS F 67 -37.02 -19.46 11.39
N SER F 68 -36.55 -20.27 12.33
CA SER F 68 -37.34 -21.38 12.89
C SER F 68 -38.44 -20.85 13.82
N LEU F 69 -38.13 -19.80 14.57
CA LEU F 69 -39.12 -19.17 15.46
C LEU F 69 -40.22 -18.46 14.67
N ARG F 70 -39.82 -17.77 13.60
CA ARG F 70 -40.76 -17.15 12.67
C ARG F 70 -41.65 -18.19 11.97
N GLU F 71 -41.07 -19.36 11.67
CA GLU F 71 -41.79 -20.44 11.01
C GLU F 71 -43.02 -20.85 11.83
N ILE F 72 -42.77 -21.26 13.08
CA ILE F 72 -43.82 -21.68 13.99
C ILE F 72 -44.87 -20.61 14.19
N VAL F 73 -44.40 -19.38 14.44
CA VAL F 73 -45.29 -18.26 14.72
C VAL F 73 -46.30 -18.04 13.58
N VAL F 74 -45.82 -18.06 12.34
CA VAL F 74 -46.69 -17.88 11.18
C VAL F 74 -47.50 -19.14 10.91
N ASN F 75 -46.82 -20.29 10.84
CA ASN F 75 -47.47 -21.55 10.51
C ASN F 75 -48.64 -21.87 11.42
N HIS F 76 -48.41 -21.78 12.74
CA HIS F 76 -49.46 -22.05 13.73
C HIS F 76 -50.23 -20.79 14.15
N ARG F 77 -50.07 -19.70 13.40
CA ARG F 77 -50.87 -18.47 13.59
C ARG F 77 -50.88 -17.98 15.04
N ILE F 78 -49.71 -17.98 15.67
CA ILE F 78 -49.56 -17.64 17.09
C ILE F 78 -49.94 -16.18 17.36
N SER F 79 -50.72 -15.95 18.43
CA SER F 79 -51.04 -14.59 18.89
C SER F 79 -50.54 -14.29 20.31
N TRP F 80 -50.42 -15.32 21.14
CA TRP F 80 -49.86 -15.22 22.50
C TRP F 80 -48.58 -16.05 22.59
N LEU F 81 -47.52 -15.47 23.14
CA LEU F 81 -46.26 -16.20 23.31
C LEU F 81 -45.79 -16.09 24.75
N PHE F 82 -45.47 -17.23 25.35
CA PHE F 82 -44.91 -17.29 26.71
C PHE F 82 -43.47 -17.81 26.64
N HIS F 83 -42.52 -16.90 26.86
CA HIS F 83 -41.12 -17.22 26.70
C HIS F 83 -40.54 -17.68 28.03
N TYR F 84 -40.31 -18.98 28.17
CA TYR F 84 -39.78 -19.55 29.42
C TYR F 84 -38.35 -20.10 29.34
N SER F 85 -37.66 -19.92 28.21
CA SER F 85 -36.26 -20.37 28.10
C SER F 85 -35.35 -19.59 29.04
N VAL F 102 -26.90 -16.64 24.70
CA VAL F 102 -27.95 -17.66 24.54
C VAL F 102 -29.26 -17.21 25.18
N ASN F 103 -29.19 -16.72 26.43
CA ASN F 103 -30.32 -16.04 27.05
C ASN F 103 -30.70 -14.79 26.27
N ILE F 104 -29.74 -13.89 26.11
CA ILE F 104 -29.95 -12.60 25.47
C ILE F 104 -30.35 -12.76 24.00
N THR F 105 -29.55 -13.51 23.24
CA THR F 105 -29.80 -13.73 21.81
C THR F 105 -31.20 -14.31 21.56
N GLY F 106 -31.56 -15.30 22.35
CA GLY F 106 -32.87 -15.94 22.26
C GLY F 106 -34.00 -14.96 22.52
N LEU F 107 -33.79 -14.07 23.50
CA LEU F 107 -34.78 -13.06 23.83
C LEU F 107 -34.94 -12.05 22.70
N HIS F 108 -33.82 -11.67 22.09
CA HIS F 108 -33.81 -10.68 21.03
C HIS F 108 -34.60 -11.15 19.82
N ASN F 109 -34.48 -12.45 19.52
CA ASN F 109 -35.23 -13.06 18.42
C ASN F 109 -36.69 -13.15 18.75
N VAL F 110 -36.97 -13.55 19.99
CA VAL F 110 -38.34 -13.61 20.50
C VAL F 110 -39.04 -12.23 20.39
N LEU F 111 -38.33 -11.17 20.75
CA LEU F 111 -38.90 -9.83 20.69
C LEU F 111 -39.19 -9.41 19.25
N ASP F 112 -38.25 -9.67 18.35
CA ASP F 112 -38.38 -9.29 16.94
C ASP F 112 -39.53 -10.00 16.23
N VAL F 113 -39.67 -11.29 16.46
CA VAL F 113 -40.76 -12.07 15.86
C VAL F 113 -42.10 -11.66 16.47
N ALA F 114 -42.12 -11.42 17.78
CA ALA F 114 -43.33 -10.99 18.46
C ALA F 114 -43.78 -9.59 18.03
N ALA F 115 -42.82 -8.74 17.69
CA ALA F 115 -43.13 -7.39 17.25
C ALA F 115 -43.65 -7.40 15.82
N GLU F 116 -42.97 -8.14 14.95
CA GLU F 116 -43.30 -8.16 13.52
C GLU F 116 -44.69 -8.75 13.26
N TYR F 117 -45.01 -9.85 13.93
CA TYR F 117 -46.28 -10.55 13.71
C TYR F 117 -47.30 -10.24 14.82
N ASN F 118 -47.29 -9.00 15.29
CA ASN F 118 -48.16 -8.52 16.36
C ASN F 118 -48.61 -9.60 17.35
N VAL F 119 -47.65 -10.14 18.07
CA VAL F 119 -47.88 -11.19 19.05
C VAL F 119 -47.83 -10.57 20.43
N ARG F 120 -48.65 -11.10 21.34
CA ARG F 120 -48.61 -10.71 22.75
C ARG F 120 -47.54 -11.55 23.46
N LEU F 121 -46.49 -10.89 23.94
CA LEU F 121 -45.35 -11.59 24.51
C LEU F 121 -45.33 -11.50 26.02
N PHE F 122 -45.36 -12.66 26.68
CA PHE F 122 -45.06 -12.74 28.11
C PHE F 122 -43.64 -13.24 28.32
N VAL F 123 -42.89 -12.54 29.16
CA VAL F 123 -41.58 -13.02 29.60
C VAL F 123 -41.46 -12.80 31.11
N PRO F 124 -41.13 -13.86 31.86
CA PRO F 124 -41.05 -13.73 33.30
C PRO F 124 -39.78 -12.99 33.75
N SER F 125 -39.90 -12.20 34.80
CA SER F 125 -38.73 -11.69 35.51
C SER F 125 -38.71 -12.36 36.88
N THR F 126 -38.02 -11.77 37.84
CA THR F 126 -37.78 -12.45 39.12
C THR F 126 -37.36 -11.48 40.23
N ILE F 127 -37.51 -11.94 41.48
CA ILE F 127 -37.01 -11.19 42.64
C ILE F 127 -35.48 -11.10 42.64
N GLY F 128 -34.82 -11.93 41.83
CA GLY F 128 -33.41 -11.80 41.56
C GLY F 128 -33.01 -10.54 40.80
N ALA F 129 -33.99 -9.83 40.26
CA ALA F 129 -33.74 -8.58 39.52
C ALA F 129 -33.51 -7.37 40.41
N PHE F 130 -33.61 -7.54 41.74
CA PHE F 130 -33.29 -6.47 42.67
C PHE F 130 -31.92 -6.74 43.29
N GLY F 131 -31.35 -5.70 43.89
CA GLY F 131 -30.01 -5.78 44.51
C GLY F 131 -29.97 -5.18 45.90
N PRO F 132 -28.79 -5.21 46.55
CA PRO F 132 -28.64 -4.63 47.89
C PRO F 132 -29.11 -3.19 47.99
N THR F 133 -28.82 -2.40 46.96
CA THR F 133 -29.21 -0.99 46.94
C THR F 133 -30.71 -0.78 46.71
N SER F 134 -31.43 -1.85 46.38
CA SER F 134 -32.88 -1.77 46.22
C SER F 134 -33.55 -1.62 47.58
N PRO F 135 -34.76 -1.03 47.60
CA PRO F 135 -35.56 -1.08 48.83
C PRO F 135 -36.08 -2.50 49.04
N ARG F 136 -35.83 -3.08 50.22
CA ARG F 136 -36.08 -4.51 50.44
C ARG F 136 -37.31 -4.83 51.31
N ASN F 137 -37.99 -3.80 51.81
CA ASN F 137 -38.99 -3.99 52.86
C ASN F 137 -40.18 -3.01 52.82
N PRO F 138 -40.98 -3.07 51.76
CA PRO F 138 -40.91 -3.96 50.61
C PRO F 138 -40.19 -3.35 49.42
N ALA F 139 -39.99 -4.15 48.39
CA ALA F 139 -39.50 -3.67 47.10
C ALA F 139 -40.71 -3.23 46.30
N PRO F 140 -40.77 -1.95 45.90
CA PRO F 140 -41.85 -1.52 45.04
C PRO F 140 -41.65 -1.95 43.57
N ASP F 141 -42.66 -1.68 42.75
CA ASP F 141 -42.60 -1.99 41.32
C ASP F 141 -41.53 -1.20 40.59
N LEU F 142 -41.31 0.05 41.00
CA LEU F 142 -40.35 0.93 40.35
C LEU F 142 -39.33 1.41 41.37
N CYS F 143 -38.09 0.96 41.20
CA CYS F 143 -37.01 1.30 42.13
C CYS F 143 -35.65 0.94 41.57
N ILE F 144 -34.61 1.24 42.35
CA ILE F 144 -33.24 0.87 42.02
C ILE F 144 -33.19 -0.64 41.78
N GLN F 145 -32.54 -1.04 40.68
CA GLN F 145 -32.39 -2.44 40.33
C GLN F 145 -30.95 -2.68 39.86
N ARG F 146 -30.10 -3.10 40.80
CA ARG F 146 -28.70 -3.39 40.50
C ARG F 146 -28.37 -4.77 41.02
N PRO F 147 -28.96 -5.81 40.39
CA PRO F 147 -28.75 -7.16 40.89
C PRO F 147 -27.28 -7.57 40.79
N ARG F 148 -26.80 -8.27 41.80
CA ARG F 148 -25.44 -8.79 41.80
C ARG F 148 -25.48 -10.29 41.54
N THR F 149 -26.11 -10.65 40.43
CA THR F 149 -26.24 -12.03 39.98
C THR F 149 -26.57 -12.05 38.47
N ILE F 150 -25.88 -12.89 37.71
CA ILE F 150 -26.01 -12.92 36.24
C ILE F 150 -27.46 -13.08 35.78
N TYR F 151 -28.23 -13.91 36.49
CA TYR F 151 -29.62 -14.17 36.16
C TYR F 151 -30.47 -12.89 36.22
N GLY F 152 -30.31 -12.13 37.30
CA GLY F 152 -31.09 -10.93 37.53
C GLY F 152 -30.70 -9.80 36.62
N VAL F 153 -29.40 -9.69 36.34
CA VAL F 153 -28.91 -8.66 35.42
C VAL F 153 -29.51 -8.91 34.03
N SER F 154 -29.59 -10.18 33.64
CA SER F 154 -30.21 -10.53 32.35
C SER F 154 -31.74 -10.35 32.39
N LYS F 155 -32.35 -10.53 33.55
CA LYS F 155 -33.78 -10.24 33.70
C LYS F 155 -34.10 -8.74 33.76
N VAL F 156 -33.23 -7.93 34.35
CA VAL F 156 -33.40 -6.48 34.26
C VAL F 156 -33.39 -6.09 32.77
N HIS F 157 -32.41 -6.60 32.06
CA HIS F 157 -32.26 -6.35 30.64
C HIS F 157 -33.51 -6.75 29.89
N THR F 158 -34.04 -7.92 30.25
CA THR F 158 -35.29 -8.43 29.68
C THR F 158 -36.45 -7.48 29.98
N GLU F 159 -36.48 -6.93 31.18
CA GLU F 159 -37.50 -5.95 31.55
C GLU F 159 -37.40 -4.71 30.67
N LEU F 160 -36.19 -4.18 30.52
CA LEU F 160 -35.99 -2.92 29.83
C LEU F 160 -36.10 -3.08 28.31
N MET F 161 -35.69 -4.23 27.79
CA MET F 161 -35.80 -4.49 26.36
C MET F 161 -37.25 -4.68 25.97
N GLY F 162 -38.00 -5.39 26.80
CA GLY F 162 -39.42 -5.60 26.56
C GLY F 162 -40.24 -4.32 26.61
N GLU F 163 -39.90 -3.45 27.57
CA GLU F 163 -40.57 -2.15 27.69
C GLU F 163 -40.15 -1.17 26.60
N TYR F 164 -38.90 -1.24 26.16
CA TYR F 164 -38.42 -0.40 25.06
C TYR F 164 -39.14 -0.75 23.76
N TYR F 165 -39.38 -2.04 23.54
CA TYR F 165 -40.11 -2.48 22.36
C TYR F 165 -41.58 -2.07 22.40
N TYR F 166 -42.13 -1.92 23.60
CA TYR F 166 -43.52 -1.47 23.73
C TYR F 166 -43.70 0.01 23.38
N TYR F 167 -42.71 0.83 23.72
CA TYR F 167 -42.80 2.26 23.43
C TYR F 167 -42.31 2.60 22.01
N ARG F 168 -41.22 1.99 21.58
CA ARG F 168 -40.66 2.24 20.24
C ARG F 168 -41.57 1.65 19.16
N TYR F 169 -41.89 0.37 19.30
CA TYR F 169 -42.79 -0.34 18.39
C TYR F 169 -44.09 -0.62 19.14
N GLY F 170 -44.99 -1.39 18.54
CA GLY F 170 -46.29 -1.65 19.18
C GLY F 170 -46.34 -2.88 20.09
N LEU F 171 -45.19 -3.37 20.53
CA LEU F 171 -45.12 -4.71 21.14
C LEU F 171 -45.90 -4.80 22.44
N ASP F 172 -46.91 -5.67 22.46
CA ASP F 172 -47.67 -5.95 23.67
C ASP F 172 -46.85 -6.87 24.58
N PHE F 173 -45.88 -6.28 25.26
CA PHE F 173 -44.98 -6.97 26.18
C PHE F 173 -45.58 -6.91 27.58
N ARG F 174 -45.60 -8.06 28.26
CA ARG F 174 -46.15 -8.15 29.61
C ARG F 174 -45.24 -9.03 30.44
N CYS F 175 -44.87 -8.53 31.63
CA CYS F 175 -43.81 -9.14 32.42
C CYS F 175 -44.20 -9.19 33.88
N LEU F 176 -44.03 -10.34 34.51
CA LEU F 176 -44.28 -10.47 35.94
C LEU F 176 -43.01 -10.87 36.68
N ARG F 177 -42.75 -10.24 37.82
CA ARG F 177 -41.63 -10.60 38.66
C ARG F 177 -42.04 -11.72 39.60
N TYR F 178 -41.58 -12.93 39.31
CA TYR F 178 -41.92 -14.11 40.11
C TYR F 178 -41.16 -14.13 41.42
N PRO F 179 -41.89 -14.33 42.54
CA PRO F 179 -41.22 -14.74 43.77
C PRO F 179 -40.59 -16.10 43.59
N GLY F 180 -40.01 -16.63 44.66
CA GLY F 180 -39.52 -18.00 44.65
C GLY F 180 -40.72 -18.92 44.47
N ILE F 181 -40.69 -19.75 43.44
CA ILE F 181 -41.81 -20.66 43.18
C ILE F 181 -41.63 -21.93 44.01
N ILE F 182 -42.76 -22.52 44.42
CA ILE F 182 -42.79 -23.78 45.17
C ILE F 182 -43.76 -24.75 44.49
N SER F 183 -43.26 -25.96 44.20
CA SER F 183 -44.07 -27.02 43.59
C SER F 183 -43.46 -28.38 43.89
N ALA F 184 -44.14 -29.44 43.49
CA ALA F 184 -43.59 -30.80 43.61
C ALA F 184 -44.21 -31.74 42.59
N THR F 192 -31.47 -20.73 45.51
CA THR F 192 -31.66 -20.04 46.79
C THR F 192 -32.97 -20.45 47.46
N THR F 193 -33.97 -20.76 46.63
CA THR F 193 -35.22 -21.38 47.07
C THR F 193 -35.10 -22.90 46.99
N ASP F 194 -33.94 -23.43 47.41
CA ASP F 194 -33.69 -24.87 47.36
C ASP F 194 -34.44 -25.53 48.52
N TYR F 195 -34.25 -25.00 49.72
CA TYR F 195 -34.84 -25.58 50.93
C TYR F 195 -36.37 -25.55 50.92
N ALA F 196 -36.97 -24.49 50.38
CA ALA F 196 -38.41 -24.26 50.47
C ALA F 196 -39.26 -25.29 49.72
N VAL F 197 -38.65 -26.07 48.84
CA VAL F 197 -39.32 -27.23 48.23
C VAL F 197 -38.80 -28.55 48.84
N GLN F 198 -37.50 -28.61 49.13
CA GLN F 198 -36.88 -29.83 49.64
C GLN F 198 -37.23 -30.14 51.10
N ILE F 199 -37.67 -29.14 51.85
CA ILE F 199 -38.05 -29.32 53.25
C ILE F 199 -39.30 -30.20 53.39
N PHE F 200 -40.14 -30.21 52.36
CA PHE F 200 -41.36 -31.01 52.37
C PHE F 200 -41.13 -32.53 52.26
N HIS F 201 -39.90 -32.95 51.96
CA HIS F 201 -39.55 -34.37 51.92
C HIS F 201 -39.31 -34.94 53.32
N ALA F 202 -38.59 -34.18 54.14
CA ALA F 202 -38.27 -34.61 55.52
C ALA F 202 -39.39 -34.30 56.52
N ALA F 203 -40.40 -33.54 56.10
CA ALA F 203 -41.53 -33.19 56.96
C ALA F 203 -42.67 -34.20 56.83
N ALA F 204 -42.79 -34.83 55.67
CA ALA F 204 -43.74 -35.93 55.47
C ALA F 204 -43.36 -37.17 56.27
N LYS F 205 -42.08 -37.29 56.60
CA LYS F 205 -41.57 -38.40 57.43
C LYS F 205 -41.21 -37.98 58.86
N ASN F 206 -41.51 -36.73 59.23
CA ASN F 206 -41.18 -36.18 60.55
C ASN F 206 -39.70 -36.25 60.94
N GLY F 207 -38.81 -36.32 59.95
CA GLY F 207 -37.38 -36.41 60.20
C GLY F 207 -36.79 -35.04 60.47
N THR F 208 -35.47 -34.96 60.52
CA THR F 208 -34.76 -33.68 60.59
C THR F 208 -34.48 -33.17 59.18
N PHE F 209 -34.11 -31.89 59.07
CA PHE F 209 -33.79 -31.29 57.78
C PHE F 209 -32.71 -30.21 57.93
N GLU F 210 -31.67 -30.30 57.12
CA GLU F 210 -30.59 -29.32 57.10
C GLU F 210 -30.97 -28.18 56.15
N CYS F 211 -31.02 -26.96 56.70
CA CYS F 211 -31.40 -25.78 55.95
C CYS F 211 -30.19 -24.89 55.72
N ASN F 212 -29.96 -24.53 54.46
CA ASN F 212 -28.76 -23.78 54.06
C ASN F 212 -28.84 -22.25 54.28
N LEU F 213 -29.99 -21.76 54.74
CA LEU F 213 -30.17 -20.32 55.01
C LEU F 213 -30.44 -20.04 56.47
N GLU F 214 -29.92 -18.90 56.96
CA GLU F 214 -30.06 -18.51 58.37
C GLU F 214 -31.53 -18.45 58.80
N ALA F 215 -31.77 -18.84 60.06
CA ALA F 215 -33.12 -19.05 60.58
C ALA F 215 -34.12 -17.95 60.22
N GLY F 216 -33.68 -16.69 60.30
CA GLY F 216 -34.58 -15.55 60.06
C GLY F 216 -34.41 -14.87 58.72
N THR F 217 -34.14 -15.65 57.67
CA THR F 217 -33.95 -15.11 56.31
C THR F 217 -35.27 -15.06 55.53
N ARG F 218 -35.93 -13.91 55.59
CA ARG F 218 -37.22 -13.73 54.93
C ARG F 218 -37.06 -13.51 53.43
N LEU F 219 -37.81 -14.28 52.65
CA LEU F 219 -37.90 -14.09 51.21
C LEU F 219 -39.37 -14.12 50.75
N PRO F 220 -39.66 -13.52 49.57
CA PRO F 220 -40.96 -13.60 48.92
C PRO F 220 -41.17 -14.94 48.23
N MET F 221 -42.33 -15.56 48.45
CA MET F 221 -42.59 -16.91 47.96
C MET F 221 -43.99 -17.02 47.37
N MET F 222 -44.21 -18.09 46.60
CA MET F 222 -45.49 -18.30 45.95
C MET F 222 -45.66 -19.75 45.50
N TYR F 223 -46.85 -20.30 45.69
CA TYR F 223 -47.18 -21.64 45.19
C TYR F 223 -47.39 -21.56 43.68
N ILE F 224 -47.00 -22.62 42.97
CA ILE F 224 -46.96 -22.61 41.51
C ILE F 224 -48.32 -22.27 40.88
N SER F 225 -49.40 -22.79 41.46
CA SER F 225 -50.74 -22.49 40.97
C SER F 225 -51.04 -20.99 40.94
N ASP F 226 -50.55 -20.25 41.93
CA ASP F 226 -50.71 -18.78 41.95
C ASP F 226 -49.85 -18.11 40.88
N CYS F 227 -48.62 -18.58 40.74
CA CYS F 227 -47.70 -18.02 39.76
C CYS F 227 -48.22 -18.20 38.33
N LEU F 228 -48.79 -19.38 38.05
CA LEU F 228 -49.33 -19.68 36.72
C LEU F 228 -50.59 -18.87 36.43
N ARG F 229 -51.49 -18.81 37.41
CA ARG F 229 -52.74 -18.06 37.26
C ARG F 229 -52.47 -16.56 37.04
N ALA F 230 -51.54 -16.02 37.80
CA ALA F 230 -51.10 -14.63 37.63
C ALA F 230 -50.62 -14.37 36.21
N THR F 231 -49.81 -15.30 35.70
CA THR F 231 -49.31 -15.24 34.33
C THR F 231 -50.45 -15.17 33.32
N LEU F 232 -51.47 -16.01 33.50
CA LEU F 232 -52.62 -16.01 32.59
C LEU F 232 -53.42 -14.72 32.71
N GLU F 233 -53.69 -14.29 33.94
CA GLU F 233 -54.56 -13.15 34.18
C GLU F 233 -54.00 -11.82 33.66
N VAL F 234 -52.69 -11.60 33.81
CA VAL F 234 -52.07 -10.38 33.30
C VAL F 234 -52.10 -10.36 31.76
N MET F 235 -52.10 -11.56 31.16
CA MET F 235 -52.25 -11.71 29.71
C MET F 235 -53.68 -11.48 29.25
N GLU F 236 -54.64 -12.01 30.00
CA GLU F 236 -56.06 -11.78 29.71
C GLU F 236 -56.44 -10.32 29.90
N ALA F 237 -55.78 -9.64 30.84
CA ALA F 237 -56.09 -8.26 31.17
C ALA F 237 -56.13 -7.33 29.94
N PRO F 238 -56.98 -6.30 29.96
CA PRO F 238 -57.03 -5.36 28.85
C PRO F 238 -55.89 -4.36 28.91
N ALA F 239 -55.28 -4.09 27.76
CA ALA F 239 -54.10 -3.23 27.68
C ALA F 239 -54.28 -1.86 28.32
N GLU F 240 -55.51 -1.35 28.32
CA GLU F 240 -55.77 0.06 28.65
C GLU F 240 -55.60 0.32 30.16
N ARG F 241 -55.83 -0.72 30.97
CA ARG F 241 -55.82 -0.57 32.43
C ARG F 241 -54.43 -0.78 33.05
N LEU F 242 -53.43 -1.11 32.23
CA LEU F 242 -52.07 -1.39 32.71
C LEU F 242 -51.19 -0.14 32.79
N SER F 243 -50.90 0.32 33.99
CA SER F 243 -50.08 1.53 34.17
C SER F 243 -48.59 1.30 33.87
N MET F 244 -48.18 0.03 33.82
CA MET F 244 -46.82 -0.34 33.43
C MET F 244 -46.80 -1.78 32.92
N ARG F 245 -45.69 -2.18 32.31
CA ARG F 245 -45.62 -3.51 31.70
C ARG F 245 -44.87 -4.57 32.52
N THR F 246 -44.12 -4.15 33.54
CA THR F 246 -43.56 -5.09 34.50
C THR F 246 -44.18 -4.90 35.89
N TYR F 247 -44.83 -5.96 36.38
CA TYR F 247 -45.45 -5.94 37.70
C TYR F 247 -44.78 -6.93 38.65
N ASN F 248 -44.60 -6.50 39.89
CA ASN F 248 -44.43 -7.43 41.00
C ASN F 248 -45.73 -8.22 41.18
N ILE F 249 -45.61 -9.48 41.60
CA ILE F 249 -46.74 -10.22 42.13
C ILE F 249 -46.30 -10.87 43.43
N SER F 250 -47.18 -10.85 44.42
CA SER F 250 -46.86 -11.36 45.75
C SER F 250 -47.93 -12.29 46.28
N ALA F 251 -47.58 -13.02 47.32
CA ALA F 251 -48.50 -13.91 48.02
C ALA F 251 -48.12 -13.98 49.48
N MET F 252 -46.89 -14.40 49.75
CA MET F 252 -46.38 -14.46 51.11
C MET F 252 -44.89 -14.19 51.13
N SER F 253 -44.39 -13.87 52.31
CA SER F 253 -42.96 -13.71 52.53
C SER F 253 -42.62 -14.39 53.83
N PHE F 254 -42.16 -15.64 53.75
CA PHE F 254 -41.80 -16.38 54.96
C PHE F 254 -40.31 -16.58 55.13
N THR F 255 -39.97 -16.92 56.36
CA THR F 255 -38.61 -17.18 56.80
C THR F 255 -38.54 -18.68 57.08
N PRO F 256 -37.35 -19.31 56.93
CA PRO F 256 -37.21 -20.75 57.19
C PRO F 256 -37.82 -21.17 58.54
N GLU F 257 -37.50 -20.38 59.57
CA GLU F 257 -38.06 -20.52 60.92
C GLU F 257 -39.60 -20.53 60.91
N GLU F 258 -40.21 -19.66 60.12
CA GLU F 258 -41.66 -19.56 60.03
C GLU F 258 -42.26 -20.73 59.25
N LEU F 259 -41.53 -21.24 58.26
CA LEU F 259 -41.97 -22.42 57.51
C LEU F 259 -41.92 -23.67 58.37
N ALA F 260 -40.91 -23.76 59.23
CA ALA F 260 -40.82 -24.82 60.24
C ALA F 260 -42.04 -24.77 61.18
N GLN F 261 -42.34 -23.57 61.68
CA GLN F 261 -43.54 -23.33 62.49
C GLN F 261 -44.80 -23.91 61.84
N ALA F 262 -45.01 -23.61 60.56
CA ALA F 262 -46.23 -24.00 59.86
C ALA F 262 -46.32 -25.50 59.57
N LEU F 263 -45.18 -26.18 59.60
CA LEU F 263 -45.12 -27.63 59.36
C LEU F 263 -45.39 -28.44 60.64
N ARG F 264 -45.05 -27.86 61.79
CA ARG F 264 -45.33 -28.50 63.09
C ARG F 264 -46.80 -28.49 63.46
N LYS F 265 -47.61 -27.75 62.69
CA LYS F 265 -49.05 -27.84 62.79
C LYS F 265 -49.49 -29.22 62.32
N HIS F 266 -48.81 -29.75 61.30
CA HIS F 266 -49.10 -31.07 60.73
C HIS F 266 -48.08 -32.17 61.07
N ALA F 267 -46.97 -31.80 61.72
CA ALA F 267 -45.89 -32.75 61.99
C ALA F 267 -44.93 -32.20 63.04
N PRO F 268 -45.37 -32.18 64.32
CA PRO F 268 -44.61 -31.51 65.39
C PRO F 268 -43.27 -32.15 65.75
N ASP F 269 -43.06 -33.41 65.39
CA ASP F 269 -41.81 -34.10 65.67
C ASP F 269 -40.74 -33.83 64.61
N PHE F 270 -41.11 -33.14 63.54
CA PHE F 270 -40.16 -32.59 62.60
C PHE F 270 -39.24 -31.59 63.30
N GLN F 271 -37.99 -31.51 62.85
CA GLN F 271 -37.02 -30.58 63.42
C GLN F 271 -36.17 -29.93 62.36
N ILE F 272 -35.75 -28.69 62.65
CA ILE F 272 -35.00 -27.87 61.71
C ILE F 272 -33.60 -27.64 62.28
N THR F 273 -32.59 -27.86 61.44
CA THR F 273 -31.21 -27.60 61.80
C THR F 273 -30.56 -26.75 60.70
N TYR F 274 -29.66 -25.85 61.10
CA TYR F 274 -29.10 -24.85 60.20
C TYR F 274 -27.58 -24.99 60.04
N CYS F 275 -27.15 -25.28 58.82
CA CYS F 275 -25.74 -25.16 58.44
C CYS F 275 -25.67 -24.13 57.31
N VAL F 276 -25.32 -22.89 57.66
CA VAL F 276 -25.40 -21.76 56.73
C VAL F 276 -24.35 -21.86 55.60
N ASP F 277 -24.81 -21.59 54.38
CA ASP F 277 -23.95 -21.53 53.18
C ASP F 277 -23.82 -20.06 52.77
N PRO F 278 -22.79 -19.34 53.27
CA PRO F 278 -22.72 -17.87 53.14
C PRO F 278 -22.71 -17.32 51.70
N LEU F 279 -22.56 -18.18 50.70
CA LEU F 279 -22.70 -17.78 49.30
C LEU F 279 -24.17 -17.74 48.87
N ARG F 280 -24.92 -18.79 49.20
CA ARG F 280 -26.39 -18.79 48.98
C ARG F 280 -27.09 -17.81 49.92
N GLN F 281 -26.51 -17.58 51.10
CA GLN F 281 -27.03 -16.58 52.02
C GLN F 281 -26.89 -15.19 51.42
N ALA F 282 -25.65 -14.82 51.09
CA ALA F 282 -25.35 -13.52 50.49
C ALA F 282 -26.28 -13.14 49.34
N ILE F 283 -26.70 -14.14 48.56
CA ILE F 283 -27.68 -13.92 47.49
C ILE F 283 -29.03 -13.52 48.10
N ALA F 284 -29.54 -14.34 49.01
CA ALA F 284 -30.79 -14.03 49.70
C ALA F 284 -30.72 -12.68 50.43
N GLU F 285 -29.55 -12.31 50.93
CA GLU F 285 -29.35 -10.99 51.56
C GLU F 285 -29.38 -9.86 50.54
N SER F 286 -29.11 -10.20 49.28
CA SER F 286 -29.14 -9.22 48.18
C SER F 286 -30.54 -9.09 47.58
N TRP F 287 -31.42 -10.03 47.91
CA TRP F 287 -32.78 -10.04 47.39
C TRP F 287 -33.74 -9.35 48.36
N PRO F 288 -34.93 -8.97 47.87
CA PRO F 288 -35.88 -8.29 48.77
C PRO F 288 -36.50 -9.27 49.77
N MET F 289 -36.96 -8.75 50.89
CA MET F 289 -37.63 -9.59 51.89
C MET F 289 -39.09 -9.72 51.52
N ILE F 290 -39.72 -8.59 51.17
CA ILE F 290 -41.11 -8.55 50.76
C ILE F 290 -41.26 -7.78 49.45
N LEU F 291 -42.24 -8.19 48.64
CA LEU F 291 -42.48 -7.62 47.32
C LEU F 291 -43.82 -6.87 47.35
N ASP F 292 -43.80 -5.59 47.03
CA ASP F 292 -45.02 -4.79 46.97
C ASP F 292 -45.70 -4.89 45.61
N ASP F 293 -46.89 -5.49 45.58
CA ASP F 293 -47.64 -5.66 44.34
C ASP F 293 -48.91 -4.81 44.30
N SER F 294 -48.84 -3.61 44.88
CA SER F 294 -49.97 -2.69 44.92
C SER F 294 -50.59 -2.51 43.54
N ASN F 295 -49.75 -2.14 42.58
CA ASN F 295 -50.19 -1.82 41.22
C ASN F 295 -50.90 -2.98 40.53
N ALA F 296 -50.38 -4.20 40.73
CA ALA F 296 -50.94 -5.41 40.13
C ALA F 296 -52.38 -5.66 40.58
N ARG F 297 -52.67 -5.31 41.82
CA ARG F 297 -53.99 -5.52 42.40
C ARG F 297 -54.94 -4.43 41.94
N LYS F 298 -54.45 -3.19 41.95
CA LYS F 298 -55.21 -2.04 41.47
C LYS F 298 -55.53 -2.18 39.98
N ASP F 299 -54.49 -2.36 39.16
CA ASP F 299 -54.60 -2.32 37.70
C ASP F 299 -55.33 -3.50 37.06
N TRP F 300 -55.05 -4.73 37.51
CA TRP F 300 -55.70 -5.92 36.92
C TRP F 300 -56.21 -6.97 37.91
N GLY F 301 -56.40 -6.58 39.17
CA GLY F 301 -57.12 -7.41 40.13
C GLY F 301 -56.40 -8.66 40.60
N TRP F 302 -55.07 -8.60 40.67
CA TRP F 302 -54.31 -9.74 41.16
C TRP F 302 -54.65 -10.02 42.62
N LYS F 303 -54.88 -11.28 42.92
CA LYS F 303 -55.19 -11.72 44.27
C LYS F 303 -54.71 -13.15 44.43
N HIS F 304 -53.93 -13.40 45.49
CA HIS F 304 -53.35 -14.73 45.72
C HIS F 304 -54.32 -15.61 46.50
N ASP F 305 -54.32 -16.91 46.20
CA ASP F 305 -55.24 -17.88 46.82
C ASP F 305 -54.57 -18.77 47.88
N PHE F 306 -53.24 -18.85 47.86
CA PHE F 306 -52.49 -19.70 48.77
C PHE F 306 -51.58 -18.88 49.68
N ASP F 307 -51.94 -18.76 50.95
CA ASP F 307 -51.03 -18.21 51.95
C ASP F 307 -50.22 -19.37 52.54
N LEU F 308 -49.41 -19.10 53.57
CA LEU F 308 -48.50 -20.11 54.09
C LEU F 308 -49.19 -21.37 54.61
N PRO F 309 -50.18 -21.24 55.52
CA PRO F 309 -50.95 -22.42 55.92
C PRO F 309 -51.51 -23.23 54.75
N GLU F 310 -52.16 -22.54 53.82
CA GLU F 310 -52.80 -23.19 52.68
C GLU F 310 -51.76 -23.86 51.79
N LEU F 311 -50.65 -23.17 51.56
CA LEU F 311 -49.54 -23.72 50.78
C LEU F 311 -49.02 -25.03 51.39
N VAL F 312 -48.65 -24.97 52.67
CA VAL F 312 -48.18 -26.14 53.41
C VAL F 312 -49.20 -27.28 53.33
N ALA F 313 -50.48 -26.94 53.43
CA ALA F 313 -51.56 -27.93 53.34
C ALA F 313 -51.57 -28.63 51.97
N THR F 314 -51.70 -27.86 50.90
CA THR F 314 -51.77 -28.41 49.54
C THR F 314 -50.51 -29.16 49.16
N MET F 315 -49.38 -28.70 49.68
CA MET F 315 -48.08 -29.30 49.38
C MET F 315 -48.00 -30.73 49.94
N LEU F 316 -48.28 -30.89 51.23
CA LEU F 316 -48.18 -32.18 51.90
C LEU F 316 -49.16 -33.24 51.38
N ASN F 317 -50.26 -32.80 50.77
CA ASN F 317 -51.24 -33.72 50.19
C ASN F 317 -50.66 -34.58 49.07
N PHE F 318 -49.87 -33.98 48.19
CA PHE F 318 -49.24 -34.71 47.08
C PHE F 318 -48.27 -35.78 47.56
N HIS F 319 -47.71 -35.59 48.75
CA HIS F 319 -46.90 -36.61 49.40
C HIS F 319 -47.76 -37.43 50.34
N PRO G 11 -15.15 -64.13 3.33
CA PRO G 11 -15.88 -63.58 4.47
C PRO G 11 -15.39 -62.16 4.81
N PRO G 12 -16.21 -61.13 4.55
CA PRO G 12 -15.73 -59.76 4.65
C PRO G 12 -15.64 -59.23 6.08
N ARG G 13 -14.69 -58.33 6.30
CA ARG G 13 -14.57 -57.62 7.58
C ARG G 13 -15.44 -56.38 7.51
N VAL G 14 -16.42 -56.29 8.42
CA VAL G 14 -17.50 -55.31 8.31
C VAL G 14 -17.40 -54.21 9.37
N LEU G 15 -17.71 -52.98 8.97
CA LEU G 15 -17.74 -51.83 9.87
C LEU G 15 -19.08 -51.10 9.72
N ILE G 16 -19.74 -50.80 10.84
CA ILE G 16 -21.07 -50.19 10.82
C ILE G 16 -21.12 -48.91 11.67
N THR G 17 -21.16 -47.75 10.99
CA THR G 17 -21.35 -46.45 11.64
C THR G 17 -22.75 -45.97 11.31
N GLY G 18 -23.47 -45.30 12.21
CA GLY G 18 -23.19 -45.22 13.63
C GLY G 18 -24.18 -46.22 14.18
N GLY G 19 -23.68 -47.33 14.69
CA GLY G 19 -24.50 -48.51 14.88
C GLY G 19 -25.23 -48.69 16.19
N LEU G 20 -25.55 -47.59 16.87
CA LEU G 20 -26.41 -47.65 18.05
C LEU G 20 -27.86 -47.33 17.69
N GLY G 21 -28.11 -46.94 16.45
CA GLY G 21 -29.42 -46.45 16.04
C GLY G 21 -30.35 -47.52 15.52
N GLN G 22 -30.53 -48.59 16.29
CA GLN G 22 -31.55 -49.63 16.03
C GLN G 22 -31.32 -50.47 14.77
N LEU G 23 -31.18 -49.83 13.62
CA LEU G 23 -30.83 -50.52 12.39
C LEU G 23 -29.45 -51.13 12.49
N GLY G 24 -28.50 -50.34 12.97
CA GLY G 24 -27.11 -50.78 13.12
C GLY G 24 -26.97 -52.02 13.98
N VAL G 25 -27.60 -52.02 15.15
CA VAL G 25 -27.55 -53.18 16.05
C VAL G 25 -28.22 -54.39 15.39
N GLY G 26 -29.32 -54.15 14.69
CA GLY G 26 -30.04 -55.20 14.01
C GLY G 26 -29.21 -55.81 12.90
N LEU G 27 -28.56 -54.95 12.12
CA LEU G 27 -27.70 -55.41 11.03
C LEU G 27 -26.52 -56.20 11.57
N ALA G 28 -25.95 -55.74 12.69
CA ALA G 28 -24.85 -56.43 13.36
C ALA G 28 -25.25 -57.84 13.77
N ASN G 29 -26.40 -57.94 14.45
CA ASN G 29 -27.02 -59.23 14.74
C ASN G 29 -26.99 -60.16 13.54
N LEU G 30 -27.55 -59.70 12.43
CA LEU G 30 -27.72 -60.54 11.25
C LEU G 30 -26.40 -60.93 10.61
N LEU G 31 -25.52 -59.95 10.44
CA LEU G 31 -24.24 -60.18 9.77
C LEU G 31 -23.28 -61.04 10.59
N ARG G 32 -23.37 -60.94 11.91
CA ARG G 32 -22.58 -61.79 12.80
C ARG G 32 -23.05 -63.24 12.74
N LYS G 33 -24.34 -63.46 12.51
CA LYS G 33 -24.86 -64.81 12.33
C LYS G 33 -24.47 -65.42 10.98
N ARG G 34 -24.02 -64.59 10.03
CA ARG G 34 -23.56 -65.10 8.74
C ARG G 34 -22.03 -65.14 8.67
N PHE G 35 -21.39 -64.02 8.97
CA PHE G 35 -19.94 -63.89 8.82
C PHE G 35 -19.16 -64.17 10.09
N GLY G 36 -19.80 -64.02 11.26
CA GLY G 36 -19.16 -64.36 12.53
C GLY G 36 -18.91 -63.16 13.41
N LYS G 37 -19.09 -63.34 14.72
CA LYS G 37 -19.02 -62.27 15.71
C LYS G 37 -17.89 -61.26 15.45
N ASP G 38 -16.66 -61.75 15.36
CA ASP G 38 -15.49 -60.87 15.32
C ASP G 38 -15.26 -60.17 13.98
N ASN G 39 -16.01 -60.55 12.95
CA ASN G 39 -15.90 -59.91 11.64
C ASN G 39 -16.77 -58.68 11.46
N VAL G 40 -17.65 -58.41 12.43
CA VAL G 40 -18.54 -57.26 12.36
C VAL G 40 -18.22 -56.28 13.48
N ILE G 41 -17.46 -55.25 13.14
CA ILE G 41 -17.09 -54.19 14.07
C ILE G 41 -18.22 -53.16 14.09
N LEU G 42 -18.77 -52.90 15.27
CA LEU G 42 -19.74 -51.80 15.45
C LEU G 42 -19.00 -50.50 15.73
N SER G 43 -19.66 -49.38 15.49
CA SER G 43 -19.04 -48.06 15.69
C SER G 43 -20.05 -46.96 15.95
N ASP G 44 -19.71 -46.05 16.85
CA ASP G 44 -20.49 -44.84 17.09
C ASP G 44 -19.70 -43.86 17.94
N ILE G 45 -20.14 -42.61 17.97
CA ILE G 45 -19.49 -41.55 18.76
C ILE G 45 -20.04 -41.43 20.19
N ARG G 46 -21.00 -42.28 20.55
CA ARG G 46 -21.59 -42.30 21.90
C ARG G 46 -21.28 -43.64 22.60
N LYS G 47 -21.21 -43.61 23.93
CA LYS G 47 -20.84 -44.79 24.72
C LYS G 47 -21.91 -45.87 24.60
N PRO G 48 -21.53 -47.07 24.11
CA PRO G 48 -22.55 -48.09 23.89
C PRO G 48 -23.16 -48.60 25.19
N PRO G 49 -24.44 -48.99 25.17
CA PRO G 49 -25.02 -49.58 26.38
C PRO G 49 -24.51 -50.99 26.65
N ALA G 50 -24.74 -51.48 27.88
CA ALA G 50 -24.26 -52.78 28.35
C ALA G 50 -24.32 -53.89 27.28
N HIS G 51 -25.53 -54.11 26.77
CA HIS G 51 -25.80 -55.17 25.78
C HIS G 51 -24.82 -55.18 24.60
N VAL G 52 -24.48 -53.98 24.10
CA VAL G 52 -23.72 -53.86 22.86
C VAL G 52 -22.23 -54.22 22.98
N PHE G 53 -21.63 -53.98 24.16
CA PHE G 53 -20.20 -54.27 24.37
C PHE G 53 -19.86 -55.72 24.07
N HIS G 54 -20.57 -56.63 24.74
CA HIS G 54 -20.23 -58.05 24.74
C HIS G 54 -20.89 -58.79 23.58
N SER G 55 -21.67 -58.04 22.79
CA SER G 55 -22.25 -58.54 21.54
C SER G 55 -21.16 -58.88 20.52
N GLY G 56 -20.19 -57.98 20.40
CA GLY G 56 -19.07 -58.15 19.49
C GLY G 56 -18.17 -56.93 19.50
N PRO G 57 -17.16 -56.90 18.61
CA PRO G 57 -16.22 -55.77 18.56
C PRO G 57 -16.92 -54.41 18.48
N PHE G 58 -16.41 -53.43 19.22
CA PHE G 58 -16.93 -52.08 19.19
C PHE G 58 -15.78 -51.09 19.30
N VAL G 59 -15.94 -49.96 18.61
CA VAL G 59 -14.92 -48.91 18.58
C VAL G 59 -15.57 -47.53 18.49
N TYR G 60 -14.99 -46.56 19.17
CA TYR G 60 -15.37 -45.17 18.96
C TYR G 60 -14.72 -44.71 17.68
N ALA G 61 -15.49 -44.01 16.84
CA ALA G 61 -14.98 -43.53 15.56
C ALA G 61 -15.68 -42.24 15.17
N ASN G 62 -14.93 -41.15 15.12
CA ASN G 62 -15.46 -39.87 14.72
C ASN G 62 -15.35 -39.75 13.20
N ILE G 63 -16.47 -39.96 12.52
CA ILE G 63 -16.52 -39.87 11.05
C ILE G 63 -16.16 -38.47 10.55
N LEU G 64 -16.35 -37.46 11.39
CA LEU G 64 -15.92 -36.08 11.09
C LEU G 64 -14.40 -35.93 11.09
N ASP G 65 -13.70 -36.85 11.72
CA ASP G 65 -12.23 -36.85 11.76
C ASP G 65 -11.69 -37.90 10.80
N TYR G 66 -11.18 -37.45 9.65
CA TYR G 66 -10.73 -38.36 8.61
C TYR G 66 -9.75 -39.42 9.15
N LYS G 67 -8.69 -38.97 9.81
CA LYS G 67 -7.66 -39.86 10.35
C LYS G 67 -8.22 -40.97 11.25
N SER G 68 -9.24 -40.64 12.05
CA SER G 68 -9.88 -41.65 12.90
C SER G 68 -10.57 -42.71 12.04
N LEU G 69 -11.14 -42.29 10.93
CA LEU G 69 -11.81 -43.20 10.02
C LEU G 69 -10.79 -44.02 9.22
N ARG G 70 -9.75 -43.37 8.72
CA ARG G 70 -8.62 -44.10 8.10
C ARG G 70 -7.97 -45.07 9.11
N GLU G 71 -7.86 -44.63 10.36
CA GLU G 71 -7.29 -45.44 11.44
C GLU G 71 -7.95 -46.80 11.55
N ILE G 72 -9.24 -46.84 11.86
CA ILE G 72 -9.86 -48.11 12.22
C ILE G 72 -10.07 -48.97 10.97
N VAL G 73 -10.30 -48.32 9.82
CA VAL G 73 -10.47 -49.03 8.54
C VAL G 73 -9.20 -49.77 8.10
N VAL G 74 -8.03 -49.18 8.33
CA VAL G 74 -6.75 -49.84 8.03
C VAL G 74 -6.45 -50.94 9.05
N ASN G 75 -6.57 -50.60 10.33
CA ASN G 75 -6.23 -51.51 11.42
C ASN G 75 -7.09 -52.78 11.49
N HIS G 76 -8.35 -52.67 11.06
CA HIS G 76 -9.27 -53.81 11.11
C HIS G 76 -9.44 -54.50 9.75
N ARG G 77 -8.72 -54.03 8.74
CA ARG G 77 -8.79 -54.61 7.39
C ARG G 77 -10.24 -54.71 6.91
N ILE G 78 -10.95 -53.59 6.96
CA ILE G 78 -12.37 -53.53 6.61
C ILE G 78 -12.54 -53.62 5.10
N SER G 79 -13.45 -54.49 4.65
CA SER G 79 -13.81 -54.57 3.22
C SER G 79 -15.24 -54.06 2.93
N TRP G 80 -16.15 -54.17 3.89
CA TRP G 80 -17.53 -53.66 3.77
C TRP G 80 -17.81 -52.60 4.82
N LEU G 81 -18.51 -51.53 4.43
CA LEU G 81 -18.89 -50.46 5.36
C LEU G 81 -20.34 -50.04 5.17
N PHE G 82 -21.12 -50.10 6.25
CA PHE G 82 -22.50 -49.62 6.23
C PHE G 82 -22.62 -48.28 6.97
N HIS G 83 -22.92 -47.23 6.23
CA HIS G 83 -22.97 -45.87 6.80
C HIS G 83 -24.37 -45.49 7.26
N TYR G 84 -24.71 -45.89 8.49
CA TYR G 84 -25.98 -45.53 9.13
C TYR G 84 -25.91 -44.27 9.99
N SER G 85 -24.78 -43.57 9.99
CA SER G 85 -24.62 -42.38 10.84
C SER G 85 -25.74 -41.37 10.60
N ALA G 86 -26.04 -41.13 9.33
CA ALA G 86 -27.14 -40.24 8.94
C ALA G 86 -28.49 -40.96 9.11
N ALA G 99 -25.80 -30.01 12.76
CA ALA G 99 -26.66 -31.14 12.36
C ALA G 99 -26.74 -31.27 10.85
N ARG G 100 -27.10 -30.17 10.18
CA ARG G 100 -27.24 -30.15 8.72
C ARG G 100 -25.89 -30.34 8.01
N ASP G 101 -24.83 -29.74 8.56
CA ASP G 101 -23.50 -29.82 7.96
C ASP G 101 -22.69 -31.04 8.44
N VAL G 102 -22.87 -31.42 9.70
CA VAL G 102 -22.24 -32.63 10.27
C VAL G 102 -22.43 -33.85 9.35
N ASN G 103 -23.65 -34.03 8.85
CA ASN G 103 -23.97 -35.15 7.96
C ASN G 103 -23.18 -35.12 6.65
N ILE G 104 -23.25 -33.99 5.96
CA ILE G 104 -22.65 -33.84 4.63
C ILE G 104 -21.13 -34.00 4.69
N THR G 105 -20.50 -33.32 5.65
CA THR G 105 -19.06 -33.39 5.81
C THR G 105 -18.59 -34.78 6.27
N GLY G 106 -19.44 -35.46 7.04
CA GLY G 106 -19.17 -36.82 7.48
C GLY G 106 -19.26 -37.83 6.35
N LEU G 107 -20.26 -37.66 5.50
CA LEU G 107 -20.44 -38.50 4.31
C LEU G 107 -19.20 -38.42 3.41
N HIS G 108 -18.69 -37.21 3.22
CA HIS G 108 -17.53 -37.00 2.37
C HIS G 108 -16.29 -37.76 2.87
N ASN G 109 -16.15 -37.88 4.19
CA ASN G 109 -15.06 -38.65 4.78
C ASN G 109 -15.23 -40.14 4.53
N VAL G 110 -16.43 -40.63 4.76
CA VAL G 110 -16.81 -42.01 4.44
C VAL G 110 -16.57 -42.33 2.95
N LEU G 111 -16.91 -41.38 2.08
CA LEU G 111 -16.70 -41.57 0.64
C LEU G 111 -15.22 -41.66 0.26
N ASP G 112 -14.39 -40.82 0.88
CA ASP G 112 -12.97 -40.77 0.54
C ASP G 112 -12.24 -42.03 1.02
N VAL G 113 -12.41 -42.37 2.29
CA VAL G 113 -11.82 -43.58 2.86
C VAL G 113 -12.24 -44.81 2.06
N ALA G 114 -13.53 -44.96 1.83
CA ALA G 114 -14.07 -46.15 1.16
C ALA G 114 -13.47 -46.36 -0.22
N ALA G 115 -13.38 -45.28 -0.99
CA ALA G 115 -12.81 -45.34 -2.34
C ALA G 115 -11.32 -45.64 -2.28
N GLU G 116 -10.62 -44.93 -1.40
CA GLU G 116 -9.16 -45.04 -1.26
C GLU G 116 -8.69 -46.43 -0.82
N TYR G 117 -9.43 -47.07 0.08
CA TYR G 117 -9.05 -48.39 0.60
C TYR G 117 -9.91 -49.52 0.02
N ASN G 118 -10.44 -49.28 -1.18
CA ASN G 118 -11.20 -50.28 -1.93
C ASN G 118 -12.31 -50.96 -1.13
N VAL G 119 -13.04 -50.15 -0.36
CA VAL G 119 -14.09 -50.65 0.52
C VAL G 119 -15.42 -50.60 -0.21
N ARG G 120 -16.27 -51.60 0.04
CA ARG G 120 -17.63 -51.60 -0.47
C ARG G 120 -18.54 -50.82 0.48
N LEU G 121 -19.12 -49.73 -0.02
CA LEU G 121 -19.88 -48.83 0.83
C LEU G 121 -21.40 -49.00 0.66
N PHE G 122 -22.09 -49.10 1.79
CA PHE G 122 -23.55 -48.98 1.82
C PHE G 122 -23.98 -47.73 2.58
N VAL G 123 -24.72 -46.86 1.92
CA VAL G 123 -25.39 -45.76 2.59
C VAL G 123 -26.87 -45.83 2.21
N PRO G 124 -27.76 -45.80 3.21
CA PRO G 124 -29.18 -45.87 2.90
C PRO G 124 -29.72 -44.54 2.43
N SER G 125 -30.74 -44.60 1.58
CA SER G 125 -31.55 -43.42 1.25
C SER G 125 -32.96 -43.69 1.77
N THR G 126 -33.95 -42.98 1.25
CA THR G 126 -35.29 -43.01 1.83
C THR G 126 -36.37 -42.53 0.85
N ILE G 127 -37.62 -42.92 1.13
CA ILE G 127 -38.77 -42.37 0.41
C ILE G 127 -38.86 -40.85 0.56
N GLY G 128 -38.21 -40.32 1.59
CA GLY G 128 -38.03 -38.88 1.74
C GLY G 128 -37.23 -38.24 0.63
N ALA G 129 -36.62 -39.03 -0.25
CA ALA G 129 -35.81 -38.51 -1.35
C ALA G 129 -36.63 -37.99 -2.55
N PHE G 130 -37.94 -38.19 -2.51
CA PHE G 130 -38.83 -37.72 -3.56
C PHE G 130 -39.67 -36.54 -3.07
N GLY G 131 -40.20 -35.75 -4.01
CA GLY G 131 -41.07 -34.61 -3.69
C GLY G 131 -42.33 -34.61 -4.53
N PRO G 132 -43.19 -33.60 -4.36
CA PRO G 132 -44.44 -33.45 -5.11
C PRO G 132 -44.29 -33.62 -6.62
N THR G 133 -43.23 -33.04 -7.18
CA THR G 133 -42.97 -33.10 -8.61
C THR G 133 -42.56 -34.50 -9.09
N SER G 134 -42.30 -35.42 -8.15
CA SER G 134 -42.03 -36.81 -8.48
C SER G 134 -43.31 -37.54 -8.90
N PRO G 135 -43.18 -38.63 -9.68
CA PRO G 135 -44.30 -39.54 -9.85
C PRO G 135 -44.50 -40.26 -8.52
N ARG G 136 -45.75 -40.46 -8.12
CA ARG G 136 -46.01 -40.96 -6.77
C ARG G 136 -46.82 -42.26 -6.68
N ASN G 137 -47.32 -42.76 -7.81
CA ASN G 137 -48.17 -43.94 -7.82
C ASN G 137 -47.94 -44.81 -9.05
N PRO G 138 -46.77 -45.47 -9.13
CA PRO G 138 -45.68 -45.52 -8.16
C PRO G 138 -44.50 -44.65 -8.54
N ALA G 139 -43.58 -44.51 -7.60
CA ALA G 139 -42.32 -43.83 -7.86
C ALA G 139 -41.31 -44.84 -8.41
N PRO G 140 -40.80 -44.62 -9.64
CA PRO G 140 -39.74 -45.50 -10.15
C PRO G 140 -38.37 -45.19 -9.56
N ASP G 141 -37.41 -46.08 -9.81
CA ASP G 141 -36.03 -45.89 -9.36
C ASP G 141 -35.38 -44.61 -9.86
N LEU G 142 -35.53 -44.32 -11.16
CA LEU G 142 -35.02 -43.09 -11.78
C LEU G 142 -36.15 -42.13 -12.13
N CYS G 143 -36.21 -40.99 -11.44
CA CYS G 143 -37.20 -39.96 -11.73
C CYS G 143 -36.83 -38.61 -11.11
N ILE G 144 -37.66 -37.61 -11.38
CA ILE G 144 -37.56 -36.29 -10.74
C ILE G 144 -37.48 -36.45 -9.25
N GLN G 145 -36.48 -35.84 -8.62
CA GLN G 145 -36.31 -35.86 -7.17
C GLN G 145 -36.06 -34.47 -6.61
N ARG G 146 -37.11 -33.85 -6.06
CA ARG G 146 -37.01 -32.53 -5.45
C ARG G 146 -37.75 -32.52 -4.14
N PRO G 147 -37.17 -33.14 -3.11
CA PRO G 147 -37.83 -33.19 -1.81
C PRO G 147 -37.90 -31.82 -1.16
N ARG G 148 -38.93 -31.60 -0.34
CA ARG G 148 -39.12 -30.34 0.36
C ARG G 148 -38.79 -30.50 1.86
N THR G 149 -38.00 -31.52 2.16
CA THR G 149 -37.47 -31.78 3.50
C THR G 149 -35.94 -31.69 3.43
N ILE G 150 -35.30 -31.24 4.50
CA ILE G 150 -33.84 -31.11 4.53
C ILE G 150 -33.18 -32.48 4.50
N TYR G 151 -33.72 -33.38 5.30
CA TYR G 151 -33.28 -34.78 5.34
C TYR G 151 -33.37 -35.45 3.96
N GLY G 152 -34.37 -35.08 3.17
CA GLY G 152 -34.55 -35.63 1.83
C GLY G 152 -33.54 -35.08 0.87
N VAL G 153 -33.30 -33.77 0.97
CA VAL G 153 -32.32 -33.08 0.12
C VAL G 153 -30.93 -33.62 0.33
N SER G 154 -30.56 -33.82 1.59
CA SER G 154 -29.25 -34.35 1.94
C SER G 154 -29.12 -35.81 1.52
N LYS G 155 -30.24 -36.52 1.48
CA LYS G 155 -30.25 -37.90 0.98
C LYS G 155 -30.23 -38.00 -0.56
N VAL G 156 -30.75 -36.98 -1.25
CA VAL G 156 -30.55 -36.89 -2.71
C VAL G 156 -29.07 -36.66 -2.99
N HIS G 157 -28.45 -35.79 -2.19
CA HIS G 157 -27.01 -35.50 -2.31
C HIS G 157 -26.18 -36.75 -2.06
N THR G 158 -26.62 -37.56 -1.10
CA THR G 158 -25.94 -38.79 -0.74
C THR G 158 -25.95 -39.79 -1.89
N GLU G 159 -27.10 -39.93 -2.55
CA GLU G 159 -27.24 -40.80 -3.72
C GLU G 159 -26.31 -40.36 -4.87
N LEU G 160 -26.29 -39.07 -5.14
CA LEU G 160 -25.55 -38.56 -6.29
C LEU G 160 -24.04 -38.51 -6.06
N MET G 161 -23.62 -38.27 -4.82
CA MET G 161 -22.19 -38.23 -4.48
C MET G 161 -21.59 -39.62 -4.52
N GLY G 162 -22.32 -40.60 -3.99
CA GLY G 162 -21.90 -41.99 -4.04
C GLY G 162 -21.79 -42.52 -5.45
N GLU G 163 -22.75 -42.13 -6.29
CA GLU G 163 -22.73 -42.51 -7.71
C GLU G 163 -21.62 -41.79 -8.45
N TYR G 164 -21.41 -40.51 -8.15
CA TYR G 164 -20.30 -39.77 -8.73
C TYR G 164 -18.97 -40.49 -8.45
N TYR G 165 -18.76 -40.88 -7.20
CA TYR G 165 -17.56 -41.60 -6.80
C TYR G 165 -17.45 -42.97 -7.47
N TYR G 166 -18.59 -43.59 -7.78
CA TYR G 166 -18.58 -44.85 -8.50
C TYR G 166 -18.06 -44.69 -9.93
N TYR G 167 -18.45 -43.60 -10.58
CA TYR G 167 -18.07 -43.36 -11.98
C TYR G 167 -16.69 -42.72 -12.09
N ARG G 168 -16.42 -41.73 -11.27
CA ARG G 168 -15.14 -41.01 -11.31
C ARG G 168 -14.00 -41.93 -10.86
N TYR G 169 -14.15 -42.49 -9.67
CA TYR G 169 -13.21 -43.47 -9.13
C TYR G 169 -13.90 -44.84 -9.21
N GLY G 170 -13.35 -45.85 -8.54
CA GLY G 170 -13.96 -47.18 -8.62
C GLY G 170 -14.83 -47.56 -7.44
N LEU G 171 -15.25 -46.58 -6.64
CA LEU G 171 -15.94 -46.86 -5.37
C LEU G 171 -17.17 -47.73 -5.59
N ASP G 172 -17.22 -48.84 -4.85
CA ASP G 172 -18.34 -49.79 -4.93
C ASP G 172 -19.48 -49.28 -4.05
N PHE G 173 -20.21 -48.31 -4.55
CA PHE G 173 -21.26 -47.63 -3.79
C PHE G 173 -22.60 -48.30 -4.06
N ARG G 174 -23.29 -48.71 -2.99
CA ARG G 174 -24.58 -49.37 -3.12
C ARG G 174 -25.58 -48.70 -2.19
N CYS G 175 -26.75 -48.36 -2.73
CA CYS G 175 -27.73 -47.56 -2.00
C CYS G 175 -29.13 -48.09 -2.21
N LEU G 176 -29.87 -48.27 -1.12
CA LEU G 176 -31.28 -48.65 -1.20
C LEU G 176 -32.11 -47.53 -0.60
N ARG G 177 -33.27 -47.26 -1.20
CA ARG G 177 -34.21 -46.30 -0.64
C ARG G 177 -35.14 -47.04 0.31
N TYR G 178 -34.96 -46.82 1.60
CA TYR G 178 -35.82 -47.45 2.60
C TYR G 178 -37.21 -46.82 2.58
N PRO G 179 -38.25 -47.67 2.63
CA PRO G 179 -39.57 -47.16 2.98
C PRO G 179 -39.63 -46.75 4.45
N GLY G 180 -40.82 -46.49 4.96
CA GLY G 180 -41.02 -46.32 6.39
C GLY G 180 -40.72 -47.64 7.08
N ILE G 181 -39.67 -47.68 7.89
CA ILE G 181 -39.28 -48.91 8.59
C ILE G 181 -40.11 -49.09 9.86
N ILE G 182 -40.58 -50.32 10.07
CA ILE G 182 -41.44 -50.66 11.21
C ILE G 182 -40.82 -51.79 12.03
N SER G 183 -40.83 -51.61 13.35
CA SER G 183 -40.35 -52.64 14.28
C SER G 183 -40.82 -52.33 15.69
N ALA G 184 -40.60 -53.26 16.62
CA ALA G 184 -41.04 -53.11 18.00
C ALA G 184 -40.09 -52.19 18.80
N ASP G 185 -39.91 -50.97 18.30
CA ASP G 185 -39.01 -49.98 18.91
C ASP G 185 -39.20 -48.61 18.25
N GLY G 190 -41.34 -39.83 17.67
CA GLY G 190 -41.43 -39.76 16.21
C GLY G 190 -41.88 -38.39 15.71
N GLY G 191 -41.84 -38.17 14.39
CA GLY G 191 -41.55 -39.18 13.37
C GLY G 191 -42.74 -39.33 12.41
N THR G 192 -42.47 -39.25 11.10
CA THR G 192 -43.53 -39.18 10.09
C THR G 192 -44.25 -40.52 9.83
N THR G 193 -43.51 -41.62 9.93
CA THR G 193 -44.10 -42.95 9.76
C THR G 193 -44.17 -43.68 11.11
N ASP G 194 -44.40 -42.93 12.19
CA ASP G 194 -44.43 -43.51 13.54
C ASP G 194 -45.84 -43.88 13.99
N TYR G 195 -46.86 -43.25 13.41
CA TYR G 195 -48.22 -43.69 13.66
C TYR G 195 -48.27 -45.20 13.47
N ALA G 196 -47.61 -45.68 12.41
CA ALA G 196 -47.59 -47.10 12.07
C ALA G 196 -46.89 -47.95 13.11
N VAL G 197 -45.96 -47.37 13.86
CA VAL G 197 -45.22 -48.13 14.87
C VAL G 197 -45.82 -48.01 16.28
N GLN G 198 -46.30 -46.81 16.61
CA GLN G 198 -46.89 -46.54 17.93
C GLN G 198 -48.27 -47.16 18.10
N ILE G 199 -48.96 -47.40 16.98
CA ILE G 199 -50.30 -47.98 16.98
C ILE G 199 -50.37 -49.37 17.61
N PHE G 200 -49.27 -50.12 17.55
CA PHE G 200 -49.23 -51.49 18.07
C PHE G 200 -49.27 -51.58 19.60
N HIS G 201 -48.99 -50.48 20.29
CA HIS G 201 -49.06 -50.43 21.75
C HIS G 201 -50.50 -50.29 22.22
N ALA G 202 -51.27 -49.45 21.53
CA ALA G 202 -52.71 -49.28 21.80
C ALA G 202 -53.49 -50.56 21.48
N ALA G 203 -53.22 -51.14 20.31
CA ALA G 203 -53.72 -52.46 19.96
C ALA G 203 -53.05 -53.49 20.87
N ALA G 204 -53.58 -54.73 20.87
CA ALA G 204 -53.19 -55.77 21.84
C ALA G 204 -53.80 -55.51 23.22
N LYS G 205 -53.82 -54.24 23.64
CA LYS G 205 -54.66 -53.79 24.76
C LYS G 205 -56.10 -53.47 24.31
N ASN G 206 -56.35 -53.51 23.00
CA ASN G 206 -57.67 -53.25 22.41
C ASN G 206 -58.21 -51.84 22.71
N GLY G 207 -57.31 -50.85 22.70
CA GLY G 207 -57.66 -49.48 23.06
C GLY G 207 -57.83 -48.53 21.88
N THR G 208 -58.19 -47.29 22.18
CA THR G 208 -58.23 -46.22 21.17
C THR G 208 -56.81 -45.77 20.88
N PHE G 209 -56.56 -45.41 19.62
CA PHE G 209 -55.27 -44.87 19.19
C PHE G 209 -55.51 -43.60 18.38
N GLU G 210 -54.81 -42.52 18.76
CA GLU G 210 -54.91 -41.26 18.05
C GLU G 210 -53.86 -41.21 16.95
N CYS G 211 -54.32 -41.23 15.70
CA CYS G 211 -53.45 -41.26 14.53
C CYS G 211 -53.21 -39.85 14.00
N ASN G 212 -51.94 -39.47 13.89
CA ASN G 212 -51.58 -38.11 13.47
C ASN G 212 -51.69 -37.82 11.96
N LEU G 213 -51.99 -38.83 11.15
CA LEU G 213 -52.20 -38.64 9.71
C LEU G 213 -53.63 -38.98 9.32
N GLU G 214 -54.08 -38.44 8.18
CA GLU G 214 -55.43 -38.71 7.68
C GLU G 214 -55.59 -40.17 7.25
N ALA G 215 -56.82 -40.66 7.30
CA ALA G 215 -57.12 -42.09 7.24
C ALA G 215 -56.72 -42.77 5.93
N GLY G 216 -56.65 -42.03 4.83
CA GLY G 216 -56.28 -42.58 3.52
C GLY G 216 -54.88 -42.23 3.05
N THR G 217 -53.98 -41.91 3.99
CA THR G 217 -52.63 -41.47 3.64
C THR G 217 -51.73 -42.67 3.40
N ARG G 218 -51.59 -43.04 2.13
CA ARG G 218 -50.86 -44.23 1.74
C ARG G 218 -49.38 -43.91 1.66
N LEU G 219 -48.56 -44.82 2.19
CA LEU G 219 -47.10 -44.67 2.19
C LEU G 219 -46.41 -46.04 2.10
N PRO G 220 -45.24 -46.11 1.44
CA PRO G 220 -44.46 -47.34 1.46
C PRO G 220 -43.98 -47.69 2.86
N MET G 221 -44.11 -48.96 3.23
CA MET G 221 -43.78 -49.40 4.58
C MET G 221 -43.07 -50.74 4.48
N MET G 222 -42.27 -51.05 5.48
CA MET G 222 -41.48 -52.29 5.49
C MET G 222 -41.14 -52.71 6.91
N TYR G 223 -41.13 -54.02 7.15
CA TYR G 223 -40.67 -54.57 8.42
C TYR G 223 -39.14 -54.55 8.45
N ILE G 224 -38.58 -54.32 9.64
CA ILE G 224 -37.14 -54.17 9.80
C ILE G 224 -36.31 -55.38 9.35
N SER G 225 -36.91 -56.57 9.39
CA SER G 225 -36.24 -57.79 8.92
C SER G 225 -36.07 -57.77 7.40
N ASP G 226 -37.09 -57.27 6.70
CA ASP G 226 -37.01 -57.14 5.25
C ASP G 226 -35.98 -56.08 4.90
N CYS G 227 -36.08 -54.93 5.55
CA CYS G 227 -35.16 -53.82 5.32
C CYS G 227 -33.70 -54.23 5.54
N LEU G 228 -33.45 -54.96 6.63
CA LEU G 228 -32.11 -55.44 6.93
C LEU G 228 -31.64 -56.54 5.97
N ARG G 229 -32.55 -57.42 5.55
CA ARG G 229 -32.19 -58.50 4.63
C ARG G 229 -31.80 -57.98 3.24
N ALA G 230 -32.60 -57.02 2.73
CA ALA G 230 -32.31 -56.36 1.47
C ALA G 230 -30.95 -55.69 1.46
N THR G 231 -30.57 -55.14 2.62
CA THR G 231 -29.32 -54.42 2.76
C THR G 231 -28.13 -55.34 2.58
N LEU G 232 -28.19 -56.51 3.20
CA LEU G 232 -27.19 -57.54 3.03
C LEU G 232 -27.21 -58.11 1.60
N GLU G 233 -28.41 -58.32 1.06
CA GLU G 233 -28.54 -58.96 -0.25
C GLU G 233 -27.93 -58.14 -1.38
N VAL G 234 -28.20 -56.84 -1.39
CA VAL G 234 -27.63 -55.95 -2.40
C VAL G 234 -26.12 -55.85 -2.26
N MET G 235 -25.61 -55.97 -1.04
CA MET G 235 -24.17 -56.01 -0.80
C MET G 235 -23.56 -57.35 -1.23
N GLU G 236 -24.30 -58.44 -1.04
CA GLU G 236 -23.85 -59.77 -1.48
C GLU G 236 -23.89 -59.91 -3.01
N ALA G 237 -24.80 -59.20 -3.67
CA ALA G 237 -24.98 -59.34 -5.11
C ALA G 237 -23.70 -59.00 -5.87
N PRO G 238 -23.52 -59.61 -7.07
CA PRO G 238 -22.34 -59.28 -7.88
C PRO G 238 -22.47 -57.92 -8.57
N ALA G 239 -21.37 -57.18 -8.62
CA ALA G 239 -21.34 -55.86 -9.23
C ALA G 239 -21.87 -55.86 -10.68
N GLU G 240 -21.62 -56.95 -11.40
CA GLU G 240 -21.99 -57.08 -12.81
C GLU G 240 -23.50 -57.12 -13.01
N ARG G 241 -24.23 -57.38 -11.93
CA ARG G 241 -25.67 -57.53 -11.99
C ARG G 241 -26.40 -56.21 -11.65
N LEU G 242 -25.65 -55.18 -11.26
CA LEU G 242 -26.23 -53.91 -10.78
C LEU G 242 -26.33 -52.81 -11.85
N SER G 243 -27.48 -52.73 -12.52
CA SER G 243 -27.71 -51.73 -13.59
C SER G 243 -27.54 -50.29 -13.11
N MET G 244 -27.93 -50.05 -11.87
CA MET G 244 -27.79 -48.74 -11.23
C MET G 244 -27.29 -48.96 -9.82
N ARG G 245 -26.94 -47.89 -9.13
CA ARG G 245 -26.36 -48.00 -7.80
C ARG G 245 -27.31 -47.63 -6.66
N THR G 246 -28.43 -46.96 -6.97
CA THR G 246 -29.46 -46.66 -5.99
C THR G 246 -30.77 -47.36 -6.39
N TYR G 247 -31.22 -48.28 -5.54
CA TYR G 247 -32.45 -49.02 -5.78
C TYR G 247 -33.54 -48.70 -4.76
N ASN G 248 -34.75 -48.47 -5.25
CA ASN G 248 -35.93 -48.58 -4.40
C ASN G 248 -36.08 -50.01 -3.95
N ILE G 249 -36.62 -50.19 -2.75
CA ILE G 249 -37.04 -51.50 -2.28
C ILE G 249 -38.40 -51.35 -1.66
N SER G 250 -39.28 -52.30 -1.95
CA SER G 250 -40.66 -52.21 -1.52
C SER G 250 -41.14 -53.54 -0.96
N ALA G 251 -42.20 -53.45 -0.15
CA ALA G 251 -42.84 -54.62 0.45
C ALA G 251 -44.35 -54.41 0.44
N MET G 252 -44.78 -53.29 0.99
CA MET G 252 -46.19 -52.92 0.99
C MET G 252 -46.38 -51.41 1.01
N SER G 253 -47.60 -51.01 0.69
CA SER G 253 -48.06 -49.64 0.89
C SER G 253 -49.44 -49.71 1.52
N PHE G 254 -49.62 -48.99 2.63
CA PHE G 254 -50.93 -48.96 3.27
C PHE G 254 -51.31 -47.59 3.83
N THR G 255 -52.62 -47.41 3.99
CA THR G 255 -53.16 -46.24 4.66
C THR G 255 -53.34 -46.59 6.13
N PRO G 256 -53.57 -45.58 6.98
CA PRO G 256 -53.85 -45.88 8.38
C PRO G 256 -55.08 -46.75 8.63
N GLU G 257 -56.18 -46.50 7.91
CA GLU G 257 -57.40 -47.29 8.10
C GLU G 257 -57.18 -48.77 7.72
N GLU G 258 -56.42 -49.01 6.65
CA GLU G 258 -56.09 -50.38 6.23
C GLU G 258 -55.33 -51.14 7.32
N LEU G 259 -54.41 -50.45 7.99
CA LEU G 259 -53.66 -51.05 9.10
C LEU G 259 -54.56 -51.31 10.29
N ALA G 260 -55.47 -50.38 10.56
CA ALA G 260 -56.49 -50.57 11.60
C ALA G 260 -57.38 -51.76 11.27
N GLN G 261 -57.73 -51.90 9.99
CA GLN G 261 -58.52 -53.03 9.50
C GLN G 261 -57.72 -54.33 9.62
N ALA G 262 -56.44 -54.27 9.33
CA ALA G 262 -55.55 -55.43 9.45
C ALA G 262 -55.30 -55.81 10.91
N LEU G 263 -55.38 -54.83 11.80
CA LEU G 263 -55.21 -55.06 13.24
C LEU G 263 -56.47 -55.63 13.89
N ARG G 264 -57.64 -55.18 13.42
CA ARG G 264 -58.93 -55.64 13.95
C ARG G 264 -59.21 -57.11 13.66
N LYS G 265 -58.42 -57.72 12.78
CA LYS G 265 -58.46 -59.16 12.56
C LYS G 265 -57.97 -59.90 13.82
N HIS G 266 -57.07 -59.28 14.58
CA HIS G 266 -56.54 -59.84 15.83
C HIS G 266 -57.14 -59.16 17.07
N ALA G 267 -57.36 -57.85 17.00
CA ALA G 267 -57.91 -57.07 18.10
C ALA G 267 -59.17 -56.34 17.65
N PRO G 268 -60.31 -57.07 17.57
CA PRO G 268 -61.55 -56.53 16.98
C PRO G 268 -62.18 -55.33 17.69
N ASP G 269 -61.87 -55.13 18.97
CA ASP G 269 -62.34 -53.93 19.70
C ASP G 269 -61.29 -52.81 19.69
N PHE G 270 -60.43 -52.81 18.67
CA PHE G 270 -59.47 -51.74 18.46
C PHE G 270 -60.18 -50.56 17.81
N GLN G 271 -59.87 -49.35 18.28
CA GLN G 271 -60.44 -48.12 17.74
C GLN G 271 -59.31 -47.24 17.25
N ILE G 272 -59.56 -46.53 16.14
CA ILE G 272 -58.62 -45.53 15.63
C ILE G 272 -59.34 -44.19 15.51
N THR G 273 -58.77 -43.17 16.14
CA THR G 273 -59.27 -41.80 16.05
C THR G 273 -58.28 -40.96 15.25
N TYR G 274 -58.80 -40.10 14.37
CA TYR G 274 -57.96 -39.28 13.50
C TYR G 274 -57.98 -37.81 13.89
N CYS G 275 -56.87 -37.32 14.42
CA CYS G 275 -56.63 -35.89 14.62
C CYS G 275 -55.32 -35.50 13.93
N VAL G 276 -55.43 -34.74 12.84
CA VAL G 276 -54.35 -34.58 11.88
C VAL G 276 -53.32 -33.53 12.31
N ASP G 277 -52.05 -33.92 12.33
CA ASP G 277 -50.92 -32.99 12.45
C ASP G 277 -50.58 -32.49 11.04
N PRO G 278 -51.07 -31.28 10.66
CA PRO G 278 -51.06 -30.90 9.25
C PRO G 278 -49.67 -30.66 8.64
N LEU G 279 -48.67 -30.40 9.49
CA LEU G 279 -47.27 -30.33 9.05
C LEU G 279 -46.81 -31.73 8.66
N ARG G 280 -47.05 -32.69 9.54
CA ARG G 280 -46.67 -34.07 9.30
C ARG G 280 -47.47 -34.67 8.15
N GLN G 281 -48.71 -34.20 7.98
CA GLN G 281 -49.54 -34.60 6.85
C GLN G 281 -48.95 -34.08 5.55
N ALA G 282 -48.61 -32.79 5.52
CA ALA G 282 -47.99 -32.15 4.36
C ALA G 282 -46.74 -32.90 3.91
N ILE G 283 -45.95 -33.37 4.87
CA ILE G 283 -44.74 -34.15 4.57
C ILE G 283 -45.10 -35.47 3.88
N ALA G 284 -45.97 -36.26 4.52
CA ALA G 284 -46.44 -37.52 3.94
C ALA G 284 -47.08 -37.30 2.57
N GLU G 285 -47.78 -36.17 2.42
CA GLU G 285 -48.39 -35.78 1.14
C GLU G 285 -47.33 -35.54 0.06
N SER G 286 -46.15 -35.09 0.47
CA SER G 286 -45.03 -34.83 -0.44
C SER G 286 -44.25 -36.09 -0.80
N TRP G 287 -44.57 -37.21 -0.15
CA TRP G 287 -43.86 -38.47 -0.38
C TRP G 287 -44.62 -39.40 -1.31
N PRO G 288 -43.95 -40.42 -1.85
CA PRO G 288 -44.62 -41.35 -2.75
C PRO G 288 -45.65 -42.21 -2.02
N MET G 289 -46.69 -42.63 -2.74
CA MET G 289 -47.69 -43.54 -2.18
C MET G 289 -47.22 -44.99 -2.30
N ILE G 290 -46.60 -45.31 -3.42
CA ILE G 290 -46.01 -46.63 -3.65
C ILE G 290 -44.62 -46.49 -4.24
N LEU G 291 -43.71 -47.35 -3.82
CA LEU G 291 -42.39 -47.47 -4.43
C LEU G 291 -42.41 -48.61 -5.44
N ASP G 292 -41.93 -48.32 -6.65
CA ASP G 292 -41.70 -49.34 -7.66
C ASP G 292 -40.28 -49.84 -7.48
N ASP G 293 -40.13 -51.10 -7.10
CA ASP G 293 -38.80 -51.72 -7.00
C ASP G 293 -38.55 -52.76 -8.09
N SER G 294 -38.98 -52.45 -9.32
CA SER G 294 -38.83 -53.36 -10.46
C SER G 294 -37.39 -53.77 -10.69
N ASN G 295 -36.51 -52.78 -10.73
CA ASN G 295 -35.10 -53.00 -10.99
C ASN G 295 -34.41 -53.85 -9.93
N ALA G 296 -34.86 -53.78 -8.69
CA ALA G 296 -34.22 -54.51 -7.60
C ALA G 296 -34.56 -56.01 -7.62
N ARG G 297 -35.69 -56.36 -8.21
CA ARG G 297 -36.12 -57.75 -8.30
C ARG G 297 -35.42 -58.44 -9.46
N LYS G 298 -35.39 -57.77 -10.61
CA LYS G 298 -34.61 -58.24 -11.75
C LYS G 298 -33.14 -58.40 -11.38
N ASP G 299 -32.53 -57.31 -10.94
CA ASP G 299 -31.07 -57.21 -10.85
C ASP G 299 -30.42 -58.08 -9.77
N TRP G 300 -31.06 -58.24 -8.61
CA TRP G 300 -30.46 -59.06 -7.56
C TRP G 300 -31.50 -59.83 -6.73
N GLY G 301 -32.58 -60.23 -7.38
CA GLY G 301 -33.55 -61.13 -6.78
C GLY G 301 -34.16 -60.68 -5.47
N TRP G 302 -34.40 -59.37 -5.32
CA TRP G 302 -35.10 -58.86 -4.14
C TRP G 302 -36.54 -59.33 -4.12
N LYS G 303 -36.95 -59.87 -2.98
CA LYS G 303 -38.32 -60.30 -2.75
C LYS G 303 -38.60 -60.16 -1.25
N HIS G 304 -39.74 -59.56 -0.91
CA HIS G 304 -40.08 -59.32 0.49
C HIS G 304 -40.80 -60.52 1.10
N ASP G 305 -40.64 -60.72 2.40
CA ASP G 305 -41.28 -61.83 3.14
C ASP G 305 -42.50 -61.38 3.95
N PHE G 306 -42.48 -60.15 4.43
CA PHE G 306 -43.55 -59.63 5.28
C PHE G 306 -44.48 -58.70 4.50
N ASP G 307 -45.69 -59.19 4.19
CA ASP G 307 -46.75 -58.32 3.70
C ASP G 307 -47.58 -57.86 4.90
N LEU G 308 -48.61 -57.05 4.66
CA LEU G 308 -49.36 -56.42 5.74
C LEU G 308 -49.82 -57.40 6.85
N PRO G 309 -50.62 -58.42 6.51
CA PRO G 309 -51.01 -59.35 7.58
C PRO G 309 -49.83 -59.95 8.37
N GLU G 310 -48.78 -60.37 7.67
CA GLU G 310 -47.60 -60.95 8.32
C GLU G 310 -46.92 -59.94 9.24
N LEU G 311 -46.77 -58.70 8.76
CA LEU G 311 -46.22 -57.62 9.57
C LEU G 311 -46.94 -57.50 10.91
N VAL G 312 -48.24 -57.24 10.88
CA VAL G 312 -49.02 -57.04 12.11
C VAL G 312 -49.05 -58.31 12.97
N ALA G 313 -48.99 -59.48 12.34
CA ALA G 313 -48.91 -60.74 13.08
C ALA G 313 -47.65 -60.77 13.94
N THR G 314 -46.50 -60.57 13.30
CA THR G 314 -45.20 -60.58 13.99
C THR G 314 -45.03 -59.38 14.94
N MET G 315 -45.70 -58.26 14.62
CA MET G 315 -45.61 -57.07 15.48
C MET G 315 -46.41 -57.21 16.77
N LEU G 316 -47.35 -58.16 16.82
CA LEU G 316 -48.12 -58.44 18.02
C LEU G 316 -47.48 -59.50 18.90
N ASN G 317 -46.75 -60.44 18.31
CA ASN G 317 -46.10 -61.52 19.05
C ASN G 317 -45.00 -61.05 19.99
N PHE G 318 -44.53 -59.82 19.81
CA PHE G 318 -43.62 -59.19 20.78
C PHE G 318 -44.37 -58.39 21.86
N HIS G 319 -45.70 -58.44 21.83
CA HIS G 319 -46.54 -57.71 22.78
C HIS G 319 -47.55 -58.64 23.47
N GLY G 320 -48.55 -59.09 22.72
CA GLY G 320 -49.61 -59.95 23.28
C GLY G 320 -50.68 -60.30 22.26
N PRO H 11 31.96 9.31 -56.94
CA PRO H 11 31.86 10.67 -56.42
C PRO H 11 31.22 10.73 -55.03
N PRO H 12 32.05 10.73 -53.96
CA PRO H 12 31.58 10.80 -52.57
C PRO H 12 30.80 12.06 -52.20
N ARG H 13 29.62 11.87 -51.61
CA ARG H 13 28.78 12.94 -51.08
C ARG H 13 29.17 13.20 -49.63
N VAL H 14 29.73 14.36 -49.34
CA VAL H 14 30.40 14.60 -48.04
C VAL H 14 29.65 15.56 -47.12
N LEU H 15 29.68 15.29 -45.83
CA LEU H 15 29.13 16.18 -44.78
C LEU H 15 30.22 16.49 -43.75
N ILE H 16 30.20 17.70 -43.22
CA ILE H 16 31.19 18.11 -42.21
C ILE H 16 30.52 18.82 -41.05
N THR H 17 30.45 18.16 -39.90
CA THR H 17 29.96 18.78 -38.67
C THR H 17 31.04 19.64 -38.04
N GLY H 18 30.64 20.55 -37.16
CA GLY H 18 31.56 21.56 -36.62
C GLY H 18 32.24 22.34 -37.74
N GLY H 19 31.44 22.72 -38.74
CA GLY H 19 31.96 23.27 -40.00
C GLY H 19 32.66 24.61 -39.89
N LEU H 20 32.25 25.43 -38.94
CA LEU H 20 32.80 26.79 -38.78
C LEU H 20 34.15 26.81 -38.07
N GLY H 21 34.65 25.65 -37.69
CA GLY H 21 36.01 25.55 -37.16
C GLY H 21 37.04 25.81 -38.24
N GLN H 22 38.20 26.30 -37.81
CA GLN H 22 39.32 26.53 -38.72
C GLN H 22 39.68 25.27 -39.48
N LEU H 23 39.67 24.14 -38.78
CA LEU H 23 39.84 22.81 -39.38
C LEU H 23 38.73 22.46 -40.39
N GLY H 24 37.48 22.78 -40.03
CA GLY H 24 36.33 22.47 -40.87
C GLY H 24 36.33 23.18 -42.21
N VAL H 25 36.63 24.48 -42.18
CA VAL H 25 36.65 25.29 -43.40
C VAL H 25 37.80 24.84 -44.30
N GLY H 26 38.96 24.63 -43.70
CA GLY H 26 40.14 24.17 -44.43
C GLY H 26 39.91 22.87 -45.19
N LEU H 27 39.23 21.92 -44.54
CA LEU H 27 38.94 20.63 -45.16
C LEU H 27 37.91 20.78 -46.27
N ALA H 28 36.89 21.59 -46.02
CA ALA H 28 35.89 21.90 -47.04
C ALA H 28 36.56 22.49 -48.28
N ASN H 29 37.45 23.46 -48.05
CA ASN H 29 38.25 24.07 -49.10
C ASN H 29 39.03 23.03 -49.90
N LEU H 30 39.58 22.04 -49.21
CA LEU H 30 40.37 20.99 -49.86
C LEU H 30 39.50 20.01 -50.64
N LEU H 31 38.40 19.56 -50.04
CA LEU H 31 37.55 18.53 -50.65
C LEU H 31 36.70 19.06 -51.81
N ARG H 32 36.21 20.29 -51.69
CA ARG H 32 35.44 20.93 -52.78
C ARG H 32 36.30 21.08 -54.03
N LYS H 33 37.54 21.53 -53.83
CA LYS H 33 38.54 21.63 -54.91
C LYS H 33 38.73 20.30 -55.64
N ARG H 34 38.64 19.19 -54.89
CA ARG H 34 38.84 17.85 -55.44
C ARG H 34 37.56 17.20 -55.97
N PHE H 35 36.46 17.37 -55.25
CA PHE H 35 35.20 16.63 -55.54
C PHE H 35 34.07 17.47 -56.15
N GLY H 36 34.12 18.79 -56.01
CA GLY H 36 33.06 19.66 -56.52
C GLY H 36 32.35 20.40 -55.41
N LYS H 37 31.94 21.64 -55.70
CA LYS H 37 31.35 22.53 -54.70
C LYS H 37 30.09 21.95 -54.04
N ASP H 38 29.18 21.45 -54.86
CA ASP H 38 27.92 20.89 -54.37
C ASP H 38 28.06 19.52 -53.68
N ASN H 39 29.17 18.83 -53.90
CA ASN H 39 29.39 17.48 -53.34
C ASN H 39 29.93 17.44 -51.90
N VAL H 40 30.12 18.60 -51.28
CA VAL H 40 30.58 18.66 -49.89
C VAL H 40 29.81 19.74 -49.13
N ILE H 41 29.18 19.32 -48.03
CA ILE H 41 28.28 20.15 -47.24
C ILE H 41 28.95 20.52 -45.93
N LEU H 42 28.89 21.79 -45.56
CA LEU H 42 29.33 22.25 -44.25
C LEU H 42 28.13 22.27 -43.31
N SER H 43 28.39 22.05 -42.03
CA SER H 43 27.33 22.04 -41.02
C SER H 43 27.81 22.60 -39.70
N ASP H 44 26.92 23.33 -39.03
CA ASP H 44 27.18 23.85 -37.70
C ASP H 44 25.87 24.35 -37.08
N ILE H 45 25.89 24.57 -35.77
CA ILE H 45 24.69 25.00 -35.05
C ILE H 45 24.43 26.52 -35.16
N ARG H 46 25.49 27.31 -35.33
CA ARG H 46 25.38 28.78 -35.33
C ARG H 46 25.62 29.41 -36.72
N LYS H 47 25.44 30.73 -36.79
CA LYS H 47 25.46 31.47 -38.06
C LYS H 47 26.87 31.64 -38.63
N PRO H 48 27.06 31.30 -39.94
CA PRO H 48 28.40 31.40 -40.53
C PRO H 48 28.78 32.82 -40.91
N PRO H 49 30.09 33.08 -41.04
CA PRO H 49 30.54 34.32 -41.69
C PRO H 49 30.13 34.35 -43.17
N ALA H 50 30.25 35.53 -43.79
CA ALA H 50 29.74 35.75 -45.14
C ALA H 50 30.37 34.86 -46.21
N HIS H 51 31.69 34.73 -46.18
CA HIS H 51 32.45 34.06 -47.24
C HIS H 51 32.17 32.54 -47.39
N VAL H 52 31.76 31.89 -46.32
CA VAL H 52 31.46 30.44 -46.38
C VAL H 52 30.05 30.14 -46.90
N PHE H 53 29.10 31.06 -46.68
CA PHE H 53 27.78 30.98 -47.33
C PHE H 53 27.93 30.80 -48.84
N HIS H 54 28.77 31.65 -49.42
CA HIS H 54 28.94 31.70 -50.87
C HIS H 54 29.84 30.58 -51.38
N SER H 55 30.79 30.15 -50.55
CA SER H 55 31.79 29.14 -50.96
C SER H 55 31.19 27.80 -51.36
N GLY H 56 29.99 27.49 -50.87
CA GLY H 56 29.31 26.26 -51.22
C GLY H 56 28.07 26.00 -50.37
N PRO H 57 27.59 24.75 -50.35
CA PRO H 57 26.42 24.40 -49.53
C PRO H 57 26.68 24.52 -48.03
N PHE H 58 25.67 24.97 -47.29
CA PHE H 58 25.71 25.01 -45.82
C PHE H 58 24.34 24.65 -45.27
N VAL H 59 24.31 23.85 -44.21
CA VAL H 59 23.06 23.46 -43.56
C VAL H 59 23.17 23.50 -42.03
N TYR H 60 22.18 24.11 -41.38
CA TYR H 60 22.06 24.04 -39.92
C TYR H 60 21.81 22.59 -39.52
N ALA H 61 22.64 22.08 -38.60
CA ALA H 61 22.52 20.70 -38.15
C ALA H 61 22.85 20.59 -36.68
N ASN H 62 21.84 20.19 -35.90
CA ASN H 62 22.01 19.96 -34.48
C ASN H 62 22.28 18.48 -34.25
N ILE H 63 23.55 18.15 -34.01
CA ILE H 63 23.97 16.77 -33.75
C ILE H 63 23.27 16.14 -32.53
N LEU H 64 22.85 16.97 -31.58
CA LEU H 64 22.14 16.48 -30.38
C LEU H 64 20.71 16.04 -30.66
N ASP H 65 20.17 16.48 -31.80
CA ASP H 65 18.88 15.99 -32.27
C ASP H 65 19.13 14.95 -33.35
N TYR H 66 18.82 13.69 -33.05
CA TYR H 66 19.04 12.59 -33.99
C TYR H 66 18.32 12.81 -35.31
N LYS H 67 17.04 13.18 -35.23
CA LYS H 67 16.20 13.28 -36.43
C LYS H 67 16.69 14.34 -37.42
N SER H 68 17.18 15.46 -36.89
CA SER H 68 17.72 16.53 -37.73
C SER H 68 18.97 16.06 -38.47
N LEU H 69 19.81 15.30 -37.76
CA LEU H 69 21.03 14.75 -38.35
C LEU H 69 20.71 13.66 -39.38
N ARG H 70 19.77 12.77 -39.05
CA ARG H 70 19.32 11.74 -39.99
C ARG H 70 18.76 12.37 -41.27
N GLU H 71 18.03 13.48 -41.11
CA GLU H 71 17.42 14.20 -42.23
C GLU H 71 18.46 14.70 -43.23
N ILE H 72 19.54 15.29 -42.73
CA ILE H 72 20.62 15.78 -43.59
C ILE H 72 21.23 14.61 -44.37
N VAL H 73 21.58 13.54 -43.65
CA VAL H 73 22.25 12.38 -44.24
C VAL H 73 21.42 11.71 -45.34
N VAL H 74 20.10 11.72 -45.20
CA VAL H 74 19.23 11.14 -46.24
C VAL H 74 18.87 12.13 -47.35
N ASN H 75 18.58 13.39 -47.00
CA ASN H 75 18.18 14.40 -47.99
C ASN H 75 19.32 14.74 -48.95
N HIS H 76 20.53 14.89 -48.41
CA HIS H 76 21.69 15.19 -49.23
C HIS H 76 22.52 13.94 -49.53
N ARG H 77 21.89 12.76 -49.41
CA ARG H 77 22.47 11.49 -49.84
C ARG H 77 23.94 11.32 -49.41
N ILE H 78 24.22 11.65 -48.16
CA ILE H 78 25.60 11.70 -47.65
C ILE H 78 26.20 10.30 -47.55
N SER H 79 27.46 10.16 -47.98
CA SER H 79 28.23 8.92 -47.86
C SER H 79 29.54 9.06 -47.05
N TRP H 80 30.08 10.29 -46.99
CA TRP H 80 31.28 10.61 -46.21
C TRP H 80 30.93 11.64 -45.15
N LEU H 81 31.41 11.45 -43.93
CA LEU H 81 31.16 12.40 -42.84
C LEU H 81 32.43 12.66 -42.02
N PHE H 82 32.71 13.92 -41.76
CA PHE H 82 33.85 14.33 -40.95
C PHE H 82 33.34 15.10 -39.73
N HIS H 83 33.50 14.51 -38.55
CA HIS H 83 32.87 15.02 -37.34
C HIS H 83 33.79 15.90 -36.49
N TYR H 84 33.70 17.22 -36.69
CA TYR H 84 34.56 18.17 -35.98
C TYR H 84 33.86 18.94 -34.82
N SER H 85 32.64 18.56 -34.47
CA SER H 85 31.89 19.24 -33.41
C SER H 85 32.69 19.35 -32.11
N ALA H 86 33.22 18.22 -31.66
CA ALA H 86 34.00 18.15 -30.42
C ALA H 86 35.44 18.63 -30.65
N ASP H 101 29.24 16.31 -21.18
CA ASP H 101 27.81 16.62 -21.23
C ASP H 101 27.30 16.60 -22.67
N VAL H 102 27.81 17.52 -23.49
CA VAL H 102 27.30 17.74 -24.84
C VAL H 102 27.94 16.77 -25.84
N ASN H 103 29.26 16.81 -25.92
CA ASN H 103 30.04 16.08 -26.94
C ASN H 103 29.68 14.61 -27.12
N ILE H 104 29.73 13.84 -26.04
CA ILE H 104 29.62 12.38 -26.12
C ILE H 104 28.24 11.90 -26.57
N THR H 105 27.19 12.64 -26.20
CA THR H 105 25.82 12.34 -26.65
C THR H 105 25.65 12.65 -28.15
N GLY H 106 26.36 13.66 -28.63
CA GLY H 106 26.42 13.97 -30.06
C GLY H 106 27.23 12.97 -30.86
N LEU H 107 28.25 12.39 -30.23
CA LEU H 107 29.05 11.34 -30.85
C LEU H 107 28.18 10.12 -31.14
N HIS H 108 27.40 9.72 -30.16
CA HIS H 108 26.53 8.55 -30.29
C HIS H 108 25.50 8.73 -31.40
N ASN H 109 24.97 9.94 -31.53
CA ASN H 109 24.07 10.27 -32.63
C ASN H 109 24.77 10.15 -33.98
N VAL H 110 25.98 10.67 -34.07
CA VAL H 110 26.79 10.58 -35.28
C VAL H 110 27.09 9.12 -35.61
N LEU H 111 27.45 8.34 -34.59
CA LEU H 111 27.74 6.92 -34.78
C LEU H 111 26.54 6.16 -35.34
N ASP H 112 25.40 6.26 -34.67
CA ASP H 112 24.17 5.57 -35.10
C ASP H 112 23.82 5.88 -36.55
N VAL H 113 23.73 7.16 -36.87
CA VAL H 113 23.33 7.59 -38.22
C VAL H 113 24.29 7.07 -39.27
N ALA H 114 25.59 7.13 -38.96
CA ALA H 114 26.62 6.67 -39.89
C ALA H 114 26.49 5.18 -40.15
N ALA H 115 26.21 4.41 -39.10
CA ALA H 115 26.04 2.97 -39.21
C ALA H 115 24.75 2.64 -39.95
N GLU H 116 23.66 3.28 -39.53
CA GLU H 116 22.35 3.16 -40.16
C GLU H 116 22.39 3.29 -41.69
N TYR H 117 23.10 4.29 -42.18
CA TYR H 117 23.08 4.62 -43.62
C TYR H 117 24.39 4.32 -44.35
N ASN H 118 25.20 3.44 -43.78
CA ASN H 118 26.47 3.01 -44.38
C ASN H 118 27.31 4.20 -44.83
N VAL H 119 27.60 5.09 -43.89
CA VAL H 119 28.37 6.30 -44.14
C VAL H 119 29.78 6.12 -43.62
N ARG H 120 30.76 6.64 -44.37
CA ARG H 120 32.15 6.60 -43.92
C ARG H 120 32.37 7.74 -42.93
N LEU H 121 32.54 7.38 -41.66
CA LEU H 121 32.66 8.34 -40.59
C LEU H 121 34.13 8.61 -40.27
N PHE H 122 34.50 9.88 -40.24
CA PHE H 122 35.80 10.28 -39.71
C PHE H 122 35.62 11.13 -38.47
N VAL H 123 36.26 10.70 -37.39
CA VAL H 123 36.32 11.49 -36.18
C VAL H 123 37.78 11.62 -35.77
N PRO H 124 38.23 12.86 -35.51
CA PRO H 124 39.61 13.05 -35.12
C PRO H 124 39.84 12.73 -33.64
N SER H 125 41.01 12.17 -33.34
CA SER H 125 41.48 12.03 -31.97
C SER H 125 42.63 13.03 -31.78
N THR H 126 43.41 12.87 -30.72
CA THR H 126 44.46 13.84 -30.41
C THR H 126 45.63 13.20 -29.66
N ILE H 127 46.74 13.92 -29.59
CA ILE H 127 47.85 13.54 -28.72
C ILE H 127 47.48 13.68 -27.25
N GLY H 128 46.51 14.54 -26.96
CA GLY H 128 46.01 14.72 -25.60
C GLY H 128 45.33 13.48 -25.04
N ALA H 129 45.12 12.48 -25.89
CA ALA H 129 44.49 11.21 -25.50
C ALA H 129 45.48 10.21 -24.87
N PHE H 130 46.72 10.61 -24.66
CA PHE H 130 47.69 9.81 -23.90
C PHE H 130 47.94 10.46 -22.53
N GLY H 131 48.60 9.73 -21.64
CA GLY H 131 48.97 10.24 -20.31
C GLY H 131 50.36 9.81 -19.87
N PRO H 132 50.80 10.26 -18.67
CA PRO H 132 52.13 9.94 -18.11
C PRO H 132 52.50 8.46 -18.20
N THR H 133 51.50 7.60 -18.00
CA THR H 133 51.68 6.16 -18.04
C THR H 133 51.85 5.61 -19.46
N SER H 134 51.64 6.45 -20.48
CA SER H 134 51.87 6.04 -21.86
C SER H 134 53.36 6.09 -22.18
N PRO H 135 53.80 5.31 -23.18
CA PRO H 135 55.11 5.54 -23.77
C PRO H 135 55.16 6.91 -24.46
N ARG H 136 56.23 7.66 -24.22
CA ARG H 136 56.28 9.07 -24.64
C ARG H 136 57.46 9.38 -25.56
N ASN H 137 58.24 8.37 -25.93
CA ASN H 137 59.46 8.59 -26.71
C ASN H 137 59.87 7.37 -27.54
N PRO H 138 59.11 7.07 -28.61
CA PRO H 138 57.88 7.71 -29.05
C PRO H 138 56.65 7.02 -28.46
N ALA H 139 55.47 7.45 -28.89
CA ALA H 139 54.20 6.87 -28.44
C ALA H 139 53.61 6.05 -29.58
N PRO H 140 53.43 4.73 -29.37
CA PRO H 140 52.91 3.86 -30.44
C PRO H 140 51.43 4.10 -30.78
N ASP H 141 50.94 3.40 -31.80
CA ASP H 141 49.53 3.46 -32.18
C ASP H 141 48.66 2.67 -31.20
N LEU H 142 49.25 1.65 -30.56
CA LEU H 142 48.59 0.88 -29.50
C LEU H 142 49.41 0.96 -28.23
N CYS H 143 48.85 1.58 -27.19
CA CYS H 143 49.54 1.69 -25.91
C CYS H 143 48.61 2.09 -24.78
N ILE H 144 49.18 2.17 -23.58
CA ILE H 144 48.49 2.65 -22.39
C ILE H 144 47.95 4.06 -22.66
N GLN H 145 46.64 4.23 -22.55
CA GLN H 145 45.98 5.51 -22.79
C GLN H 145 45.20 5.92 -21.56
N ARG H 146 45.82 6.76 -20.72
CA ARG H 146 45.19 7.28 -19.52
C ARG H 146 45.41 8.78 -19.40
N PRO H 147 44.73 9.57 -20.27
CA PRO H 147 44.91 11.02 -20.29
C PRO H 147 44.29 11.67 -19.06
N ARG H 148 44.84 12.82 -18.68
CA ARG H 148 44.42 13.53 -17.48
C ARG H 148 43.74 14.86 -17.82
N THR H 149 43.23 14.96 -19.04
CA THR H 149 42.37 16.05 -19.44
C THR H 149 41.03 15.47 -19.88
N ILE H 150 39.95 16.01 -19.33
CA ILE H 150 38.58 15.68 -19.75
C ILE H 150 38.47 15.51 -21.27
N TYR H 151 39.14 16.38 -22.01
CA TYR H 151 39.16 16.33 -23.47
C TYR H 151 39.88 15.07 -23.98
N GLY H 152 41.02 14.76 -23.38
CA GLY H 152 41.74 13.53 -23.70
C GLY H 152 40.93 12.28 -23.40
N VAL H 153 40.29 12.27 -22.24
CA VAL H 153 39.49 11.13 -21.79
C VAL H 153 38.36 10.85 -22.77
N SER H 154 37.64 11.91 -23.16
CA SER H 154 36.50 11.77 -24.07
C SER H 154 36.94 11.37 -25.48
N LYS H 155 38.18 11.66 -25.82
CA LYS H 155 38.72 11.24 -27.12
C LYS H 155 39.09 9.76 -27.11
N VAL H 156 39.63 9.27 -25.99
CA VAL H 156 39.79 7.83 -25.82
C VAL H 156 38.44 7.15 -25.97
N HIS H 157 37.41 7.76 -25.37
CA HIS H 157 36.05 7.26 -25.51
C HIS H 157 35.65 7.20 -26.97
N THR H 158 35.88 8.30 -27.67
CA THR H 158 35.57 8.40 -29.10
C THR H 158 36.23 7.28 -29.90
N GLU H 159 37.52 7.07 -29.67
CA GLU H 159 38.28 6.00 -30.34
C GLU H 159 37.61 4.63 -30.16
N LEU H 160 37.27 4.32 -28.92
CA LEU H 160 36.73 3.00 -28.57
C LEU H 160 35.32 2.77 -29.11
N MET H 161 34.48 3.81 -29.06
CA MET H 161 33.11 3.72 -29.58
C MET H 161 33.11 3.59 -31.10
N GLY H 162 34.03 4.29 -31.75
CA GLY H 162 34.21 4.16 -33.19
C GLY H 162 34.64 2.75 -33.54
N GLU H 163 35.65 2.25 -32.84
CA GLU H 163 36.15 0.91 -33.10
C GLU H 163 35.09 -0.13 -32.74
N TYR H 164 34.47 0.01 -31.57
CA TYR H 164 33.37 -0.87 -31.17
C TYR H 164 32.33 -1.00 -32.28
N TYR H 165 31.94 0.13 -32.87
CA TYR H 165 30.96 0.14 -33.95
C TYR H 165 31.44 -0.52 -35.25
N TYR H 166 32.74 -0.49 -35.51
CA TYR H 166 33.31 -1.15 -36.70
C TYR H 166 33.21 -2.67 -36.60
N TYR H 167 33.55 -3.21 -35.44
CA TYR H 167 33.58 -4.66 -35.22
C TYR H 167 32.17 -5.21 -35.06
N ARG H 168 31.39 -4.61 -34.17
CA ARG H 168 30.04 -5.09 -33.88
C ARG H 168 29.11 -4.87 -35.08
N TYR H 169 28.91 -3.61 -35.46
CA TYR H 169 28.05 -3.25 -36.58
C TYR H 169 28.92 -3.10 -37.82
N GLY H 170 28.34 -2.67 -38.93
CA GLY H 170 29.11 -2.53 -40.19
C GLY H 170 29.79 -1.19 -40.40
N LEU H 171 30.02 -0.42 -39.33
CA LEU H 171 30.46 0.98 -39.48
C LEU H 171 31.90 1.11 -39.95
N ASP H 172 32.12 1.87 -41.02
CA ASP H 172 33.46 2.16 -41.52
C ASP H 172 33.97 3.43 -40.83
N PHE H 173 34.49 3.25 -39.62
CA PHE H 173 34.98 4.33 -38.79
C PHE H 173 36.49 4.48 -38.99
N ARG H 174 36.95 5.70 -39.18
CA ARG H 174 38.37 5.98 -39.41
C ARG H 174 38.79 7.18 -38.59
N CYS H 175 39.87 7.02 -37.82
CA CYS H 175 40.32 8.03 -36.88
C CYS H 175 41.82 8.28 -37.00
N LEU H 176 42.22 9.54 -36.86
CA LEU H 176 43.61 9.93 -36.82
C LEU H 176 43.88 10.75 -35.57
N ARG H 177 44.99 10.49 -34.90
CA ARG H 177 45.37 11.28 -33.74
C ARG H 177 46.15 12.50 -34.20
N TYR H 178 45.47 13.63 -34.29
CA TYR H 178 46.12 14.88 -34.65
C TYR H 178 47.15 15.29 -33.61
N PRO H 179 48.37 15.64 -34.04
CA PRO H 179 49.28 16.39 -33.17
C PRO H 179 48.77 17.81 -32.95
N GLY H 180 49.56 18.61 -32.24
CA GLY H 180 49.27 20.04 -32.09
C GLY H 180 49.31 20.71 -33.45
N ILE H 181 48.17 21.17 -33.94
CA ILE H 181 48.07 21.71 -35.29
C ILE H 181 48.51 23.17 -35.34
N ILE H 182 49.27 23.52 -36.37
CA ILE H 182 49.74 24.88 -36.59
C ILE H 182 49.09 25.44 -37.85
N SER H 183 48.29 26.48 -37.68
CA SER H 183 47.55 27.10 -38.79
C SER H 183 47.88 28.59 -38.88
N ALA H 184 47.71 29.15 -40.08
CA ALA H 184 48.09 30.53 -40.36
C ALA H 184 47.34 31.54 -39.50
N ASP H 185 46.01 31.57 -39.66
CA ASP H 185 45.16 32.61 -39.07
C ASP H 185 44.43 32.14 -37.81
N SER H 186 45.19 31.59 -36.86
CA SER H 186 44.62 31.15 -35.59
C SER H 186 44.66 32.26 -34.55
N GLN H 187 43.56 32.41 -33.83
CA GLN H 187 43.44 33.37 -32.74
C GLN H 187 44.28 32.91 -31.54
N PRO H 188 44.50 33.80 -30.55
CA PRO H 188 45.14 33.38 -29.29
C PRO H 188 44.25 32.48 -28.41
N GLY H 189 43.74 31.41 -28.99
CA GLY H 189 42.89 30.45 -28.28
C GLY H 189 43.74 29.51 -27.44
N GLY H 190 43.53 29.54 -26.13
CA GLY H 190 44.45 28.91 -25.18
C GLY H 190 44.52 27.39 -25.16
N GLY H 191 45.10 26.80 -26.20
CA GLY H 191 45.53 25.40 -26.16
C GLY H 191 46.91 25.31 -25.55
N THR H 192 47.41 24.10 -25.34
CA THR H 192 48.82 23.90 -24.95
C THR H 192 49.68 24.12 -26.19
N THR H 193 49.10 23.83 -27.35
CA THR H 193 49.71 24.03 -28.66
C THR H 193 49.72 25.51 -29.11
N ASP H 194 49.17 26.40 -28.29
CA ASP H 194 48.94 27.80 -28.67
C ASP H 194 50.21 28.61 -28.96
N TYR H 195 51.30 28.33 -28.23
CA TYR H 195 52.53 29.11 -28.39
C TYR H 195 53.11 28.98 -29.79
N ALA H 196 53.00 27.80 -30.39
CA ALA H 196 53.59 27.53 -31.70
C ALA H 196 52.95 28.31 -32.84
N VAL H 197 51.74 28.83 -32.63
CA VAL H 197 51.07 29.66 -33.64
C VAL H 197 51.13 31.16 -33.32
N GLN H 198 51.10 31.50 -32.04
CA GLN H 198 51.19 32.91 -31.61
C GLN H 198 52.61 33.46 -31.70
N ILE H 199 53.61 32.58 -31.64
CA ILE H 199 55.01 32.97 -31.75
C ILE H 199 55.29 33.73 -33.06
N PHE H 200 54.64 33.30 -34.14
CA PHE H 200 54.86 33.87 -35.47
C PHE H 200 54.46 35.34 -35.62
N HIS H 201 53.66 35.85 -34.68
CA HIS H 201 53.26 37.27 -34.70
C HIS H 201 54.43 38.17 -34.31
N ALA H 202 55.07 37.88 -33.18
CA ALA H 202 56.21 38.66 -32.70
C ALA H 202 57.44 38.47 -33.59
N ALA H 203 57.61 37.27 -34.14
CA ALA H 203 58.75 36.93 -34.99
C ALA H 203 58.67 37.55 -36.39
N ALA H 204 57.46 37.87 -36.84
CA ALA H 204 57.27 38.50 -38.15
C ALA H 204 57.82 39.94 -38.19
N LYS H 205 57.91 40.58 -37.03
CA LYS H 205 58.49 41.92 -36.91
C LYS H 205 59.67 41.92 -35.91
N ASN H 206 60.47 40.86 -35.92
CA ASN H 206 61.68 40.74 -35.08
C ASN H 206 61.52 41.09 -33.58
N GLY H 207 60.28 41.06 -33.09
CA GLY H 207 60.00 41.43 -31.70
C GLY H 207 60.36 40.33 -30.73
N THR H 208 59.85 40.43 -29.50
CA THR H 208 60.06 39.39 -28.48
C THR H 208 58.74 38.64 -28.24
N PHE H 209 58.85 37.34 -27.98
CA PHE H 209 57.70 36.51 -27.62
C PHE H 209 57.93 35.90 -26.25
N GLU H 210 56.88 35.82 -25.43
CA GLU H 210 56.95 35.18 -24.13
C GLU H 210 56.26 33.81 -24.18
N CYS H 211 57.01 32.76 -23.87
CA CYS H 211 56.50 31.39 -23.94
C CYS H 211 55.89 30.98 -22.61
N ASN H 212 54.70 30.38 -22.67
CA ASN H 212 54.03 29.84 -21.49
C ASN H 212 54.60 28.49 -21.05
N LEU H 213 55.15 27.72 -21.99
CA LEU H 213 55.79 26.44 -21.68
C LEU H 213 57.29 26.63 -21.46
N GLU H 214 57.90 25.69 -20.74
CA GLU H 214 59.35 25.73 -20.48
C GLU H 214 60.16 25.56 -21.75
N ALA H 215 61.44 25.90 -21.65
CA ALA H 215 62.33 26.03 -22.81
C ALA H 215 62.52 24.73 -23.60
N GLY H 216 62.58 23.60 -22.88
CA GLY H 216 62.88 22.30 -23.48
C GLY H 216 61.71 21.34 -23.56
N THR H 217 60.49 21.88 -23.67
CA THR H 217 59.27 21.04 -23.67
C THR H 217 58.90 20.56 -25.07
N ARG H 218 59.21 19.30 -25.35
CA ARG H 218 58.99 18.71 -26.67
C ARG H 218 57.56 18.18 -26.82
N LEU H 219 56.94 18.47 -27.96
CA LEU H 219 55.60 17.99 -28.30
C LEU H 219 55.49 17.72 -29.80
N PRO H 220 54.62 16.78 -30.20
CA PRO H 220 54.35 16.60 -31.63
C PRO H 220 53.52 17.74 -32.21
N MET H 221 53.95 18.25 -33.37
CA MET H 221 53.26 19.32 -34.06
C MET H 221 53.10 18.96 -35.52
N MET H 222 52.32 19.73 -36.25
CA MET H 222 52.01 19.44 -37.65
C MET H 222 51.42 20.67 -38.31
N TYR H 223 51.81 20.94 -39.55
CA TYR H 223 51.21 22.06 -40.27
C TYR H 223 49.85 21.64 -40.80
N ILE H 224 48.89 22.56 -40.74
CA ILE H 224 47.49 22.30 -41.12
C ILE H 224 47.34 21.69 -42.52
N SER H 225 48.24 22.01 -43.44
CA SER H 225 48.17 21.48 -44.80
C SER H 225 48.26 19.96 -44.80
N ASP H 226 49.24 19.43 -44.08
CA ASP H 226 49.39 17.98 -43.95
C ASP H 226 48.19 17.36 -43.24
N CYS H 227 47.82 17.95 -42.12
CA CYS H 227 46.72 17.46 -41.28
C CYS H 227 45.46 17.16 -42.08
N LEU H 228 45.06 18.11 -42.92
CA LEU H 228 43.91 17.95 -43.79
C LEU H 228 44.13 16.85 -44.84
N ARG H 229 45.29 16.89 -45.50
CA ARG H 229 45.64 15.88 -46.49
C ARG H 229 45.59 14.47 -45.89
N ALA H 230 46.21 14.29 -44.72
CA ALA H 230 46.17 13.02 -43.98
C ALA H 230 44.73 12.57 -43.76
N THR H 231 43.91 13.51 -43.28
CA THR H 231 42.50 13.26 -43.06
C THR H 231 41.82 12.77 -44.32
N LEU H 232 42.04 13.47 -45.43
CA LEU H 232 41.50 13.06 -46.72
C LEU H 232 42.08 11.71 -47.15
N GLU H 233 43.39 11.57 -46.98
CA GLU H 233 44.10 10.38 -47.48
C GLU H 233 43.70 9.07 -46.80
N VAL H 234 43.45 9.12 -45.49
CA VAL H 234 43.01 7.93 -44.75
C VAL H 234 41.59 7.51 -45.14
N MET H 235 40.77 8.47 -45.56
CA MET H 235 39.40 8.19 -45.99
C MET H 235 39.36 7.69 -47.44
N GLU H 236 40.35 8.06 -48.23
CA GLU H 236 40.46 7.59 -49.60
C GLU H 236 40.96 6.14 -49.66
N ALA H 237 41.84 5.77 -48.73
CA ALA H 237 42.41 4.42 -48.69
C ALA H 237 41.33 3.34 -48.67
N PRO H 238 41.67 2.12 -49.15
CA PRO H 238 40.73 1.01 -49.10
C PRO H 238 40.79 0.29 -47.75
N ALA H 239 39.64 -0.22 -47.30
CA ALA H 239 39.52 -0.84 -45.98
C ALA H 239 40.55 -1.95 -45.73
N GLU H 240 40.71 -2.84 -46.70
CA GLU H 240 41.60 -4.01 -46.55
C GLU H 240 43.03 -3.68 -46.14
N ARG H 241 43.54 -2.54 -46.60
CA ARG H 241 44.89 -2.08 -46.25
C ARG H 241 45.03 -1.61 -44.80
N LEU H 242 43.91 -1.41 -44.11
CA LEU H 242 43.92 -0.87 -42.75
C LEU H 242 43.97 -1.98 -41.71
N SER H 243 45.09 -2.07 -41.00
CA SER H 243 45.24 -3.05 -39.92
C SER H 243 44.41 -2.64 -38.70
N MET H 244 44.35 -1.34 -38.45
CA MET H 244 43.58 -0.77 -37.34
C MET H 244 42.80 0.44 -37.83
N ARG H 245 41.94 0.99 -36.98
CA ARG H 245 41.10 2.14 -37.37
C ARG H 245 41.42 3.45 -36.64
N THR H 246 42.39 3.43 -35.73
CA THR H 246 42.93 4.66 -35.15
C THR H 246 44.44 4.70 -35.31
N TYR H 247 44.91 5.55 -36.23
CA TYR H 247 46.34 5.73 -36.47
C TYR H 247 46.87 7.02 -35.86
N ASN H 248 48.09 6.97 -35.35
CA ASN H 248 48.87 8.18 -35.13
C ASN H 248 49.37 8.72 -36.47
N ILE H 249 49.61 10.02 -36.52
CA ILE H 249 50.23 10.68 -37.67
C ILE H 249 51.26 11.69 -37.17
N SER H 250 52.42 11.69 -37.81
CA SER H 250 53.53 12.52 -37.36
C SER H 250 54.06 13.37 -38.50
N ALA H 251 54.87 14.34 -38.12
CA ALA H 251 55.56 15.21 -39.06
C ALA H 251 56.85 15.66 -38.43
N MET H 252 56.72 16.28 -37.26
CA MET H 252 57.86 16.73 -36.47
C MET H 252 57.48 16.81 -35.00
N SER H 253 58.50 16.89 -34.17
CA SER H 253 58.35 17.30 -32.79
C SER H 253 59.47 18.28 -32.48
N PHE H 254 59.15 19.33 -31.76
CA PHE H 254 60.15 20.31 -31.38
C PHE H 254 59.82 21.01 -30.08
N THR H 255 60.83 21.67 -29.54
CA THR H 255 60.73 22.43 -28.31
C THR H 255 60.69 23.91 -28.69
N PRO H 256 60.26 24.79 -27.77
CA PRO H 256 60.29 26.22 -28.07
C PRO H 256 61.66 26.74 -28.53
N GLU H 257 62.72 26.37 -27.83
CA GLU H 257 64.07 26.82 -28.19
C GLU H 257 64.50 26.34 -29.59
N GLU H 258 64.02 25.15 -29.99
CA GLU H 258 64.24 24.65 -31.35
C GLU H 258 63.41 25.43 -32.37
N LEU H 259 62.19 25.81 -31.99
CA LEU H 259 61.33 26.61 -32.87
C LEU H 259 61.90 28.02 -33.02
N ALA H 260 62.26 28.63 -31.89
CA ALA H 260 62.93 29.93 -31.90
C ALA H 260 64.17 29.89 -32.80
N GLN H 261 64.97 28.83 -32.66
CA GLN H 261 66.16 28.64 -33.48
C GLN H 261 65.86 28.70 -34.99
N ALA H 262 64.77 28.05 -35.40
CA ALA H 262 64.36 28.03 -36.81
C ALA H 262 63.80 29.38 -37.26
N LEU H 263 63.18 30.11 -36.35
CA LEU H 263 62.70 31.45 -36.64
C LEU H 263 63.84 32.46 -36.79
N ARG H 264 64.95 32.21 -36.11
CA ARG H 264 66.12 33.10 -36.19
C ARG H 264 66.90 32.93 -37.50
N LYS H 265 66.59 31.89 -38.28
CA LYS H 265 67.11 31.77 -39.64
C LYS H 265 66.62 32.94 -40.49
N HIS H 266 65.34 33.28 -40.34
CA HIS H 266 64.72 34.38 -41.11
C HIS H 266 64.57 35.68 -40.31
N ALA H 267 64.96 35.67 -39.04
CA ALA H 267 64.77 36.84 -38.17
C ALA H 267 65.67 36.77 -36.93
N PRO H 268 67.00 37.01 -37.10
CA PRO H 268 67.98 36.82 -36.02
C PRO H 268 67.85 37.76 -34.81
N ASP H 269 67.02 38.80 -34.94
CA ASP H 269 66.78 39.73 -33.84
C ASP H 269 65.60 39.30 -32.95
N PHE H 270 64.82 38.33 -33.43
CA PHE H 270 63.70 37.79 -32.67
C PHE H 270 64.17 37.14 -31.38
N GLN H 271 63.50 37.46 -30.27
CA GLN H 271 63.89 36.98 -28.94
C GLN H 271 62.77 36.16 -28.30
N ILE H 272 63.18 35.27 -27.39
CA ILE H 272 62.26 34.40 -26.66
C ILE H 272 62.54 34.48 -25.17
N THR H 273 61.47 34.68 -24.40
CA THR H 273 61.57 34.75 -22.96
C THR H 273 60.58 33.77 -22.33
N TYR H 274 61.00 33.15 -21.22
CA TYR H 274 60.24 32.04 -20.63
C TYR H 274 59.58 32.41 -19.29
N CYS H 275 58.27 32.58 -19.32
CA CYS H 275 57.45 32.68 -18.12
C CYS H 275 56.57 31.43 -18.05
N VAL H 276 57.07 30.42 -17.33
CA VAL H 276 56.40 29.12 -17.31
C VAL H 276 55.02 29.17 -16.63
N ASP H 277 54.05 28.54 -17.29
CA ASP H 277 52.70 28.34 -16.73
C ASP H 277 52.61 26.88 -16.26
N PRO H 278 52.63 26.64 -14.93
CA PRO H 278 52.65 25.27 -14.42
C PRO H 278 51.46 24.39 -14.86
N LEU H 279 50.32 25.02 -15.16
CA LEU H 279 49.13 24.28 -15.62
C LEU H 279 49.37 23.61 -16.97
N ARG H 280 49.67 24.42 -17.98
CA ARG H 280 50.00 23.90 -19.32
C ARG H 280 51.26 23.06 -19.28
N GLN H 281 52.23 23.49 -18.47
CA GLN H 281 53.47 22.74 -18.28
C GLN H 281 53.16 21.30 -17.86
N ALA H 282 52.24 21.15 -16.92
CA ALA H 282 51.80 19.83 -16.44
C ALA H 282 51.10 19.04 -17.55
N ILE H 283 50.23 19.70 -18.30
CA ILE H 283 49.49 19.05 -19.40
C ILE H 283 50.43 18.68 -20.54
N ALA H 284 51.34 19.60 -20.89
CA ALA H 284 52.36 19.34 -21.91
C ALA H 284 53.21 18.15 -21.52
N GLU H 285 53.65 18.13 -20.26
CA GLU H 285 54.42 17.01 -19.72
C GLU H 285 53.60 15.70 -19.64
N SER H 286 52.27 15.82 -19.53
CA SER H 286 51.40 14.64 -19.56
C SER H 286 51.32 14.02 -20.96
N TRP H 287 51.50 14.84 -22.00
CA TRP H 287 51.39 14.38 -23.39
C TRP H 287 52.69 13.78 -23.89
N PRO H 288 52.65 13.04 -25.01
CA PRO H 288 53.90 12.47 -25.54
C PRO H 288 54.81 13.53 -26.17
N MET H 289 56.08 13.18 -26.33
CA MET H 289 57.05 14.05 -27.00
C MET H 289 57.03 13.81 -28.50
N ILE H 290 57.00 12.54 -28.88
CA ILE H 290 57.00 12.13 -30.29
C ILE H 290 55.89 11.13 -30.53
N LEU H 291 55.33 11.14 -31.74
CA LEU H 291 54.33 10.15 -32.15
C LEU H 291 54.92 9.20 -33.17
N ASP H 292 54.88 7.92 -32.86
CA ASP H 292 55.24 6.89 -33.83
C ASP H 292 54.05 6.65 -34.75
N ASP H 293 54.20 6.99 -36.02
CA ASP H 293 53.15 6.84 -37.03
C ASP H 293 53.53 5.81 -38.10
N SER H 294 54.25 4.77 -37.68
CA SER H 294 54.74 3.72 -38.58
C SER H 294 53.61 3.07 -39.36
N ASN H 295 52.58 2.66 -38.63
CA ASN H 295 51.44 1.95 -39.20
C ASN H 295 50.77 2.70 -40.32
N ALA H 296 50.63 4.02 -40.15
CA ALA H 296 49.96 4.85 -41.16
C ALA H 296 50.78 4.95 -42.45
N ARG H 297 52.10 4.91 -42.32
CA ARG H 297 52.98 5.00 -43.48
C ARG H 297 52.95 3.68 -44.27
N LYS H 298 53.01 2.56 -43.54
CA LYS H 298 52.91 1.24 -44.14
C LYS H 298 51.52 0.94 -44.72
N ASP H 299 50.48 1.18 -43.93
CA ASP H 299 49.11 0.81 -44.31
C ASP H 299 48.56 1.63 -45.48
N TRP H 300 48.58 2.96 -45.35
CA TRP H 300 47.96 3.82 -46.37
C TRP H 300 48.88 4.94 -46.92
N GLY H 301 50.18 4.74 -46.82
CA GLY H 301 51.16 5.58 -47.52
C GLY H 301 51.32 6.99 -47.01
N TRP H 302 51.05 7.19 -45.72
CA TRP H 302 51.17 8.50 -45.12
C TRP H 302 52.60 9.04 -45.23
N LYS H 303 52.73 10.32 -45.59
CA LYS H 303 54.02 11.00 -45.67
C LYS H 303 53.81 12.50 -45.53
N HIS H 304 54.48 13.13 -44.56
CA HIS H 304 54.38 14.57 -44.34
C HIS H 304 55.24 15.35 -45.33
N ASP H 305 54.77 16.53 -45.72
CA ASP H 305 55.52 17.44 -46.59
C ASP H 305 56.27 18.50 -45.80
N PHE H 306 55.67 18.95 -44.69
CA PHE H 306 56.18 20.09 -43.94
C PHE H 306 56.97 19.64 -42.73
N ASP H 307 58.30 19.71 -42.83
CA ASP H 307 59.16 19.62 -41.66
C ASP H 307 59.30 21.03 -41.08
N LEU H 308 60.11 21.19 -40.03
CA LEU H 308 60.18 22.47 -39.32
C LEU H 308 60.56 23.68 -40.19
N PRO H 309 61.67 23.60 -40.97
CA PRO H 309 62.01 24.68 -41.89
C PRO H 309 60.87 25.15 -42.81
N GLU H 310 60.24 24.22 -43.53
CA GLU H 310 59.15 24.56 -44.46
C GLU H 310 57.95 25.19 -43.76
N LEU H 311 57.60 24.65 -42.60
CA LEU H 311 56.51 25.17 -41.78
C LEU H 311 56.78 26.60 -41.38
N VAL H 312 57.99 26.83 -40.83
CA VAL H 312 58.44 28.17 -40.44
C VAL H 312 58.40 29.13 -41.63
N ALA H 313 58.88 28.66 -42.78
CA ALA H 313 58.84 29.45 -44.01
C ALA H 313 57.40 29.76 -44.44
N THR H 314 56.62 28.71 -44.66
CA THR H 314 55.24 28.85 -45.13
C THR H 314 54.40 29.77 -44.24
N MET H 315 54.59 29.66 -42.94
CA MET H 315 53.84 30.48 -41.97
C MET H 315 54.19 31.97 -42.08
N LEU H 316 55.46 32.27 -42.29
CA LEU H 316 55.93 33.66 -42.41
C LEU H 316 55.43 34.38 -43.67
N ASN H 317 55.14 33.61 -44.73
CA ASN H 317 54.62 34.18 -45.98
C ASN H 317 53.10 34.45 -45.95
N PHE H 318 52.48 34.34 -44.79
CA PHE H 318 51.12 34.83 -44.55
C PHE H 318 51.15 35.85 -43.41
N HIS H 319 52.11 36.77 -43.48
CA HIS H 319 52.27 37.82 -42.47
C HIS H 319 52.83 39.10 -43.08
N GLU I 10 -4.99 -25.72 60.97
CA GLU I 10 -4.29 -27.04 60.79
C GLU I 10 -4.95 -27.96 59.75
N PRO I 11 -6.27 -28.19 59.84
CA PRO I 11 -6.90 -29.03 58.81
C PRO I 11 -7.05 -28.32 57.46
N PRO I 12 -6.77 -29.01 56.35
CA PRO I 12 -6.82 -28.38 55.03
C PRO I 12 -8.24 -28.21 54.50
N ARG I 13 -8.41 -27.25 53.58
CA ARG I 13 -9.65 -27.12 52.83
C ARG I 13 -9.41 -27.62 51.41
N VAL I 14 -10.13 -28.67 51.04
CA VAL I 14 -9.83 -29.47 49.86
C VAL I 14 -10.86 -29.30 48.74
N LEU I 15 -10.36 -29.14 47.51
CA LEU I 15 -11.18 -29.12 46.31
C LEU I 15 -10.82 -30.32 45.44
N ILE I 16 -11.83 -31.01 44.92
CA ILE I 16 -11.59 -32.10 43.98
C ILE I 16 -12.33 -31.85 42.66
N THR I 17 -11.59 -31.60 41.59
CA THR I 17 -12.20 -31.43 40.27
C THR I 17 -12.52 -32.81 39.68
N GLY I 18 -13.24 -32.84 38.56
CA GLY I 18 -13.74 -34.09 37.98
C GLY I 18 -14.24 -35.02 39.08
N GLY I 19 -14.98 -34.46 40.02
CA GLY I 19 -15.33 -35.16 41.25
C GLY I 19 -16.37 -36.25 41.14
N LEU I 20 -17.12 -36.27 40.03
CA LEU I 20 -18.18 -37.28 39.84
C LEU I 20 -17.64 -38.63 39.38
N GLY I 21 -16.33 -38.69 39.09
CA GLY I 21 -15.71 -39.94 38.71
C GLY I 21 -15.61 -40.91 39.87
N GLN I 22 -15.31 -42.16 39.55
CA GLN I 22 -15.11 -43.20 40.55
C GLN I 22 -14.13 -42.73 41.65
N LEU I 23 -12.97 -42.23 41.23
CA LEU I 23 -11.90 -41.86 42.16
C LEU I 23 -12.22 -40.61 42.97
N GLY I 24 -12.86 -39.63 42.34
CA GLY I 24 -13.22 -38.38 43.02
C GLY I 24 -14.10 -38.62 44.22
N VAL I 25 -15.17 -39.37 44.02
CA VAL I 25 -16.09 -39.73 45.10
C VAL I 25 -15.37 -40.52 46.18
N GLY I 26 -14.66 -41.57 45.76
CA GLY I 26 -13.89 -42.40 46.69
C GLY I 26 -13.01 -41.54 47.58
N LEU I 27 -12.23 -40.68 46.94
CA LEU I 27 -11.37 -39.75 47.66
C LEU I 27 -12.17 -38.80 48.55
N ALA I 28 -13.35 -38.41 48.09
CA ALA I 28 -14.21 -37.51 48.87
C ALA I 28 -14.60 -38.15 50.19
N ASN I 29 -15.18 -39.36 50.13
CA ASN I 29 -15.59 -40.09 51.33
C ASN I 29 -14.43 -40.33 52.30
N LEU I 30 -13.24 -40.54 51.76
CA LEU I 30 -12.06 -40.81 52.58
C LEU I 30 -11.56 -39.54 53.28
N LEU I 31 -11.42 -38.45 52.54
CA LEU I 31 -10.91 -37.20 53.10
C LEU I 31 -11.93 -36.51 53.99
N ARG I 32 -13.22 -36.69 53.68
CA ARG I 32 -14.28 -36.17 54.54
C ARG I 32 -14.26 -36.85 55.91
N LYS I 33 -14.05 -38.16 55.92
CA LYS I 33 -13.89 -38.90 57.18
C LYS I 33 -12.79 -38.31 58.06
N ARG I 34 -11.66 -37.98 57.44
CA ARG I 34 -10.47 -37.60 58.19
C ARG I 34 -10.42 -36.10 58.56
N PHE I 35 -10.97 -35.25 57.70
CA PHE I 35 -10.91 -33.79 57.90
C PHE I 35 -12.27 -33.14 58.23
N GLY I 36 -13.37 -33.75 57.79
CA GLY I 36 -14.72 -33.22 58.01
C GLY I 36 -15.47 -32.98 56.71
N LYS I 37 -16.77 -33.24 56.72
CA LYS I 37 -17.62 -33.10 55.52
C LYS I 37 -17.45 -31.74 54.84
N ASP I 38 -17.59 -30.68 55.62
CA ASP I 38 -17.55 -29.30 55.10
C ASP I 38 -16.17 -28.91 54.54
N ASN I 39 -15.12 -29.59 54.99
CA ASN I 39 -13.76 -29.24 54.61
C ASN I 39 -13.32 -29.83 53.27
N VAL I 40 -14.16 -30.67 52.66
CA VAL I 40 -13.87 -31.22 51.35
C VAL I 40 -14.96 -30.83 50.36
N ILE I 41 -14.58 -30.06 49.34
CA ILE I 41 -15.51 -29.59 48.33
C ILE I 41 -15.31 -30.39 47.04
N LEU I 42 -16.35 -31.13 46.66
CA LEU I 42 -16.36 -31.87 45.41
C LEU I 42 -16.81 -30.89 44.33
N SER I 43 -16.44 -31.13 43.08
CA SER I 43 -16.86 -30.25 41.98
C SER I 43 -16.72 -30.89 40.60
N ASP I 44 -17.57 -30.48 39.67
CA ASP I 44 -17.55 -30.99 38.29
C ASP I 44 -18.40 -30.09 37.40
N ILE I 45 -18.31 -30.32 36.09
CA ILE I 45 -19.09 -29.59 35.09
C ILE I 45 -20.48 -30.20 34.85
N ARG I 46 -20.92 -31.10 35.72
CA ARG I 46 -22.02 -31.99 35.39
C ARG I 46 -22.98 -32.24 36.56
N LYS I 47 -24.24 -32.47 36.21
CA LYS I 47 -25.32 -32.87 37.13
C LYS I 47 -24.89 -33.94 38.14
N PRO I 48 -24.83 -33.60 39.43
CA PRO I 48 -24.50 -34.60 40.46
C PRO I 48 -25.73 -35.35 40.95
N PRO I 49 -25.64 -36.69 41.08
CA PRO I 49 -26.70 -37.47 41.73
C PRO I 49 -26.99 -37.03 43.18
N ALA I 50 -28.06 -37.59 43.76
CA ALA I 50 -28.52 -37.17 45.09
C ALA I 50 -27.54 -37.55 46.19
N HIS I 51 -27.03 -38.79 46.13
CA HIS I 51 -26.16 -39.31 47.19
C HIS I 51 -24.82 -38.57 47.32
N VAL I 52 -24.30 -38.05 46.21
CA VAL I 52 -23.07 -37.27 46.23
C VAL I 52 -23.33 -35.82 46.70
N PHE I 53 -24.45 -35.25 46.27
CA PHE I 53 -24.81 -33.88 46.65
C PHE I 53 -25.11 -33.78 48.15
N HIS I 54 -25.75 -34.81 48.70
CA HIS I 54 -26.09 -34.82 50.13
C HIS I 54 -24.88 -35.12 51.02
N SER I 55 -23.87 -35.81 50.47
CA SER I 55 -22.71 -36.23 51.26
C SER I 55 -21.80 -35.07 51.71
N GLY I 56 -21.88 -33.95 51.00
CA GLY I 56 -21.08 -32.77 51.37
C GLY I 56 -21.10 -31.67 50.33
N PRO I 57 -20.37 -30.56 50.59
CA PRO I 57 -20.38 -29.40 49.71
C PRO I 57 -20.01 -29.77 48.29
N PHE I 58 -20.82 -29.31 47.34
CA PHE I 58 -20.55 -29.50 45.93
C PHE I 58 -20.73 -28.15 45.24
N VAL I 59 -19.91 -27.89 44.23
CA VAL I 59 -19.97 -26.63 43.50
C VAL I 59 -19.71 -26.85 42.02
N TYR I 60 -20.35 -26.03 41.18
CA TYR I 60 -20.11 -26.05 39.75
C TYR I 60 -18.92 -25.18 39.41
N ALA I 61 -17.83 -25.81 38.96
CA ALA I 61 -16.66 -25.10 38.48
C ALA I 61 -16.36 -25.54 37.05
N ASN I 62 -15.86 -24.60 36.25
CA ASN I 62 -15.42 -24.89 34.90
C ASN I 62 -13.93 -24.56 34.78
N ILE I 63 -13.10 -25.61 34.83
CA ILE I 63 -11.64 -25.47 34.76
C ILE I 63 -11.16 -24.79 33.47
N LEU I 64 -11.96 -24.84 32.42
CA LEU I 64 -11.68 -24.12 31.17
C LEU I 64 -11.80 -22.60 31.31
N ASP I 65 -12.30 -22.12 32.44
CA ASP I 65 -12.49 -20.70 32.70
C ASP I 65 -11.75 -20.27 33.98
N TYR I 66 -10.59 -19.66 33.80
CA TYR I 66 -9.72 -19.28 34.91
C TYR I 66 -10.44 -18.56 36.05
N LYS I 67 -11.33 -17.63 35.70
CA LYS I 67 -11.97 -16.80 36.71
C LYS I 67 -12.99 -17.56 37.57
N SER I 68 -13.62 -18.60 37.01
CA SER I 68 -14.57 -19.40 37.77
C SER I 68 -13.82 -20.27 38.78
N LEU I 69 -12.70 -20.83 38.34
CA LEU I 69 -11.83 -21.64 39.18
C LEU I 69 -11.15 -20.79 40.26
N ARG I 70 -10.73 -19.58 39.89
CA ARG I 70 -10.12 -18.65 40.85
C ARG I 70 -11.12 -18.22 41.92
N GLU I 71 -12.38 -18.09 41.55
CA GLU I 71 -13.44 -17.74 42.49
C GLU I 71 -13.54 -18.81 43.57
N ILE I 72 -13.66 -20.05 43.14
CA ILE I 72 -13.83 -21.19 44.05
C ILE I 72 -12.66 -21.30 45.01
N VAL I 73 -11.44 -21.12 44.50
CA VAL I 73 -10.23 -21.24 45.33
C VAL I 73 -10.22 -20.18 46.41
N VAL I 74 -10.52 -18.92 46.06
CA VAL I 74 -10.48 -17.84 47.06
C VAL I 74 -11.68 -17.87 48.00
N ASN I 75 -12.87 -18.10 47.46
CA ASN I 75 -14.10 -18.02 48.26
C ASN I 75 -14.17 -19.13 49.31
N HIS I 76 -13.79 -20.34 48.91
CA HIS I 76 -13.79 -21.49 49.81
C HIS I 76 -12.46 -21.68 50.54
N ARG I 77 -11.51 -20.77 50.31
CA ARG I 77 -10.24 -20.74 51.03
C ARG I 77 -9.46 -22.05 50.92
N ILE I 78 -9.32 -22.52 49.69
CA ILE I 78 -8.75 -23.85 49.42
C ILE I 78 -7.22 -23.88 49.59
N SER I 79 -6.74 -24.90 50.28
CA SER I 79 -5.29 -25.14 50.45
C SER I 79 -4.79 -26.39 49.71
N TRP I 80 -5.67 -27.37 49.48
CA TRP I 80 -5.33 -28.59 48.74
C TRP I 80 -6.24 -28.76 47.53
N LEU I 81 -5.69 -29.23 46.42
CA LEU I 81 -6.48 -29.43 45.20
C LEU I 81 -6.09 -30.73 44.48
N PHE I 82 -7.01 -31.69 44.46
CA PHE I 82 -6.82 -32.94 43.71
C PHE I 82 -7.49 -32.79 42.36
N HIS I 83 -6.69 -32.73 41.31
CA HIS I 83 -7.20 -32.47 39.97
C HIS I 83 -7.45 -33.78 39.21
N TYR I 84 -8.68 -34.28 39.27
CA TYR I 84 -9.05 -35.54 38.62
C TYR I 84 -9.77 -35.39 37.26
N SER I 85 -9.83 -34.18 36.70
CA SER I 85 -10.48 -33.99 35.40
C SER I 85 -9.63 -34.56 34.27
N ALA I 99 -11.52 -32.70 23.88
CA ALA I 99 -10.97 -33.71 24.78
C ALA I 99 -9.45 -33.63 24.85
N ARG I 100 -8.82 -33.67 23.68
CA ARG I 100 -7.36 -33.61 23.58
C ARG I 100 -6.78 -32.22 23.88
N ASP I 101 -7.61 -31.18 23.73
CA ASP I 101 -7.18 -29.80 23.94
C ASP I 101 -7.75 -29.14 25.19
N VAL I 102 -9.00 -29.45 25.53
CA VAL I 102 -9.62 -28.89 26.73
C VAL I 102 -8.90 -29.30 28.03
N ASN I 103 -8.44 -30.55 28.09
CA ASN I 103 -7.77 -31.06 29.30
C ASN I 103 -6.45 -30.36 29.65
N ILE I 104 -5.66 -29.96 28.64
CA ILE I 104 -4.40 -29.25 28.90
C ILE I 104 -4.61 -27.79 29.29
N THR I 105 -5.62 -27.11 28.72
CA THR I 105 -5.96 -25.75 29.16
C THR I 105 -6.54 -25.80 30.56
N GLY I 106 -7.30 -26.86 30.83
CA GLY I 106 -7.77 -27.14 32.19
C GLY I 106 -6.60 -27.28 33.13
N LEU I 107 -5.63 -28.09 32.73
CA LEU I 107 -4.41 -28.29 33.50
C LEU I 107 -3.68 -26.99 33.76
N HIS I 108 -3.55 -26.18 32.71
CA HIS I 108 -2.80 -24.93 32.80
C HIS I 108 -3.49 -23.93 33.72
N ASN I 109 -4.82 -23.87 33.67
CA ASN I 109 -5.57 -23.01 34.58
C ASN I 109 -5.36 -23.47 36.01
N VAL I 110 -5.48 -24.78 36.23
CA VAL I 110 -5.24 -25.37 37.55
C VAL I 110 -3.84 -25.05 38.08
N LEU I 111 -2.82 -25.16 37.22
CA LEU I 111 -1.45 -24.82 37.64
C LEU I 111 -1.35 -23.37 38.07
N ASP I 112 -1.88 -22.47 37.26
CA ASP I 112 -1.83 -21.04 37.55
C ASP I 112 -2.54 -20.66 38.85
N VAL I 113 -3.79 -21.09 39.03
CA VAL I 113 -4.52 -20.77 40.27
C VAL I 113 -3.86 -21.35 41.51
N ALA I 114 -3.32 -22.56 41.38
CA ALA I 114 -2.63 -23.21 42.48
C ALA I 114 -1.33 -22.50 42.81
N ALA I 115 -0.61 -22.08 41.76
CA ALA I 115 0.65 -21.35 41.92
C ALA I 115 0.43 -20.00 42.57
N GLU I 116 -0.50 -19.23 42.02
CA GLU I 116 -0.79 -17.87 42.48
C GLU I 116 -1.32 -17.84 43.92
N TYR I 117 -2.02 -18.88 44.34
CA TYR I 117 -2.63 -18.90 45.67
C TYR I 117 -2.01 -19.92 46.62
N ASN I 118 -0.77 -20.30 46.35
CA ASN I 118 0.01 -21.22 47.18
C ASN I 118 -0.79 -22.44 47.65
N VAL I 119 -1.40 -23.11 46.66
CA VAL I 119 -2.23 -24.27 46.88
C VAL I 119 -1.43 -25.54 46.61
N ARG I 120 -1.62 -26.55 47.44
CA ARG I 120 -0.96 -27.84 47.26
C ARG I 120 -1.72 -28.63 46.20
N LEU I 121 -1.08 -28.89 45.07
CA LEU I 121 -1.76 -29.52 43.93
C LEU I 121 -1.39 -30.98 43.79
N PHE I 122 -2.40 -31.85 43.77
CA PHE I 122 -2.22 -33.23 43.30
C PHE I 122 -2.81 -33.41 41.91
N VAL I 123 -2.06 -34.06 41.03
CA VAL I 123 -2.57 -34.52 39.74
C VAL I 123 -2.00 -35.91 39.46
N PRO I 124 -2.86 -36.89 39.14
CA PRO I 124 -2.38 -38.24 38.90
C PRO I 124 -1.76 -38.41 37.52
N SER I 125 -0.78 -39.30 37.43
CA SER I 125 -0.30 -39.78 36.15
C SER I 125 -0.62 -41.27 36.10
N THR I 126 -0.10 -41.97 35.10
CA THR I 126 -0.42 -43.38 34.91
C THR I 126 0.75 -44.19 34.36
N ILE I 127 0.64 -45.52 34.47
CA ILE I 127 1.52 -46.44 33.75
C ILE I 127 1.48 -46.23 32.24
N GLY I 128 0.42 -45.59 31.75
CA GLY I 128 0.35 -45.15 30.36
C GLY I 128 1.44 -44.16 29.97
N ALA I 129 2.03 -43.49 30.96
CA ALA I 129 3.11 -42.52 30.73
C ALA I 129 4.43 -43.14 30.27
N PHE I 130 4.52 -44.47 30.26
CA PHE I 130 5.72 -45.18 29.82
C PHE I 130 5.48 -45.76 28.44
N GLY I 131 6.55 -46.01 27.70
CA GLY I 131 6.46 -46.56 26.36
C GLY I 131 7.38 -47.74 26.16
N PRO I 132 7.35 -48.36 24.97
CA PRO I 132 8.18 -49.54 24.65
C PRO I 132 9.68 -49.30 24.78
N THR I 133 10.12 -48.08 24.51
CA THR I 133 11.54 -47.70 24.65
C THR I 133 11.96 -47.49 26.11
N SER I 134 11.03 -47.57 27.05
CA SER I 134 11.36 -47.36 28.45
C SER I 134 11.53 -48.72 29.13
N PRO I 135 12.26 -48.76 30.26
CA PRO I 135 12.49 -50.06 30.89
C PRO I 135 11.21 -50.59 31.53
N ARG I 136 10.93 -51.87 31.31
CA ARG I 136 9.62 -52.45 31.65
C ARG I 136 9.64 -53.43 32.82
N ASN I 137 10.82 -53.80 33.32
CA ASN I 137 10.92 -54.94 34.23
C ASN I 137 12.01 -54.77 35.30
N PRO I 138 11.83 -53.79 36.21
CA PRO I 138 10.72 -52.85 36.30
C PRO I 138 11.04 -51.46 35.75
N ALA I 139 10.01 -50.63 35.61
CA ALA I 139 10.18 -49.23 35.26
C ALA I 139 10.51 -48.45 36.52
N PRO I 140 11.64 -47.74 36.52
CA PRO I 140 11.99 -46.92 37.69
C PRO I 140 11.22 -45.61 37.70
N ASP I 141 11.41 -44.82 38.76
CA ASP I 141 10.74 -43.52 38.90
C ASP I 141 11.24 -42.50 37.87
N LEU I 142 12.48 -42.67 37.41
CA LEU I 142 13.07 -41.82 36.38
C LEU I 142 13.57 -42.68 35.22
N CYS I 143 13.02 -42.45 34.03
CA CYS I 143 13.46 -43.18 32.84
C CYS I 143 12.93 -42.53 31.59
N ILE I 144 13.36 -43.06 30.43
CA ILE I 144 12.77 -42.73 29.16
C ILE I 144 11.24 -42.82 29.27
N GLN I 145 10.53 -41.85 28.70
CA GLN I 145 9.07 -41.88 28.70
C GLN I 145 8.53 -41.43 27.35
N ARG I 146 8.32 -42.39 26.46
CA ARG I 146 7.81 -42.10 25.11
C ARG I 146 6.54 -42.88 24.85
N PRO I 147 5.46 -42.55 25.56
CA PRO I 147 4.24 -43.34 25.45
C PRO I 147 3.57 -43.18 24.08
N ARG I 148 2.97 -44.27 23.59
CA ARG I 148 2.35 -44.28 22.28
C ARG I 148 0.82 -44.29 22.43
N THR I 149 0.34 -43.42 23.32
CA THR I 149 -1.06 -43.27 23.66
C THR I 149 -1.25 -41.79 24.02
N ILE I 150 -2.25 -41.15 23.41
CA ILE I 150 -2.50 -39.72 23.65
C ILE I 150 -2.63 -39.38 25.14
N TYR I 151 -3.28 -40.26 25.89
CA TYR I 151 -3.46 -40.06 27.31
C TYR I 151 -2.11 -40.06 28.04
N GLY I 152 -1.19 -40.91 27.56
CA GLY I 152 0.14 -41.03 28.14
C GLY I 152 1.00 -39.81 27.86
N VAL I 153 0.99 -39.33 26.61
CA VAL I 153 1.81 -38.18 26.27
C VAL I 153 1.31 -36.96 27.02
N SER I 154 0.00 -36.88 27.22
CA SER I 154 -0.58 -35.75 27.97
C SER I 154 -0.24 -35.86 29.46
N LYS I 155 -0.06 -37.08 29.96
CA LYS I 155 0.36 -37.28 31.35
C LYS I 155 1.88 -37.10 31.55
N VAL I 156 2.69 -37.38 30.53
CA VAL I 156 4.09 -36.97 30.59
C VAL I 156 4.09 -35.44 30.67
N HIS I 157 3.22 -34.82 29.88
CA HIS I 157 3.08 -33.36 29.89
C HIS I 157 2.66 -32.84 31.26
N THR I 158 1.71 -33.51 31.88
CA THR I 158 1.22 -33.13 33.21
C THR I 158 2.35 -33.15 34.23
N GLU I 159 3.15 -34.20 34.18
CA GLU I 159 4.32 -34.35 35.04
C GLU I 159 5.32 -33.22 34.83
N LEU I 160 5.76 -33.04 33.58
CA LEU I 160 6.81 -32.07 33.28
C LEU I 160 6.40 -30.64 33.63
N MET I 161 5.18 -30.26 33.26
CA MET I 161 4.64 -28.94 33.58
C MET I 161 4.51 -28.76 35.08
N GLY I 162 3.98 -29.78 35.76
CA GLY I 162 3.83 -29.74 37.21
C GLY I 162 5.14 -29.55 37.96
N GLU I 163 6.14 -30.35 37.61
CA GLU I 163 7.49 -30.20 38.17
C GLU I 163 8.11 -28.87 37.76
N TYR I 164 7.92 -28.50 36.49
CA TYR I 164 8.42 -27.21 36.01
C TYR I 164 7.88 -26.05 36.86
N TYR I 165 6.59 -26.08 37.16
CA TYR I 165 5.97 -25.04 38.00
C TYR I 165 6.48 -25.09 39.44
N TYR I 166 6.89 -26.27 39.90
CA TYR I 166 7.52 -26.39 41.23
C TYR I 166 8.90 -25.73 41.27
N TYR I 167 9.67 -25.87 40.20
CA TYR I 167 11.04 -25.34 40.19
C TYR I 167 11.12 -23.84 39.90
N ARG I 168 10.33 -23.33 38.96
CA ARG I 168 10.37 -21.90 38.65
C ARG I 168 9.59 -21.11 39.69
N TYR I 169 8.31 -21.43 39.82
CA TYR I 169 7.47 -20.86 40.87
C TYR I 169 7.54 -21.81 42.07
N GLY I 170 6.88 -21.49 43.16
CA GLY I 170 6.99 -22.33 44.35
C GLY I 170 5.97 -23.46 44.44
N LEU I 171 5.35 -23.84 43.33
CA LEU I 171 4.14 -24.67 43.36
C LEU I 171 4.37 -26.02 44.02
N ASP I 172 3.59 -26.30 45.07
CA ASP I 172 3.67 -27.61 45.75
C ASP I 172 2.90 -28.66 44.94
N PHE I 173 3.48 -29.04 43.82
CA PHE I 173 2.90 -30.02 42.92
C PHE I 173 3.35 -31.42 43.35
N ARG I 174 2.39 -32.33 43.49
CA ARG I 174 2.68 -33.71 43.88
C ARG I 174 1.92 -34.66 42.95
N CYS I 175 2.61 -35.66 42.44
CA CYS I 175 2.06 -36.51 41.39
C CYS I 175 2.36 -37.98 41.64
N LEU I 176 1.39 -38.84 41.35
CA LEU I 176 1.57 -40.30 41.48
C LEU I 176 1.18 -40.98 40.19
N ARG I 177 1.98 -41.95 39.76
CA ARG I 177 1.64 -42.74 38.57
C ARG I 177 0.77 -43.90 38.99
N TYR I 178 -0.55 -43.75 38.81
CA TYR I 178 -1.46 -44.82 39.14
C TYR I 178 -1.24 -46.01 38.22
N PRO I 179 -1.06 -47.20 38.80
CA PRO I 179 -1.16 -48.39 37.97
C PRO I 179 -2.61 -48.68 37.61
N GLY I 180 -2.87 -49.84 37.01
CA GLY I 180 -4.23 -50.29 36.76
C GLY I 180 -5.02 -50.26 38.06
N ILE I 181 -6.03 -49.40 38.13
CA ILE I 181 -6.87 -49.31 39.33
C ILE I 181 -8.04 -50.27 39.22
N ILE I 182 -8.23 -51.07 40.26
CA ILE I 182 -9.27 -52.08 40.30
C ILE I 182 -10.35 -51.70 41.31
N SER I 183 -11.61 -51.86 40.89
CA SER I 183 -12.75 -51.56 41.75
C SER I 183 -14.00 -52.32 41.30
N ALA I 184 -14.97 -52.46 42.22
CA ALA I 184 -16.20 -53.23 41.98
C ALA I 184 -17.01 -52.82 40.73
N ASP I 185 -17.00 -51.53 40.40
CA ASP I 185 -17.72 -51.02 39.22
C ASP I 185 -16.88 -51.16 37.94
N THR I 192 -8.79 -50.16 29.36
CA THR I 192 -7.36 -50.46 29.29
C THR I 192 -7.02 -51.78 30.02
N THR I 193 -7.16 -51.76 31.35
CA THR I 193 -7.07 -52.97 32.17
C THR I 193 -8.49 -53.54 32.30
N ASP I 194 -9.10 -53.80 31.14
CA ASP I 194 -10.53 -54.10 31.05
C ASP I 194 -10.90 -55.39 31.78
N TYR I 195 -10.26 -56.48 31.40
CA TYR I 195 -10.54 -57.80 31.95
C TYR I 195 -10.47 -57.83 33.47
N ALA I 196 -9.54 -57.08 34.05
CA ALA I 196 -9.27 -57.12 35.48
C ALA I 196 -10.49 -56.85 36.34
N VAL I 197 -11.29 -55.85 35.98
CA VAL I 197 -12.52 -55.55 36.73
C VAL I 197 -13.71 -56.36 36.20
N GLN I 198 -13.64 -56.73 34.93
CA GLN I 198 -14.73 -57.42 34.26
C GLN I 198 -14.77 -58.91 34.60
N ILE I 199 -13.62 -59.48 34.97
CA ILE I 199 -13.54 -60.90 35.31
C ILE I 199 -14.34 -61.27 36.57
N PHE I 200 -14.47 -60.33 37.50
CA PHE I 200 -15.14 -60.58 38.78
C PHE I 200 -16.66 -60.72 38.70
N HIS I 201 -17.26 -60.38 37.56
CA HIS I 201 -18.69 -60.58 37.35
C HIS I 201 -19.00 -62.06 37.08
N ALA I 202 -18.24 -62.66 36.18
CA ALA I 202 -18.38 -64.09 35.86
C ALA I 202 -17.42 -64.93 36.72
N ALA I 203 -17.40 -64.67 38.02
CA ALA I 203 -16.48 -65.34 38.94
C ALA I 203 -17.23 -65.87 40.15
N ALA I 204 -17.92 -64.99 40.86
CA ALA I 204 -18.73 -65.36 42.02
C ALA I 204 -19.88 -66.31 41.64
N LYS I 205 -20.16 -66.43 40.34
CA LYS I 205 -21.09 -67.42 39.82
C LYS I 205 -20.37 -68.61 39.15
N ASN I 206 -19.08 -68.78 39.44
CA ASN I 206 -18.26 -69.86 38.84
C ASN I 206 -18.36 -69.92 37.31
N GLY I 207 -18.55 -68.78 36.66
CA GLY I 207 -18.90 -68.75 35.24
C GLY I 207 -17.74 -68.94 34.28
N THR I 208 -17.92 -68.48 33.05
CA THR I 208 -16.87 -68.43 32.04
C THR I 208 -16.64 -66.97 31.67
N PHE I 209 -15.41 -66.66 31.26
CA PHE I 209 -15.02 -65.28 31.00
C PHE I 209 -14.06 -65.17 29.81
N GLU I 210 -14.36 -64.28 28.88
CA GLU I 210 -13.46 -63.95 27.78
C GLU I 210 -12.47 -62.88 28.23
N CYS I 211 -11.22 -63.03 27.80
CA CYS I 211 -10.16 -62.08 28.13
C CYS I 211 -9.54 -61.54 26.84
N ASN I 212 -9.54 -60.22 26.68
CA ASN I 212 -8.90 -59.59 25.51
C ASN I 212 -7.39 -59.83 25.44
N LEU I 213 -6.75 -59.93 26.60
CA LEU I 213 -5.29 -60.05 26.68
C LEU I 213 -4.83 -61.50 26.75
N GLU I 214 -3.67 -61.77 26.16
CA GLU I 214 -3.05 -63.09 26.22
C GLU I 214 -2.74 -63.48 27.67
N ALA I 215 -2.72 -64.79 27.93
CA ALA I 215 -2.59 -65.35 29.27
C ALA I 215 -1.43 -64.75 30.08
N GLY I 216 -0.28 -64.58 29.44
CA GLY I 216 0.94 -64.13 30.13
C GLY I 216 1.23 -62.65 30.04
N THR I 217 0.18 -61.82 30.03
CA THR I 217 0.34 -60.38 29.93
C THR I 217 0.39 -59.74 31.32
N ARG I 218 1.60 -59.44 31.78
CA ARG I 218 1.79 -58.89 33.11
C ARG I 218 1.63 -57.37 33.11
N LEU I 219 0.91 -56.84 34.09
CA LEU I 219 0.74 -55.39 34.25
C LEU I 219 0.68 -55.00 35.72
N PRO I 220 1.11 -53.77 36.05
CA PRO I 220 0.95 -53.24 37.40
C PRO I 220 -0.52 -52.96 37.70
N MET I 221 -0.96 -53.37 38.88
CA MET I 221 -2.36 -53.29 39.24
C MET I 221 -2.47 -52.89 40.70
N MET I 222 -3.59 -52.27 41.06
CA MET I 222 -3.77 -51.81 42.43
C MET I 222 -5.22 -51.66 42.79
N TYR I 223 -5.59 -52.13 43.97
CA TYR I 223 -6.95 -51.98 44.46
C TYR I 223 -7.18 -50.52 44.86
N ILE I 224 -8.32 -49.99 44.42
CA ILE I 224 -8.71 -48.59 44.66
C ILE I 224 -8.43 -48.06 46.07
N SER I 225 -8.66 -48.89 47.08
CA SER I 225 -8.43 -48.47 48.46
C SER I 225 -6.99 -48.02 48.72
N ASP I 226 -6.03 -48.71 48.11
CA ASP I 226 -4.60 -48.36 48.20
C ASP I 226 -4.29 -47.09 47.41
N CYS I 227 -4.85 -47.05 46.19
CA CYS I 227 -4.67 -45.91 45.29
C CYS I 227 -5.10 -44.60 45.94
N LEU I 228 -6.28 -44.61 46.55
CA LEU I 228 -6.80 -43.42 47.21
C LEU I 228 -5.96 -43.07 48.44
N ARG I 229 -5.53 -44.09 49.18
CA ARG I 229 -4.77 -43.89 50.41
C ARG I 229 -3.39 -43.30 50.12
N ALA I 230 -2.76 -43.79 49.06
CA ALA I 230 -1.48 -43.27 48.59
C ALA I 230 -1.58 -41.78 48.29
N THR I 231 -2.65 -41.42 47.58
CA THR I 231 -2.90 -40.03 47.17
C THR I 231 -2.95 -39.11 48.38
N LEU I 232 -3.74 -39.48 49.38
CA LEU I 232 -3.79 -38.74 50.63
C LEU I 232 -2.40 -38.65 51.24
N GLU I 233 -1.76 -39.80 51.41
CA GLU I 233 -0.49 -39.89 52.13
C GLU I 233 0.61 -38.99 51.58
N VAL I 234 0.80 -38.99 50.26
CA VAL I 234 1.83 -38.15 49.65
C VAL I 234 1.54 -36.65 49.88
N MET I 235 0.27 -36.27 49.95
CA MET I 235 -0.12 -34.89 50.23
C MET I 235 0.11 -34.53 51.70
N GLU I 236 -0.04 -35.51 52.58
CA GLU I 236 0.25 -35.33 54.00
C GLU I 236 1.75 -35.20 54.25
N ALA I 237 2.55 -35.96 53.51
CA ALA I 237 4.00 -36.00 53.72
C ALA I 237 4.63 -34.61 53.68
N PRO I 238 5.67 -34.36 54.52
CA PRO I 238 6.37 -33.08 54.44
C PRO I 238 7.17 -32.93 53.15
N ALA I 239 7.27 -31.71 52.66
CA ALA I 239 7.85 -31.44 51.34
C ALA I 239 9.33 -31.77 51.29
N GLU I 240 10.02 -31.57 52.41
CA GLU I 240 11.46 -31.86 52.51
C GLU I 240 11.80 -33.31 52.14
N ARG I 241 10.90 -34.24 52.45
CA ARG I 241 11.11 -35.66 52.15
C ARG I 241 11.03 -36.01 50.67
N LEU I 242 10.53 -35.10 49.84
CA LEU I 242 10.22 -35.43 48.46
C LEU I 242 11.43 -35.20 47.55
N SER I 243 12.19 -36.27 47.32
CA SER I 243 13.35 -36.21 46.43
C SER I 243 12.94 -35.93 44.99
N MET I 244 11.74 -36.36 44.63
CA MET I 244 11.12 -36.01 43.35
C MET I 244 9.65 -35.68 43.57
N ARG I 245 8.96 -35.22 42.53
CA ARG I 245 7.56 -34.82 42.62
C ARG I 245 6.60 -35.72 41.84
N THR I 246 7.15 -36.62 41.04
CA THR I 246 6.37 -37.66 40.40
C THR I 246 6.89 -39.02 40.86
N TYR I 247 6.07 -39.72 41.65
CA TYR I 247 6.41 -41.05 42.16
C TYR I 247 5.61 -42.14 41.47
N ASN I 248 6.24 -43.29 41.23
CA ASN I 248 5.49 -44.51 40.98
C ASN I 248 4.95 -44.98 42.33
N ILE I 249 3.81 -45.66 42.31
CA ILE I 249 3.34 -46.41 43.46
C ILE I 249 2.98 -47.81 42.98
N SER I 250 3.34 -48.81 43.77
CA SER I 250 3.14 -50.20 43.37
C SER I 250 2.44 -51.02 44.44
N ALA I 251 2.05 -52.23 44.07
CA ALA I 251 1.30 -53.11 44.94
C ALA I 251 1.42 -54.54 44.46
N MET I 252 1.03 -54.78 43.21
CA MET I 252 1.10 -56.10 42.61
C MET I 252 1.25 -55.99 41.10
N SER I 253 1.75 -57.06 40.49
CA SER I 253 1.79 -57.18 39.05
C SER I 253 1.39 -58.60 38.73
N PHE I 254 0.26 -58.78 38.06
CA PHE I 254 -0.16 -60.12 37.69
C PHE I 254 -0.51 -60.25 36.22
N THR I 255 -0.48 -61.49 35.75
CA THR I 255 -0.98 -61.85 34.44
C THR I 255 -2.42 -62.29 34.60
N PRO I 256 -3.18 -62.40 33.49
CA PRO I 256 -4.56 -62.89 33.58
C PRO I 256 -4.68 -64.31 34.15
N GLU I 257 -3.91 -65.25 33.62
CA GLU I 257 -3.94 -66.63 34.12
C GLU I 257 -3.65 -66.70 35.61
N GLU I 258 -2.78 -65.81 36.10
CA GLU I 258 -2.47 -65.71 37.52
C GLU I 258 -3.67 -65.22 38.34
N LEU I 259 -4.38 -64.23 37.82
CA LEU I 259 -5.61 -63.74 38.46
C LEU I 259 -6.69 -64.82 38.44
N ALA I 260 -6.75 -65.61 37.37
CA ALA I 260 -7.68 -66.74 37.31
C ALA I 260 -7.37 -67.74 38.42
N GLN I 261 -6.11 -68.14 38.55
CA GLN I 261 -5.62 -68.97 39.66
C GLN I 261 -6.16 -68.51 41.00
N ALA I 262 -5.90 -67.24 41.31
CA ALA I 262 -6.25 -66.66 42.60
C ALA I 262 -7.76 -66.63 42.86
N LEU I 263 -8.55 -66.65 41.79
CA LEU I 263 -10.01 -66.70 41.89
C LEU I 263 -10.49 -68.14 42.07
N ARG I 264 -9.82 -69.08 41.42
CA ARG I 264 -10.12 -70.50 41.59
C ARG I 264 -9.90 -70.97 43.04
N LYS I 265 -9.17 -70.17 43.81
CA LYS I 265 -9.14 -70.28 45.27
C LYS I 265 -10.55 -70.30 45.86
N HIS I 266 -11.39 -69.37 45.41
CA HIS I 266 -12.76 -69.23 45.93
C HIS I 266 -13.84 -69.77 44.99
N ALA I 267 -13.50 -69.98 43.72
CA ALA I 267 -14.47 -70.40 42.71
C ALA I 267 -13.81 -71.39 41.74
N PRO I 268 -13.55 -72.62 42.21
CA PRO I 268 -12.71 -73.58 41.48
C PRO I 268 -13.27 -74.04 40.13
N ASP I 269 -14.57 -73.85 39.90
CA ASP I 269 -15.19 -74.15 38.61
C ASP I 269 -15.09 -72.99 37.61
N PHE I 270 -14.39 -71.93 37.99
CA PHE I 270 -14.19 -70.78 37.10
C PHE I 270 -13.22 -71.11 35.98
N GLN I 271 -13.68 -70.92 34.74
CA GLN I 271 -12.86 -71.15 33.56
C GLN I 271 -12.53 -69.85 32.85
N ILE I 272 -11.44 -69.85 32.09
CA ILE I 272 -10.98 -68.69 31.33
C ILE I 272 -10.74 -69.06 29.88
N THR I 273 -11.27 -68.23 28.98
CA THR I 273 -11.03 -68.37 27.55
C THR I 273 -10.22 -67.17 27.07
N TYR I 274 -9.49 -67.36 25.98
CA TYR I 274 -8.61 -66.32 25.45
C TYR I 274 -8.84 -66.04 23.97
N CYS I 275 -9.66 -65.03 23.70
CA CYS I 275 -9.79 -64.45 22.36
C CYS I 275 -9.06 -63.11 22.37
N VAL I 276 -7.95 -63.04 21.65
CA VAL I 276 -7.06 -61.87 21.73
C VAL I 276 -7.56 -60.67 20.93
N ASP I 277 -7.33 -59.47 21.47
CA ASP I 277 -7.56 -58.21 20.78
C ASP I 277 -6.19 -57.58 20.51
N PRO I 278 -5.69 -57.68 19.26
CA PRO I 278 -4.31 -57.24 18.97
C PRO I 278 -4.00 -55.80 19.35
N LEU I 279 -4.99 -54.91 19.28
CA LEU I 279 -4.83 -53.51 19.67
C LEU I 279 -4.65 -53.37 21.18
N ARG I 280 -5.57 -53.96 21.94
CA ARG I 280 -5.50 -53.89 23.40
C ARG I 280 -4.25 -54.60 23.93
N GLN I 281 -3.80 -55.63 23.21
CA GLN I 281 -2.53 -56.31 23.49
C GLN I 281 -1.33 -55.39 23.25
N ALA I 282 -1.29 -54.76 22.07
CA ALA I 282 -0.15 -53.95 21.67
C ALA I 282 0.11 -52.77 22.61
N ILE I 283 -0.95 -52.15 23.12
CA ILE I 283 -0.78 -51.03 24.07
C ILE I 283 -0.42 -51.57 25.46
N ALA I 284 -0.94 -52.74 25.80
CA ALA I 284 -0.59 -53.42 27.05
C ALA I 284 0.88 -53.85 27.04
N GLU I 285 1.37 -54.20 25.85
CA GLU I 285 2.77 -54.54 25.68
C GLU I 285 3.66 -53.29 25.70
N SER I 286 3.09 -52.16 25.32
CA SER I 286 3.82 -50.88 25.33
C SER I 286 3.98 -50.35 26.76
N TRP I 287 3.27 -50.93 27.71
CA TRP I 287 3.33 -50.53 29.11
C TRP I 287 4.31 -51.42 29.89
N PRO I 288 4.75 -50.95 31.06
CA PRO I 288 5.64 -51.76 31.89
C PRO I 288 4.93 -52.95 32.52
N MET I 289 5.67 -54.02 32.81
CA MET I 289 5.13 -55.18 33.52
C MET I 289 5.04 -54.92 35.02
N ILE I 290 6.03 -54.23 35.57
CA ILE I 290 6.11 -53.93 37.00
C ILE I 290 6.60 -52.50 37.17
N LEU I 291 6.18 -51.85 38.25
CA LEU I 291 6.64 -50.52 38.59
C LEU I 291 7.50 -50.58 39.84
N ASP I 292 8.72 -50.06 39.74
CA ASP I 292 9.59 -49.89 40.90
C ASP I 292 9.14 -48.66 41.68
N ASP I 293 8.70 -48.87 42.92
CA ASP I 293 8.26 -47.78 43.79
C ASP I 293 9.17 -47.59 45.01
N SER I 294 10.47 -47.71 44.77
CA SER I 294 11.49 -47.59 45.82
C SER I 294 11.47 -46.21 46.48
N ASN I 295 11.48 -45.18 45.66
CA ASN I 295 11.55 -43.81 46.16
C ASN I 295 10.30 -43.41 46.93
N ALA I 296 9.14 -43.91 46.53
CA ALA I 296 7.90 -43.65 47.27
C ALA I 296 7.92 -44.35 48.63
N ARG I 297 8.37 -45.61 48.65
CA ARG I 297 8.49 -46.36 49.90
C ARG I 297 9.49 -45.71 50.85
N LYS I 298 10.65 -45.33 50.32
CA LYS I 298 11.68 -44.71 51.14
C LYS I 298 11.28 -43.32 51.61
N ASP I 299 10.79 -42.49 50.67
CA ASP I 299 10.60 -41.05 50.93
C ASP I 299 9.41 -40.69 51.83
N TRP I 300 8.25 -41.32 51.65
CA TRP I 300 7.07 -40.99 52.46
C TRP I 300 6.32 -42.22 52.97
N GLY I 301 7.07 -43.27 53.29
CA GLY I 301 6.56 -44.42 54.03
C GLY I 301 5.44 -45.18 53.36
N TRP I 302 5.42 -45.17 52.04
CA TRP I 302 4.37 -45.86 51.29
C TRP I 302 4.43 -47.38 51.43
N LYS I 303 3.29 -47.99 51.73
CA LYS I 303 3.13 -49.45 51.72
C LYS I 303 1.73 -49.82 51.21
N HIS I 304 1.64 -50.87 50.41
CA HIS I 304 0.36 -51.37 49.92
C HIS I 304 -0.22 -52.40 50.88
N ASP I 305 -1.53 -52.33 51.11
CA ASP I 305 -2.24 -53.28 51.99
C ASP I 305 -2.84 -54.46 51.24
N PHE I 306 -3.07 -54.31 49.94
CA PHE I 306 -3.75 -55.34 49.15
C PHE I 306 -2.82 -56.00 48.13
N ASP I 307 -2.40 -57.22 48.42
CA ASP I 307 -1.77 -58.07 47.41
C ASP I 307 -2.89 -58.85 46.72
N LEU I 308 -2.55 -59.73 45.78
CA LEU I 308 -3.56 -60.36 44.94
C LEU I 308 -4.66 -61.12 45.69
N PRO I 309 -4.29 -61.96 46.69
CA PRO I 309 -5.34 -62.63 47.47
C PRO I 309 -6.26 -61.68 48.23
N GLU I 310 -5.68 -60.67 48.88
CA GLU I 310 -6.48 -59.67 49.62
C GLU I 310 -7.43 -58.91 48.67
N LEU I 311 -6.94 -58.61 47.47
CA LEU I 311 -7.77 -58.00 46.42
C LEU I 311 -8.93 -58.93 46.05
N VAL I 312 -8.58 -60.12 45.57
CA VAL I 312 -9.55 -61.13 45.12
C VAL I 312 -10.65 -61.38 46.16
N ALA I 313 -10.26 -61.52 47.42
CA ALA I 313 -11.20 -61.69 48.50
C ALA I 313 -12.18 -60.53 48.54
N THR I 314 -11.64 -59.31 48.64
CA THR I 314 -12.45 -58.12 48.82
C THR I 314 -13.39 -57.86 47.65
N MET I 315 -12.93 -58.13 46.43
CA MET I 315 -13.74 -57.92 45.24
C MET I 315 -14.89 -58.91 45.18
N LEU I 316 -14.66 -60.14 45.62
CA LEU I 316 -15.71 -61.16 45.66
C LEU I 316 -16.69 -60.93 46.83
N ASN I 317 -16.21 -60.34 47.93
CA ASN I 317 -17.06 -60.01 49.08
C ASN I 317 -18.23 -59.10 48.74
N PHE I 318 -18.02 -58.12 47.87
CA PHE I 318 -19.09 -57.22 47.45
C PHE I 318 -20.10 -57.93 46.55
N HIS I 319 -19.60 -58.79 45.66
CA HIS I 319 -20.46 -59.52 44.73
C HIS I 319 -21.33 -60.55 45.47
N GLU J 10 7.62 -34.49 -9.53
CA GLU J 10 7.99 -35.30 -8.32
C GLU J 10 8.99 -34.64 -7.36
N PRO J 11 9.81 -33.69 -7.84
CA PRO J 11 10.46 -32.85 -6.84
C PRO J 11 9.45 -32.38 -5.77
N PRO J 12 9.76 -32.61 -4.49
CA PRO J 12 8.84 -32.29 -3.39
C PRO J 12 8.20 -30.92 -3.50
N ARG J 13 6.99 -30.82 -2.98
CA ARG J 13 6.24 -29.58 -2.95
C ARG J 13 6.28 -29.12 -1.48
N VAL J 14 7.08 -28.12 -1.19
CA VAL J 14 7.42 -27.76 0.19
C VAL J 14 6.67 -26.55 0.70
N LEU J 15 6.33 -26.57 1.99
CA LEU J 15 5.92 -25.38 2.72
C LEU J 15 6.79 -25.22 3.97
N ILE J 16 7.10 -23.98 4.33
CA ILE J 16 7.83 -23.67 5.55
C ILE J 16 7.05 -22.64 6.33
N THR J 17 6.69 -22.96 7.58
CA THR J 17 6.05 -22.00 8.47
C THR J 17 7.07 -21.32 9.36
N GLY J 18 6.66 -20.24 10.04
CA GLY J 18 7.56 -19.46 10.88
C GLY J 18 8.89 -19.19 10.22
N GLY J 19 8.85 -18.91 8.92
CA GLY J 19 10.05 -18.94 8.08
C GLY J 19 10.83 -17.65 7.99
N LEU J 20 10.29 -16.57 8.55
CA LEU J 20 10.96 -15.26 8.47
C LEU J 20 12.26 -15.24 9.29
N GLY J 21 12.40 -16.18 10.22
CA GLY J 21 13.61 -16.33 11.01
C GLY J 21 14.82 -16.89 10.25
N GLN J 22 15.94 -16.97 10.95
CA GLN J 22 17.21 -17.43 10.38
C GLN J 22 17.10 -18.77 9.66
N LEU J 23 16.60 -19.78 10.36
CA LEU J 23 16.54 -21.15 9.84
C LEU J 23 15.72 -21.26 8.55
N GLY J 24 14.54 -20.64 8.56
CA GLY J 24 13.59 -20.75 7.45
C GLY J 24 14.11 -20.25 6.12
N VAL J 25 14.60 -19.01 6.11
CA VAL J 25 15.11 -18.40 4.88
C VAL J 25 16.29 -19.18 4.31
N GLY J 26 17.14 -19.68 5.22
CA GLY J 26 18.30 -20.49 4.84
C GLY J 26 17.89 -21.80 4.20
N LEU J 27 16.87 -22.43 4.76
CA LEU J 27 16.33 -23.67 4.21
C LEU J 27 15.62 -23.43 2.88
N ALA J 28 14.84 -22.35 2.79
CA ALA J 28 14.15 -22.01 1.55
C ALA J 28 15.15 -21.87 0.38
N ASN J 29 16.28 -21.21 0.63
CA ASN J 29 17.33 -21.10 -0.39
C ASN J 29 17.85 -22.47 -0.80
N LEU J 30 18.21 -23.27 0.21
CA LEU J 30 18.71 -24.62 -0.01
C LEU J 30 17.74 -25.47 -0.84
N LEU J 31 16.47 -25.47 -0.42
CA LEU J 31 15.45 -26.29 -1.09
C LEU J 31 15.08 -25.76 -2.48
N ARG J 32 14.96 -24.45 -2.61
CA ARG J 32 14.70 -23.84 -3.93
C ARG J 32 15.81 -24.18 -4.92
N LYS J 33 17.05 -24.19 -4.45
CA LYS J 33 18.18 -24.64 -5.27
C LYS J 33 18.06 -26.11 -5.60
N ARG J 34 17.45 -26.86 -4.69
CA ARG J 34 17.32 -28.30 -4.84
C ARG J 34 16.10 -28.69 -5.68
N PHE J 35 14.96 -28.07 -5.39
CA PHE J 35 13.67 -28.45 -5.99
C PHE J 35 13.07 -27.42 -6.94
N GLY J 36 13.72 -26.27 -7.11
CA GLY J 36 13.19 -25.19 -7.94
C GLY J 36 12.47 -24.14 -7.12
N LYS J 37 12.41 -22.91 -7.65
CA LYS J 37 11.92 -21.75 -6.89
C LYS J 37 10.46 -21.87 -6.46
N ASP J 38 9.58 -22.27 -7.37
CA ASP J 38 8.14 -22.27 -7.11
C ASP J 38 7.64 -23.49 -6.32
N ASN J 39 8.51 -24.47 -6.10
CA ASN J 39 8.19 -25.64 -5.28
C ASN J 39 8.39 -25.42 -3.77
N VAL J 40 8.81 -24.22 -3.37
CA VAL J 40 9.06 -23.90 -1.96
C VAL J 40 8.31 -22.63 -1.55
N ILE J 41 7.29 -22.80 -0.72
CA ILE J 41 6.45 -21.70 -0.27
C ILE J 41 6.80 -21.32 1.16
N LEU J 42 7.52 -20.21 1.31
CA LEU J 42 7.85 -19.70 2.63
C LEU J 42 6.59 -19.03 3.20
N SER J 43 6.40 -19.09 4.51
CA SER J 43 5.26 -18.42 5.15
C SER J 43 5.55 -18.00 6.59
N ASP J 44 4.78 -17.01 7.05
CA ASP J 44 4.91 -16.50 8.41
C ASP J 44 3.70 -15.62 8.71
N ILE J 45 3.43 -15.39 9.99
CA ILE J 45 2.41 -14.44 10.42
C ILE J 45 3.03 -13.03 10.55
N ARG J 46 3.81 -12.65 9.54
CA ARG J 46 4.56 -11.39 9.54
C ARG J 46 4.80 -10.89 8.11
N LYS J 47 5.40 -9.71 8.02
CA LYS J 47 5.71 -9.06 6.74
C LYS J 47 7.21 -9.13 6.47
N PRO J 48 7.61 -9.54 5.23
CA PRO J 48 9.01 -9.52 4.82
C PRO J 48 9.45 -8.15 4.30
N PHE J 53 8.60 -11.10 -0.13
CA PHE J 53 7.76 -11.49 -1.26
C PHE J 53 8.52 -11.51 -2.60
N HIS J 54 9.85 -11.53 -2.53
CA HIS J 54 10.71 -11.44 -3.71
C HIS J 54 11.55 -12.69 -3.97
N SER J 55 12.13 -13.25 -2.90
CA SER J 55 12.97 -14.45 -3.01
C SER J 55 12.25 -15.58 -3.77
N GLY J 56 10.96 -15.74 -3.49
CA GLY J 56 10.12 -16.76 -4.11
C GLY J 56 8.70 -16.68 -3.56
N PRO J 57 7.88 -17.71 -3.78
CA PRO J 57 6.50 -17.70 -3.28
C PRO J 57 6.41 -17.48 -1.77
N PHE J 58 5.69 -16.44 -1.37
CA PHE J 58 5.44 -16.14 0.03
C PHE J 58 3.95 -16.01 0.27
N VAL J 59 3.32 -17.09 0.73
CA VAL J 59 1.93 -17.08 1.13
C VAL J 59 1.86 -16.58 2.58
N TYR J 60 0.71 -16.03 2.97
CA TYR J 60 0.46 -15.71 4.37
C TYR J 60 -0.22 -16.91 5.02
N ALA J 61 0.50 -17.55 5.94
CA ALA J 61 -0.03 -18.69 6.68
C ALA J 61 -0.13 -18.36 8.17
N ASN J 62 -1.13 -18.95 8.82
CA ASN J 62 -1.37 -18.74 10.25
C ASN J 62 -1.75 -20.06 10.92
N ILE J 63 -0.78 -20.63 11.63
CA ILE J 63 -0.92 -21.95 12.28
C ILE J 63 -2.03 -22.01 13.32
N LEU J 64 -2.43 -20.87 13.86
CA LEU J 64 -3.49 -20.81 14.84
C LEU J 64 -4.87 -21.16 14.24
N ASP J 65 -4.98 -21.10 12.91
CA ASP J 65 -6.21 -21.49 12.20
C ASP J 65 -6.03 -22.80 11.42
N TYR J 66 -6.79 -23.82 11.79
CA TYR J 66 -6.72 -25.13 11.13
C TYR J 66 -7.24 -25.08 9.69
N LYS J 67 -8.07 -24.09 9.39
CA LYS J 67 -8.69 -23.94 8.06
C LYS J 67 -7.70 -23.42 7.02
N SER J 68 -6.99 -22.36 7.38
CA SER J 68 -5.98 -21.77 6.51
C SER J 68 -4.92 -22.79 6.06
N LEU J 69 -4.40 -23.56 7.01
CA LEU J 69 -3.43 -24.61 6.69
C LEU J 69 -4.01 -25.64 5.74
N ARG J 70 -5.22 -26.09 6.03
CA ARG J 70 -5.93 -27.04 5.16
C ARG J 70 -6.06 -26.45 3.75
N GLU J 71 -6.39 -25.15 3.69
CA GLU J 71 -6.47 -24.42 2.43
C GLU J 71 -5.12 -24.40 1.70
N ILE J 72 -4.08 -23.94 2.40
CA ILE J 72 -2.74 -23.82 1.83
C ILE J 72 -2.19 -25.19 1.38
N VAL J 73 -2.45 -26.23 2.16
CA VAL J 73 -1.91 -27.56 1.89
C VAL J 73 -2.50 -28.19 0.62
N VAL J 74 -3.81 -28.10 0.45
CA VAL J 74 -4.45 -28.62 -0.76
C VAL J 74 -4.20 -27.72 -1.98
N ASN J 75 -4.09 -26.41 -1.74
CA ASN J 75 -3.85 -25.43 -2.80
C ASN J 75 -2.58 -25.70 -3.60
N HIS J 76 -1.47 -25.85 -2.89
CA HIS J 76 -0.15 -25.96 -3.52
C HIS J 76 0.41 -27.39 -3.55
N ARG J 77 -0.48 -28.38 -3.37
CA ARG J 77 -0.11 -29.81 -3.42
C ARG J 77 1.07 -30.14 -2.48
N ILE J 78 1.08 -29.55 -1.29
CA ILE J 78 2.22 -29.66 -0.39
C ILE J 78 2.44 -31.09 0.11
N SER J 79 3.67 -31.59 -0.04
CA SER J 79 4.06 -32.95 0.38
C SER J 79 5.11 -32.98 1.51
N TRP J 80 5.92 -31.92 1.63
CA TRP J 80 6.86 -31.73 2.74
C TRP J 80 6.48 -30.46 3.48
N LEU J 81 6.61 -30.46 4.81
CA LEU J 81 6.29 -29.28 5.60
C LEU J 81 7.31 -29.13 6.72
N PHE J 82 7.98 -27.98 6.75
CA PHE J 82 8.93 -27.66 7.82
C PHE J 82 8.33 -26.58 8.74
N HIS J 83 8.20 -26.93 10.01
CA HIS J 83 7.48 -26.09 10.97
C HIS J 83 8.41 -25.38 11.96
N TYR J 84 8.82 -24.16 11.62
CA TYR J 84 9.73 -23.38 12.47
C TYR J 84 9.05 -22.31 13.33
N SER J 85 7.73 -22.35 13.47
CA SER J 85 7.01 -21.30 14.22
C SER J 85 7.45 -21.16 15.68
N ALA J 86 8.19 -22.15 16.20
CA ALA J 86 8.76 -22.06 17.55
C ALA J 86 9.72 -20.88 17.67
N VAL J 102 1.51 -21.50 24.20
CA VAL J 102 0.28 -21.67 23.41
C VAL J 102 0.51 -21.84 21.88
N ASN J 103 1.77 -21.90 21.44
CA ASN J 103 2.11 -22.42 20.11
C ASN J 103 1.72 -23.90 19.96
N ILE J 104 1.49 -24.56 21.10
CA ILE J 104 0.96 -25.93 21.16
C ILE J 104 -0.27 -26.18 20.26
N THR J 105 -1.23 -25.25 20.25
CA THR J 105 -2.39 -25.39 19.38
C THR J 105 -1.96 -25.35 17.92
N GLY J 106 -0.95 -24.53 17.64
CA GLY J 106 -0.31 -24.52 16.33
C GLY J 106 0.27 -25.87 16.00
N LEU J 107 1.00 -26.45 16.96
CA LEU J 107 1.56 -27.79 16.81
C LEU J 107 0.49 -28.82 16.44
N HIS J 108 -0.54 -28.92 17.28
CA HIS J 108 -1.64 -29.86 17.03
C HIS J 108 -2.24 -29.69 15.65
N ASN J 109 -2.36 -28.44 15.20
CA ASN J 109 -2.91 -28.16 13.88
C ASN J 109 -2.02 -28.68 12.75
N VAL J 110 -0.71 -28.45 12.82
CA VAL J 110 0.17 -28.92 11.74
C VAL J 110 0.16 -30.45 11.71
N LEU J 111 0.18 -31.07 12.89
CA LEU J 111 0.07 -32.52 13.00
C LEU J 111 -1.22 -32.99 12.34
N ASP J 112 -2.33 -32.38 12.73
CA ASP J 112 -3.65 -32.79 12.22
C ASP J 112 -3.73 -32.68 10.70
N VAL J 113 -3.32 -31.54 10.14
CA VAL J 113 -3.37 -31.37 8.68
C VAL J 113 -2.33 -32.22 7.95
N ALA J 114 -1.18 -32.40 8.59
CA ALA J 114 -0.11 -33.20 8.00
C ALA J 114 -0.54 -34.65 7.84
N ALA J 115 -1.20 -35.17 8.87
CA ALA J 115 -1.66 -36.56 8.90
C ALA J 115 -2.79 -36.81 7.91
N GLU J 116 -3.78 -35.92 7.92
CA GLU J 116 -4.96 -36.04 7.06
C GLU J 116 -4.59 -36.12 5.57
N TYR J 117 -3.65 -35.28 5.14
CA TYR J 117 -3.30 -35.20 3.71
C TYR J 117 -1.93 -35.79 3.39
N ASN J 118 -1.51 -36.78 4.20
CA ASN J 118 -0.29 -37.54 3.97
C ASN J 118 0.94 -36.70 3.59
N VAL J 119 1.31 -35.75 4.45
CA VAL J 119 2.49 -34.92 4.18
C VAL J 119 3.62 -35.30 5.14
N ARG J 120 4.86 -35.20 4.64
CA ARG J 120 6.04 -35.48 5.43
C ARG J 120 6.33 -34.25 6.28
N LEU J 121 6.26 -34.39 7.60
CA LEU J 121 6.37 -33.25 8.51
C LEU J 121 7.70 -33.24 9.26
N PHE J 122 8.39 -32.10 9.23
CA PHE J 122 9.59 -31.91 10.05
C PHE J 122 9.37 -30.79 11.06
N VAL J 123 9.63 -31.09 12.33
CA VAL J 123 9.61 -30.09 13.39
C VAL J 123 10.93 -30.21 14.15
N PRO J 124 11.63 -29.08 14.37
CA PRO J 124 12.87 -29.19 15.09
C PRO J 124 12.63 -29.34 16.58
N SER J 125 13.55 -30.02 17.24
CA SER J 125 13.63 -30.01 18.69
C SER J 125 14.96 -29.36 19.08
N THR J 126 15.29 -29.40 20.35
CA THR J 126 16.38 -28.57 20.87
C THR J 126 17.17 -29.31 21.95
N ILE J 127 18.40 -28.87 22.17
CA ILE J 127 19.16 -29.30 23.34
C ILE J 127 18.46 -28.90 24.64
N GLY J 128 17.58 -27.91 24.57
CA GLY J 128 16.73 -27.54 25.70
C GLY J 128 15.66 -28.55 26.08
N ALA J 129 15.53 -29.64 25.32
CA ALA J 129 14.59 -30.72 25.66
C ALA J 129 15.17 -31.76 26.66
N PHE J 130 16.31 -31.45 27.25
CA PHE J 130 16.88 -32.26 28.32
C PHE J 130 16.96 -31.40 29.57
N GLY J 131 17.09 -32.03 30.74
CA GLY J 131 17.22 -31.32 32.01
C GLY J 131 18.31 -31.91 32.90
N PRO J 132 18.54 -31.29 34.08
CA PRO J 132 19.59 -31.68 35.04
C PRO J 132 19.58 -33.17 35.40
N THR J 133 18.44 -33.80 35.20
CA THR J 133 18.22 -35.18 35.52
C THR J 133 18.57 -36.11 34.31
N SER J 134 18.92 -35.51 33.18
CA SER J 134 19.40 -36.25 32.00
C SER J 134 20.92 -36.39 32.06
N PRO J 135 21.48 -37.41 31.40
CA PRO J 135 22.93 -37.50 31.26
C PRO J 135 23.45 -36.41 30.33
N ARG J 136 24.38 -35.60 30.83
CA ARG J 136 24.83 -34.42 30.12
C ARG J 136 26.15 -34.60 29.37
N ASN J 137 26.77 -35.78 29.42
CA ASN J 137 28.16 -35.92 28.99
C ASN J 137 28.54 -37.29 28.39
N PRO J 138 27.94 -37.65 27.24
CA PRO J 138 26.97 -36.90 26.45
C PRO J 138 25.54 -37.26 26.80
N ALA J 139 24.58 -36.56 26.21
CA ALA J 139 23.19 -36.98 26.24
C ALA J 139 22.94 -37.85 25.03
N PRO J 140 22.44 -39.07 25.25
CA PRO J 140 22.15 -39.92 24.10
C PRO J 140 20.79 -39.58 23.47
N ASP J 141 20.49 -40.24 22.36
CA ASP J 141 19.24 -40.03 21.67
C ASP J 141 18.03 -40.29 22.56
N LEU J 142 18.03 -41.45 23.21
CA LEU J 142 16.94 -41.84 24.10
C LEU J 142 17.40 -41.83 25.55
N CYS J 143 16.88 -40.87 26.31
CA CYS J 143 17.21 -40.75 27.71
C CYS J 143 16.15 -39.96 28.46
N ILE J 144 16.34 -39.86 29.77
CA ILE J 144 15.45 -39.09 30.63
C ILE J 144 15.38 -37.66 30.12
N GLN J 145 14.16 -37.12 30.05
CA GLN J 145 13.92 -35.75 29.57
C GLN J 145 12.95 -35.01 30.48
N ARG J 146 13.50 -34.20 31.38
CA ARG J 146 12.70 -33.40 32.30
C ARG J 146 13.16 -31.93 32.28
N PRO J 147 12.96 -31.26 31.13
CA PRO J 147 13.40 -29.87 31.01
C PRO J 147 12.73 -28.98 32.04
N ARG J 148 13.46 -27.97 32.53
CA ARG J 148 12.93 -27.04 33.53
C ARG J 148 12.79 -25.62 32.96
N THR J 149 12.54 -25.55 31.65
CA THR J 149 12.02 -24.35 30.99
C THR J 149 10.74 -24.75 30.25
N ILE J 150 9.86 -23.79 29.98
CA ILE J 150 8.63 -24.05 29.23
C ILE J 150 8.97 -24.44 27.80
N TYR J 151 9.93 -23.72 27.21
CA TYR J 151 10.42 -24.01 25.88
C TYR J 151 10.81 -25.49 25.79
N GLY J 152 11.55 -25.96 26.80
CA GLY J 152 12.00 -27.35 26.87
C GLY J 152 10.85 -28.34 27.00
N VAL J 153 9.93 -28.07 27.92
CA VAL J 153 8.77 -28.93 28.11
C VAL J 153 7.95 -29.07 26.82
N SER J 154 7.69 -27.93 26.17
CA SER J 154 6.95 -27.91 24.90
C SER J 154 7.61 -28.78 23.85
N LYS J 155 8.94 -28.76 23.83
CA LYS J 155 9.68 -29.49 22.81
C LYS J 155 9.67 -31.01 23.07
N VAL J 156 9.68 -31.42 24.34
CA VAL J 156 9.42 -32.83 24.66
C VAL J 156 8.03 -33.21 24.14
N HIS J 157 7.06 -32.32 24.32
CA HIS J 157 5.70 -32.53 23.87
C HIS J 157 5.61 -32.66 22.35
N THR J 158 6.29 -31.77 21.63
CA THR J 158 6.31 -31.86 20.17
C THR J 158 6.93 -33.19 19.75
N GLU J 159 8.00 -33.59 20.44
CA GLU J 159 8.66 -34.86 20.15
C GLU J 159 7.70 -36.01 20.32
N LEU J 160 7.08 -36.10 21.49
CA LEU J 160 6.19 -37.21 21.79
C LEU J 160 4.96 -37.25 20.89
N MET J 161 4.31 -36.09 20.70
CA MET J 161 3.10 -36.01 19.88
C MET J 161 3.37 -36.40 18.45
N GLY J 162 4.51 -35.98 17.92
CA GLY J 162 4.92 -36.32 16.57
C GLY J 162 5.12 -37.81 16.38
N GLU J 163 5.81 -38.44 17.34
CA GLU J 163 6.01 -39.88 17.31
C GLU J 163 4.69 -40.62 17.51
N TYR J 164 3.90 -40.16 18.47
CA TYR J 164 2.57 -40.73 18.72
C TYR J 164 1.71 -40.69 17.45
N TYR J 165 1.73 -39.55 16.76
CA TYR J 165 1.02 -39.42 15.50
C TYR J 165 1.59 -40.35 14.45
N TYR J 166 2.91 -40.53 14.43
CA TYR J 166 3.55 -41.46 13.51
C TYR J 166 3.11 -42.90 13.76
N TYR J 167 2.99 -43.31 15.02
CA TYR J 167 2.70 -44.71 15.35
C TYR J 167 1.21 -45.04 15.23
N ARG J 168 0.34 -44.15 15.71
CA ARG J 168 -1.10 -44.38 15.66
C ARG J 168 -1.63 -44.19 14.24
N TYR J 169 -1.42 -42.99 13.69
CA TYR J 169 -1.73 -42.70 12.29
C TYR J 169 -0.43 -42.94 11.55
N GLY J 170 -0.44 -42.81 10.23
CA GLY J 170 0.80 -43.04 9.47
C GLY J 170 1.69 -41.82 9.28
N LEU J 171 1.59 -40.84 10.18
CA LEU J 171 2.23 -39.54 9.95
C LEU J 171 3.75 -39.63 9.82
N ASP J 172 4.28 -39.33 8.64
CA ASP J 172 5.73 -39.36 8.43
C ASP J 172 6.39 -38.18 9.14
N PHE J 173 6.51 -38.33 10.46
CA PHE J 173 7.08 -37.30 11.32
C PHE J 173 8.58 -37.55 11.47
N ARG J 174 9.36 -36.48 11.33
CA ARG J 174 10.81 -36.55 11.50
C ARG J 174 11.23 -35.34 12.31
N CYS J 175 12.16 -35.56 13.22
CA CYS J 175 12.54 -34.52 14.17
C CYS J 175 14.03 -34.58 14.48
N LEU J 176 14.63 -33.41 14.64
CA LEU J 176 16.05 -33.30 14.98
C LEU J 176 16.23 -32.35 16.15
N ARG J 177 17.02 -32.77 17.14
CA ARG J 177 17.39 -31.89 18.25
C ARG J 177 18.55 -31.00 17.84
N TYR J 178 18.25 -29.73 17.59
CA TYR J 178 19.25 -28.77 17.21
C TYR J 178 20.11 -28.39 18.42
N PRO J 179 21.44 -28.35 18.24
CA PRO J 179 22.28 -27.63 19.18
C PRO J 179 22.02 -26.13 19.10
N GLY J 180 22.86 -25.33 19.76
CA GLY J 180 22.90 -23.91 19.49
C GLY J 180 23.31 -23.69 18.05
N ILE J 181 22.48 -22.98 17.30
CA ILE J 181 22.77 -22.70 15.89
C ILE J 181 23.55 -21.40 15.79
N ILE J 182 24.71 -21.46 15.11
CA ILE J 182 25.56 -20.30 14.88
C ILE J 182 25.43 -19.87 13.42
N SER J 183 25.07 -18.61 13.23
CA SER J 183 25.00 -17.97 11.90
C SER J 183 25.43 -16.50 12.03
N ALA J 184 26.01 -15.96 10.94
CA ALA J 184 26.57 -14.61 10.96
C ALA J 184 25.49 -13.54 11.14
N ASP J 185 24.33 -13.77 10.52
CA ASP J 185 23.18 -12.89 10.66
C ASP J 185 22.57 -13.06 12.05
N SER J 186 21.71 -12.12 12.44
CA SER J 186 21.21 -12.03 13.82
C SER J 186 22.32 -11.57 14.77
N GLY J 190 17.97 -12.46 21.98
CA GLY J 190 19.18 -13.18 22.36
C GLY J 190 18.94 -14.26 23.40
N GLY J 191 19.24 -15.50 23.06
CA GLY J 191 19.07 -16.64 23.97
C GLY J 191 20.35 -16.99 24.72
N THR J 192 20.38 -18.20 25.26
CA THR J 192 21.55 -18.73 25.98
C THR J 192 22.75 -18.88 25.05
N THR J 193 22.49 -19.39 23.85
CA THR J 193 23.50 -19.58 22.81
C THR J 193 24.11 -18.25 22.31
N ASP J 194 23.37 -17.17 22.44
CA ASP J 194 23.63 -15.94 21.66
C ASP J 194 25.08 -15.43 21.66
N TYR J 195 25.76 -15.55 22.79
CA TYR J 195 27.14 -15.06 22.94
C TYR J 195 28.07 -15.54 21.81
N ALA J 196 27.87 -16.77 21.37
CA ALA J 196 28.70 -17.38 20.32
C ALA J 196 28.52 -16.74 18.94
N VAL J 197 27.46 -15.97 18.75
CA VAL J 197 27.26 -15.19 17.53
C VAL J 197 27.81 -13.77 17.68
N GLN J 198 27.54 -13.14 18.83
CA GLN J 198 27.88 -11.73 19.03
C GLN J 198 29.37 -11.51 19.30
N ILE J 199 30.08 -12.58 19.67
CA ILE J 199 31.51 -12.49 19.93
C ILE J 199 32.29 -12.14 18.66
N PHE J 200 31.78 -12.57 17.51
CA PHE J 200 32.46 -12.37 16.24
C PHE J 200 32.57 -10.90 15.83
N HIS J 201 31.59 -10.07 16.19
CA HIS J 201 31.66 -8.63 15.96
C HIS J 201 32.89 -8.04 16.65
N ALA J 202 32.96 -8.18 17.97
CA ALA J 202 34.05 -7.62 18.76
C ALA J 202 35.40 -8.20 18.35
N ALA J 203 35.45 -9.51 18.15
CA ALA J 203 36.67 -10.19 17.69
C ALA J 203 37.18 -9.66 16.35
N ALA J 204 36.26 -9.36 15.44
CA ALA J 204 36.61 -8.89 14.10
C ALA J 204 37.26 -7.50 14.07
N LYS J 205 37.27 -6.82 15.22
CA LYS J 205 37.99 -5.55 15.38
C LYS J 205 39.17 -5.69 16.34
N ASN J 206 39.55 -6.93 16.64
CA ASN J 206 40.63 -7.22 17.59
C ASN J 206 40.36 -6.61 18.97
N GLY J 207 39.08 -6.44 19.30
CA GLY J 207 38.67 -5.75 20.52
C GLY J 207 38.39 -6.69 21.69
N THR J 208 37.62 -6.21 22.66
CA THR J 208 37.29 -6.97 23.86
C THR J 208 35.82 -7.38 23.81
N PHE J 209 35.51 -8.56 24.35
CA PHE J 209 34.13 -9.04 24.41
C PHE J 209 33.71 -9.33 25.85
N GLU J 210 32.47 -8.98 26.16
CA GLU J 210 31.88 -9.29 27.46
C GLU J 210 30.94 -10.48 27.28
N CYS J 211 31.24 -11.56 28.00
CA CYS J 211 30.53 -12.81 27.86
C CYS J 211 29.63 -13.04 29.06
N ASN J 212 28.40 -13.47 28.80
CA ASN J 212 27.38 -13.62 29.84
C ASN J 212 27.30 -15.04 30.42
N LEU J 213 28.13 -15.94 29.90
CA LEU J 213 28.28 -17.28 30.48
C LEU J 213 29.69 -17.46 31.04
N GLU J 214 29.82 -18.30 32.07
CA GLU J 214 31.13 -18.60 32.66
C GLU J 214 32.09 -19.19 31.62
N ALA J 215 33.38 -19.00 31.85
CA ALA J 215 34.45 -19.33 30.89
C ALA J 215 34.42 -20.78 30.37
N GLY J 216 34.07 -21.72 31.25
CA GLY J 216 34.06 -23.15 30.91
C GLY J 216 32.69 -23.77 30.78
N THR J 217 31.70 -22.97 30.37
CA THR J 217 30.34 -23.47 30.15
C THR J 217 30.27 -24.13 28.77
N ARG J 218 30.39 -25.44 28.74
CA ARG J 218 30.40 -26.20 27.48
C ARG J 218 28.98 -26.49 27.03
N LEU J 219 28.70 -26.24 25.75
CA LEU J 219 27.40 -26.51 25.17
C LEU J 219 27.55 -27.03 23.75
N PRO J 220 26.61 -27.89 23.30
CA PRO J 220 26.57 -28.29 21.90
C PRO J 220 26.29 -27.11 20.99
N MET J 221 27.08 -26.99 19.93
CA MET J 221 26.95 -25.88 19.01
C MET J 221 27.02 -26.45 17.59
N MET J 222 26.48 -25.72 16.64
CA MET J 222 26.51 -26.15 15.24
C MET J 222 26.40 -24.94 14.33
N TYR J 223 27.16 -24.97 13.24
CA TYR J 223 27.06 -23.92 12.24
C TYR J 223 25.81 -24.17 11.40
N ILE J 224 25.10 -23.08 11.09
CA ILE J 224 23.81 -23.13 10.40
C ILE J 224 23.83 -23.97 9.13
N SER J 225 24.93 -23.95 8.39
CA SER J 225 25.06 -24.72 7.14
C SER J 225 24.92 -26.23 7.36
N ASP J 226 25.35 -26.71 8.53
CA ASP J 226 25.22 -28.12 8.89
C ASP J 226 23.81 -28.43 9.37
N CYS J 227 23.28 -27.53 10.19
CA CYS J 227 21.89 -27.64 10.66
C CYS J 227 20.91 -27.78 9.49
N LEU J 228 21.06 -26.91 8.48
CA LEU J 228 20.20 -26.97 7.29
C LEU J 228 20.40 -28.24 6.49
N ARG J 229 21.66 -28.67 6.34
CA ARG J 229 21.96 -29.92 5.63
C ARG J 229 21.45 -31.11 6.41
N ALA J 230 21.59 -31.08 7.73
CA ALA J 230 21.07 -32.15 8.57
C ALA J 230 19.56 -32.27 8.37
N THR J 231 18.89 -31.13 8.35
CA THR J 231 17.44 -31.06 8.21
C THR J 231 16.96 -31.60 6.87
N LEU J 232 17.67 -31.27 5.79
CA LEU J 232 17.34 -31.82 4.48
C LEU J 232 17.57 -33.32 4.43
N GLU J 233 18.72 -33.76 4.94
CA GLU J 233 19.16 -35.14 4.77
C GLU J 233 18.26 -36.16 5.46
N VAL J 234 17.75 -35.82 6.64
CA VAL J 234 16.83 -36.70 7.37
C VAL J 234 15.46 -36.77 6.67
N MET J 235 15.05 -35.68 6.04
CA MET J 235 13.82 -35.67 5.24
C MET J 235 14.00 -36.44 3.93
N GLU J 236 15.20 -36.41 3.36
CA GLU J 236 15.49 -37.15 2.13
C GLU J 236 15.65 -38.64 2.35
N ALA J 237 16.03 -39.04 3.57
CA ALA J 237 16.33 -40.44 3.87
C ALA J 237 15.10 -41.34 3.75
N PRO J 238 15.30 -42.62 3.39
CA PRO J 238 14.17 -43.54 3.24
C PRO J 238 13.64 -43.96 4.60
N ALA J 239 12.31 -44.08 4.70
CA ALA J 239 11.65 -44.33 5.97
C ALA J 239 12.10 -45.61 6.69
N GLU J 240 12.51 -46.63 5.93
CA GLU J 240 12.85 -47.95 6.49
C GLU J 240 14.03 -47.88 7.45
N ARG J 241 15.03 -47.07 7.11
CA ARG J 241 16.27 -47.00 7.88
C ARG J 241 16.16 -46.21 9.20
N LEU J 242 15.00 -45.62 9.46
CA LEU J 242 14.80 -44.81 10.67
C LEU J 242 14.35 -45.68 11.84
N SER J 243 15.25 -45.94 12.78
CA SER J 243 14.92 -46.73 13.98
C SER J 243 14.22 -45.88 15.03
N MET J 244 14.15 -44.58 14.79
CA MET J 244 13.40 -43.65 15.64
C MET J 244 13.07 -42.44 14.77
N ARG J 245 12.19 -41.57 15.26
CA ARG J 245 11.80 -40.39 14.49
C ARG J 245 12.33 -39.08 15.05
N THR J 246 12.87 -39.10 16.26
CA THR J 246 13.66 -37.98 16.79
C THR J 246 15.13 -38.38 16.94
N TYR J 247 16.03 -37.54 16.44
CA TYR J 247 17.47 -37.75 16.55
C TYR J 247 18.15 -36.53 17.12
N ASN J 248 19.21 -36.76 17.90
CA ASN J 248 20.19 -35.73 18.17
C ASN J 248 21.02 -35.54 16.92
N ILE J 249 21.54 -34.34 16.72
CA ILE J 249 22.61 -34.10 15.75
C ILE J 249 23.70 -33.28 16.43
N SER J 250 24.95 -33.66 16.17
CA SER J 250 26.10 -33.12 16.86
C SER J 250 27.10 -32.52 15.89
N ALA J 251 27.89 -31.58 16.41
CA ALA J 251 29.00 -31.01 15.66
C ALA J 251 30.11 -30.64 16.65
N MET J 252 29.89 -29.57 17.41
CA MET J 252 30.91 -29.05 18.31
C MET J 252 30.37 -29.04 19.73
N SER J 253 31.28 -29.02 20.69
CA SER J 253 30.94 -28.74 22.07
C SER J 253 32.10 -27.99 22.70
N PHE J 254 32.04 -26.67 22.67
CA PHE J 254 33.11 -25.83 23.20
C PHE J 254 32.59 -24.87 24.25
N THR J 255 33.55 -24.28 24.97
CA THR J 255 33.27 -23.30 26.00
C THR J 255 33.57 -21.91 25.44
N PRO J 256 33.14 -20.86 26.14
CA PRO J 256 33.48 -19.49 25.77
C PRO J 256 34.99 -19.27 25.67
N GLU J 257 35.73 -19.77 26.65
CA GLU J 257 37.19 -19.61 26.67
C GLU J 257 37.85 -20.26 25.46
N GLU J 258 37.33 -21.42 25.08
CA GLU J 258 37.86 -22.16 23.94
C GLU J 258 37.53 -21.49 22.61
N LEU J 259 36.35 -20.87 22.52
CA LEU J 259 36.00 -20.11 21.32
C LEU J 259 36.87 -18.86 21.21
N ALA J 260 37.03 -18.15 22.33
CA ALA J 260 37.92 -17.00 22.39
C ALA J 260 39.30 -17.35 21.84
N GLN J 261 39.82 -18.50 22.27
CA GLN J 261 41.13 -18.98 21.85
C GLN J 261 41.19 -19.26 20.35
N ALA J 262 40.15 -19.88 19.81
CA ALA J 262 40.07 -20.17 18.37
C ALA J 262 40.11 -18.87 17.55
N LEU J 263 39.52 -17.81 18.10
CA LEU J 263 39.49 -16.51 17.44
C LEU J 263 40.87 -15.85 17.39
N ARG J 264 41.69 -16.04 18.42
CA ARG J 264 43.06 -15.51 18.46
C ARG J 264 43.88 -15.86 17.22
N LYS J 265 43.58 -17.01 16.62
CA LYS J 265 44.22 -17.46 15.39
C LYS J 265 44.15 -16.43 14.27
N HIS J 266 43.15 -15.55 14.33
CA HIS J 266 42.98 -14.47 13.36
C HIS J 266 42.99 -13.07 13.98
N ALA J 267 42.63 -12.96 15.26
CA ALA J 267 42.65 -11.69 15.98
C ALA J 267 43.55 -11.82 17.22
N PRO J 268 44.87 -11.65 17.06
CA PRO J 268 45.84 -11.99 18.12
C PRO J 268 45.64 -11.28 19.46
N ASP J 269 45.23 -10.01 19.42
CA ASP J 269 45.04 -9.23 20.65
C ASP J 269 43.66 -9.40 21.26
N PHE J 270 42.83 -10.25 20.67
CA PHE J 270 41.45 -10.42 21.12
C PHE J 270 41.38 -10.69 22.62
N GLN J 271 40.43 -10.02 23.26
CA GLN J 271 40.26 -10.11 24.69
C GLN J 271 38.86 -10.67 24.95
N ILE J 272 38.71 -11.25 26.14
CA ILE J 272 37.45 -11.86 26.53
C ILE J 272 37.28 -11.64 28.05
N THR J 273 36.15 -11.03 28.42
CA THR J 273 35.83 -10.73 29.81
C THR J 273 34.48 -11.37 30.16
N TYR J 274 34.25 -11.63 31.44
CA TYR J 274 33.05 -12.31 31.89
C TYR J 274 32.27 -11.51 32.94
N CYS J 275 31.04 -11.15 32.60
CA CYS J 275 30.06 -10.65 33.58
C CYS J 275 28.81 -11.51 33.43
N VAL J 276 28.67 -12.49 34.31
CA VAL J 276 27.76 -13.61 34.09
C VAL J 276 26.31 -13.28 34.41
N ASP J 277 25.45 -13.42 33.40
CA ASP J 277 24.01 -13.40 33.61
C ASP J 277 23.59 -14.73 34.24
N PRO J 278 23.14 -14.71 35.51
CA PRO J 278 22.80 -15.97 36.21
C PRO J 278 21.66 -16.79 35.59
N LEU J 279 20.75 -16.14 34.86
CA LEU J 279 19.61 -16.83 34.23
C LEU J 279 20.02 -17.69 33.05
N ARG J 280 20.87 -17.13 32.18
CA ARG J 280 21.40 -17.87 31.03
C ARG J 280 22.32 -19.00 31.50
N GLN J 281 23.05 -18.74 32.58
CA GLN J 281 23.95 -19.72 33.14
C GLN J 281 23.19 -20.88 33.78
N ALA J 282 22.13 -20.55 34.53
CA ALA J 282 21.36 -21.59 35.24
C ALA J 282 20.76 -22.58 34.27
N ILE J 283 20.26 -22.08 33.13
CA ILE J 283 19.64 -22.94 32.14
C ILE J 283 20.68 -23.61 31.23
N ALA J 284 21.79 -22.93 30.97
CA ALA J 284 22.93 -23.56 30.30
C ALA J 284 23.45 -24.77 31.08
N GLU J 285 23.59 -24.61 32.40
CA GLU J 285 24.05 -25.71 33.27
C GLU J 285 23.00 -26.82 33.39
N SER J 286 21.78 -26.54 32.96
CA SER J 286 20.68 -27.53 32.95
C SER J 286 20.59 -28.24 31.60
N TRP J 287 21.39 -27.80 30.64
CA TRP J 287 21.43 -28.43 29.32
C TRP J 287 22.65 -29.35 29.25
N PRO J 288 22.63 -30.28 28.29
CA PRO J 288 23.78 -31.16 28.11
C PRO J 288 25.00 -30.42 27.58
N MET J 289 26.19 -30.90 27.92
CA MET J 289 27.43 -30.36 27.39
C MET J 289 27.75 -30.93 26.01
N ILE J 290 27.41 -32.19 25.80
CA ILE J 290 27.61 -32.85 24.52
C ILE J 290 26.34 -33.64 24.21
N LEU J 291 25.97 -33.65 22.94
CA LEU J 291 24.93 -34.54 22.43
C LEU J 291 25.59 -35.66 21.67
N ASP J 292 25.10 -36.87 21.87
CA ASP J 292 25.54 -38.01 21.08
C ASP J 292 24.56 -38.28 19.94
N ASP J 293 25.09 -38.41 18.72
CA ASP J 293 24.27 -38.61 17.55
C ASP J 293 24.60 -39.93 16.82
N SER J 294 24.74 -41.00 17.61
CA SER J 294 25.10 -42.31 17.08
C SER J 294 24.04 -42.85 16.12
N ASN J 295 22.79 -42.78 16.55
CA ASN J 295 21.68 -43.27 15.74
C ASN J 295 21.50 -42.46 14.47
N ALA J 296 21.81 -41.17 14.52
CA ALA J 296 21.76 -40.32 13.32
C ALA J 296 22.79 -40.77 12.29
N ARG J 297 24.03 -40.93 12.73
CA ARG J 297 25.14 -41.33 11.86
C ARG J 297 24.91 -42.72 11.28
N LYS J 298 24.39 -43.63 12.10
CA LYS J 298 24.19 -45.01 11.69
C LYS J 298 23.00 -45.13 10.75
N ASP J 299 21.86 -44.54 11.14
CA ASP J 299 20.60 -44.73 10.42
C ASP J 299 20.54 -44.03 9.07
N TRP J 300 21.02 -42.79 8.99
CA TRP J 300 20.94 -42.04 7.73
C TRP J 300 22.21 -41.27 7.33
N GLY J 301 23.34 -41.64 7.93
CA GLY J 301 24.65 -41.20 7.45
C GLY J 301 25.05 -39.77 7.78
N TRP J 302 24.56 -39.25 8.90
CA TRP J 302 24.86 -37.87 9.27
C TRP J 302 26.30 -37.65 9.70
N LYS J 303 26.93 -36.60 9.16
CA LYS J 303 28.26 -36.18 9.60
C LYS J 303 28.33 -34.65 9.50
N HIS J 304 28.91 -34.02 10.51
CA HIS J 304 29.09 -32.57 10.48
C HIS J 304 30.34 -32.20 9.68
N ASP J 305 30.30 -31.02 9.04
CA ASP J 305 31.41 -30.51 8.24
C ASP J 305 32.22 -29.42 8.94
N PHE J 306 31.60 -28.70 9.88
CA PHE J 306 32.22 -27.55 10.52
C PHE J 306 32.59 -27.83 11.97
N ASP J 307 33.88 -27.83 12.23
CA ASP J 307 34.38 -27.84 13.59
C ASP J 307 34.79 -26.41 13.96
N LEU J 308 35.26 -26.23 15.19
CA LEU J 308 35.54 -24.90 15.71
C LEU J 308 36.41 -24.02 14.80
N PRO J 309 37.49 -24.59 14.22
CA PRO J 309 38.29 -23.81 13.25
C PRO J 309 37.55 -23.37 11.98
N GLU J 310 36.77 -24.26 11.38
CA GLU J 310 36.01 -23.94 10.16
C GLU J 310 34.87 -22.96 10.46
N LEU J 311 34.28 -23.09 11.65
CA LEU J 311 33.27 -22.16 12.10
C LEU J 311 33.86 -20.76 12.18
N VAL J 312 34.92 -20.63 12.96
CA VAL J 312 35.60 -19.35 13.13
C VAL J 312 36.03 -18.76 11.79
N ALA J 313 36.60 -19.58 10.91
CA ALA J 313 37.04 -19.09 9.61
C ALA J 313 35.87 -18.51 8.83
N THR J 314 34.79 -19.28 8.72
CA THR J 314 33.62 -18.90 7.92
C THR J 314 32.91 -17.65 8.47
N MET J 315 32.72 -17.60 9.78
CA MET J 315 32.00 -16.49 10.41
C MET J 315 32.71 -15.16 10.22
N LEU J 316 33.99 -15.11 10.60
CA LEU J 316 34.80 -13.91 10.41
C LEU J 316 34.90 -13.51 8.94
N ASN J 317 34.79 -14.47 8.03
CA ASN J 317 34.73 -14.17 6.59
C ASN J 317 33.52 -13.32 6.20
N PHE J 318 32.43 -13.43 6.95
CA PHE J 318 31.24 -12.60 6.73
C PHE J 318 31.43 -11.21 7.35
N HIS J 319 32.34 -11.13 8.31
CA HIS J 319 32.92 -9.85 8.69
C HIS J 319 34.05 -9.58 7.67
N GLY J 320 34.94 -8.64 7.93
CA GLY J 320 35.93 -8.27 6.89
C GLY J 320 37.23 -9.06 6.87
N VAL J 321 37.30 -10.13 7.66
CA VAL J 321 38.59 -10.71 8.04
C VAL J 321 39.07 -11.81 7.08
N SER J 322 40.37 -11.77 6.77
CA SER J 322 41.02 -12.84 6.02
C SER J 322 41.32 -14.02 6.95
N THR J 323 41.05 -15.24 6.49
CA THR J 323 41.10 -16.43 7.34
C THR J 323 41.95 -17.58 6.78
N GLU K 10 -36.42 2.79 -2.38
CA GLU K 10 -37.44 1.99 -3.13
C GLU K 10 -36.84 1.15 -4.27
N PRO K 11 -35.85 1.69 -5.02
CA PRO K 11 -35.04 0.80 -5.88
C PRO K 11 -34.16 -0.12 -5.03
N PRO K 12 -34.11 -1.42 -5.37
CA PRO K 12 -33.40 -2.40 -4.53
C PRO K 12 -31.90 -2.12 -4.44
N ARG K 13 -31.30 -2.45 -3.31
CA ARG K 13 -29.84 -2.43 -3.22
C ARG K 13 -29.32 -3.86 -3.24
N VAL K 14 -28.27 -4.06 -4.02
CA VAL K 14 -27.87 -5.36 -4.52
C VAL K 14 -26.49 -5.74 -4.03
N LEU K 15 -26.36 -6.96 -3.52
CA LEU K 15 -25.04 -7.55 -3.27
C LEU K 15 -24.75 -8.58 -4.35
N ILE K 16 -23.60 -8.43 -5.02
CA ILE K 16 -23.14 -9.41 -5.98
C ILE K 16 -21.89 -10.03 -5.40
N THR K 17 -21.98 -11.32 -5.05
CA THR K 17 -20.87 -12.03 -4.41
C THR K 17 -20.07 -12.84 -5.43
N GLY K 18 -19.98 -12.35 -6.66
CA GLY K 18 -19.19 -13.02 -7.69
C GLY K 18 -17.72 -13.04 -7.32
N GLY K 19 -17.06 -11.88 -7.36
CA GLY K 19 -17.57 -10.65 -7.98
C GLY K 19 -16.65 -10.17 -9.09
N LEU K 20 -15.40 -10.66 -9.06
CA LEU K 20 -14.41 -10.36 -10.10
C LEU K 20 -14.73 -11.14 -11.38
N GLY K 21 -15.50 -12.23 -11.24
CA GLY K 21 -15.91 -13.05 -12.37
C GLY K 21 -16.57 -12.24 -13.46
N GLN K 22 -16.47 -12.73 -14.70
CA GLN K 22 -16.96 -11.98 -15.86
C GLN K 22 -18.46 -11.70 -15.77
N LEU K 23 -19.22 -12.69 -15.30
CA LEU K 23 -20.65 -12.51 -15.10
C LEU K 23 -20.95 -11.45 -14.04
N GLY K 24 -20.19 -11.47 -12.95
CA GLY K 24 -20.37 -10.51 -11.87
C GLY K 24 -20.22 -9.07 -12.34
N VAL K 25 -19.14 -8.80 -13.08
CA VAL K 25 -18.84 -7.47 -13.57
C VAL K 25 -19.91 -7.00 -14.55
N GLY K 26 -20.30 -7.87 -15.47
CA GLY K 26 -21.30 -7.55 -16.47
C GLY K 26 -22.66 -7.25 -15.86
N LEU K 27 -23.02 -7.99 -14.82
CA LEU K 27 -24.26 -7.77 -14.10
C LEU K 27 -24.20 -6.48 -13.30
N ALA K 28 -23.03 -6.15 -12.76
CA ALA K 28 -22.83 -4.91 -12.05
C ALA K 28 -23.13 -3.73 -12.97
N ASN K 29 -22.54 -3.73 -14.16
CA ASN K 29 -22.79 -2.68 -15.16
C ASN K 29 -24.26 -2.55 -15.49
N LEU K 30 -24.91 -3.68 -15.71
CA LEU K 30 -26.34 -3.70 -16.04
C LEU K 30 -27.16 -3.10 -14.90
N LEU K 31 -26.94 -3.59 -13.69
CA LEU K 31 -27.73 -3.16 -12.53
C LEU K 31 -27.42 -1.73 -12.08
N ARG K 32 -26.15 -1.32 -12.15
CA ARG K 32 -25.79 0.07 -11.82
C ARG K 32 -26.47 1.07 -12.75
N LYS K 33 -26.65 0.69 -14.01
CA LYS K 33 -27.41 1.51 -14.96
C LYS K 33 -28.90 1.59 -14.60
N ARG K 34 -29.45 0.52 -14.01
CA ARG K 34 -30.87 0.46 -13.69
C ARG K 34 -31.18 1.11 -12.35
N PHE K 35 -30.45 0.72 -11.31
CA PHE K 35 -30.74 1.15 -9.94
C PHE K 35 -29.76 2.18 -9.40
N GLY K 36 -28.75 2.55 -10.19
CA GLY K 36 -27.80 3.59 -9.81
C GLY K 36 -26.51 3.07 -9.21
N LYS K 37 -25.39 3.62 -9.68
CA LYS K 37 -24.04 3.27 -9.22
C LYS K 37 -24.00 2.77 -7.78
N ASP K 38 -24.52 3.58 -6.87
CA ASP K 38 -24.32 3.38 -5.43
C ASP K 38 -25.24 2.34 -4.79
N ASN K 39 -26.20 1.82 -5.55
CA ASN K 39 -27.10 0.77 -5.06
C ASN K 39 -26.59 -0.65 -5.29
N VAL K 40 -25.54 -0.81 -6.09
CA VAL K 40 -25.06 -2.14 -6.47
C VAL K 40 -23.64 -2.35 -5.96
N ILE K 41 -23.50 -3.24 -4.98
CA ILE K 41 -22.21 -3.51 -4.34
C ILE K 41 -21.63 -4.85 -4.79
N LEU K 42 -20.34 -4.86 -5.08
CA LEU K 42 -19.62 -6.09 -5.47
C LEU K 42 -18.81 -6.64 -4.31
N SER K 43 -18.32 -7.87 -4.47
CA SER K 43 -17.58 -8.54 -3.41
C SER K 43 -16.82 -9.78 -3.90
N ASP K 44 -15.67 -10.05 -3.29
CA ASP K 44 -14.87 -11.24 -3.64
C ASP K 44 -14.13 -11.81 -2.43
N HIS K 54 -12.60 -1.55 -7.90
CA HIS K 54 -12.72 -0.78 -9.12
C HIS K 54 -13.53 0.50 -8.89
N SER K 55 -14.17 1.01 -9.94
CA SER K 55 -15.01 2.21 -9.85
C SER K 55 -16.48 1.82 -9.63
N GLY K 56 -16.86 1.73 -8.36
CA GLY K 56 -18.21 1.33 -7.96
C GLY K 56 -18.13 0.64 -6.60
N PRO K 57 -19.12 0.86 -5.71
CA PRO K 57 -19.04 0.32 -4.35
C PRO K 57 -18.58 -1.13 -4.31
N PHE K 58 -17.48 -1.38 -3.60
CA PHE K 58 -16.88 -2.71 -3.52
C PHE K 58 -16.43 -2.98 -2.09
N VAL K 59 -16.61 -4.22 -1.64
CA VAL K 59 -16.24 -4.63 -0.28
C VAL K 59 -15.59 -6.01 -0.25
N TYR K 60 -14.91 -6.31 0.85
CA TYR K 60 -14.38 -7.64 1.09
C TYR K 60 -15.43 -8.44 1.85
N ALA K 61 -15.98 -9.47 1.21
CA ALA K 61 -16.92 -10.37 1.87
C ALA K 61 -16.44 -11.82 1.79
N ASN K 62 -16.60 -12.53 2.90
CA ASN K 62 -16.25 -13.94 2.99
C ASN K 62 -17.52 -14.72 3.32
N ILE K 63 -18.00 -15.49 2.34
CA ILE K 63 -19.22 -16.28 2.51
C ILE K 63 -19.03 -17.43 3.49
N LEU K 64 -17.78 -17.87 3.68
CA LEU K 64 -17.46 -18.91 4.66
C LEU K 64 -17.57 -18.41 6.10
N ASP K 65 -17.60 -17.09 6.29
CA ASP K 65 -17.85 -16.51 7.61
C ASP K 65 -19.25 -15.90 7.64
N TYR K 66 -20.16 -16.52 8.38
CA TYR K 66 -21.53 -16.05 8.49
C TYR K 66 -21.60 -14.63 9.07
N LYS K 67 -20.87 -14.40 10.15
CA LYS K 67 -20.85 -13.12 10.85
C LYS K 67 -20.56 -11.96 9.90
N SER K 68 -19.50 -12.11 9.12
CA SER K 68 -19.08 -11.10 8.13
C SER K 68 -20.18 -10.81 7.10
N LEU K 69 -20.82 -11.87 6.60
CA LEU K 69 -21.87 -11.73 5.61
C LEU K 69 -23.08 -11.02 6.20
N ARG K 70 -23.38 -11.32 7.46
CA ARG K 70 -24.47 -10.69 8.19
C ARG K 70 -24.30 -9.17 8.26
N GLU K 71 -23.08 -8.71 8.57
CA GLU K 71 -22.78 -7.28 8.64
C GLU K 71 -23.11 -6.55 7.35
N ILE K 72 -22.65 -7.09 6.23
CA ILE K 72 -22.76 -6.41 4.93
C ILE K 72 -24.22 -6.26 4.50
N VAL K 73 -24.98 -7.35 4.61
CA VAL K 73 -26.40 -7.34 4.27
C VAL K 73 -27.13 -6.32 5.12
N VAL K 74 -26.82 -6.31 6.42
CA VAL K 74 -27.42 -5.39 7.38
C VAL K 74 -26.95 -3.95 7.16
N ASN K 75 -25.63 -3.74 7.23
CA ASN K 75 -25.02 -2.41 7.09
C ASN K 75 -25.47 -1.66 5.83
N HIS K 76 -25.61 -2.38 4.72
CA HIS K 76 -25.98 -1.80 3.44
C HIS K 76 -27.44 -2.05 3.06
N ARG K 77 -28.21 -2.61 3.99
CA ARG K 77 -29.64 -2.86 3.81
C ARG K 77 -29.95 -3.63 2.52
N ILE K 78 -29.18 -4.68 2.26
CA ILE K 78 -29.30 -5.43 1.01
C ILE K 78 -30.68 -6.09 0.89
N SER K 79 -31.31 -5.96 -0.28
CA SER K 79 -32.61 -6.57 -0.56
C SER K 79 -32.57 -7.61 -1.71
N TRP K 80 -31.55 -7.52 -2.56
CA TRP K 80 -31.32 -8.45 -3.67
C TRP K 80 -29.89 -9.00 -3.56
N LEU K 81 -29.73 -10.32 -3.62
CA LEU K 81 -28.40 -10.91 -3.57
C LEU K 81 -28.20 -11.86 -4.74
N PHE K 82 -27.17 -11.60 -5.55
CA PHE K 82 -26.78 -12.48 -6.64
C PHE K 82 -25.53 -13.23 -6.22
N HIS K 83 -25.62 -14.55 -6.14
CA HIS K 83 -24.54 -15.37 -5.59
C HIS K 83 -23.71 -16.04 -6.68
N TYR K 84 -22.67 -15.35 -7.13
CA TYR K 84 -21.81 -15.85 -8.21
C TYR K 84 -20.50 -16.49 -7.77
N SER K 85 -20.31 -16.71 -6.47
CA SER K 85 -19.14 -17.46 -5.97
C SER K 85 -18.98 -18.82 -6.69
N ALA K 86 -20.07 -19.29 -7.31
CA ALA K 86 -20.06 -20.41 -8.26
C ALA K 86 -18.88 -20.37 -9.24
N ALA K 99 -12.57 -27.14 -2.60
CA ALA K 99 -13.83 -27.03 -3.33
C ALA K 99 -14.98 -27.73 -2.61
N ARG K 100 -14.69 -28.88 -2.00
CA ARG K 100 -15.70 -29.71 -1.33
C ARG K 100 -16.47 -28.95 -0.25
N ASP K 101 -15.75 -28.15 0.53
CA ASP K 101 -16.34 -27.39 1.62
C ASP K 101 -16.84 -26.02 1.15
N VAL K 102 -15.91 -25.19 0.69
CA VAL K 102 -16.17 -23.77 0.35
C VAL K 102 -17.54 -23.49 -0.25
N ASN K 103 -17.94 -24.27 -1.25
CA ASN K 103 -19.20 -24.04 -1.97
C ASN K 103 -20.42 -24.40 -1.13
N ILE K 104 -20.38 -25.58 -0.50
CA ILE K 104 -21.53 -26.11 0.24
C ILE K 104 -21.77 -25.36 1.55
N THR K 105 -20.70 -25.12 2.31
CA THR K 105 -20.79 -24.29 3.52
C THR K 105 -21.15 -22.86 3.13
N GLY K 106 -20.55 -22.37 2.06
CA GLY K 106 -20.81 -21.03 1.55
C GLY K 106 -22.26 -20.85 1.11
N LEU K 107 -22.75 -21.80 0.32
CA LEU K 107 -24.15 -21.79 -0.13
C LEU K 107 -25.10 -21.72 1.08
N HIS K 108 -24.82 -22.52 2.09
CA HIS K 108 -25.66 -22.58 3.30
C HIS K 108 -25.71 -21.24 4.04
N ASN K 109 -24.58 -20.57 4.13
CA ASN K 109 -24.52 -19.29 4.82
C ASN K 109 -25.31 -18.22 4.08
N VAL K 110 -25.20 -18.20 2.76
CA VAL K 110 -25.98 -17.28 1.93
C VAL K 110 -27.47 -17.52 2.13
N LEU K 111 -27.86 -18.79 2.11
CA LEU K 111 -29.26 -19.15 2.28
C LEU K 111 -29.82 -18.69 3.62
N ASP K 112 -29.03 -18.79 4.69
CA ASP K 112 -29.48 -18.39 6.03
C ASP K 112 -29.61 -16.87 6.16
N VAL K 113 -28.59 -16.13 5.76
CA VAL K 113 -28.63 -14.67 5.86
C VAL K 113 -29.80 -14.13 5.05
N ALA K 114 -29.92 -14.60 3.82
CA ALA K 114 -30.98 -14.16 2.90
C ALA K 114 -32.36 -14.47 3.45
N ALA K 115 -32.49 -15.66 4.03
CA ALA K 115 -33.75 -16.05 4.67
C ALA K 115 -34.07 -15.11 5.83
N GLU K 116 -33.08 -14.88 6.70
CA GLU K 116 -33.27 -14.12 7.94
C GLU K 116 -33.74 -12.70 7.69
N TYR K 117 -33.10 -11.99 6.76
CA TYR K 117 -33.42 -10.60 6.49
C TYR K 117 -34.26 -10.39 5.23
N ASN K 118 -34.99 -11.43 4.82
CA ASN K 118 -35.92 -11.36 3.70
C ASN K 118 -35.30 -10.78 2.44
N VAL K 119 -34.14 -11.32 2.09
CA VAL K 119 -33.42 -10.92 0.88
C VAL K 119 -33.92 -11.77 -0.29
N ARG K 120 -34.04 -11.16 -1.45
CA ARG K 120 -34.33 -11.89 -2.68
C ARG K 120 -33.01 -12.46 -3.18
N LEU K 121 -32.92 -13.79 -3.27
CA LEU K 121 -31.65 -14.46 -3.57
C LEU K 121 -31.65 -15.10 -4.95
N PHE K 122 -30.72 -14.66 -5.80
CA PHE K 122 -30.45 -15.36 -7.04
C PHE K 122 -29.21 -16.23 -6.87
N VAL K 123 -29.32 -17.49 -7.27
CA VAL K 123 -28.15 -18.34 -7.42
C VAL K 123 -28.23 -19.03 -8.78
N PRO K 124 -27.15 -18.96 -9.58
CA PRO K 124 -27.19 -19.61 -10.88
C PRO K 124 -27.02 -21.11 -10.76
N SER K 125 -27.58 -21.81 -11.74
CA SER K 125 -27.24 -23.21 -11.98
C SER K 125 -26.63 -23.31 -13.38
N THR K 126 -26.66 -24.51 -13.94
CA THR K 126 -25.93 -24.78 -15.17
C THR K 126 -26.56 -25.95 -15.91
N ILE K 127 -26.18 -26.12 -17.17
CA ILE K 127 -26.51 -27.34 -17.93
C ILE K 127 -25.77 -28.54 -17.37
N GLY K 128 -24.68 -28.30 -16.64
CA GLY K 128 -23.93 -29.37 -15.98
C GLY K 128 -24.64 -29.98 -14.80
N ALA K 129 -25.80 -29.44 -14.45
CA ALA K 129 -26.67 -30.04 -13.43
C ALA K 129 -27.49 -31.18 -14.02
N PHE K 130 -27.35 -31.43 -15.32
CA PHE K 130 -27.95 -32.63 -15.95
C PHE K 130 -26.90 -33.74 -16.16
N GLY K 131 -27.39 -34.96 -16.37
CA GLY K 131 -26.54 -36.14 -16.56
C GLY K 131 -27.01 -37.02 -17.73
N PRO K 132 -26.29 -38.12 -17.99
CA PRO K 132 -26.61 -38.99 -19.12
C PRO K 132 -28.00 -39.64 -19.03
N THR K 133 -28.51 -39.84 -17.82
CA THR K 133 -29.86 -40.36 -17.61
C THR K 133 -30.94 -39.29 -17.78
N SER K 134 -30.56 -38.03 -17.91
CA SER K 134 -31.51 -36.97 -18.17
C SER K 134 -31.91 -37.03 -19.64
N PRO K 135 -33.15 -36.63 -19.96
CA PRO K 135 -33.47 -36.41 -21.37
C PRO K 135 -32.66 -35.24 -21.93
N ARG K 136 -32.08 -35.43 -23.12
CA ARG K 136 -31.12 -34.47 -23.66
C ARG K 136 -31.63 -33.74 -24.91
N ASN K 137 -32.83 -34.08 -25.36
CA ASN K 137 -33.28 -33.68 -26.68
C ASN K 137 -34.79 -33.44 -26.76
N PRO K 138 -35.29 -32.42 -26.04
CA PRO K 138 -34.58 -31.54 -25.14
C PRO K 138 -34.70 -31.95 -23.66
N ALA K 139 -33.95 -31.25 -22.81
CA ALA K 139 -34.05 -31.41 -21.35
C ALA K 139 -35.04 -30.38 -20.80
N PRO K 140 -36.17 -30.85 -20.23
CA PRO K 140 -37.13 -29.88 -19.70
C PRO K 140 -36.72 -29.35 -18.33
N ASP K 141 -37.54 -28.46 -17.77
CA ASP K 141 -37.23 -27.86 -16.46
C ASP K 141 -37.20 -28.90 -15.36
N LEU K 142 -38.24 -29.74 -15.30
CA LEU K 142 -38.33 -30.80 -14.30
C LEU K 142 -38.12 -32.17 -14.94
N CYS K 143 -37.02 -32.82 -14.59
CA CYS K 143 -36.71 -34.16 -15.09
C CYS K 143 -35.62 -34.85 -14.27
N ILE K 144 -35.32 -36.10 -14.64
CA ILE K 144 -34.21 -36.86 -14.05
C ILE K 144 -32.94 -36.02 -14.06
N GLN K 145 -32.26 -35.98 -12.92
CA GLN K 145 -31.12 -35.11 -12.75
C GLN K 145 -30.01 -35.80 -11.95
N ARG K 146 -29.07 -36.40 -12.68
CA ARG K 146 -28.02 -37.23 -12.07
C ARG K 146 -26.65 -36.97 -12.68
N PRO K 147 -26.10 -35.76 -12.46
CA PRO K 147 -24.82 -35.37 -13.05
C PRO K 147 -23.64 -36.12 -12.44
N ARG K 148 -22.63 -36.42 -13.27
CA ARG K 148 -21.47 -37.20 -12.84
C ARG K 148 -20.18 -36.36 -12.81
N THR K 149 -20.36 -35.06 -12.57
CA THR K 149 -19.27 -34.15 -12.26
C THR K 149 -19.53 -33.61 -10.87
N ILE K 150 -18.46 -33.26 -10.15
CA ILE K 150 -18.59 -32.65 -8.82
C ILE K 150 -19.27 -31.28 -8.91
N TYR K 151 -19.02 -30.57 -10.01
CA TYR K 151 -19.66 -29.27 -10.28
C TYR K 151 -21.18 -29.42 -10.36
N GLY K 152 -21.61 -30.39 -11.14
CA GLY K 152 -23.03 -30.66 -11.36
C GLY K 152 -23.76 -31.11 -10.12
N VAL K 153 -23.17 -32.06 -9.40
CA VAL K 153 -23.78 -32.56 -8.17
C VAL K 153 -24.03 -31.40 -7.21
N SER K 154 -23.01 -30.57 -6.97
CA SER K 154 -23.16 -29.35 -6.15
C SER K 154 -24.27 -28.43 -6.65
N LYS K 155 -24.45 -28.34 -7.95
CA LYS K 155 -25.42 -27.43 -8.53
C LYS K 155 -26.85 -27.96 -8.39
N VAL K 156 -27.01 -29.28 -8.39
CA VAL K 156 -28.30 -29.87 -8.07
C VAL K 156 -28.64 -29.57 -6.61
N HIS K 157 -27.65 -29.70 -5.74
CA HIS K 157 -27.81 -29.45 -4.31
C HIS K 157 -28.23 -28.00 -4.07
N THR K 158 -27.51 -27.09 -4.72
CA THR K 158 -27.86 -25.68 -4.73
C THR K 158 -29.32 -25.49 -5.13
N GLU K 159 -29.73 -26.08 -6.25
CA GLU K 159 -31.09 -25.99 -6.72
C GLU K 159 -32.07 -26.44 -5.63
N LEU K 160 -31.80 -27.61 -5.06
CA LEU K 160 -32.69 -28.21 -4.08
C LEU K 160 -32.72 -27.47 -2.74
N MET K 161 -31.54 -27.01 -2.29
CA MET K 161 -31.46 -26.30 -1.02
C MET K 161 -32.20 -24.98 -1.08
N GLY K 162 -32.02 -24.23 -2.15
CA GLY K 162 -32.75 -23.00 -2.36
C GLY K 162 -34.26 -23.20 -2.38
N GLU K 163 -34.71 -24.18 -3.16
CA GLU K 163 -36.13 -24.47 -3.26
C GLU K 163 -36.71 -24.96 -1.95
N TYR K 164 -35.90 -25.67 -1.18
CA TYR K 164 -36.27 -26.09 0.18
C TYR K 164 -36.51 -24.89 1.10
N TYR K 165 -35.61 -23.91 1.02
CA TYR K 165 -35.73 -22.71 1.84
C TYR K 165 -36.94 -21.89 1.43
N TYR K 166 -37.25 -21.88 0.14
CA TYR K 166 -38.45 -21.20 -0.36
C TYR K 166 -39.72 -21.80 0.22
N TYR K 167 -39.79 -23.13 0.26
CA TYR K 167 -41.00 -23.82 0.70
C TYR K 167 -41.10 -23.91 2.22
N ARG K 168 -39.99 -24.19 2.89
CA ARG K 168 -39.95 -24.32 4.35
C ARG K 168 -40.05 -22.94 4.99
N TYR K 169 -39.13 -22.06 4.64
CA TYR K 169 -39.10 -20.69 5.15
C TYR K 169 -39.68 -19.81 4.06
N GLY K 170 -39.57 -18.49 4.20
CA GLY K 170 -40.14 -17.61 3.18
C GLY K 170 -39.23 -17.24 2.01
N LEU K 171 -38.06 -17.90 1.92
CA LEU K 171 -36.97 -17.37 1.07
C LEU K 171 -37.38 -17.16 -0.38
N ASP K 172 -37.31 -15.91 -0.82
CA ASP K 172 -37.55 -15.56 -2.21
C ASP K 172 -36.32 -15.98 -3.04
N PHE K 173 -36.24 -17.28 -3.32
CA PHE K 173 -35.14 -17.90 -4.05
C PHE K 173 -35.50 -18.00 -5.53
N ARG K 174 -34.59 -17.56 -6.40
CA ARG K 174 -34.78 -17.66 -7.84
C ARG K 174 -33.52 -18.20 -8.52
N CYS K 175 -33.67 -19.24 -9.33
CA CYS K 175 -32.53 -19.90 -9.95
C CYS K 175 -32.72 -20.08 -11.45
N LEU K 176 -31.65 -19.86 -12.21
CA LEU K 176 -31.65 -20.05 -13.65
C LEU K 176 -30.55 -21.01 -14.03
N ARG K 177 -30.87 -21.98 -14.90
CA ARG K 177 -29.87 -22.87 -15.47
C ARG K 177 -29.21 -22.21 -16.65
N TYR K 178 -27.96 -21.80 -16.48
CA TYR K 178 -27.19 -21.23 -17.57
C TYR K 178 -26.76 -22.31 -18.55
N PRO K 179 -26.94 -22.06 -19.86
CA PRO K 179 -26.20 -22.84 -20.86
C PRO K 179 -24.74 -22.38 -20.93
N GLY K 180 -24.02 -22.78 -21.97
CA GLY K 180 -22.66 -22.30 -22.16
C GLY K 180 -22.72 -20.82 -22.45
N ILE K 181 -22.04 -20.02 -21.61
CA ILE K 181 -22.06 -18.56 -21.74
C ILE K 181 -20.89 -18.08 -22.59
N ILE K 182 -21.22 -17.35 -23.66
CA ILE K 182 -20.23 -16.86 -24.62
C ILE K 182 -19.98 -15.37 -24.41
N SER K 183 -18.72 -14.98 -24.29
CA SER K 183 -18.31 -13.58 -24.27
C SER K 183 -16.86 -13.43 -24.67
N ALA K 184 -16.44 -12.18 -24.87
CA ALA K 184 -15.07 -11.90 -25.33
C ALA K 184 -14.31 -11.06 -24.30
N THR K 192 -13.72 -26.08 -22.22
CA THR K 192 -14.91 -26.61 -21.54
C THR K 192 -16.12 -26.44 -22.46
N THR K 193 -16.45 -25.20 -22.77
CA THR K 193 -17.24 -24.84 -23.96
C THR K 193 -16.47 -23.71 -24.63
N ASP K 194 -15.15 -23.70 -24.41
CA ASP K 194 -14.30 -22.57 -24.73
C ASP K 194 -14.01 -22.45 -26.22
N TYR K 195 -14.23 -23.54 -26.96
CA TYR K 195 -14.02 -23.52 -28.40
C TYR K 195 -14.88 -22.44 -29.07
N ALA K 196 -16.06 -22.22 -28.49
CA ALA K 196 -16.99 -21.21 -29.00
C ALA K 196 -16.48 -19.79 -28.83
N VAL K 197 -15.59 -19.57 -27.85
CA VAL K 197 -14.97 -18.26 -27.66
C VAL K 197 -13.70 -18.13 -28.50
N GLN K 198 -12.81 -19.11 -28.43
CA GLN K 198 -11.49 -19.04 -29.07
C GLN K 198 -11.55 -19.07 -30.60
N ILE K 199 -12.56 -19.74 -31.14
CA ILE K 199 -12.75 -19.86 -32.58
C ILE K 199 -12.76 -18.51 -33.31
N PHE K 200 -13.20 -17.46 -32.60
CA PHE K 200 -13.29 -16.11 -33.17
C PHE K 200 -11.94 -15.45 -33.39
N HIS K 201 -10.95 -15.78 -32.57
CA HIS K 201 -9.57 -15.30 -32.80
C HIS K 201 -9.10 -15.69 -34.20
N ALA K 202 -9.43 -16.93 -34.59
CA ALA K 202 -9.04 -17.46 -35.89
C ALA K 202 -9.90 -16.93 -37.04
N ALA K 203 -11.19 -16.70 -36.77
CA ALA K 203 -12.11 -16.17 -37.78
C ALA K 203 -11.76 -14.73 -38.16
N ALA K 204 -11.21 -13.98 -37.21
CA ALA K 204 -10.74 -12.61 -37.45
C ALA K 204 -9.47 -12.59 -38.31
N LYS K 205 -8.66 -13.63 -38.18
CA LYS K 205 -7.49 -13.82 -39.04
C LYS K 205 -7.90 -14.49 -40.36
N ASN K 206 -9.05 -15.16 -40.35
CA ASN K 206 -9.56 -15.94 -41.49
C ASN K 206 -8.72 -17.20 -41.74
N GLY K 207 -8.00 -17.64 -40.72
CA GLY K 207 -7.08 -18.78 -40.83
C GLY K 207 -7.70 -20.08 -40.36
N THR K 208 -7.01 -20.77 -39.45
CA THR K 208 -7.36 -22.12 -39.03
C THR K 208 -7.57 -22.18 -37.52
N PHE K 209 -8.56 -22.98 -37.08
CA PHE K 209 -8.83 -23.19 -35.66
C PHE K 209 -8.89 -24.69 -35.32
N GLU K 210 -8.15 -25.09 -34.29
CA GLU K 210 -8.17 -26.46 -33.80
C GLU K 210 -9.21 -26.61 -32.68
N CYS K 211 -10.24 -27.40 -32.95
CA CYS K 211 -11.40 -27.52 -32.08
C CYS K 211 -11.27 -28.66 -31.06
N ASN K 212 -11.96 -28.51 -29.94
CA ASN K 212 -11.88 -29.46 -28.83
C ASN K 212 -12.87 -30.61 -28.89
N LEU K 213 -13.85 -30.53 -29.77
CA LEU K 213 -14.99 -31.47 -29.78
C LEU K 213 -15.29 -31.99 -31.18
N GLU K 214 -16.12 -33.02 -31.25
CA GLU K 214 -16.59 -33.52 -32.54
C GLU K 214 -17.40 -32.45 -33.26
N ALA K 215 -17.42 -32.54 -34.59
CA ALA K 215 -18.21 -31.62 -35.41
C ALA K 215 -19.71 -31.79 -35.16
N GLY K 216 -20.11 -32.88 -34.51
CA GLY K 216 -21.50 -33.15 -34.16
C GLY K 216 -21.94 -32.84 -32.73
N THR K 217 -21.04 -32.31 -31.90
CA THR K 217 -21.35 -32.01 -30.50
C THR K 217 -22.29 -30.80 -30.32
N ARG K 218 -23.58 -31.04 -30.45
CA ARG K 218 -24.59 -30.00 -30.25
C ARG K 218 -24.72 -29.69 -28.76
N LEU K 219 -24.67 -28.40 -28.42
CA LEU K 219 -24.81 -27.95 -27.03
C LEU K 219 -25.69 -26.70 -26.91
N PRO K 220 -26.36 -26.53 -25.77
CA PRO K 220 -27.07 -25.28 -25.48
C PRO K 220 -26.09 -24.15 -25.18
N MET K 221 -26.35 -22.99 -25.77
CA MET K 221 -25.39 -21.89 -25.74
C MET K 221 -26.16 -20.57 -25.73
N MET K 222 -25.55 -19.55 -25.13
CA MET K 222 -26.17 -18.24 -25.02
C MET K 222 -25.11 -17.15 -24.95
N TYR K 223 -25.38 -16.03 -25.61
CA TYR K 223 -24.50 -14.88 -25.52
C TYR K 223 -24.71 -14.20 -24.18
N ILE K 224 -23.62 -13.72 -23.59
CA ILE K 224 -23.61 -13.15 -22.24
C ILE K 224 -24.68 -12.08 -22.02
N SER K 225 -24.98 -11.30 -23.05
CA SER K 225 -26.00 -10.27 -22.98
C SER K 225 -27.35 -10.84 -22.57
N ASP K 226 -27.71 -12.00 -23.13
CA ASP K 226 -28.98 -12.63 -22.83
C ASP K 226 -28.97 -13.24 -21.44
N CYS K 227 -27.83 -13.83 -21.08
CA CYS K 227 -27.68 -14.44 -19.77
C CYS K 227 -27.86 -13.41 -18.66
N LEU K 228 -27.22 -12.25 -18.81
CA LEU K 228 -27.36 -11.17 -17.82
C LEU K 228 -28.78 -10.63 -17.75
N ARG K 229 -29.40 -10.44 -18.91
CA ARG K 229 -30.76 -9.92 -18.98
C ARG K 229 -31.79 -10.89 -18.37
N ALA K 230 -31.61 -12.18 -18.62
CA ALA K 230 -32.48 -13.22 -18.03
C ALA K 230 -32.37 -13.21 -16.51
N THR K 231 -31.16 -13.00 -16.01
CA THR K 231 -30.88 -12.96 -14.59
C THR K 231 -31.61 -11.80 -13.91
N LEU K 232 -31.69 -10.67 -14.61
CA LEU K 232 -32.43 -9.50 -14.11
C LEU K 232 -33.93 -9.74 -14.21
N GLU K 233 -34.38 -10.07 -15.41
CA GLU K 233 -35.81 -10.23 -15.70
C GLU K 233 -36.52 -11.14 -14.70
N VAL K 234 -35.87 -12.24 -14.33
CA VAL K 234 -36.46 -13.21 -13.41
C VAL K 234 -36.54 -12.65 -12.00
N MET K 235 -35.60 -11.78 -11.63
CA MET K 235 -35.63 -11.10 -10.34
C MET K 235 -36.65 -9.95 -10.36
N GLU K 236 -36.86 -9.34 -11.53
CA GLU K 236 -37.90 -8.32 -11.67
C GLU K 236 -39.29 -8.93 -11.54
N ALA K 237 -39.46 -10.12 -12.11
CA ALA K 237 -40.78 -10.75 -12.23
C ALA K 237 -41.51 -10.90 -10.90
N PRO K 238 -42.87 -10.87 -10.94
CA PRO K 238 -43.63 -10.98 -9.72
C PRO K 238 -43.75 -12.43 -9.25
N ALA K 239 -43.61 -12.64 -7.95
CA ALA K 239 -43.61 -13.98 -7.34
C ALA K 239 -44.83 -14.80 -7.76
N GLU K 240 -46.00 -14.14 -7.80
CA GLU K 240 -47.25 -14.77 -8.22
C GLU K 240 -47.12 -15.63 -9.46
N ARG K 241 -46.32 -15.17 -10.42
CA ARG K 241 -46.23 -15.80 -11.73
C ARG K 241 -45.25 -16.98 -11.83
N LEU K 242 -44.47 -17.21 -10.77
CA LEU K 242 -43.44 -18.25 -10.82
C LEU K 242 -43.95 -19.62 -10.38
N SER K 243 -44.24 -20.47 -11.37
CA SER K 243 -44.74 -21.83 -11.11
C SER K 243 -43.67 -22.73 -10.50
N MET K 244 -42.41 -22.34 -10.66
CA MET K 244 -41.28 -23.00 -10.02
C MET K 244 -40.21 -21.96 -9.77
N ARG K 245 -39.22 -22.30 -8.95
CA ARG K 245 -38.17 -21.37 -8.58
C ARG K 245 -36.83 -21.63 -9.28
N THR K 246 -36.75 -22.70 -10.08
CA THR K 246 -35.58 -22.97 -10.92
C THR K 246 -36.03 -23.10 -12.37
N TYR K 247 -35.42 -22.32 -13.26
CA TYR K 247 -35.83 -22.28 -14.65
C TYR K 247 -34.67 -22.52 -15.59
N ASN K 248 -34.92 -23.29 -16.64
CA ASN K 248 -34.06 -23.29 -17.81
C ASN K 248 -34.23 -22.00 -18.58
N ILE K 249 -33.13 -21.51 -19.14
CA ILE K 249 -33.16 -20.45 -20.12
C ILE K 249 -32.37 -20.91 -21.33
N SER K 250 -32.86 -20.59 -22.52
CA SER K 250 -32.27 -21.06 -23.74
C SER K 250 -32.19 -19.96 -24.76
N ALA K 251 -31.20 -20.05 -25.64
CA ALA K 251 -31.11 -19.18 -26.79
C ALA K 251 -30.96 -20.01 -28.05
N MET K 252 -29.88 -20.77 -28.12
CA MET K 252 -29.55 -21.54 -29.30
C MET K 252 -28.79 -22.79 -28.92
N SER K 253 -28.90 -23.80 -29.77
CA SER K 253 -28.06 -24.98 -29.68
C SER K 253 -27.39 -25.18 -31.02
N PHE K 254 -26.06 -25.30 -31.01
CA PHE K 254 -25.32 -25.53 -32.24
C PHE K 254 -24.14 -26.49 -32.06
N THR K 255 -23.69 -27.02 -33.19
CA THR K 255 -22.55 -27.91 -33.27
C THR K 255 -21.39 -27.10 -33.87
N PRO K 256 -20.12 -27.50 -33.60
CA PRO K 256 -18.99 -26.70 -34.14
C PRO K 256 -19.02 -26.46 -35.64
N GLU K 257 -19.50 -27.44 -36.41
CA GLU K 257 -19.66 -27.29 -37.85
C GLU K 257 -20.63 -26.15 -38.19
N GLU K 258 -21.71 -26.05 -37.43
CA GLU K 258 -22.70 -24.99 -37.64
C GLU K 258 -22.14 -23.61 -37.30
N LEU K 259 -21.29 -23.54 -36.29
CA LEU K 259 -20.65 -22.29 -35.91
C LEU K 259 -19.74 -21.81 -37.04
N ALA K 260 -18.98 -22.75 -37.61
CA ALA K 260 -18.16 -22.45 -38.78
C ALA K 260 -19.02 -22.00 -39.98
N GLN K 261 -20.13 -22.69 -40.22
CA GLN K 261 -21.07 -22.32 -41.27
C GLN K 261 -21.51 -20.85 -41.17
N ALA K 262 -21.91 -20.45 -39.96
CA ALA K 262 -22.34 -19.06 -39.73
C ALA K 262 -21.16 -18.09 -39.82
N LEU K 263 -19.97 -18.56 -39.46
CA LEU K 263 -18.75 -17.75 -39.52
C LEU K 263 -18.27 -17.45 -40.94
N ARG K 264 -18.46 -18.42 -41.84
CA ARG K 264 -18.06 -18.25 -43.25
C ARG K 264 -18.78 -17.10 -43.95
N LYS K 265 -19.97 -16.76 -43.46
CA LYS K 265 -20.72 -15.62 -43.98
C LYS K 265 -19.88 -14.34 -43.96
N HIS K 266 -19.09 -14.17 -42.89
CA HIS K 266 -18.22 -13.00 -42.70
C HIS K 266 -16.72 -13.30 -42.90
N ALA K 267 -16.37 -14.57 -43.05
CA ALA K 267 -14.97 -14.98 -43.28
C ALA K 267 -14.94 -16.28 -44.11
N PRO K 268 -15.13 -16.17 -45.44
CA PRO K 268 -15.38 -17.34 -46.29
C PRO K 268 -14.25 -18.36 -46.40
N ASP K 269 -13.00 -17.93 -46.17
CA ASP K 269 -11.85 -18.83 -46.26
C ASP K 269 -11.59 -19.60 -44.97
N PHE K 270 -12.51 -19.48 -44.00
CA PHE K 270 -12.32 -20.07 -42.67
C PHE K 270 -12.37 -21.60 -42.72
N GLN K 271 -11.33 -22.23 -42.17
CA GLN K 271 -11.23 -23.68 -42.11
C GLN K 271 -11.15 -24.17 -40.66
N ILE K 272 -11.72 -25.35 -40.42
CA ILE K 272 -11.95 -25.86 -39.07
C ILE K 272 -11.39 -27.29 -38.94
N THR K 273 -10.44 -27.47 -38.02
CA THR K 273 -9.77 -28.76 -37.81
C THR K 273 -10.08 -29.30 -36.40
N TYR K 274 -9.72 -30.55 -36.14
CA TYR K 274 -10.18 -31.26 -34.95
C TYR K 274 -9.11 -32.11 -34.25
N CYS K 275 -8.70 -31.67 -33.06
CA CYS K 275 -7.85 -32.45 -32.16
C CYS K 275 -8.65 -32.69 -30.88
N VAL K 276 -9.44 -33.76 -30.89
CA VAL K 276 -10.46 -33.98 -29.86
C VAL K 276 -9.86 -34.30 -28.49
N ASP K 277 -10.24 -33.51 -27.49
CA ASP K 277 -9.94 -33.79 -26.09
C ASP K 277 -11.01 -34.76 -25.59
N PRO K 278 -10.61 -35.94 -25.07
CA PRO K 278 -11.62 -36.93 -24.63
C PRO K 278 -12.39 -36.57 -23.36
N LEU K 279 -11.72 -35.94 -22.39
CA LEU K 279 -12.36 -35.55 -21.13
C LEU K 279 -13.48 -34.53 -21.34
N ARG K 280 -13.21 -33.52 -22.17
CA ARG K 280 -14.21 -32.52 -22.53
C ARG K 280 -15.33 -33.14 -23.36
N GLN K 281 -14.98 -34.11 -24.20
CA GLN K 281 -15.97 -34.80 -25.03
C GLN K 281 -16.96 -35.60 -24.19
N ALA K 282 -16.48 -36.18 -23.10
CA ALA K 282 -17.32 -36.96 -22.19
C ALA K 282 -18.32 -36.05 -21.46
N ILE K 283 -17.85 -34.85 -21.11
CA ILE K 283 -18.68 -33.84 -20.47
C ILE K 283 -19.81 -33.41 -21.42
N ALA K 284 -19.45 -32.96 -22.62
CA ALA K 284 -20.44 -32.57 -23.63
C ALA K 284 -21.54 -33.63 -23.77
N GLU K 285 -21.15 -34.90 -23.87
CA GLU K 285 -22.09 -36.01 -24.07
C GLU K 285 -23.01 -36.26 -22.87
N SER K 286 -22.54 -35.90 -21.67
CA SER K 286 -23.36 -36.01 -20.46
C SER K 286 -24.35 -34.85 -20.34
N TRP K 287 -23.99 -33.70 -20.92
CA TRP K 287 -24.87 -32.55 -20.95
C TRP K 287 -25.92 -32.71 -22.03
N PRO K 288 -27.06 -32.01 -21.89
CA PRO K 288 -28.10 -32.07 -22.91
C PRO K 288 -27.70 -31.36 -24.19
N MET K 289 -28.45 -31.61 -25.27
CA MET K 289 -28.18 -30.98 -26.54
C MET K 289 -29.01 -29.69 -26.67
N ILE K 290 -30.26 -29.76 -26.22
CA ILE K 290 -31.15 -28.61 -26.24
C ILE K 290 -31.83 -28.46 -24.88
N LEU K 291 -31.92 -27.23 -24.39
CA LEU K 291 -32.68 -26.92 -23.17
C LEU K 291 -34.07 -26.40 -23.52
N ASP K 292 -35.10 -27.03 -22.97
CA ASP K 292 -36.45 -26.52 -23.10
C ASP K 292 -36.66 -25.50 -22.01
N ASP K 293 -37.01 -24.27 -22.42
CA ASP K 293 -37.25 -23.17 -21.48
C ASP K 293 -38.69 -22.65 -21.63
N SER K 294 -39.63 -23.59 -21.77
CA SER K 294 -41.04 -23.26 -22.01
C SER K 294 -41.67 -22.53 -20.82
N ASN K 295 -41.40 -23.02 -19.62
CA ASN K 295 -41.92 -22.41 -18.41
C ASN K 295 -41.42 -20.98 -18.25
N ALA K 296 -40.11 -20.78 -18.42
CA ALA K 296 -39.54 -19.44 -18.34
C ALA K 296 -40.21 -18.49 -19.35
N ARG K 297 -40.42 -18.97 -20.57
CA ARG K 297 -41.09 -18.18 -21.61
C ARG K 297 -42.53 -17.85 -21.26
N LYS K 298 -43.27 -18.87 -20.85
CA LYS K 298 -44.67 -18.72 -20.47
C LYS K 298 -44.86 -17.98 -19.13
N ASP K 299 -44.03 -18.29 -18.13
CA ASP K 299 -44.22 -17.76 -16.77
C ASP K 299 -43.83 -16.28 -16.60
N TRP K 300 -42.69 -15.88 -17.15
CA TRP K 300 -42.22 -14.50 -17.00
C TRP K 300 -41.72 -13.87 -18.30
N GLY K 301 -42.17 -14.39 -19.44
CA GLY K 301 -41.88 -13.77 -20.73
C GLY K 301 -40.41 -13.69 -21.09
N TRP K 302 -39.69 -14.79 -20.90
CA TRP K 302 -38.29 -14.87 -21.33
C TRP K 302 -38.22 -14.97 -22.86
N LYS K 303 -37.47 -14.05 -23.46
CA LYS K 303 -37.20 -14.11 -24.90
C LYS K 303 -35.76 -13.71 -25.12
N HIS K 304 -35.02 -14.51 -25.88
CA HIS K 304 -33.62 -14.20 -26.17
C HIS K 304 -33.52 -13.31 -27.41
N ASP K 305 -32.41 -12.60 -27.53
CA ASP K 305 -32.15 -11.70 -28.66
C ASP K 305 -31.10 -12.19 -29.64
N PHE K 306 -30.24 -13.11 -29.19
CA PHE K 306 -29.09 -13.52 -29.98
C PHE K 306 -29.21 -14.97 -30.41
N ASP K 307 -29.36 -15.20 -31.72
CA ASP K 307 -29.23 -16.52 -32.30
C ASP K 307 -27.80 -16.66 -32.78
N LEU K 308 -27.50 -17.75 -33.49
CA LEU K 308 -26.17 -17.98 -34.02
C LEU K 308 -25.67 -16.81 -34.91
N PRO K 309 -26.50 -16.31 -35.84
CA PRO K 309 -26.07 -15.17 -36.66
C PRO K 309 -25.70 -13.93 -35.85
N GLU K 310 -26.59 -13.49 -34.96
CA GLU K 310 -26.37 -12.28 -34.17
C GLU K 310 -25.14 -12.41 -33.28
N LEU K 311 -24.98 -13.59 -32.68
CA LEU K 311 -23.83 -13.88 -31.82
C LEU K 311 -22.52 -13.76 -32.59
N VAL K 312 -22.47 -14.43 -33.74
CA VAL K 312 -21.29 -14.41 -34.61
C VAL K 312 -20.91 -12.97 -34.97
N ALA K 313 -21.92 -12.16 -35.27
CA ALA K 313 -21.71 -10.75 -35.64
C ALA K 313 -21.21 -9.90 -34.47
N THR K 314 -21.83 -10.08 -33.30
CA THR K 314 -21.43 -9.36 -32.09
C THR K 314 -20.00 -9.72 -31.68
N MET K 315 -19.71 -11.01 -31.66
CA MET K 315 -18.40 -11.51 -31.21
C MET K 315 -17.27 -11.12 -32.18
N LEU K 316 -17.53 -11.23 -33.48
CA LEU K 316 -16.54 -10.84 -34.49
C LEU K 316 -16.21 -9.34 -34.43
N ASN K 317 -17.20 -8.52 -34.08
CA ASN K 317 -16.98 -7.08 -33.88
C ASN K 317 -16.02 -6.73 -32.74
N PHE K 318 -15.97 -7.56 -31.71
CA PHE K 318 -15.05 -7.34 -30.60
C PHE K 318 -13.62 -7.68 -30.99
N HIS K 319 -13.47 -8.46 -32.07
CA HIS K 319 -12.23 -8.50 -32.82
C HIS K 319 -12.35 -7.42 -33.92
N GLY K 320 -11.34 -7.26 -34.74
CA GLY K 320 -11.35 -6.17 -35.73
C GLY K 320 -12.35 -6.29 -36.88
N VAL K 321 -13.07 -7.41 -36.93
CA VAL K 321 -13.82 -7.80 -38.13
C VAL K 321 -15.12 -7.01 -38.28
N SER K 322 -15.38 -6.56 -39.50
CA SER K 322 -16.64 -5.93 -39.85
C SER K 322 -17.70 -6.98 -40.10
N THR K 323 -18.97 -6.55 -40.15
CA THR K 323 -20.10 -7.45 -40.33
C THR K 323 -21.17 -6.82 -41.23
N GLU L 10 6.77 2.46 38.13
CA GLU L 10 5.78 1.45 37.65
C GLU L 10 4.49 2.10 37.10
N PRO L 11 4.63 2.96 36.08
CA PRO L 11 3.44 3.51 35.44
C PRO L 11 2.68 2.43 34.67
N PRO L 12 1.35 2.54 34.58
CA PRO L 12 0.54 1.50 33.96
C PRO L 12 0.60 1.52 32.44
N ARG L 13 0.35 0.36 31.84
CA ARG L 13 0.22 0.26 30.39
C ARG L 13 -1.26 0.31 30.04
N VAL L 14 -1.60 1.08 29.00
CA VAL L 14 -2.98 1.42 28.69
C VAL L 14 -3.38 0.94 27.31
N LEU L 15 -4.54 0.31 27.21
CA LEU L 15 -5.16 0.03 25.91
C LEU L 15 -6.47 0.83 25.80
N ILE L 16 -6.58 1.62 24.74
CA ILE L 16 -7.77 2.39 24.46
C ILE L 16 -8.43 1.78 23.23
N THR L 17 -9.60 1.17 23.41
CA THR L 17 -10.31 0.52 22.31
C THR L 17 -11.34 1.44 21.66
N GLY L 18 -11.17 2.75 21.79
CA GLY L 18 -12.00 3.70 21.06
C GLY L 18 -12.02 3.34 19.58
N GLY L 19 -10.92 3.56 18.88
CA GLY L 19 -9.77 4.33 19.36
C GLY L 19 -9.81 5.67 18.67
N LEU L 20 -9.92 5.63 17.34
CA LEU L 20 -10.16 6.82 16.53
C LEU L 20 -11.57 7.36 16.77
N GLY L 21 -11.72 8.13 17.84
CA GLY L 21 -12.93 8.89 18.12
C GLY L 21 -12.52 10.19 18.78
N GLN L 22 -13.47 11.11 18.97
CA GLN L 22 -13.17 12.35 19.69
C GLN L 22 -12.48 12.05 21.03
N LEU L 23 -13.00 11.07 21.76
CA LEU L 23 -12.54 10.78 23.12
C LEU L 23 -11.28 9.93 23.16
N GLY L 24 -11.26 8.87 22.36
CA GLY L 24 -10.11 7.97 22.31
C GLY L 24 -8.83 8.70 21.98
N VAL L 25 -8.89 9.55 20.96
CA VAL L 25 -7.77 10.38 20.54
C VAL L 25 -7.32 11.31 21.66
N GLY L 26 -8.26 12.07 22.20
CA GLY L 26 -7.97 13.06 23.22
C GLY L 26 -7.46 12.45 24.51
N LEU L 27 -7.97 11.26 24.85
CA LEU L 27 -7.53 10.55 26.05
C LEU L 27 -6.12 9.98 25.87
N ALA L 28 -5.85 9.41 24.70
CA ALA L 28 -4.50 8.95 24.39
C ALA L 28 -3.52 10.10 24.56
N ASN L 29 -3.84 11.23 23.95
CA ASN L 29 -3.03 12.44 24.04
C ASN L 29 -2.69 12.82 25.48
N LEU L 30 -3.68 12.70 26.36
CA LEU L 30 -3.52 13.03 27.78
C LEU L 30 -2.68 11.99 28.51
N LEU L 31 -2.95 10.72 28.24
CA LEU L 31 -2.27 9.63 28.91
C LEU L 31 -0.80 9.50 28.49
N ARG L 32 -0.53 9.72 27.20
CA ARG L 32 0.84 9.70 26.70
C ARG L 32 1.67 10.83 27.31
N LYS L 33 1.02 11.93 27.68
CA LYS L 33 1.68 13.04 28.35
C LYS L 33 1.99 12.75 29.83
N ARG L 34 1.45 11.65 30.36
CA ARG L 34 1.64 11.30 31.76
C ARG L 34 2.44 10.02 31.96
N PHE L 35 2.20 9.01 31.12
CA PHE L 35 2.85 7.71 31.25
C PHE L 35 3.84 7.42 30.11
N GLY L 36 3.99 8.35 29.17
CA GLY L 36 4.90 8.18 28.03
C GLY L 36 4.21 7.64 26.79
N LYS L 37 4.68 8.05 25.61
CA LYS L 37 4.07 7.66 24.33
C LYS L 37 3.81 6.15 24.20
N ASP L 38 4.80 5.35 24.59
CA ASP L 38 4.74 3.90 24.39
C ASP L 38 3.84 3.17 25.39
N ASN L 39 3.58 3.80 26.55
CA ASN L 39 2.72 3.20 27.57
C ASN L 39 1.22 3.26 27.26
N VAL L 40 0.85 3.84 26.11
CA VAL L 40 -0.53 3.90 25.69
C VAL L 40 -0.67 3.31 24.30
N ILE L 41 -1.59 2.36 24.15
CA ILE L 41 -1.85 1.72 22.88
C ILE L 41 -3.27 2.08 22.43
N LEU L 42 -3.39 2.66 21.25
CA LEU L 42 -4.70 2.93 20.66
C LEU L 42 -5.07 1.74 19.79
N SER L 43 -6.37 1.56 19.53
CA SER L 43 -6.83 0.47 18.68
C SER L 43 -8.27 0.64 18.23
N ASP L 44 -8.57 0.06 17.07
CA ASP L 44 -9.89 0.15 16.45
C ASP L 44 -9.97 -0.87 15.31
N ILE L 45 -11.14 -0.99 14.71
CA ILE L 45 -11.31 -1.81 13.49
C ILE L 45 -10.87 -1.08 12.22
N ARG L 46 -10.60 0.22 12.34
CA ARG L 46 -10.31 1.07 11.19
C ARG L 46 -8.79 1.18 10.98
N VAL L 52 -2.93 9.38 13.21
CA VAL L 52 -2.19 9.39 14.48
C VAL L 52 -1.25 8.19 14.59
N PHE L 53 -1.14 7.39 13.53
CA PHE L 53 -0.20 6.27 13.48
C PHE L 53 1.24 6.72 13.75
N HIS L 54 1.53 8.00 13.50
CA HIS L 54 2.85 8.58 13.75
C HIS L 54 2.97 9.33 15.10
N SER L 55 1.88 9.42 15.85
CA SER L 55 1.89 10.07 17.18
C SER L 55 2.10 9.07 18.32
N GLY L 56 1.91 7.77 18.02
CA GLY L 56 2.13 6.73 19.01
C GLY L 56 1.62 5.37 18.54
N PRO L 57 1.77 4.34 19.39
CA PRO L 57 1.35 2.97 19.03
C PRO L 57 -0.13 2.86 18.66
N PHE L 58 -0.41 1.99 17.69
CA PHE L 58 -1.78 1.70 17.27
C PHE L 58 -1.85 0.29 16.70
N VAL L 59 -2.79 -0.52 17.20
CA VAL L 59 -2.95 -1.90 16.73
C VAL L 59 -4.34 -2.12 16.16
N TYR L 60 -4.43 -3.07 15.23
CA TYR L 60 -5.65 -3.32 14.47
C TYR L 60 -6.49 -4.35 15.22
N ALA L 61 -6.90 -3.98 16.44
CA ALA L 61 -7.55 -4.91 17.36
C ALA L 61 -9.02 -5.16 17.01
N ASN L 62 -9.61 -6.13 17.70
CA ASN L 62 -11.00 -6.51 17.49
C ASN L 62 -11.61 -7.09 18.78
N ILE L 63 -12.60 -6.39 19.32
CA ILE L 63 -13.26 -6.82 20.57
C ILE L 63 -14.21 -8.00 20.35
N LEU L 64 -14.73 -8.14 19.12
CA LEU L 64 -15.63 -9.24 18.77
C LEU L 64 -14.97 -10.62 18.80
N ASP L 65 -13.63 -10.63 18.77
CA ASP L 65 -12.85 -11.86 18.86
C ASP L 65 -12.12 -11.89 20.21
N TYR L 66 -12.49 -12.85 21.06
CA TYR L 66 -11.92 -12.98 22.40
C TYR L 66 -10.43 -13.37 22.38
N LYS L 67 -10.02 -14.08 21.33
CA LYS L 67 -8.64 -14.56 21.20
C LYS L 67 -7.72 -13.37 20.94
N SER L 68 -8.11 -12.54 19.97
CA SER L 68 -7.33 -11.37 19.56
C SER L 68 -7.10 -10.40 20.73
N LEU L 69 -8.14 -10.16 21.51
CA LEU L 69 -8.08 -9.24 22.63
C LEU L 69 -7.14 -9.77 23.71
N ARG L 70 -7.27 -11.05 24.05
CA ARG L 70 -6.42 -11.68 25.05
C ARG L 70 -4.93 -11.52 24.70
N GLU L 71 -4.61 -11.80 23.43
CA GLU L 71 -3.23 -11.68 22.93
C GLU L 71 -2.64 -10.30 23.22
N ILE L 72 -3.33 -9.27 22.74
CA ILE L 72 -2.90 -7.88 22.91
C ILE L 72 -2.71 -7.53 24.38
N VAL L 73 -3.63 -8.00 25.22
CA VAL L 73 -3.59 -7.68 26.65
C VAL L 73 -2.36 -8.29 27.33
N VAL L 74 -2.00 -9.51 26.93
CA VAL L 74 -0.80 -10.18 27.46
C VAL L 74 0.47 -9.59 26.84
N ASN L 75 0.58 -9.64 25.52
CA ASN L 75 1.78 -9.18 24.81
C ASN L 75 2.23 -7.78 25.18
N HIS L 76 1.27 -6.89 25.45
CA HIS L 76 1.57 -5.50 25.80
C HIS L 76 1.43 -5.23 27.30
N ARG L 77 1.36 -6.30 28.09
CA ARG L 77 1.31 -6.22 29.57
C ARG L 77 0.28 -5.22 30.09
N ILE L 78 -0.87 -5.13 29.43
CA ILE L 78 -1.85 -4.08 29.71
C ILE L 78 -2.33 -4.16 31.17
N SER L 79 -2.27 -3.03 31.89
CA SER L 79 -2.83 -2.94 33.24
C SER L 79 -4.09 -2.04 33.34
N TRP L 80 -4.27 -1.10 32.40
CA TRP L 80 -5.45 -0.23 32.33
C TRP L 80 -6.12 -0.34 30.97
N LEU L 81 -7.45 -0.51 30.94
CA LEU L 81 -8.19 -0.58 29.68
C LEU L 81 -9.38 0.40 29.66
N PHE L 82 -9.35 1.32 28.69
CA PHE L 82 -10.45 2.28 28.47
C PHE L 82 -11.25 1.85 27.26
N HIS L 83 -12.49 1.42 27.49
CA HIS L 83 -13.28 0.80 26.43
C HIS L 83 -14.35 1.73 25.84
N TYR L 84 -13.99 2.44 24.76
CA TYR L 84 -14.87 3.40 24.10
C TYR L 84 -15.51 2.90 22.80
N SER L 85 -15.41 1.60 22.50
CA SER L 85 -15.98 1.08 21.26
C SER L 85 -17.46 1.43 21.14
N ALA L 86 -18.21 1.19 22.21
CA ALA L 86 -19.64 1.51 22.23
C ALA L 86 -19.88 3.02 22.14
N ALA L 99 -28.58 -6.01 15.82
CA ALA L 99 -28.57 -4.59 16.12
C ALA L 99 -27.64 -4.27 17.30
N ARG L 100 -27.91 -4.90 18.44
CA ARG L 100 -27.13 -4.71 19.66
C ARG L 100 -26.03 -5.76 19.85
N ASP L 101 -25.92 -6.68 18.89
CA ASP L 101 -24.97 -7.80 18.97
C ASP L 101 -23.53 -7.35 19.25
N VAL L 102 -23.09 -6.32 18.54
CA VAL L 102 -21.72 -5.79 18.67
C VAL L 102 -21.34 -5.31 20.08
N ASN L 103 -22.19 -4.50 20.69
CA ASN L 103 -21.91 -3.94 22.02
C ASN L 103 -21.94 -5.01 23.11
N ILE L 104 -22.98 -5.84 23.08
CA ILE L 104 -23.19 -6.89 24.09
C ILE L 104 -22.03 -7.89 24.10
N THR L 105 -21.73 -8.46 22.93
CA THR L 105 -20.63 -9.42 22.79
C THR L 105 -19.28 -8.75 23.03
N GLY L 106 -19.10 -7.57 22.44
CA GLY L 106 -17.89 -6.79 22.65
C GLY L 106 -17.66 -6.55 24.12
N LEU L 107 -18.70 -6.10 24.82
CA LEU L 107 -18.63 -5.82 26.25
C LEU L 107 -18.20 -7.06 27.03
N HIS L 108 -18.92 -8.17 26.83
CA HIS L 108 -18.63 -9.41 27.56
C HIS L 108 -17.19 -9.87 27.38
N ASN L 109 -16.70 -9.83 26.14
CA ASN L 109 -15.33 -10.20 25.83
C ASN L 109 -14.33 -9.32 26.58
N VAL L 110 -14.61 -8.03 26.64
CA VAL L 110 -13.73 -7.10 27.35
C VAL L 110 -13.76 -7.37 28.85
N LEU L 111 -14.94 -7.70 29.37
CA LEU L 111 -15.07 -7.98 30.80
C LEU L 111 -14.30 -9.23 31.19
N ASP L 112 -14.39 -10.25 30.33
CA ASP L 112 -13.75 -11.53 30.59
C ASP L 112 -12.24 -11.41 30.55
N VAL L 113 -11.72 -10.75 29.52
CA VAL L 113 -10.28 -10.62 29.37
C VAL L 113 -9.72 -9.80 30.51
N ALA L 114 -10.40 -8.71 30.85
CA ALA L 114 -9.95 -7.80 31.91
C ALA L 114 -9.94 -8.48 33.28
N ALA L 115 -10.93 -9.34 33.52
CA ALA L 115 -11.07 -10.06 34.78
C ALA L 115 -10.04 -11.19 34.90
N GLU L 116 -9.85 -11.93 33.81
CA GLU L 116 -8.87 -13.01 33.79
C GLU L 116 -7.46 -12.50 34.08
N TYR L 117 -7.10 -11.37 33.48
CA TYR L 117 -5.71 -10.85 33.57
C TYR L 117 -5.56 -9.62 34.46
N ASN L 118 -6.51 -9.43 35.36
CA ASN L 118 -6.44 -8.39 36.41
C ASN L 118 -6.24 -6.98 35.88
N VAL L 119 -7.08 -6.59 34.93
CA VAL L 119 -7.00 -5.27 34.30
C VAL L 119 -7.95 -4.27 34.98
N ARG L 120 -7.50 -3.03 35.15
CA ARG L 120 -8.43 -1.95 35.49
C ARG L 120 -9.20 -1.60 34.24
N LEU L 121 -10.49 -1.88 34.25
CA LEU L 121 -11.37 -1.62 33.12
C LEU L 121 -12.21 -0.37 33.38
N PHE L 122 -12.11 0.61 32.50
CA PHE L 122 -13.06 1.71 32.48
C PHE L 122 -13.97 1.57 31.27
N VAL L 123 -15.28 1.63 31.53
CA VAL L 123 -16.27 1.74 30.48
C VAL L 123 -17.16 2.94 30.78
N PRO L 124 -17.34 3.84 29.80
CA PRO L 124 -18.21 4.98 30.03
C PRO L 124 -19.68 4.60 29.96
N SER L 125 -20.48 5.24 30.80
CA SER L 125 -21.93 5.24 30.62
C SER L 125 -22.34 6.67 30.28
N THR L 126 -23.62 6.97 30.39
CA THR L 126 -24.13 8.24 29.88
C THR L 126 -25.44 8.65 30.53
N ILE L 127 -25.77 9.93 30.40
CA ILE L 127 -27.12 10.42 30.72
C ILE L 127 -28.18 9.59 30.00
N GLY L 128 -27.85 9.05 28.83
CA GLY L 128 -28.72 8.14 28.11
C GLY L 128 -29.23 6.96 28.91
N ALA L 129 -28.54 6.63 29.99
CA ALA L 129 -28.90 5.49 30.83
C ALA L 129 -30.06 5.77 31.78
N PHE L 130 -30.62 6.97 31.73
CA PHE L 130 -31.79 7.30 32.55
C PHE L 130 -33.03 7.39 31.68
N GLY L 131 -34.21 7.35 32.32
CA GLY L 131 -35.50 7.46 31.60
C GLY L 131 -36.56 8.29 32.33
N PRO L 132 -37.73 8.50 31.68
CA PRO L 132 -38.83 9.31 32.21
C PRO L 132 -39.23 8.99 33.66
N THR L 133 -39.08 7.73 34.07
CA THR L 133 -39.40 7.31 35.43
C THR L 133 -38.28 7.60 36.45
N SER L 134 -37.16 8.14 35.98
CA SER L 134 -36.05 8.51 36.87
C SER L 134 -36.27 9.92 37.39
N PRO L 135 -35.64 10.28 38.53
CA PRO L 135 -35.64 11.68 38.95
C PRO L 135 -34.83 12.53 37.97
N ARG L 136 -35.41 13.61 37.45
CA ARG L 136 -34.76 14.39 36.39
C ARG L 136 -34.18 15.72 36.85
N ASN L 137 -34.34 16.05 38.13
CA ASN L 137 -33.99 17.39 38.62
C ASN L 137 -33.60 17.41 40.11
N PRO L 138 -32.44 16.83 40.47
CA PRO L 138 -31.47 16.12 39.62
C PRO L 138 -31.62 14.61 39.63
N ALA L 139 -30.99 13.94 38.66
CA ALA L 139 -30.83 12.48 38.71
C ALA L 139 -29.66 12.13 39.65
N PRO L 140 -29.95 11.36 40.71
CA PRO L 140 -28.88 10.91 41.58
C PRO L 140 -28.09 9.76 40.99
N ASP L 141 -27.06 9.31 41.70
CA ASP L 141 -26.20 8.24 41.20
C ASP L 141 -26.95 6.91 41.14
N LEU L 142 -27.65 6.59 42.22
CA LEU L 142 -28.48 5.39 42.29
C LEU L 142 -29.94 5.77 42.23
N CYS L 143 -30.62 5.41 41.16
CA CYS L 143 -32.06 5.62 41.05
C CYS L 143 -32.67 4.71 40.00
N ILE L 144 -33.98 4.84 39.81
CA ILE L 144 -34.69 4.13 38.76
C ILE L 144 -34.02 4.41 37.42
N GLN L 145 -33.71 3.36 36.68
CA GLN L 145 -33.08 3.50 35.35
C GLN L 145 -33.84 2.65 34.34
N ARG L 146 -34.66 3.32 33.54
CA ARG L 146 -35.52 2.63 32.59
C ARG L 146 -35.57 3.42 31.29
N PRO L 147 -34.44 3.46 30.58
CA PRO L 147 -34.35 4.28 29.38
C PRO L 147 -35.20 3.73 28.25
N ARG L 148 -35.66 4.62 27.39
CA ARG L 148 -36.57 4.28 26.31
C ARG L 148 -35.81 4.38 24.98
N THR L 149 -34.51 4.18 25.05
CA THR L 149 -33.63 4.18 23.91
C THR L 149 -32.73 2.94 24.00
N ILE L 150 -32.52 2.25 22.88
CA ILE L 150 -31.74 1.01 22.90
C ILE L 150 -30.29 1.30 23.30
N TYR L 151 -29.82 2.49 22.98
CA TYR L 151 -28.53 2.98 23.44
C TYR L 151 -28.42 2.96 24.97
N GLY L 152 -29.46 3.46 25.63
CA GLY L 152 -29.47 3.57 27.09
C GLY L 152 -29.64 2.23 27.79
N VAL L 153 -30.46 1.36 27.21
CA VAL L 153 -30.64 0.01 27.75
C VAL L 153 -29.32 -0.74 27.73
N SER L 154 -28.61 -0.62 26.61
CA SER L 154 -27.27 -1.18 26.48
C SER L 154 -26.32 -0.66 27.54
N LYS L 155 -26.47 0.60 27.90
CA LYS L 155 -25.60 1.23 28.90
C LYS L 155 -25.96 0.85 30.34
N VAL L 156 -27.23 0.61 30.61
CA VAL L 156 -27.62 0.11 31.93
C VAL L 156 -27.03 -1.28 32.11
N HIS L 157 -27.16 -2.10 31.07
CA HIS L 157 -26.54 -3.42 31.01
C HIS L 157 -25.03 -3.34 31.25
N THR L 158 -24.37 -2.39 30.59
CA THR L 158 -22.94 -2.16 30.77
C THR L 158 -22.62 -1.87 32.22
N GLU L 159 -23.41 -0.99 32.84
CA GLU L 159 -23.23 -0.68 34.25
C GLU L 159 -23.37 -1.94 35.08
N LEU L 160 -24.48 -2.66 34.91
CA LEU L 160 -24.76 -3.80 35.76
C LEU L 160 -23.74 -4.93 35.61
N MET L 161 -23.41 -5.29 34.37
CA MET L 161 -22.43 -6.34 34.12
C MET L 161 -21.10 -5.99 34.77
N GLY L 162 -20.62 -4.79 34.47
CA GLY L 162 -19.36 -4.30 35.05
C GLY L 162 -19.33 -4.42 36.56
N GLU L 163 -20.40 -4.01 37.21
CA GLU L 163 -20.48 -4.09 38.66
C GLU L 163 -20.60 -5.54 39.12
N TYR L 164 -21.34 -6.34 38.36
CA TYR L 164 -21.52 -7.75 38.67
C TYR L 164 -20.17 -8.45 38.70
N TYR L 165 -19.38 -8.24 37.66
CA TYR L 165 -18.01 -8.76 37.60
C TYR L 165 -17.15 -8.28 38.76
N TYR L 166 -17.32 -7.01 39.16
CA TYR L 166 -16.59 -6.48 40.32
C TYR L 166 -16.89 -7.22 41.62
N TYR L 167 -18.17 -7.49 41.87
CA TYR L 167 -18.58 -8.12 43.12
C TYR L 167 -18.34 -9.63 43.15
N ARG L 168 -18.51 -10.29 42.00
CA ARG L 168 -18.40 -11.76 41.93
C ARG L 168 -16.97 -12.21 41.68
N TYR L 169 -16.43 -11.80 40.54
CA TYR L 169 -15.01 -11.93 40.27
C TYR L 169 -14.37 -10.68 40.88
N GLY L 170 -13.07 -10.52 40.74
CA GLY L 170 -12.42 -9.38 41.40
C GLY L 170 -12.25 -8.15 40.54
N LEU L 171 -13.05 -8.01 39.49
CA LEU L 171 -12.78 -7.05 38.42
C LEU L 171 -12.78 -5.62 38.92
N ASP L 172 -11.66 -4.94 38.74
CA ASP L 172 -11.56 -3.52 39.05
C ASP L 172 -12.28 -2.74 37.92
N PHE L 173 -13.59 -2.58 38.10
CA PHE L 173 -14.46 -1.92 37.12
C PHE L 173 -14.77 -0.52 37.60
N ARG L 174 -14.61 0.46 36.73
CA ARG L 174 -14.89 1.85 37.08
C ARG L 174 -15.64 2.51 35.93
N CYS L 175 -16.62 3.34 36.27
CA CYS L 175 -17.61 3.79 35.30
C CYS L 175 -18.13 5.18 35.58
N LEU L 176 -18.23 6.00 34.53
CA LEU L 176 -18.71 7.37 34.67
C LEU L 176 -19.82 7.65 33.67
N ARG L 177 -20.94 8.17 34.17
CA ARG L 177 -22.02 8.61 33.30
C ARG L 177 -21.63 9.96 32.72
N TYR L 178 -21.33 9.96 31.42
CA TYR L 178 -20.92 11.18 30.73
C TYR L 178 -22.14 12.00 30.35
N PRO L 179 -22.14 13.30 30.69
CA PRO L 179 -23.11 14.23 30.12
C PRO L 179 -22.92 14.35 28.62
N GLY L 180 -23.67 15.24 27.97
CA GLY L 180 -23.37 15.61 26.59
C GLY L 180 -21.96 16.18 26.57
N ILE L 181 -21.09 15.59 25.77
CA ILE L 181 -19.70 16.01 25.70
C ILE L 181 -19.49 17.01 24.57
N ILE L 182 -19.00 18.20 24.93
CA ILE L 182 -18.75 19.27 23.98
C ILE L 182 -17.28 19.33 23.60
N SER L 183 -17.03 19.26 22.30
CA SER L 183 -15.70 19.42 21.73
C SER L 183 -15.76 20.26 20.46
N ALA L 184 -14.77 21.13 20.27
CA ALA L 184 -14.66 21.94 19.07
C ALA L 184 -14.44 21.07 17.83
N ASP L 185 -13.63 20.02 17.99
CA ASP L 185 -13.31 19.11 16.89
C ASP L 185 -14.38 18.03 16.67
N SER L 186 -15.48 18.11 17.42
CA SER L 186 -16.54 17.12 17.32
C SER L 186 -17.20 17.15 15.94
N GLN L 187 -17.22 16.00 15.27
CA GLN L 187 -17.77 15.86 13.92
C GLN L 187 -19.27 16.21 13.88
N PRO L 188 -19.82 16.41 12.68
CA PRO L 188 -21.24 16.73 12.57
C PRO L 188 -22.08 15.45 12.56
N GLY L 189 -22.09 14.74 13.68
CA GLY L 189 -22.91 13.54 13.86
C GLY L 189 -24.34 13.92 14.16
N GLY L 190 -25.20 12.91 14.25
CA GLY L 190 -26.63 13.13 14.46
C GLY L 190 -27.08 12.88 15.90
N GLY L 191 -26.29 13.35 16.86
CA GLY L 191 -26.58 13.15 18.28
C GLY L 191 -27.53 14.19 18.84
N THR L 192 -28.24 13.82 19.91
CA THR L 192 -29.22 14.70 20.54
C THR L 192 -28.63 16.02 21.02
N THR L 193 -27.36 16.00 21.39
CA THR L 193 -26.67 17.17 21.93
C THR L 193 -25.77 17.87 20.92
N ASP L 194 -25.79 17.46 19.65
CA ASP L 194 -24.89 18.03 18.66
C ASP L 194 -25.11 19.54 18.40
N TYR L 195 -26.30 20.06 18.70
CA TYR L 195 -26.58 21.49 18.47
C TYR L 195 -25.57 22.32 19.23
N ALA L 196 -25.22 21.85 20.42
CA ALA L 196 -24.30 22.56 21.29
C ALA L 196 -22.88 22.63 20.73
N VAL L 197 -22.59 21.83 19.72
CA VAL L 197 -21.30 21.88 19.02
C VAL L 197 -21.38 22.71 17.75
N GLN L 198 -22.44 22.51 16.96
CA GLN L 198 -22.56 23.19 15.66
C GLN L 198 -22.84 24.69 15.84
N ILE L 199 -23.53 25.04 16.92
CA ILE L 199 -23.86 26.44 17.18
C ILE L 199 -22.65 27.37 17.10
N PHE L 200 -21.47 26.87 17.44
CA PHE L 200 -20.25 27.69 17.46
C PHE L 200 -19.80 28.12 16.07
N HIS L 201 -20.03 27.28 15.06
CA HIS L 201 -19.81 27.68 13.68
C HIS L 201 -20.56 28.98 13.40
N ALA L 202 -21.87 28.93 13.56
CA ALA L 202 -22.74 30.08 13.30
C ALA L 202 -22.30 31.31 14.07
N ALA L 203 -22.06 31.15 15.37
CA ALA L 203 -21.64 32.24 16.24
C ALA L 203 -20.26 32.82 15.91
N ALA L 204 -19.39 32.01 15.32
CA ALA L 204 -18.07 32.47 14.90
C ALA L 204 -18.11 33.43 13.70
N LYS L 205 -19.28 33.57 13.09
CA LYS L 205 -19.51 34.60 12.06
C LYS L 205 -20.71 35.51 12.41
N ASN L 206 -20.96 35.67 13.71
CA ASN L 206 -22.14 36.41 14.20
C ASN L 206 -23.41 36.13 13.40
N GLY L 207 -23.59 34.89 12.98
CA GLY L 207 -24.68 34.50 12.09
C GLY L 207 -25.94 34.10 12.84
N THR L 208 -26.82 33.41 12.11
CA THR L 208 -28.09 32.92 12.64
C THR L 208 -28.02 31.40 12.69
N PHE L 209 -28.34 30.80 13.83
CA PHE L 209 -28.26 29.36 13.98
C PHE L 209 -29.63 28.69 14.04
N GLU L 210 -29.81 27.62 13.27
CA GLU L 210 -31.03 26.81 13.31
C GLU L 210 -30.86 25.65 14.28
N CYS L 211 -31.51 25.74 15.44
CA CYS L 211 -31.39 24.77 16.51
C CYS L 211 -32.53 23.77 16.43
N ASN L 212 -32.22 22.49 16.66
CA ASN L 212 -33.20 21.41 16.54
C ASN L 212 -33.80 20.95 17.88
N LEU L 213 -33.52 21.70 18.94
CA LEU L 213 -34.11 21.48 20.26
C LEU L 213 -34.81 22.73 20.77
N GLU L 214 -35.99 22.55 21.36
CA GLU L 214 -36.74 23.64 22.00
C GLU L 214 -35.86 24.47 22.93
N ALA L 215 -36.13 25.78 22.96
CA ALA L 215 -35.26 26.75 23.62
C ALA L 215 -34.99 26.40 25.09
N GLY L 216 -36.02 25.97 25.80
CA GLY L 216 -35.90 25.68 27.22
C GLY L 216 -35.63 24.22 27.56
N THR L 217 -35.06 23.47 26.62
CA THR L 217 -34.70 22.06 26.87
C THR L 217 -33.39 21.98 27.65
N ARG L 218 -33.48 21.64 28.94
CA ARG L 218 -32.31 21.59 29.81
C ARG L 218 -31.68 20.20 29.83
N LEU L 219 -30.37 20.16 29.59
CA LEU L 219 -29.61 18.91 29.61
C LEU L 219 -28.25 19.13 30.27
N PRO L 220 -27.70 18.09 30.91
CA PRO L 220 -26.37 18.19 31.49
C PRO L 220 -25.32 18.17 30.39
N MET L 221 -24.35 19.06 30.48
CA MET L 221 -23.32 19.19 29.45
C MET L 221 -21.95 19.25 30.10
N MET L 222 -20.93 18.83 29.36
CA MET L 222 -19.55 18.87 29.84
C MET L 222 -18.57 19.09 28.70
N TYR L 223 -17.62 20.00 28.90
CA TYR L 223 -16.54 20.21 27.95
C TYR L 223 -15.63 18.98 27.96
N ILE L 224 -15.08 18.63 26.81
CA ILE L 224 -14.33 17.38 26.69
C ILE L 224 -13.15 17.29 27.65
N SER L 225 -12.45 18.39 27.88
CA SER L 225 -11.29 18.39 28.78
C SER L 225 -11.67 17.91 30.17
N ASP L 226 -12.79 18.40 30.69
CA ASP L 226 -13.31 17.95 31.98
C ASP L 226 -13.65 16.47 31.93
N CYS L 227 -14.24 16.02 30.82
CA CYS L 227 -14.64 14.63 30.66
C CYS L 227 -13.42 13.73 30.66
N LEU L 228 -12.40 14.11 29.91
CA LEU L 228 -11.15 13.37 29.87
C LEU L 228 -10.45 13.33 31.23
N ARG L 229 -10.32 14.50 31.87
CA ARG L 229 -9.65 14.57 33.17
C ARG L 229 -10.34 13.67 34.19
N ALA L 230 -11.67 13.69 34.21
CA ALA L 230 -12.47 12.85 35.12
C ALA L 230 -12.18 11.36 34.91
N THR L 231 -12.10 10.95 33.66
CA THR L 231 -11.84 9.57 33.31
C THR L 231 -10.50 9.10 33.89
N LEU L 232 -9.49 9.94 33.81
CA LEU L 232 -8.18 9.66 34.42
C LEU L 232 -8.25 9.64 35.93
N GLU L 233 -8.83 10.69 36.51
CA GLU L 233 -8.87 10.86 37.96
C GLU L 233 -9.60 9.75 38.72
N VAL L 234 -10.59 9.10 38.09
CA VAL L 234 -11.31 7.98 38.71
C VAL L 234 -10.47 6.71 38.61
N MET L 235 -9.63 6.62 37.58
CA MET L 235 -8.72 5.47 37.43
C MET L 235 -7.51 5.62 38.37
N GLU L 236 -7.09 6.85 38.60
CA GLU L 236 -6.02 7.12 39.56
C GLU L 236 -6.48 6.87 41.00
N ALA L 237 -7.78 6.98 41.24
CA ALA L 237 -8.31 6.95 42.60
C ALA L 237 -8.08 5.59 43.26
N PRO L 238 -7.76 5.58 44.56
CA PRO L 238 -7.60 4.32 45.29
C PRO L 238 -8.93 3.60 45.49
N ALA L 239 -8.94 2.29 45.24
CA ALA L 239 -10.16 1.50 45.24
C ALA L 239 -10.97 1.57 46.54
N GLU L 240 -10.28 1.58 47.68
CA GLU L 240 -10.99 1.55 48.99
C GLU L 240 -11.72 2.86 49.31
N ARG L 241 -11.48 3.86 48.47
CA ARG L 241 -12.16 5.15 48.57
C ARG L 241 -13.47 5.18 47.74
N LEU L 242 -13.68 4.17 46.90
CA LEU L 242 -14.82 4.11 45.96
C LEU L 242 -16.08 3.45 46.53
N SER L 243 -17.00 4.26 47.08
CA SER L 243 -18.24 3.74 47.67
C SER L 243 -19.16 3.04 46.66
N MET L 244 -18.91 3.27 45.37
CA MET L 244 -19.61 2.57 44.29
C MET L 244 -18.70 2.52 43.07
N ARG L 245 -19.09 1.77 42.05
CA ARG L 245 -18.27 1.66 40.84
C ARG L 245 -18.85 2.38 39.62
N THR L 246 -20.04 2.96 39.75
CA THR L 246 -20.59 3.83 38.71
C THR L 246 -20.96 5.19 39.28
N TYR L 247 -20.32 6.25 38.79
CA TYR L 247 -20.61 7.61 39.23
C TYR L 247 -21.14 8.48 38.12
N ASN L 248 -22.11 9.32 38.44
CA ASN L 248 -22.38 10.51 37.66
C ASN L 248 -21.20 11.46 37.81
N ILE L 249 -20.96 12.26 36.78
CA ILE L 249 -20.06 13.41 36.86
C ILE L 249 -20.80 14.56 36.20
N SER L 250 -20.61 15.77 36.71
CA SER L 250 -21.29 16.91 36.14
C SER L 250 -20.44 18.17 36.17
N ALA L 251 -20.88 19.13 35.36
CA ALA L 251 -20.23 20.43 35.27
C ALA L 251 -21.27 21.51 35.17
N MET L 252 -22.17 21.34 34.22
CA MET L 252 -23.21 22.31 33.96
C MET L 252 -24.40 21.63 33.31
N SER L 253 -25.55 22.25 33.51
CA SER L 253 -26.72 21.99 32.71
C SER L 253 -27.03 23.30 32.04
N PHE L 254 -27.41 23.26 30.77
CA PHE L 254 -27.87 24.46 30.13
C PHE L 254 -28.96 24.22 29.11
N THR L 255 -29.46 25.34 28.60
CA THR L 255 -30.64 25.39 27.78
C THR L 255 -30.16 26.09 26.48
N PRO L 256 -30.70 25.71 25.32
CA PRO L 256 -30.26 26.45 24.14
C PRO L 256 -30.28 27.98 24.26
N GLU L 257 -31.32 28.57 24.83
CA GLU L 257 -31.40 30.03 24.92
C GLU L 257 -30.30 30.60 25.83
N GLU L 258 -29.92 29.85 26.85
CA GLU L 258 -28.85 30.23 27.75
C GLU L 258 -27.49 30.18 27.04
N LEU L 259 -27.27 29.10 26.29
CA LEU L 259 -26.05 28.99 25.49
C LEU L 259 -25.94 30.15 24.50
N ALA L 260 -27.07 30.58 23.93
CA ALA L 260 -27.10 31.76 23.05
C ALA L 260 -26.76 33.02 23.84
N GLN L 261 -27.34 33.18 25.02
CA GLN L 261 -27.05 34.35 25.86
C GLN L 261 -25.57 34.40 26.23
N ALA L 262 -24.96 33.22 26.40
CA ALA L 262 -23.52 33.12 26.66
C ALA L 262 -22.67 33.45 25.43
N LEU L 263 -23.12 33.06 24.24
CA LEU L 263 -22.42 33.38 23.00
C LEU L 263 -22.47 34.88 22.67
N ARG L 264 -23.59 35.54 23.01
CA ARG L 264 -23.76 36.99 22.76
C ARG L 264 -22.76 37.87 23.49
N LYS L 265 -22.25 37.39 24.62
CA LYS L 265 -21.15 38.06 25.32
C LYS L 265 -19.94 38.27 24.40
N HIS L 266 -19.75 37.36 23.44
CA HIS L 266 -18.67 37.49 22.45
C HIS L 266 -19.17 37.70 21.02
N ALA L 267 -20.46 37.48 20.77
CA ALA L 267 -21.05 37.69 19.44
C ALA L 267 -22.46 38.29 19.57
N PRO L 268 -22.54 39.62 19.76
CA PRO L 268 -23.82 40.32 20.02
C PRO L 268 -24.90 40.16 18.93
N ASP L 269 -24.50 40.13 17.67
CA ASP L 269 -25.43 39.94 16.55
C ASP L 269 -25.97 38.50 16.45
N PHE L 270 -25.54 37.61 17.35
CA PHE L 270 -25.98 36.23 17.31
C PHE L 270 -27.49 36.10 17.55
N GLN L 271 -28.15 35.37 16.66
CA GLN L 271 -29.54 34.99 16.84
C GLN L 271 -29.69 33.48 16.63
N ILE L 272 -30.72 32.93 17.26
CA ILE L 272 -30.99 31.50 17.23
C ILE L 272 -32.45 31.29 16.84
N THR L 273 -32.66 30.59 15.74
CA THR L 273 -33.98 30.17 15.32
C THR L 273 -34.11 28.69 15.64
N TYR L 274 -35.34 28.19 15.61
CA TYR L 274 -35.60 26.81 16.01
C TYR L 274 -36.42 26.06 14.98
N CYS L 275 -35.86 24.96 14.47
CA CYS L 275 -36.60 23.98 13.68
C CYS L 275 -36.43 22.63 14.37
N VAL L 276 -37.31 22.37 15.33
CA VAL L 276 -37.15 21.27 16.29
C VAL L 276 -37.36 19.89 15.68
N ASP L 277 -36.34 19.04 15.81
CA ASP L 277 -36.44 17.63 15.48
C ASP L 277 -37.19 16.94 16.62
N PRO L 278 -38.33 16.30 16.32
CA PRO L 278 -39.12 15.67 17.38
C PRO L 278 -38.47 14.44 18.02
N LEU L 279 -37.64 13.70 17.27
CA LEU L 279 -37.01 12.49 17.82
C LEU L 279 -35.96 12.86 18.86
N ARG L 280 -35.08 13.80 18.51
CA ARG L 280 -34.10 14.33 19.46
C ARG L 280 -34.78 14.96 20.68
N GLN L 281 -35.84 15.72 20.42
CA GLN L 281 -36.58 16.40 21.50
C GLN L 281 -37.18 15.39 22.47
N ALA L 282 -37.81 14.34 21.92
CA ALA L 282 -38.41 13.29 22.75
C ALA L 282 -37.35 12.56 23.58
N ILE L 283 -36.18 12.31 22.98
CA ILE L 283 -35.06 11.70 23.69
C ILE L 283 -34.57 12.64 24.79
N ALA L 284 -34.29 13.89 24.42
CA ALA L 284 -33.81 14.88 25.38
C ALA L 284 -34.76 15.09 26.54
N GLU L 285 -36.07 14.97 26.30
CA GLU L 285 -37.06 15.09 27.37
C GLU L 285 -37.15 13.83 28.21
N SER L 286 -36.67 12.71 27.67
CA SER L 286 -36.62 11.45 28.43
C SER L 286 -35.36 11.37 29.28
N TRP L 287 -34.49 12.37 29.15
CA TRP L 287 -33.22 12.44 29.86
C TRP L 287 -33.29 13.41 31.04
N PRO L 288 -32.35 13.29 31.98
CA PRO L 288 -32.33 14.21 33.12
C PRO L 288 -31.94 15.61 32.69
N MET L 289 -32.24 16.59 33.55
CA MET L 289 -31.90 17.99 33.30
C MET L 289 -30.60 18.36 33.99
N ILE L 290 -30.48 17.95 35.25
CA ILE L 290 -29.25 18.08 36.00
C ILE L 290 -28.84 16.70 36.50
N LEU L 291 -27.52 16.44 36.50
CA LEU L 291 -26.95 15.25 37.12
C LEU L 291 -26.40 15.58 38.48
N ASP L 292 -26.74 14.77 39.48
CA ASP L 292 -26.12 14.89 40.78
C ASP L 292 -24.85 14.05 40.82
N ASP L 293 -23.71 14.71 41.01
CA ASP L 293 -22.42 14.04 41.12
C ASP L 293 -21.83 14.21 42.52
N SER L 294 -22.69 14.22 43.54
CA SER L 294 -22.27 14.40 44.93
C SER L 294 -21.26 13.36 45.35
N ASN L 295 -21.58 12.09 45.10
CA ASN L 295 -20.70 10.98 45.44
C ASN L 295 -19.35 11.06 44.74
N ALA L 296 -19.33 11.49 43.48
CA ALA L 296 -18.07 11.63 42.76
C ALA L 296 -17.17 12.67 43.44
N ARG L 297 -17.78 13.76 43.91
CA ARG L 297 -17.05 14.82 44.58
C ARG L 297 -16.59 14.40 45.97
N LYS L 298 -17.45 13.66 46.67
CA LYS L 298 -17.15 13.18 48.01
C LYS L 298 -16.07 12.07 47.99
N ASP L 299 -16.27 11.07 47.14
CA ASP L 299 -15.41 9.89 47.12
C ASP L 299 -14.01 10.12 46.55
N TRP L 300 -13.91 10.68 45.35
CA TRP L 300 -12.59 10.85 44.72
C TRP L 300 -12.26 12.27 44.27
N GLY L 301 -12.91 13.27 44.88
CA GLY L 301 -12.54 14.67 44.68
C GLY L 301 -12.78 15.24 43.30
N TRP L 302 -13.85 14.81 42.64
CA TRP L 302 -14.19 15.35 41.32
C TRP L 302 -14.58 16.83 41.41
N LYS L 303 -14.01 17.63 40.52
CA LYS L 303 -14.42 19.00 40.33
C LYS L 303 -14.23 19.40 38.86
N HIS L 304 -15.20 20.12 38.30
CA HIS L 304 -15.10 20.63 36.92
C HIS L 304 -14.40 21.99 36.88
N ASP L 305 -13.67 22.26 35.80
CA ASP L 305 -13.05 23.57 35.56
C ASP L 305 -13.89 24.47 34.67
N PHE L 306 -14.70 23.85 33.81
CA PHE L 306 -15.40 24.55 32.77
C PHE L 306 -16.89 24.58 33.04
N ASP L 307 -17.46 25.77 33.10
CA ASP L 307 -18.90 25.93 32.99
C ASP L 307 -19.17 26.83 31.79
N LEU L 308 -20.42 27.24 31.63
CA LEU L 308 -20.86 27.88 30.40
C LEU L 308 -19.89 28.96 29.88
N PRO L 309 -19.49 29.94 30.73
CA PRO L 309 -18.55 30.97 30.24
C PRO L 309 -17.22 30.41 29.71
N GLU L 310 -16.62 29.47 30.44
CA GLU L 310 -15.30 28.95 30.07
C GLU L 310 -15.38 28.04 28.85
N LEU L 311 -16.39 27.17 28.81
CA LEU L 311 -16.64 26.35 27.63
C LEU L 311 -16.79 27.23 26.40
N VAL L 312 -17.66 28.23 26.47
CA VAL L 312 -17.92 29.12 25.33
C VAL L 312 -16.66 29.82 24.88
N ALA L 313 -15.90 30.37 25.84
CA ALA L 313 -14.66 31.08 25.54
C ALA L 313 -13.62 30.15 24.91
N THR L 314 -13.52 28.92 25.40
CA THR L 314 -12.58 27.95 24.84
C THR L 314 -13.02 27.51 23.45
N MET L 315 -14.29 27.18 23.31
CA MET L 315 -14.83 26.66 22.05
C MET L 315 -14.68 27.68 20.93
N LEU L 316 -14.95 28.94 21.23
CA LEU L 316 -14.85 30.01 20.24
C LEU L 316 -13.42 30.32 19.84
N ASN L 317 -12.47 30.05 20.72
CA ASN L 317 -11.05 30.18 20.39
C ASN L 317 -10.59 29.16 19.35
N PHE L 318 -11.20 27.97 19.33
CA PHE L 318 -10.88 26.97 18.31
C PHE L 318 -11.41 27.38 16.94
N HIS L 319 -12.52 28.09 16.95
CA HIS L 319 -12.90 28.93 15.81
C HIS L 319 -11.96 30.15 15.90
N GLY L 320 -12.14 31.15 15.06
CA GLY L 320 -11.11 32.21 14.97
C GLY L 320 -11.37 33.45 15.79
N VAL L 321 -11.99 33.29 16.95
CA VAL L 321 -12.64 34.40 17.65
C VAL L 321 -11.94 34.69 18.98
N SER L 322 -11.66 35.97 19.19
CA SER L 322 -11.12 36.43 20.47
C SER L 322 -12.22 36.36 21.51
N THR L 323 -11.89 35.90 22.72
CA THR L 323 -12.88 35.70 23.77
C THR L 323 -12.51 36.37 25.10
N ARG L 324 -11.25 36.24 25.50
CA ARG L 324 -10.77 36.85 26.74
C ARG L 324 -10.34 38.30 26.48
N VAL L 325 -11.27 39.06 25.88
CA VAL L 325 -11.01 40.39 25.28
C VAL L 325 -9.74 41.08 25.76
#